data_8DEX
#
_entry.id   8DEX
#
_cell.length_a   1.00
_cell.length_b   1.00
_cell.length_c   1.00
_cell.angle_alpha   90.00
_cell.angle_beta   90.00
_cell.angle_gamma   90.00
#
_symmetry.space_group_name_H-M   'P 1'
#
loop_
_entity.id
_entity.type
_entity.pdbx_description
1 polymer 'pre-crRNA processing endonuclease'
2 polymer 'CRISPR-associated protein, TM1801 family'
3 polymer 'CRISPR-associated protein, CT1133 family'
4 polymer 'CRISPR-associated protein, CT1133 family'
5 polymer 'RNA (48-MER)'
#
loop_
_entity_poly.entity_id
_entity_poly.type
_entity_poly.pdbx_seq_one_letter_code
_entity_poly.pdbx_strand_id
1 'polypeptide(L)'
;MTHGAVKTYGIRLRVWGDYACFTRPEMKVERVSYDVMPPSAARGILEAIHWKPAIRWIVDRIHVLRPIVFDNVRRNEVSS
KIPKPNPATAMRDRKPLYFLVDDGSNRQQRAATLLRNVDYVIEAHFELTDKAGAEDNAGKHLDIFRRRARAGQSFQQPCL
GCREFPASFELLEGDVPLSCYAGEKRDLGYMLLDIDFERDMTPLFFKAVMEDGVITPPSRTSPEVRA
;
A
2 'polypeptide(L)'
;MTAIANRYEFVLLFDVENGNPNGDPDAGNMPRIDPETGHGLVTDVCLKRKIRNHVALTKEGAERFNIYIQEKAILNETHE
RAYTACDLKPEPKKLPKKVEDAKRVTDWMCTNFYDIRTFGAVMTTEVNCGQVRGPVQMAFARSVEPVVPQEVSITRMAVT
TKAEAEKQQGDNRTMGRKHIVPYGLYVAHGFISAPLAEKTGFSDEDLTLFWDALVNMFEHDRSAARGLMSSRKLIVFKHQ
NRLGNAPAHKLFDLVKVSRAEGSSGPARSFADYAVTVGQAPEGVEVKEML
;
B,C,D,E,F,G,H
3 'polypeptide(L)'
;MILQALHGYYQRMSADPDAGMPPYGTSMENISFALVLDAKGTLRGIEDLREQEGKKLRPRKMLVPIAEKKGNGIKPNFLW
ENTSYILGVDAKGKQERTDKCHAAFIAHIKAYCDTADQDLAAVLQFLEHGEKDLSAFPVSEEVIGSNIVFRIEGEPGFVH
ERPAARQAWANCLNRREQGLCGQCLITGERQKPIAQLHPSIKGGRDGVRGAQAVASIVSFNNTAFESYGKEQSINAPVSQ
EAAFSYVTALNYLLNPSNRQKVTIADATVVFWAERSSPAEDIFAGMFDPPSTTAKPESSNGTPPEDSEEGSQPDTARDDP
HAAARMHDLLVAIRSGKRATDIMPDMDESVRFHVLGLSPNAARLSVRFWEVDTVGHMLDKVGRHYRELEIIPQFNNEQEF
PSLSTLLRQTAVLNKTENISPVLAGGLFRAMLTGGPYPQSLLPAVLGRIRAEHARPEDKSRYRLEVVTYYRAALIKAYLI
RNRKLEVPVSLDPARTDRPYLLGRLFAVLEKAQEDAVPGANATIKDRYLASASANPGQVFHMLLKNASNHTAKLRKDPER
KGSAIHYEIMMQEIIDNISDFPVTMSSDEQGLFMIGYYHQRKALFTKKNKEN
;
I
4 'polypeptide(L)'
;VSLDPARTDRPYLLGRLFAVLEKAQEDAVPGANATIKDRYLASASANPGQVFHMLLKNASNHTAKLRKDPERKGSAIHYE
IMMQEIIDNISDFPVTMSSDEQGLFMIGYYHQRKALFTKKNKEN
;
J,K
5 'polyribonucleotide' GGAUUGAAACGCCAUGCUCAGGCUGGCGAGUGCGCGCCACUCAUCAAG L
#
# COMPACT_ATOMS: atom_id res chain seq x y z
N THR A 8 14.16 56.71 -57.77
CA THR A 8 14.16 58.04 -58.45
C THR A 8 14.81 59.11 -57.57
N TYR A 9 14.09 59.49 -56.51
CA TYR A 9 14.57 60.52 -55.60
C TYR A 9 13.98 60.27 -54.23
N GLY A 10 14.63 60.82 -53.21
CA GLY A 10 14.19 60.60 -51.86
C GLY A 10 14.71 59.29 -51.30
N ILE A 11 14.22 58.96 -50.10
CA ILE A 11 14.67 57.80 -49.35
C ILE A 11 13.46 57.07 -48.79
N ARG A 12 13.64 55.78 -48.53
CA ARG A 12 12.67 54.96 -47.82
C ARG A 12 13.40 54.18 -46.75
N LEU A 13 13.20 54.54 -45.49
CA LEU A 13 13.87 53.91 -44.36
C LEU A 13 12.81 53.33 -43.42
N ARG A 14 12.90 52.03 -43.18
CA ARG A 14 12.00 51.37 -42.24
C ARG A 14 12.65 51.30 -40.87
N VAL A 15 11.88 51.68 -39.84
CA VAL A 15 12.34 51.63 -38.46
C VAL A 15 11.28 50.94 -37.62
N TRP A 16 11.72 50.10 -36.67
CA TRP A 16 10.80 49.38 -35.82
C TRP A 16 11.47 49.13 -34.47
N GLY A 17 10.64 48.85 -33.47
CA GLY A 17 11.15 48.55 -32.15
C GLY A 17 10.02 48.16 -31.23
N ASP A 18 10.40 47.55 -30.10
CA ASP A 18 9.40 47.09 -29.14
C ASP A 18 8.77 48.25 -28.38
N TYR A 19 9.55 49.29 -28.09
CA TYR A 19 9.07 50.43 -27.31
C TYR A 19 9.28 51.71 -28.10
N ALA A 20 8.51 52.73 -27.76
CA ALA A 20 8.66 54.05 -28.35
C ALA A 20 7.90 55.06 -27.50
N CYS A 21 8.42 56.28 -27.45
CA CYS A 21 7.78 57.34 -26.67
C CYS A 21 8.10 58.67 -27.33
N PHE A 22 7.16 59.20 -28.10
CA PHE A 22 7.27 60.53 -28.68
C PHE A 22 6.40 61.46 -27.84
N THR A 23 6.97 61.93 -26.73
CA THR A 23 6.19 62.61 -25.70
C THR A 23 5.49 63.82 -26.26
N ARG A 24 4.22 63.96 -25.93
CA ARG A 24 3.47 65.15 -26.29
C ARG A 24 3.97 66.33 -25.44
N PRO A 25 4.19 67.51 -26.03
CA PRO A 25 4.72 68.61 -25.22
C PRO A 25 3.84 68.99 -24.06
N GLU A 26 2.52 68.84 -24.19
CA GLU A 26 1.61 69.28 -23.15
C GLU A 26 1.41 68.24 -22.04
N MET A 27 2.02 67.06 -22.14
CA MET A 27 1.97 66.06 -21.09
C MET A 27 3.39 65.51 -20.89
N LYS A 28 4.35 66.42 -20.78
CA LYS A 28 5.76 66.07 -20.74
C LYS A 28 6.23 65.50 -19.41
N VAL A 29 5.68 65.95 -18.29
CA VAL A 29 6.12 65.45 -16.99
C VAL A 29 5.66 64.02 -16.80
N GLU A 30 4.35 63.80 -16.77
CA GLU A 30 3.78 62.46 -16.85
C GLU A 30 3.65 62.13 -18.33
N ARG A 31 4.68 61.49 -18.88
CA ARG A 31 4.80 61.39 -20.33
C ARG A 31 3.59 60.72 -20.95
N VAL A 32 3.05 61.34 -21.99
CA VAL A 32 2.04 60.73 -22.85
C VAL A 32 2.56 60.82 -24.28
N SER A 33 2.65 59.68 -24.95
CA SER A 33 3.25 59.64 -26.27
C SER A 33 2.23 59.98 -27.35
N TYR A 34 2.73 60.51 -28.46
CA TYR A 34 1.90 60.66 -29.65
C TYR A 34 1.51 59.29 -30.18
N ASP A 35 0.38 59.23 -30.87
CA ASP A 35 -0.04 57.97 -31.47
C ASP A 35 0.93 57.50 -32.55
N VAL A 36 1.61 58.43 -33.22
CA VAL A 36 2.55 58.13 -34.28
C VAL A 36 3.77 59.02 -34.11
N MET A 37 4.87 58.63 -34.72
CA MET A 37 6.08 59.43 -34.61
C MET A 37 5.88 60.76 -35.35
N PRO A 38 6.18 61.89 -34.72
CA PRO A 38 6.09 63.16 -35.43
C PRO A 38 7.28 63.35 -36.35
N PRO A 39 7.19 64.28 -37.31
CA PRO A 39 8.32 64.48 -38.23
C PRO A 39 9.61 64.84 -37.55
N SER A 40 9.55 65.48 -36.37
CA SER A 40 10.79 65.80 -35.65
C SER A 40 11.53 64.53 -35.26
N ALA A 41 10.81 63.52 -34.81
CA ALA A 41 11.44 62.24 -34.48
C ALA A 41 12.07 61.61 -35.72
N ALA A 42 11.38 61.68 -36.86
CA ALA A 42 11.93 61.15 -38.09
C ALA A 42 13.22 61.86 -38.46
N ARG A 43 13.22 63.19 -38.36
CA ARG A 43 14.45 63.94 -38.56
C ARG A 43 15.56 63.43 -37.66
N GLY A 44 15.27 63.30 -36.37
CA GLY A 44 16.28 62.85 -35.44
C GLY A 44 16.84 61.49 -35.81
N ILE A 45 15.98 60.56 -36.19
CA ILE A 45 16.44 59.23 -36.55
C ILE A 45 17.31 59.29 -37.81
N LEU A 46 16.86 60.04 -38.82
CA LEU A 46 17.64 60.15 -40.05
C LEU A 46 19.01 60.75 -39.78
N GLU A 47 19.05 61.81 -38.99
CA GLU A 47 20.33 62.44 -38.68
C GLU A 47 21.24 61.52 -37.89
N ALA A 48 20.66 60.59 -37.13
CA ALA A 48 21.47 59.63 -36.39
C ALA A 48 22.24 58.70 -37.33
N ILE A 49 21.81 58.58 -38.58
CA ILE A 49 22.52 57.73 -39.55
C ILE A 49 23.52 58.55 -40.35
N HIS A 50 23.10 59.67 -40.91
CA HIS A 50 24.01 60.54 -41.63
C HIS A 50 23.46 61.97 -41.64
N TRP A 51 24.31 62.92 -41.28
CA TRP A 51 23.98 64.33 -41.40
C TRP A 51 25.25 65.14 -41.38
N LYS A 52 25.24 66.25 -42.11
CA LYS A 52 26.34 67.19 -42.12
C LYS A 52 25.76 68.60 -42.18
N PRO A 53 26.48 69.60 -41.67
CA PRO A 53 25.90 70.96 -41.68
C PRO A 53 25.54 71.46 -43.06
N ALA A 54 26.18 70.96 -44.11
CA ALA A 54 25.92 71.44 -45.46
C ALA A 54 24.54 71.06 -45.96
N ILE A 55 23.86 70.11 -45.30
CA ILE A 55 22.66 69.50 -45.83
C ILE A 55 21.56 69.54 -44.77
N ARG A 56 20.31 69.62 -45.23
CA ARG A 56 19.15 69.73 -44.38
C ARG A 56 18.15 68.63 -44.73
N TRP A 57 17.70 67.90 -43.72
CA TRP A 57 16.72 66.84 -43.94
C TRP A 57 15.32 67.42 -44.07
N ILE A 58 14.52 66.81 -44.96
CA ILE A 58 13.11 67.12 -45.09
C ILE A 58 12.35 65.80 -45.13
N VAL A 59 11.30 65.70 -44.32
CA VAL A 59 10.51 64.48 -44.19
C VAL A 59 9.27 64.62 -45.06
N ASP A 60 9.08 63.66 -45.97
CA ASP A 60 7.96 63.70 -46.89
C ASP A 60 6.72 63.00 -46.31
N ARG A 61 6.86 61.77 -45.86
CA ARG A 61 5.74 61.00 -45.35
C ARG A 61 6.22 60.05 -44.26
N ILE A 62 5.27 59.63 -43.44
CA ILE A 62 5.48 58.55 -42.47
C ILE A 62 4.38 57.52 -42.68
N HIS A 63 4.76 56.26 -42.83
CA HIS A 63 3.81 55.17 -42.96
C HIS A 63 3.74 54.41 -41.64
N VAL A 64 2.52 54.17 -41.18
CA VAL A 64 2.28 53.43 -39.95
C VAL A 64 1.86 52.02 -40.34
N LEU A 65 2.65 51.03 -39.94
CA LEU A 65 2.48 49.66 -40.41
C LEU A 65 1.92 48.72 -39.35
N ARG A 66 1.83 49.14 -38.10
CA ARG A 66 1.36 48.31 -37.01
C ARG A 66 0.27 49.01 -36.24
N PRO A 67 -0.60 48.27 -35.56
CA PRO A 67 -1.65 48.92 -34.76
C PRO A 67 -1.05 49.78 -33.67
N ILE A 68 -1.78 50.82 -33.29
CA ILE A 68 -1.34 51.73 -32.23
C ILE A 68 -1.71 51.10 -30.89
N VAL A 69 -0.69 50.71 -30.13
CA VAL A 69 -0.86 50.04 -28.85
C VAL A 69 -0.10 50.84 -27.79
N PHE A 70 -0.75 51.09 -26.66
CA PHE A 70 -0.16 51.88 -25.59
C PHE A 70 0.19 51.00 -24.39
N ASP A 71 0.99 51.56 -23.49
CA ASP A 71 1.42 50.85 -22.29
C ASP A 71 1.85 51.87 -21.25
N ASN A 72 1.96 51.41 -20.01
CA ASN A 72 2.28 52.28 -18.88
C ASN A 72 3.55 51.79 -18.20
N VAL A 73 4.51 52.69 -18.03
CA VAL A 73 5.76 52.41 -17.32
C VAL A 73 6.07 53.59 -16.43
N ARG A 74 6.43 53.31 -15.18
CA ARG A 74 6.71 54.32 -14.18
C ARG A 74 8.13 54.15 -13.68
N ARG A 75 8.86 55.26 -13.57
CA ARG A 75 10.28 55.22 -13.25
C ARG A 75 10.62 56.32 -12.25
N ASN A 76 11.64 56.04 -11.44
CA ASN A 76 12.19 57.03 -10.51
C ASN A 76 13.16 57.92 -11.27
N GLU A 77 12.84 59.20 -11.39
CA GLU A 77 13.64 60.14 -12.15
C GLU A 77 14.13 61.25 -11.24
N VAL A 78 14.81 62.23 -11.83
CA VAL A 78 15.51 63.28 -11.09
C VAL A 78 14.78 64.60 -11.31
N SER A 79 14.94 65.51 -10.35
CA SER A 79 14.14 66.72 -10.34
C SER A 79 14.76 67.83 -11.20
N SER A 80 16.09 67.98 -11.16
CA SER A 80 16.72 69.16 -11.73
C SER A 80 17.97 68.78 -12.50
N LYS A 81 18.33 69.64 -13.45
CA LYS A 81 19.60 69.53 -14.16
C LYS A 81 20.74 69.90 -13.23
N ILE A 82 21.92 69.36 -13.52
CA ILE A 82 23.07 69.64 -12.66
C ILE A 82 23.57 71.06 -12.91
N PRO A 83 24.02 71.78 -11.89
CA PRO A 83 24.43 73.18 -12.09
C PRO A 83 25.74 73.27 -12.87
N LYS A 84 25.91 74.39 -13.57
CA LYS A 84 27.17 74.65 -14.26
C LYS A 84 28.24 75.01 -13.24
N PRO A 85 29.38 74.32 -13.23
CA PRO A 85 30.37 74.55 -12.18
C PRO A 85 31.32 75.68 -12.53
N ASN A 86 32.17 76.00 -11.57
CA ASN A 86 33.30 76.89 -11.79
C ASN A 86 34.57 76.06 -11.69
N PRO A 87 35.23 75.71 -12.80
CA PRO A 87 36.37 74.78 -12.70
C PRO A 87 37.41 75.22 -11.69
N ALA A 88 37.91 76.46 -11.78
CA ALA A 88 38.98 76.89 -10.90
C ALA A 88 38.53 76.84 -9.43
N THR A 89 37.31 77.31 -9.16
CA THR A 89 36.82 77.31 -7.78
C THR A 89 36.67 75.89 -7.24
N ALA A 90 36.50 74.91 -8.13
CA ALA A 90 36.21 73.55 -7.72
C ALA A 90 37.32 72.92 -6.90
N MET A 91 38.59 73.24 -7.19
CA MET A 91 39.71 72.61 -6.50
C MET A 91 40.52 73.61 -5.69
N ARG A 92 40.05 74.84 -5.53
CA ARG A 92 40.61 75.70 -4.50
C ARG A 92 40.48 75.04 -3.14
N ASP A 93 39.50 74.16 -2.98
CA ASP A 93 39.35 73.31 -1.81
C ASP A 93 39.05 71.90 -2.28
N ARG A 94 39.45 70.94 -1.45
CA ARG A 94 39.21 69.52 -1.74
C ARG A 94 37.79 69.18 -1.30
N LYS A 95 36.86 69.17 -2.25
CA LYS A 95 35.46 68.94 -1.95
C LYS A 95 34.84 68.12 -3.07
N PRO A 96 33.75 67.42 -2.79
CA PRO A 96 33.06 66.69 -3.86
C PRO A 96 32.02 67.56 -4.55
N LEU A 97 31.69 67.17 -5.78
CA LEU A 97 30.57 67.71 -6.53
C LEU A 97 29.65 66.56 -6.92
N TYR A 98 28.37 66.69 -6.61
CA TYR A 98 27.44 65.59 -6.86
C TYR A 98 26.01 66.13 -6.85
N PHE A 99 25.11 65.29 -7.34
CA PHE A 99 23.67 65.47 -7.18
C PHE A 99 23.11 64.20 -6.57
N LEU A 100 22.49 64.33 -5.40
CA LEU A 100 21.95 63.17 -4.69
C LEU A 100 20.54 62.90 -5.20
N VAL A 101 20.35 61.73 -5.82
CA VAL A 101 19.08 61.43 -6.46
C VAL A 101 17.98 61.23 -5.42
N ASP A 102 18.27 60.53 -4.33
CA ASP A 102 17.26 60.16 -3.35
C ASP A 102 17.18 61.13 -2.17
N ASP A 103 17.66 62.35 -2.33
CA ASP A 103 17.68 63.33 -1.24
C ASP A 103 16.40 64.17 -1.30
N GLY A 104 15.38 63.68 -0.66
CA GLY A 104 14.15 64.45 -0.51
C GLY A 104 13.49 64.73 -1.85
N SER A 105 13.34 66.01 -2.17
CA SER A 105 12.63 66.41 -3.37
C SER A 105 13.42 66.13 -4.65
N ASN A 106 14.70 65.75 -4.52
CA ASN A 106 15.48 65.41 -5.71
C ASN A 106 14.86 64.24 -6.46
N ARG A 107 14.16 63.35 -5.76
CA ARG A 107 13.52 62.21 -6.40
C ARG A 107 12.18 62.62 -6.98
N GLN A 108 11.97 62.36 -8.27
CA GLN A 108 10.72 62.63 -8.94
C GLN A 108 10.28 61.38 -9.68
N GLN A 109 9.13 60.83 -9.30
CA GLN A 109 8.57 59.68 -10.00
C GLN A 109 7.70 60.16 -11.15
N ARG A 110 7.97 59.64 -12.34
CA ARG A 110 7.28 60.06 -13.55
C ARG A 110 6.73 58.83 -14.26
N ALA A 111 5.44 58.87 -14.58
CA ALA A 111 4.82 57.81 -15.36
C ALA A 111 4.96 58.12 -16.85
N ALA A 112 4.83 57.08 -17.67
CA ALA A 112 4.94 57.21 -19.11
C ALA A 112 3.88 56.36 -19.77
N THR A 113 3.07 56.97 -20.63
CA THR A 113 2.13 56.26 -21.49
C THR A 113 2.78 56.20 -22.87
N LEU A 114 3.36 55.05 -23.21
CA LEU A 114 4.26 54.93 -24.34
C LEU A 114 3.80 53.80 -25.26
N LEU A 115 4.20 53.90 -26.52
CA LEU A 115 3.77 52.97 -27.55
C LEU A 115 4.51 51.65 -27.44
N ARG A 116 3.94 50.61 -28.06
CA ARG A 116 4.54 49.29 -28.08
C ARG A 116 4.49 48.73 -29.50
N ASN A 117 5.51 47.94 -29.84
CA ASN A 117 5.56 47.23 -31.11
C ASN A 117 5.25 48.15 -32.28
N VAL A 118 6.10 49.14 -32.47
CA VAL A 118 5.90 50.13 -33.53
C VAL A 118 6.63 49.69 -34.79
N ASP A 119 6.22 50.28 -35.92
CA ASP A 119 6.86 50.00 -37.20
C ASP A 119 6.51 51.12 -38.15
N TYR A 120 7.52 51.81 -38.67
CA TYR A 120 7.32 52.96 -39.55
C TYR A 120 8.22 52.86 -40.77
N VAL A 121 7.81 53.53 -41.84
CA VAL A 121 8.64 53.77 -43.00
C VAL A 121 8.73 55.27 -43.21
N ILE A 122 9.94 55.80 -43.22
CA ILE A 122 10.16 57.24 -43.32
C ILE A 122 10.58 57.58 -44.73
N GLU A 123 9.88 58.51 -45.35
CA GLU A 123 10.22 59.04 -46.67
C GLU A 123 10.77 60.44 -46.50
N ALA A 124 12.01 60.66 -46.98
CA ALA A 124 12.68 61.93 -46.76
C ALA A 124 13.67 62.16 -47.89
N HIS A 125 14.15 63.39 -47.98
CA HIS A 125 15.08 63.81 -49.01
C HIS A 125 15.92 64.94 -48.47
N PHE A 126 17.06 65.19 -49.12
CA PHE A 126 18.00 66.18 -48.63
C PHE A 126 17.72 67.54 -49.25
N GLU A 127 18.35 68.56 -48.65
CA GLU A 127 18.29 69.92 -49.16
C GLU A 127 19.54 70.66 -48.70
N LEU A 128 20.26 71.24 -49.65
CA LEU A 128 21.52 71.91 -49.35
C LEU A 128 21.29 73.17 -48.54
N THR A 129 22.13 73.37 -47.53
CA THR A 129 22.06 74.55 -46.68
C THR A 129 23.04 75.62 -47.16
N ASP A 130 22.94 76.81 -46.56
CA ASP A 130 23.85 77.89 -46.91
C ASP A 130 25.29 77.57 -46.57
N LYS A 131 25.52 76.59 -45.70
CA LYS A 131 26.87 76.20 -45.31
C LYS A 131 27.51 75.24 -46.30
N ALA A 132 26.80 74.85 -47.34
CA ALA A 132 27.33 73.87 -48.28
C ALA A 132 28.47 74.46 -49.10
N GLY A 133 29.53 73.68 -49.26
CA GLY A 133 30.61 74.07 -50.15
C GLY A 133 30.30 73.73 -51.59
N ALA A 134 31.18 74.17 -52.48
CA ALA A 134 31.00 73.88 -53.90
C ALA A 134 31.00 72.39 -54.19
N GLU A 135 31.86 71.62 -53.51
CA GLU A 135 31.92 70.18 -53.70
C GLU A 135 30.72 69.45 -53.12
N ASP A 136 29.87 70.13 -52.35
CA ASP A 136 28.74 69.46 -51.72
C ASP A 136 27.56 69.39 -52.68
N ASN A 137 27.03 68.18 -52.88
CA ASN A 137 25.87 67.96 -53.73
C ASN A 137 24.95 66.96 -53.06
N ALA A 138 23.65 67.12 -53.29
CA ALA A 138 22.67 66.27 -52.61
C ALA A 138 22.87 64.80 -52.95
N GLY A 139 23.18 64.49 -54.22
CA GLY A 139 23.30 63.11 -54.63
C GLY A 139 24.39 62.36 -53.89
N LYS A 140 25.53 63.02 -53.65
CA LYS A 140 26.63 62.36 -52.95
C LYS A 140 26.24 62.00 -51.52
N HIS A 141 25.60 62.92 -50.81
CA HIS A 141 25.15 62.61 -49.46
C HIS A 141 24.05 61.54 -49.48
N LEU A 142 23.20 61.57 -50.51
CA LEU A 142 22.17 60.54 -50.62
C LEU A 142 22.78 59.16 -50.75
N ASP A 143 23.79 59.03 -51.61
CA ASP A 143 24.43 57.72 -51.77
C ASP A 143 25.21 57.32 -50.52
N ILE A 144 25.82 58.28 -49.84
CA ILE A 144 26.49 57.96 -48.58
C ILE A 144 25.50 57.41 -47.57
N PHE A 145 24.35 58.07 -47.45
CA PHE A 145 23.32 57.61 -46.52
C PHE A 145 22.83 56.22 -46.91
N ARG A 146 22.65 55.99 -48.21
CA ARG A 146 22.20 54.67 -48.65
C ARG A 146 23.21 53.60 -48.31
N ARG A 147 24.50 53.88 -48.53
CA ARG A 147 25.53 52.93 -48.16
C ARG A 147 25.48 52.62 -46.66
N ARG A 148 25.41 53.67 -45.85
CA ARG A 148 25.39 53.46 -44.40
C ARG A 148 24.18 52.64 -43.98
N ALA A 149 23.01 52.96 -44.51
CA ALA A 149 21.80 52.24 -44.16
C ALA A 149 21.86 50.78 -44.60
N ARG A 150 22.35 50.52 -45.81
CA ARG A 150 22.47 49.14 -46.27
C ARG A 150 23.44 48.36 -45.40
N ALA A 151 24.57 48.96 -45.04
CA ALA A 151 25.57 48.28 -44.21
C ALA A 151 25.19 48.24 -42.74
N GLY A 152 24.13 48.93 -42.33
CA GLY A 152 23.77 48.99 -40.94
C GLY A 152 24.64 49.92 -40.13
N GLN A 153 25.24 50.93 -40.77
CA GLN A 153 26.12 51.86 -40.10
C GLN A 153 25.36 53.10 -39.67
N SER A 154 25.90 53.81 -38.69
CA SER A 154 25.25 55.01 -38.19
C SER A 154 26.22 55.78 -37.31
N PHE A 155 26.02 57.09 -37.25
CA PHE A 155 26.77 57.93 -36.31
C PHE A 155 26.47 57.51 -34.88
N GLN A 156 25.21 57.23 -34.58
CA GLN A 156 24.81 56.71 -33.29
C GLN A 156 23.59 55.83 -33.50
N GLN A 157 23.34 54.95 -32.55
CA GLN A 157 22.16 54.11 -32.64
C GLN A 157 20.90 54.99 -32.59
N PRO A 158 20.06 54.96 -33.61
CA PRO A 158 18.82 55.73 -33.52
C PRO A 158 17.91 55.19 -32.43
N CYS A 159 17.11 56.09 -31.86
CA CYS A 159 16.15 55.71 -30.84
C CYS A 159 14.79 56.28 -31.20
N LEU A 160 13.74 55.57 -30.75
CA LEU A 160 12.37 55.98 -30.99
C LEU A 160 11.96 56.95 -29.90
N GLY A 161 12.36 58.21 -30.08
CA GLY A 161 12.04 59.25 -29.11
C GLY A 161 13.08 59.38 -28.03
N CYS A 162 13.13 58.42 -27.10
CA CYS A 162 14.02 58.46 -25.96
C CYS A 162 15.13 57.43 -26.12
N ARG A 163 16.33 57.76 -25.66
CA ARG A 163 17.50 56.92 -25.92
C ARG A 163 17.32 55.51 -25.41
N GLU A 164 16.47 55.31 -24.40
CA GLU A 164 16.27 53.97 -23.86
C GLU A 164 15.49 53.07 -24.80
N PHE A 165 15.00 53.58 -25.93
CA PHE A 165 14.23 52.80 -26.88
C PHE A 165 14.98 52.72 -28.20
N PRO A 166 15.86 51.74 -28.39
CA PRO A 166 16.63 51.66 -29.63
C PRO A 166 15.72 51.36 -30.82
N ALA A 167 16.10 51.90 -31.98
CA ALA A 167 15.34 51.74 -33.20
C ALA A 167 16.12 50.87 -34.18
N SER A 168 15.61 49.69 -34.47
CA SER A 168 16.17 48.89 -35.54
C SER A 168 15.75 49.47 -36.88
N PHE A 169 16.72 49.66 -37.78
CA PHE A 169 16.48 50.34 -39.03
C PHE A 169 17.01 49.51 -40.19
N GLU A 170 16.50 49.82 -41.38
CA GLU A 170 16.85 49.07 -42.59
C GLU A 170 16.39 49.87 -43.79
N LEU A 171 17.26 50.06 -44.76
CA LEU A 171 16.89 50.78 -45.97
C LEU A 171 15.88 49.98 -46.76
N LEU A 172 14.87 50.66 -47.29
CA LEU A 172 13.80 50.02 -48.06
C LEU A 172 14.01 50.36 -49.53
N GLU A 173 14.16 49.32 -50.35
CA GLU A 173 14.51 49.47 -51.75
C GLU A 173 13.36 49.09 -52.69
N GLY A 174 12.13 49.13 -52.21
CA GLY A 174 11.00 48.78 -53.03
C GLY A 174 9.73 49.43 -52.54
N ASP A 175 8.61 48.81 -52.90
CA ASP A 175 7.32 49.32 -52.47
C ASP A 175 7.13 49.14 -50.97
N VAL A 176 6.46 50.09 -50.35
CA VAL A 176 6.24 50.01 -48.89
C VAL A 176 5.29 48.86 -48.60
N PRO A 177 5.46 48.14 -47.49
CA PRO A 177 4.51 47.07 -47.16
C PRO A 177 3.14 47.63 -46.82
N LEU A 178 2.18 46.72 -46.68
CA LEU A 178 0.81 47.12 -46.41
C LEU A 178 0.64 47.54 -44.97
N SER A 179 -0.18 48.57 -44.75
CA SER A 179 -0.45 49.08 -43.42
C SER A 179 -1.73 48.46 -42.86
N CYS A 180 -1.77 48.34 -41.53
CA CYS A 180 -2.99 47.87 -40.89
C CYS A 180 -4.14 48.84 -41.05
N TYR A 181 -3.83 50.12 -41.29
CA TYR A 181 -4.83 51.16 -41.50
C TYR A 181 -5.00 51.49 -42.98
N ALA A 182 -4.90 50.51 -43.86
CA ALA A 182 -4.86 50.79 -45.29
C ALA A 182 -6.15 51.46 -45.78
N GLY A 183 -7.31 50.99 -45.33
CA GLY A 183 -8.58 51.50 -45.78
C GLY A 183 -9.26 52.48 -44.86
N GLU A 184 -8.53 53.09 -43.94
CA GLU A 184 -9.13 53.92 -42.89
C GLU A 184 -8.54 55.33 -42.94
N LYS A 185 -9.41 56.31 -42.73
CA LYS A 185 -9.00 57.69 -42.50
C LYS A 185 -9.17 58.01 -41.02
N ARG A 186 -8.10 58.50 -40.40
CA ARG A 186 -8.09 58.80 -38.99
C ARG A 186 -7.49 60.18 -38.76
N ASP A 187 -8.14 60.96 -37.90
CA ASP A 187 -7.68 62.30 -37.56
C ASP A 187 -7.01 62.26 -36.20
N LEU A 188 -5.77 62.73 -36.13
CA LEU A 188 -4.99 62.72 -34.90
C LEU A 188 -4.89 64.08 -34.24
N GLY A 189 -5.51 65.11 -34.82
CA GLY A 189 -5.43 66.44 -34.25
C GLY A 189 -4.08 67.08 -34.51
N TYR A 190 -3.89 68.24 -33.89
CA TYR A 190 -2.66 68.99 -34.07
C TYR A 190 -1.52 68.33 -33.31
N MET A 191 -0.38 68.19 -33.97
CA MET A 191 0.82 67.66 -33.34
C MET A 191 2.03 68.42 -33.87
N LEU A 192 3.20 68.05 -33.35
CA LEU A 192 4.40 68.85 -33.57
C LEU A 192 5.03 68.52 -34.92
N LEU A 193 5.31 69.57 -35.70
CA LEU A 193 6.15 69.42 -36.89
C LEU A 193 7.62 69.34 -36.51
N ASP A 194 8.13 70.41 -35.90
CA ASP A 194 9.55 70.56 -35.61
C ASP A 194 9.70 71.83 -34.76
N ILE A 195 10.91 72.08 -34.32
CA ILE A 195 11.24 73.27 -33.56
C ILE A 195 11.94 74.25 -34.48
N ASP A 196 11.40 75.47 -34.58
CA ASP A 196 11.98 76.51 -35.42
C ASP A 196 13.16 77.12 -34.66
N PHE A 197 14.31 76.45 -34.79
CA PHE A 197 15.49 76.85 -34.01
C PHE A 197 15.94 78.26 -34.38
N GLU A 198 15.78 78.65 -35.64
CA GLU A 198 16.14 80.01 -36.03
C GLU A 198 15.31 81.06 -35.30
N ARG A 199 14.02 80.80 -35.08
CA ARG A 199 13.17 81.73 -34.35
C ARG A 199 13.14 81.36 -32.88
N ASP A 200 14.27 81.50 -32.19
CA ASP A 200 14.39 81.22 -30.76
C ASP A 200 13.66 79.95 -30.38
N MET A 201 13.82 78.91 -31.19
CA MET A 201 13.29 77.58 -30.90
C MET A 201 11.77 77.63 -30.66
N THR A 202 11.07 78.28 -31.57
CA THR A 202 9.61 78.30 -31.50
C THR A 202 9.04 77.03 -32.11
N PRO A 203 8.26 76.24 -31.37
CA PRO A 203 7.64 75.06 -31.97
C PRO A 203 6.52 75.44 -32.91
N LEU A 204 6.30 74.59 -33.91
CA LEU A 204 5.22 74.77 -34.88
C LEU A 204 4.47 73.46 -35.03
N PHE A 205 3.16 73.54 -35.20
CA PHE A 205 2.29 72.39 -35.20
C PHE A 205 1.50 72.30 -36.50
N PHE A 206 1.11 71.08 -36.85
CA PHE A 206 0.25 70.81 -37.99
C PHE A 206 -0.80 69.79 -37.58
N LYS A 207 -1.95 69.82 -38.24
CA LYS A 207 -3.02 68.87 -37.95
C LYS A 207 -2.76 67.60 -38.75
N ALA A 208 -2.68 66.47 -38.04
CA ALA A 208 -2.26 65.22 -38.64
C ALA A 208 -3.48 64.39 -39.02
N VAL A 209 -3.60 64.06 -40.30
CA VAL A 209 -4.58 63.12 -40.80
C VAL A 209 -3.83 61.90 -41.31
N MET A 210 -4.40 60.72 -41.10
CA MET A 210 -3.70 59.46 -41.31
C MET A 210 -4.46 58.58 -42.28
N GLU A 211 -4.80 59.13 -43.44
CA GLU A 211 -5.46 58.34 -44.48
C GLU A 211 -4.56 57.18 -44.90
N ASP A 212 -5.15 55.99 -44.97
CA ASP A 212 -4.46 54.78 -45.40
C ASP A 212 -3.19 54.51 -44.61
N GLY A 213 -3.07 55.09 -43.42
CA GLY A 213 -1.91 54.86 -42.58
C GLY A 213 -0.68 55.66 -42.95
N VAL A 214 -0.79 56.62 -43.86
CA VAL A 214 0.34 57.44 -44.29
C VAL A 214 0.04 58.89 -43.94
N ILE A 215 0.98 59.54 -43.26
CA ILE A 215 0.84 60.93 -42.83
C ILE A 215 1.73 61.77 -43.74
N THR A 216 1.17 62.88 -44.23
CA THR A 216 1.86 63.77 -45.17
C THR A 216 2.00 65.14 -44.54
N PRO A 217 3.02 65.38 -43.70
CA PRO A 217 3.16 66.70 -43.10
C PRO A 217 3.64 67.71 -44.11
N PRO A 218 3.35 68.99 -43.90
CA PRO A 218 3.93 70.03 -44.76
C PRO A 218 5.42 70.18 -44.48
N SER A 219 6.13 70.71 -45.47
CA SER A 219 7.56 70.94 -45.31
C SER A 219 7.78 71.99 -44.23
N ARG A 220 8.55 71.62 -43.20
CA ARG A 220 8.80 72.52 -42.08
C ARG A 220 9.61 73.75 -42.48
N THR A 221 10.19 73.76 -43.67
CA THR A 221 10.89 74.95 -44.16
C THR A 221 9.95 75.92 -44.88
N SER A 222 8.70 75.53 -45.09
CA SER A 222 7.78 76.38 -45.84
C SER A 222 7.51 77.67 -45.07
N PRO A 223 7.43 78.82 -45.75
CA PRO A 223 7.15 80.08 -45.03
C PRO A 223 5.77 80.15 -44.41
N GLU A 224 4.80 79.37 -44.90
CA GLU A 224 3.43 79.45 -44.41
C GLU A 224 3.16 78.56 -43.22
N VAL A 225 4.12 77.73 -42.81
CA VAL A 225 4.02 77.02 -41.53
C VAL A 225 4.89 77.68 -40.47
N ARG A 226 5.96 78.34 -40.88
CA ARG A 226 6.84 79.05 -39.96
C ARG A 226 6.23 80.40 -39.61
N ALA A 227 6.71 80.96 -38.50
CA ALA A 227 6.25 82.26 -38.03
C ALA A 227 6.60 83.35 -39.03
N MET B 1 45.57 61.30 -24.25
CA MET B 1 44.20 60.73 -24.17
C MET B 1 43.59 60.65 -25.57
N THR B 2 42.98 59.50 -25.87
CA THR B 2 42.34 59.30 -27.16
C THR B 2 41.10 58.43 -26.96
N ALA B 3 40.03 58.78 -27.68
CA ALA B 3 38.78 58.07 -27.56
C ALA B 3 38.85 56.71 -28.25
N ILE B 4 37.86 55.87 -27.96
CA ILE B 4 37.80 54.55 -28.60
C ILE B 4 37.70 54.73 -30.11
N ALA B 5 38.09 53.68 -30.84
CA ALA B 5 38.18 53.75 -32.29
C ALA B 5 37.17 52.86 -33.00
N ASN B 6 36.37 52.08 -32.26
CA ASN B 6 35.46 51.12 -32.87
C ASN B 6 34.09 51.23 -32.22
N ARG B 7 33.06 50.99 -33.02
CA ARG B 7 31.71 50.84 -32.49
C ARG B 7 31.57 49.50 -31.78
N TYR B 8 30.77 49.47 -30.72
CA TYR B 8 30.56 48.26 -29.95
C TYR B 8 29.07 48.03 -29.73
N GLU B 9 28.71 46.75 -29.73
CA GLU B 9 27.43 46.28 -29.22
C GLU B 9 27.71 45.12 -28.27
N PHE B 10 26.92 45.05 -27.19
CA PHE B 10 27.12 44.00 -26.21
C PHE B 10 25.78 43.48 -25.74
N VAL B 11 25.76 42.20 -25.37
CA VAL B 11 24.61 41.53 -24.79
C VAL B 11 25.03 41.00 -23.43
N LEU B 12 24.30 41.41 -22.39
CA LEU B 12 24.61 41.01 -21.03
C LEU B 12 23.49 40.12 -20.51
N LEU B 13 23.85 38.92 -20.07
CA LEU B 13 22.90 38.00 -19.46
C LEU B 13 23.11 37.98 -17.95
N PHE B 14 22.08 38.35 -17.21
CA PHE B 14 22.12 38.29 -15.75
C PHE B 14 20.82 37.66 -15.27
N ASP B 15 20.88 37.06 -14.08
CA ASP B 15 19.74 36.35 -13.52
C ASP B 15 19.54 36.76 -12.07
N VAL B 16 18.35 36.46 -11.57
CA VAL B 16 17.98 36.74 -10.19
C VAL B 16 17.37 35.47 -9.61
N GLU B 17 17.69 35.20 -8.35
CA GLU B 17 17.21 34.00 -7.66
C GLU B 17 16.58 34.42 -6.34
N ASN B 18 15.26 34.23 -6.23
CA ASN B 18 14.52 34.58 -5.03
C ASN B 18 14.81 36.02 -4.61
N GLY B 19 14.44 36.95 -5.49
CA GLY B 19 14.65 38.35 -5.20
C GLY B 19 13.85 39.22 -6.14
N ASN B 20 13.84 40.51 -5.82
CA ASN B 20 13.15 41.51 -6.64
C ASN B 20 14.19 42.27 -7.44
N PRO B 21 14.47 41.89 -8.69
CA PRO B 21 15.52 42.60 -9.44
C PRO B 21 15.25 44.07 -9.61
N ASN B 22 14.00 44.45 -9.83
CA ASN B 22 13.65 45.86 -10.02
C ASN B 22 12.17 46.01 -9.71
N GLY B 23 11.86 46.64 -8.58
CA GLY B 23 10.47 46.82 -8.22
C GLY B 23 9.77 47.84 -9.10
N ASP B 24 8.45 47.69 -9.20
CA ASP B 24 7.64 48.56 -10.02
C ASP B 24 6.96 49.59 -9.12
N PRO B 25 7.32 50.87 -9.20
CA PRO B 25 6.66 51.86 -8.34
C PRO B 25 5.19 52.08 -8.65
N ASP B 26 4.66 51.43 -9.69
CA ASP B 26 3.26 51.54 -10.07
C ASP B 26 2.48 50.25 -9.85
N ALA B 27 3.08 49.27 -9.17
CA ALA B 27 2.41 48.00 -8.90
C ALA B 27 2.69 47.56 -7.47
N GLY B 28 2.75 48.51 -6.55
CA GLY B 28 3.04 48.17 -5.17
C GLY B 28 4.38 47.52 -4.97
N ASN B 29 5.39 47.93 -5.75
CA ASN B 29 6.75 47.43 -5.66
C ASN B 29 6.89 45.99 -6.13
N MET B 30 5.88 45.44 -6.79
CA MET B 30 6.04 44.12 -7.39
C MET B 30 7.05 44.20 -8.53
N PRO B 31 7.77 43.12 -8.81
CA PRO B 31 8.71 43.15 -9.93
C PRO B 31 7.99 43.45 -11.24
N ARG B 32 8.63 44.24 -12.09
CA ARG B 32 8.02 44.65 -13.34
C ARG B 32 7.73 43.44 -14.22
N ILE B 33 6.54 43.42 -14.82
CA ILE B 33 6.15 42.42 -15.79
C ILE B 33 5.73 43.15 -17.06
N ASP B 34 6.18 42.64 -18.19
CA ASP B 34 5.80 43.22 -19.47
C ASP B 34 4.36 42.86 -19.79
N PRO B 35 3.44 43.81 -19.92
CA PRO B 35 2.04 43.45 -20.19
C PRO B 35 1.84 42.71 -21.50
N GLU B 36 2.64 42.99 -22.52
CA GLU B 36 2.45 42.39 -23.84
C GLU B 36 2.91 40.94 -23.90
N THR B 37 3.90 40.54 -23.10
CA THR B 37 4.46 39.21 -23.19
C THR B 37 4.54 38.46 -21.88
N GLY B 38 4.38 39.10 -20.73
CA GLY B 38 4.54 38.43 -19.46
C GLY B 38 5.97 38.24 -19.03
N HIS B 39 6.92 38.78 -19.78
CA HIS B 39 8.32 38.68 -19.41
C HIS B 39 8.69 39.72 -18.36
N GLY B 40 9.55 39.34 -17.43
CA GLY B 40 10.07 40.30 -16.48
C GLY B 40 10.81 41.42 -17.17
N LEU B 41 10.83 42.57 -16.52
CA LEU B 41 11.39 43.78 -17.11
C LEU B 41 12.28 44.48 -16.09
N VAL B 42 13.42 44.97 -16.56
CA VAL B 42 14.33 45.77 -15.75
C VAL B 42 14.72 46.99 -16.56
N THR B 43 14.43 48.18 -16.03
CA THR B 43 14.73 49.40 -16.75
C THR B 43 16.24 49.59 -16.86
N ASP B 44 16.64 50.33 -17.90
CA ASP B 44 18.06 50.61 -18.10
C ASP B 44 18.61 51.45 -16.96
N VAL B 45 17.83 52.40 -16.44
CA VAL B 45 18.33 53.29 -15.41
C VAL B 45 18.74 52.51 -14.16
N CYS B 46 18.08 51.40 -13.87
CA CYS B 46 18.50 50.57 -12.75
C CYS B 46 19.91 50.05 -12.96
N LEU B 47 20.19 49.52 -14.16
CA LEU B 47 21.52 49.00 -14.44
C LEU B 47 22.55 50.11 -14.46
N LYS B 48 22.19 51.28 -14.98
CA LYS B 48 23.10 52.42 -14.97
C LYS B 48 23.42 52.85 -13.55
N ARG B 49 22.42 52.84 -12.68
CA ARG B 49 22.65 53.15 -11.27
C ARG B 49 23.61 52.15 -10.65
N LYS B 50 23.43 50.87 -10.96
CA LYS B 50 24.34 49.85 -10.44
C LYS B 50 25.76 50.07 -10.95
N ILE B 51 25.90 50.42 -12.23
CA ILE B 51 27.23 50.67 -12.80
C ILE B 51 27.89 51.87 -12.11
N ARG B 52 27.11 52.94 -11.93
CA ARG B 52 27.63 54.12 -11.25
C ARG B 52 28.12 53.77 -9.85
N ASN B 53 27.30 53.01 -9.11
CA ASN B 53 27.69 52.62 -7.76
C ASN B 53 28.96 51.79 -7.78
N HIS B 54 29.06 50.83 -8.71
CA HIS B 54 30.22 49.97 -8.75
C HIS B 54 31.49 50.77 -9.04
N VAL B 55 31.42 51.68 -10.00
CA VAL B 55 32.60 52.47 -10.33
C VAL B 55 32.98 53.39 -9.17
N ALA B 56 31.98 53.96 -8.49
CA ALA B 56 32.27 54.81 -7.34
C ALA B 56 32.95 54.01 -6.25
N LEU B 57 32.48 52.79 -6.00
CA LEU B 57 33.13 51.94 -5.00
C LEU B 57 34.55 51.58 -5.41
N THR B 58 34.74 51.21 -6.69
CA THR B 58 36.02 50.67 -7.12
C THR B 58 37.10 51.74 -7.20
N LYS B 59 36.79 52.89 -7.78
CA LYS B 59 37.79 53.94 -7.92
C LYS B 59 37.83 54.88 -6.72
N GLU B 60 36.72 55.04 -6.02
CA GLU B 60 36.65 55.82 -4.79
C GLU B 60 37.43 57.12 -4.90
N GLY B 61 36.99 57.97 -5.83
CA GLY B 61 37.52 59.32 -5.92
C GLY B 61 38.87 59.44 -6.58
N ALA B 62 39.26 58.51 -7.44
CA ALA B 62 40.50 58.66 -8.19
C ALA B 62 40.44 59.90 -9.07
N GLU B 63 41.59 60.23 -9.66
CA GLU B 63 41.72 61.46 -10.44
C GLU B 63 40.60 61.63 -11.46
N ARG B 64 40.48 60.68 -12.38
CA ARG B 64 39.61 60.82 -13.54
C ARG B 64 38.24 60.21 -13.37
N PHE B 65 37.94 59.61 -12.22
CA PHE B 65 36.79 58.71 -12.11
C PHE B 65 35.85 59.11 -10.98
N ASN B 66 35.49 60.39 -10.91
CA ASN B 66 34.44 60.80 -9.99
C ASN B 66 33.07 60.59 -10.64
N ILE B 67 32.08 60.28 -9.81
CA ILE B 67 30.71 60.06 -10.26
C ILE B 67 29.84 61.19 -9.74
N TYR B 68 29.15 61.86 -10.66
CA TYR B 68 28.36 63.03 -10.28
C TYR B 68 27.01 62.64 -9.69
N ILE B 69 26.27 61.77 -10.37
CA ILE B 69 24.91 61.42 -9.95
C ILE B 69 25.06 60.35 -8.86
N GLN B 70 25.05 60.78 -7.61
CA GLN B 70 25.22 59.90 -6.47
C GLN B 70 23.87 59.56 -5.85
N GLU B 71 23.87 58.53 -5.00
CA GLU B 71 22.65 58.04 -4.38
C GLU B 71 22.90 57.73 -2.90
N LYS B 72 23.58 58.63 -2.22
CA LYS B 72 23.84 58.53 -0.79
C LYS B 72 24.81 57.41 -0.45
N ALA B 73 25.64 57.00 -1.41
CA ALA B 73 26.81 56.18 -1.15
C ALA B 73 28.08 57.02 -1.12
N ILE B 74 27.94 58.34 -1.07
CA ILE B 74 29.10 59.22 -1.18
C ILE B 74 30.01 59.05 0.02
N LEU B 75 31.29 59.36 -0.18
CA LEU B 75 32.27 59.42 0.89
C LEU B 75 33.12 60.65 0.66
N ASN B 76 33.30 61.46 1.72
CA ASN B 76 33.97 62.75 1.62
C ASN B 76 35.43 62.68 2.07
N GLU B 77 36.12 61.59 1.74
CA GLU B 77 37.49 61.40 2.23
C GLU B 77 38.49 62.25 1.46
N THR B 78 38.46 62.20 0.13
CA THR B 78 39.49 62.87 -0.66
C THR B 78 39.04 62.99 -2.11
N HIS B 79 39.25 64.17 -2.70
CA HIS B 79 38.96 64.41 -4.10
C HIS B 79 40.11 65.20 -4.73
N GLU B 80 40.35 64.92 -6.01
CA GLU B 80 41.34 65.64 -6.80
C GLU B 80 40.81 65.80 -8.21
N ARG B 81 41.32 66.79 -8.94
CA ARG B 81 40.78 67.12 -10.24
C ARG B 81 41.88 67.59 -11.17
N ALA B 82 41.58 67.56 -12.48
CA ALA B 82 42.58 67.78 -13.52
C ALA B 82 42.94 69.24 -13.71
N TYR B 83 42.09 70.17 -13.30
CA TYR B 83 42.39 71.60 -13.40
C TYR B 83 42.66 72.02 -14.85
N THR B 84 41.63 71.87 -15.68
CA THR B 84 41.67 72.37 -17.04
C THR B 84 41.62 73.90 -17.04
N ASP B 101 32.41 80.44 -23.32
CA ASP B 101 33.28 79.70 -22.41
C ASP B 101 32.61 78.41 -21.94
N ALA B 102 31.45 78.09 -22.51
CA ALA B 102 30.76 76.88 -22.10
C ALA B 102 31.58 75.64 -22.44
N LYS B 103 32.19 75.62 -23.62
CA LYS B 103 32.97 74.45 -24.02
C LYS B 103 34.02 74.09 -22.97
N ARG B 104 34.64 75.09 -22.35
CA ARG B 104 35.65 74.82 -21.33
C ARG B 104 35.06 74.00 -20.18
N VAL B 105 33.94 74.47 -19.62
CA VAL B 105 33.37 73.80 -18.46
C VAL B 105 32.84 72.42 -18.85
N THR B 106 32.25 72.30 -20.04
CA THR B 106 31.78 70.99 -20.48
C THR B 106 32.94 70.00 -20.56
N ASP B 107 34.03 70.39 -21.20
CA ASP B 107 35.18 69.50 -21.29
C ASP B 107 35.74 69.18 -19.91
N TRP B 108 35.74 70.16 -19.01
CA TRP B 108 36.22 69.90 -17.65
C TRP B 108 35.36 68.86 -16.96
N MET B 109 34.03 68.98 -17.09
CA MET B 109 33.14 67.99 -16.48
C MET B 109 33.38 66.60 -17.07
N CYS B 110 33.49 66.52 -18.39
CA CYS B 110 33.70 65.22 -19.02
C CYS B 110 35.04 64.63 -18.61
N THR B 111 36.07 65.47 -18.50
CA THR B 111 37.43 64.96 -18.33
C THR B 111 37.68 64.36 -16.95
N ASN B 112 36.82 64.61 -15.97
CA ASN B 112 37.06 64.11 -14.62
C ASN B 112 35.82 63.57 -13.92
N PHE B 113 34.70 63.39 -14.64
CA PHE B 113 33.54 62.69 -14.11
C PHE B 113 33.22 61.52 -15.03
N TYR B 114 33.40 60.30 -14.51
CA TYR B 114 33.28 59.13 -15.36
C TYR B 114 31.87 58.98 -15.92
N ASP B 115 30.84 59.21 -15.08
CA ASP B 115 29.48 59.00 -15.54
C ASP B 115 29.08 60.02 -16.58
N ILE B 116 29.52 61.27 -16.42
CA ILE B 116 29.22 62.28 -17.46
C ILE B 116 29.94 61.92 -18.75
N ARG B 117 31.17 61.43 -18.65
CA ARG B 117 31.92 61.05 -19.83
C ARG B 117 31.31 59.85 -20.52
N THR B 118 30.66 58.97 -19.77
CA THR B 118 30.16 57.69 -20.29
C THR B 118 28.72 57.78 -20.77
N PHE B 119 27.80 58.14 -19.89
CA PHE B 119 26.39 58.23 -20.24
C PHE B 119 25.97 59.62 -20.69
N GLY B 120 26.70 60.66 -20.32
CA GLY B 120 26.31 62.01 -20.63
C GLY B 120 25.64 62.71 -19.47
N ALA B 121 25.18 63.93 -19.74
CA ALA B 121 24.51 64.73 -18.74
C ALA B 121 23.88 65.94 -19.44
N VAL B 122 23.15 66.73 -18.66
CA VAL B 122 22.56 67.97 -19.15
C VAL B 122 22.79 69.04 -18.10
N MET B 123 23.56 70.06 -18.46
CA MET B 123 23.80 71.18 -17.56
C MET B 123 22.79 72.29 -17.84
N THR B 124 22.62 73.16 -16.85
CA THR B 124 21.72 74.31 -17.00
C THR B 124 22.50 75.42 -17.67
N THR B 125 22.86 75.19 -18.94
CA THR B 125 23.58 76.17 -19.74
C THR B 125 22.81 76.39 -21.03
N GLU B 126 23.03 77.55 -21.64
CA GLU B 126 22.17 78.01 -22.73
C GLU B 126 22.74 77.71 -24.12
N VAL B 127 24.04 77.95 -24.33
CA VAL B 127 24.57 78.00 -25.69
C VAL B 127 24.36 76.67 -26.40
N ASN B 128 24.69 75.54 -25.75
CA ASN B 128 24.47 74.22 -26.31
C ASN B 128 23.15 73.60 -25.85
N CYS B 129 22.39 74.30 -25.01
CA CYS B 129 21.15 73.80 -24.44
C CYS B 129 21.39 72.71 -23.40
N GLY B 130 22.65 72.43 -23.05
CA GLY B 130 22.99 71.49 -22.03
C GLY B 130 23.28 70.08 -22.50
N GLN B 131 22.90 69.75 -23.73
CA GLN B 131 22.96 68.36 -24.20
C GLN B 131 24.38 67.83 -24.28
N VAL B 132 24.74 66.94 -23.36
CA VAL B 132 25.95 66.13 -23.47
C VAL B 132 25.48 64.68 -23.55
N ARG B 133 25.71 64.04 -24.70
CA ARG B 133 25.04 62.79 -24.98
C ARG B 133 25.80 61.59 -24.42
N GLY B 134 27.08 61.47 -24.74
CA GLY B 134 27.87 60.36 -24.26
C GLY B 134 27.70 59.13 -25.14
N PRO B 135 28.72 58.28 -25.20
CA PRO B 135 28.71 57.18 -26.18
C PRO B 135 27.82 55.99 -25.79
N VAL B 136 27.75 55.66 -24.50
CA VAL B 136 27.12 54.44 -24.05
C VAL B 136 25.61 54.61 -24.06
N GLN B 137 24.89 53.58 -24.48
CA GLN B 137 23.44 53.57 -24.52
C GLN B 137 22.94 52.17 -24.19
N MET B 138 21.93 52.09 -23.34
CA MET B 138 21.40 50.80 -22.89
C MET B 138 19.88 50.81 -23.03
N ALA B 139 19.33 49.64 -23.33
CA ALA B 139 17.89 49.48 -23.50
C ALA B 139 17.31 48.69 -22.33
N PHE B 140 15.98 48.65 -22.28
CA PHE B 140 15.30 47.87 -21.26
C PHE B 140 15.71 46.40 -21.35
N ALA B 141 15.98 45.81 -20.20
CA ALA B 141 16.31 44.39 -20.12
C ALA B 141 15.06 43.60 -19.79
N ARG B 142 14.81 42.53 -20.54
CA ARG B 142 13.61 41.73 -20.37
C ARG B 142 13.98 40.27 -20.22
N SER B 143 13.11 39.54 -19.53
CA SER B 143 13.38 38.14 -19.23
C SER B 143 13.37 37.30 -20.51
N VAL B 144 14.09 36.19 -20.46
CA VAL B 144 14.09 35.28 -21.61
C VAL B 144 12.73 34.62 -21.77
N GLU B 145 12.07 34.29 -20.67
CA GLU B 145 10.76 33.68 -20.71
C GLU B 145 9.95 34.23 -19.55
N PRO B 146 8.63 34.06 -19.57
CA PRO B 146 7.79 34.73 -18.57
C PRO B 146 8.16 34.35 -17.15
N VAL B 147 8.02 35.31 -16.24
CA VAL B 147 8.32 35.14 -14.83
C VAL B 147 7.00 35.14 -14.06
N VAL B 148 6.97 34.41 -12.96
CA VAL B 148 5.78 34.33 -12.10
C VAL B 148 6.17 34.71 -10.68
N PRO B 149 6.19 36.00 -10.34
CA PRO B 149 6.66 36.39 -9.01
C PRO B 149 5.81 35.78 -7.90
N GLN B 150 6.48 35.40 -6.82
CA GLN B 150 5.84 34.81 -5.66
C GLN B 150 5.78 35.84 -4.55
N GLU B 151 4.64 35.90 -3.86
CA GLU B 151 4.43 36.82 -2.75
C GLU B 151 4.67 36.09 -1.44
N VAL B 152 5.47 36.68 -0.57
CA VAL B 152 5.89 36.06 0.68
C VAL B 152 5.38 36.95 1.81
N SER B 153 4.62 36.35 2.73
CA SER B 153 4.12 37.07 3.90
C SER B 153 5.09 36.90 5.06
N ILE B 154 5.43 38.02 5.70
CA ILE B 154 6.37 38.02 6.81
C ILE B 154 5.79 38.85 7.95
N THR B 155 6.28 38.58 9.15
CA THR B 155 5.81 39.24 10.37
C THR B 155 6.97 39.94 11.04
N ARG B 156 6.64 40.89 11.92
CA ARG B 156 7.64 41.62 12.70
C ARG B 156 7.24 41.63 14.16
N MET B 157 8.23 41.42 15.04
CA MET B 157 7.96 41.38 16.47
C MET B 157 7.50 42.74 16.99
N ALA B 158 8.22 43.80 16.63
CA ALA B 158 8.01 45.10 17.26
C ALA B 158 7.02 45.94 16.47
N VAL B 159 6.21 46.70 17.20
CA VAL B 159 5.34 47.71 16.61
C VAL B 159 6.08 49.04 16.62
N THR B 160 5.71 49.94 15.71
CA THR B 160 6.47 51.17 15.53
C THR B 160 5.92 52.33 16.34
N THR B 161 4.60 52.44 16.45
CA THR B 161 3.99 53.53 17.20
C THR B 161 3.34 53.02 18.48
N LYS B 162 3.18 53.95 19.43
CA LYS B 162 2.41 53.63 20.64
C LYS B 162 0.93 53.44 20.31
N ALA B 163 0.43 54.18 19.32
CA ALA B 163 -0.98 54.08 18.98
C ALA B 163 -1.38 52.67 18.58
N GLU B 164 -0.61 52.07 17.67
CA GLU B 164 -0.91 50.70 17.23
C GLU B 164 -0.54 49.66 18.27
N ALA B 165 0.31 50.01 19.24
CA ALA B 165 0.60 49.08 20.32
C ALA B 165 -0.64 48.78 21.15
N GLU B 166 -1.46 49.80 21.40
CA GLU B 166 -2.68 49.64 22.18
C GLU B 166 -3.74 48.90 21.38
N ASP B 171 -0.87 40.18 20.32
CA ASP B 171 -1.65 41.38 20.03
C ASP B 171 -0.76 42.48 19.45
N ASN B 172 0.55 42.40 19.70
CA ASN B 172 1.50 43.40 19.25
C ASN B 172 2.45 42.76 18.24
N ARG B 173 1.99 42.69 16.99
CA ARG B 173 2.80 42.21 15.87
C ARG B 173 2.18 42.73 14.59
N THR B 174 3.02 42.92 13.57
CA THR B 174 2.58 43.45 12.29
C THR B 174 3.03 42.51 11.18
N MET B 175 2.19 42.37 10.17
CA MET B 175 2.42 41.45 9.06
C MET B 175 2.64 42.23 7.77
N GLY B 176 3.80 42.01 7.15
CA GLY B 176 4.12 42.59 5.86
C GLY B 176 4.25 41.52 4.80
N ARG B 177 4.62 41.96 3.61
CA ARG B 177 4.76 41.05 2.47
C ARG B 177 5.99 41.43 1.64
N LYS B 178 6.49 40.46 0.91
CA LYS B 178 7.77 40.56 0.20
C LYS B 178 7.63 39.83 -1.13
N HIS B 179 7.97 40.51 -2.23
CA HIS B 179 7.80 39.97 -3.57
C HIS B 179 9.14 39.50 -4.10
N ILE B 180 9.16 38.29 -4.66
CA ILE B 180 10.39 37.68 -5.16
C ILE B 180 10.10 37.01 -6.49
N VAL B 181 11.09 37.01 -7.37
CA VAL B 181 11.05 36.22 -8.59
C VAL B 181 11.79 34.92 -8.33
N PRO B 182 11.13 33.76 -8.38
CA PRO B 182 11.84 32.52 -8.02
C PRO B 182 13.10 32.31 -8.84
N TYR B 183 13.05 32.60 -10.13
CA TYR B 183 14.24 32.66 -10.96
C TYR B 183 13.89 33.30 -12.28
N GLY B 184 14.85 34.01 -12.85
CA GLY B 184 14.65 34.65 -14.14
C GLY B 184 15.97 35.02 -14.77
N LEU B 185 16.08 34.85 -16.08
CA LEU B 185 17.28 35.20 -16.82
C LEU B 185 16.94 36.39 -17.72
N TYR B 186 17.69 37.47 -17.57
CA TYR B 186 17.39 38.73 -18.22
C TYR B 186 18.46 39.04 -19.27
N VAL B 187 18.02 39.60 -20.39
CA VAL B 187 18.91 39.94 -21.50
C VAL B 187 18.89 41.44 -21.66
N ALA B 188 20.07 42.06 -21.58
CA ALA B 188 20.23 43.49 -21.71
C ALA B 188 21.11 43.79 -22.92
N HIS B 189 20.61 44.65 -23.80
CA HIS B 189 21.34 45.09 -24.98
C HIS B 189 21.92 46.48 -24.73
N GLY B 190 23.02 46.79 -25.41
CA GLY B 190 23.63 48.09 -25.28
C GLY B 190 24.44 48.45 -26.50
N PHE B 191 24.73 49.75 -26.63
CA PHE B 191 25.43 50.27 -27.79
C PHE B 191 26.43 51.31 -27.32
N ILE B 192 27.60 51.32 -27.96
CA ILE B 192 28.64 52.31 -27.70
C ILE B 192 28.98 52.96 -29.02
N SER B 193 28.79 54.27 -29.10
CA SER B 193 29.01 55.01 -30.35
C SER B 193 30.37 55.68 -30.30
N ALA B 194 31.32 55.17 -31.09
CA ALA B 194 32.65 55.75 -31.11
C ALA B 194 32.64 57.23 -31.50
N PRO B 195 31.86 57.67 -32.50
CA PRO B 195 31.85 59.10 -32.82
C PRO B 195 31.42 59.97 -31.65
N LEU B 196 30.47 59.52 -30.83
CA LEU B 196 30.12 60.27 -29.63
C LEU B 196 31.25 60.24 -28.62
N ALA B 197 31.93 59.10 -28.49
CA ALA B 197 33.06 59.01 -27.59
C ALA B 197 34.13 60.03 -27.96
N GLU B 198 34.35 60.22 -29.26
CA GLU B 198 35.35 61.19 -29.71
C GLU B 198 35.00 62.59 -29.24
N LYS B 199 33.72 62.87 -28.98
CA LYS B 199 33.30 64.18 -28.51
C LYS B 199 33.31 64.29 -27.00
N THR B 200 33.69 63.23 -26.27
CA THR B 200 33.76 63.31 -24.82
C THR B 200 34.99 62.60 -24.24
N GLY B 201 35.88 62.06 -25.07
CA GLY B 201 37.10 61.48 -24.57
C GLY B 201 36.96 60.13 -23.90
N PHE B 202 35.88 59.41 -24.15
CA PHE B 202 35.72 58.07 -23.62
C PHE B 202 36.79 57.16 -24.22
N SER B 203 37.77 56.78 -23.40
CA SER B 203 38.97 56.10 -23.88
C SER B 203 38.86 54.60 -23.64
N ASP B 204 39.93 53.89 -24.02
CA ASP B 204 39.93 52.43 -23.91
C ASP B 204 39.99 51.96 -22.46
N GLU B 205 40.71 52.69 -21.60
CA GLU B 205 40.70 52.35 -20.19
C GLU B 205 39.30 52.50 -19.61
N ASP B 206 38.56 53.53 -20.04
CA ASP B 206 37.18 53.66 -19.64
C ASP B 206 36.35 52.46 -20.12
N LEU B 207 36.61 51.99 -21.33
CA LEU B 207 35.87 50.84 -21.85
C LEU B 207 36.16 49.59 -21.04
N THR B 208 37.43 49.37 -20.68
CA THR B 208 37.76 48.21 -19.85
C THR B 208 37.10 48.31 -18.49
N LEU B 209 37.10 49.51 -17.90
CA LEU B 209 36.39 49.71 -16.64
C LEU B 209 34.91 49.44 -16.80
N PHE B 210 34.34 49.80 -17.95
CA PHE B 210 32.92 49.56 -18.20
C PHE B 210 32.63 48.05 -18.26
N TRP B 211 33.48 47.30 -18.97
CA TRP B 211 33.30 45.85 -18.98
C TRP B 211 33.44 45.27 -17.59
N ASP B 212 34.39 45.76 -16.82
CA ASP B 212 34.56 45.29 -15.44
C ASP B 212 33.31 45.57 -14.62
N ALA B 213 32.73 46.75 -14.78
CA ALA B 213 31.51 47.08 -14.05
C ALA B 213 30.38 46.15 -14.45
N LEU B 214 30.23 45.90 -15.75
CA LEU B 214 29.16 45.02 -16.20
C LEU B 214 29.30 43.63 -15.62
N VAL B 215 30.52 43.09 -15.63
CA VAL B 215 30.71 41.72 -15.12
C VAL B 215 30.66 41.67 -13.60
N ASN B 216 30.96 42.78 -12.91
CA ASN B 216 30.92 42.83 -11.46
C ASN B 216 29.83 43.77 -10.94
N MET B 217 28.81 44.03 -11.76
CA MET B 217 27.81 45.05 -11.42
C MET B 217 27.06 44.69 -10.14
N PHE B 218 26.66 43.44 -9.99
CA PHE B 218 25.76 43.06 -8.90
C PHE B 218 26.49 42.60 -7.66
N GLU B 219 27.83 42.58 -7.65
CA GLU B 219 28.54 42.02 -6.51
C GLU B 219 28.44 42.91 -5.28
N HIS B 220 28.30 44.22 -5.47
CA HIS B 220 28.22 45.17 -4.37
C HIS B 220 26.82 45.71 -4.16
N ASP B 221 25.82 45.13 -4.83
CA ASP B 221 24.43 45.60 -4.73
C ASP B 221 23.57 44.68 -3.88
N ARG B 222 24.18 43.93 -2.98
CA ARG B 222 23.42 43.03 -2.12
C ARG B 222 22.51 43.80 -1.18
N SER B 223 21.32 43.27 -0.95
CA SER B 223 20.38 43.88 -0.03
C SER B 223 19.32 42.85 0.33
N ALA B 224 18.46 43.22 1.29
CA ALA B 224 17.46 42.29 1.77
C ALA B 224 16.45 41.93 0.69
N ALA B 225 16.20 42.84 -0.25
CA ALA B 225 15.12 42.65 -1.21
C ALA B 225 15.57 41.99 -2.51
N ARG B 226 16.84 42.13 -2.89
CA ARG B 226 17.29 41.72 -4.21
C ARG B 226 17.74 40.27 -4.30
N GLY B 227 17.83 39.56 -3.17
CA GLY B 227 18.27 38.18 -3.24
C GLY B 227 19.65 38.08 -3.84
N LEU B 228 19.85 37.06 -4.68
CA LEU B 228 21.13 36.80 -5.31
C LEU B 228 21.02 37.10 -6.80
N MET B 229 21.73 38.13 -7.24
CA MET B 229 21.81 38.51 -8.65
C MET B 229 23.26 38.42 -9.10
N SER B 230 23.46 37.98 -10.35
CA SER B 230 24.82 37.81 -10.86
C SER B 230 24.80 37.93 -12.37
N SER B 231 25.96 38.29 -12.93
CA SER B 231 26.13 38.34 -14.37
C SER B 231 26.66 37.00 -14.86
N ARG B 232 25.93 36.37 -15.78
CA ARG B 232 26.30 35.03 -16.24
C ARG B 232 27.14 35.06 -17.51
N LYS B 233 26.82 35.94 -18.45
CA LYS B 233 27.48 35.93 -19.74
C LYS B 233 27.48 37.34 -20.31
N LEU B 234 28.55 37.69 -21.00
CA LEU B 234 28.71 39.02 -21.60
C LEU B 234 29.37 38.86 -22.95
N ILE B 235 28.60 39.03 -24.03
CA ILE B 235 29.10 38.96 -25.39
C ILE B 235 29.31 40.38 -25.89
N VAL B 236 30.48 40.64 -26.45
CA VAL B 236 30.84 41.96 -26.97
C VAL B 236 31.13 41.83 -28.44
N PHE B 237 30.47 42.65 -29.25
CA PHE B 237 30.69 42.70 -30.69
C PHE B 237 31.52 43.93 -30.99
N LYS B 238 32.74 43.72 -31.48
CA LYS B 238 33.67 44.80 -31.78
C LYS B 238 33.72 44.99 -33.29
N HIS B 239 33.47 46.22 -33.74
CA HIS B 239 33.41 46.50 -35.17
C HIS B 239 34.74 47.02 -35.67
N GLN B 240 35.12 46.57 -36.87
CA GLN B 240 36.38 47.03 -37.46
C GLN B 240 36.36 48.52 -37.74
N ASN B 241 35.25 49.03 -38.26
CA ASN B 241 35.16 50.42 -38.68
C ASN B 241 34.69 51.31 -37.53
N ARG B 242 35.08 52.58 -37.59
CA ARG B 242 34.69 53.53 -36.55
C ARG B 242 33.20 53.46 -36.29
N LEU B 243 32.40 53.77 -37.32
CA LEU B 243 31.00 53.39 -37.30
C LEU B 243 30.88 51.92 -37.69
N GLY B 244 29.69 51.36 -37.54
CA GLY B 244 29.53 49.92 -37.55
C GLY B 244 29.96 49.29 -38.86
N ASN B 245 29.76 47.97 -38.91
CA ASN B 245 29.96 47.17 -40.10
C ASN B 245 28.80 46.25 -40.41
N ALA B 246 27.91 45.99 -39.45
CA ALA B 246 26.71 45.20 -39.68
C ALA B 246 25.60 45.79 -38.84
N PRO B 247 24.34 45.55 -39.21
CA PRO B 247 23.23 46.06 -38.40
C PRO B 247 23.26 45.46 -36.99
N ALA B 248 22.93 46.28 -36.00
CA ALA B 248 22.98 45.82 -34.62
C ALA B 248 21.98 44.71 -34.36
N HIS B 249 20.75 44.86 -34.85
CA HIS B 249 19.72 43.88 -34.54
C HIS B 249 20.06 42.50 -35.10
N LYS B 250 20.82 42.45 -36.19
CA LYS B 250 21.23 41.17 -36.72
C LYS B 250 22.34 40.55 -35.88
N LEU B 251 23.16 41.37 -35.22
CA LEU B 251 24.15 40.84 -34.30
C LEU B 251 23.49 40.27 -33.05
N PHE B 252 22.51 40.97 -32.50
CA PHE B 252 21.81 40.46 -31.32
C PHE B 252 21.15 39.12 -31.60
N ASP B 253 20.75 38.88 -32.85
CA ASP B 253 20.14 37.61 -33.19
C ASP B 253 21.12 36.45 -33.06
N LEU B 254 22.42 36.71 -33.17
CA LEU B 254 23.40 35.64 -33.10
C LEU B 254 23.42 34.98 -31.72
N VAL B 255 22.96 35.69 -30.69
CA VAL B 255 22.97 35.16 -29.33
C VAL B 255 21.65 34.44 -29.12
N LYS B 256 21.67 33.12 -29.29
CA LYS B 256 20.49 32.30 -29.07
C LYS B 256 20.49 31.79 -27.64
N VAL B 257 19.41 32.07 -26.91
CA VAL B 257 19.22 31.56 -25.56
C VAL B 257 18.03 30.62 -25.58
N SER B 258 18.28 29.35 -25.31
CA SER B 258 17.24 28.34 -25.28
C SER B 258 17.47 27.46 -24.07
N ARG B 259 16.44 26.68 -23.73
CA ARG B 259 16.48 25.87 -22.52
C ARG B 259 17.23 24.58 -22.77
N ALA B 260 17.98 24.14 -21.76
CA ALA B 260 18.78 22.93 -21.88
C ALA B 260 17.91 21.75 -22.31
N GLU B 261 18.57 20.68 -22.75
CA GLU B 261 17.83 19.56 -23.32
C GLU B 261 17.19 18.71 -22.23
N GLY B 262 17.88 18.52 -21.11
CA GLY B 262 17.37 17.68 -20.05
C GLY B 262 16.49 18.37 -19.03
N SER B 263 16.12 19.62 -19.27
CA SER B 263 15.37 20.43 -18.31
C SER B 263 13.95 20.62 -18.79
N SER B 264 13.00 20.42 -17.87
CA SER B 264 11.59 20.67 -18.14
C SER B 264 10.97 21.30 -16.91
N GLY B 265 9.84 21.97 -17.11
CA GLY B 265 9.21 22.72 -16.07
C GLY B 265 9.89 24.06 -15.88
N PRO B 266 9.42 24.85 -14.92
CA PRO B 266 9.97 26.20 -14.77
C PRO B 266 11.47 26.17 -14.46
N ALA B 267 12.18 27.14 -15.03
CA ALA B 267 13.62 27.23 -14.83
C ALA B 267 13.92 27.74 -13.42
N ARG B 268 14.92 27.12 -12.80
CA ARG B 268 15.31 27.49 -11.45
C ARG B 268 16.81 27.71 -11.29
N SER B 269 17.61 27.61 -12.35
CA SER B 269 19.03 27.91 -12.28
C SER B 269 19.52 28.20 -13.69
N PHE B 270 20.70 28.80 -13.77
CA PHE B 270 21.28 29.10 -15.07
C PHE B 270 21.57 27.83 -15.85
N ALA B 271 21.78 26.71 -15.16
CA ALA B 271 22.05 25.44 -15.83
C ALA B 271 20.86 24.94 -16.63
N ASP B 272 19.68 25.49 -16.43
CA ASP B 272 18.51 25.11 -17.20
C ASP B 272 18.45 25.79 -18.56
N TYR B 273 19.40 26.67 -18.86
CA TYR B 273 19.44 27.39 -20.12
C TYR B 273 20.72 27.05 -20.88
N ALA B 274 20.61 27.05 -22.20
CA ALA B 274 21.75 26.90 -23.08
C ALA B 274 21.86 28.12 -23.98
N VAL B 275 23.03 28.75 -23.96
CA VAL B 275 23.26 29.99 -24.70
C VAL B 275 24.39 29.75 -25.68
N THR B 276 24.14 30.10 -26.95
CA THR B 276 25.11 29.91 -28.01
C THR B 276 25.22 31.18 -28.83
N VAL B 277 26.39 31.41 -29.42
CA VAL B 277 26.65 32.60 -30.23
C VAL B 277 27.03 32.13 -31.62
N GLY B 278 26.34 32.67 -32.63
CA GLY B 278 26.62 32.30 -34.00
C GLY B 278 27.84 33.03 -34.54
N GLN B 279 28.11 32.77 -35.82
CA GLN B 279 29.26 33.37 -36.48
C GLN B 279 28.91 34.78 -36.92
N ALA B 280 29.70 35.76 -36.48
CA ALA B 280 29.44 37.14 -36.83
C ALA B 280 29.93 37.44 -38.25
N PRO B 281 29.42 38.50 -38.86
CA PRO B 281 29.91 38.89 -40.18
C PRO B 281 31.42 39.13 -40.16
N GLU B 282 31.97 39.28 -41.37
CA GLU B 282 33.43 39.37 -41.49
C GLU B 282 33.98 40.63 -40.86
N GLY B 283 33.20 41.71 -40.81
CA GLY B 283 33.69 42.97 -40.28
C GLY B 283 33.52 43.15 -38.78
N VAL B 284 33.07 42.13 -38.06
CA VAL B 284 32.77 42.23 -36.64
C VAL B 284 33.49 41.12 -35.90
N GLU B 285 34.05 41.45 -34.75
CA GLU B 285 34.73 40.49 -33.89
C GLU B 285 33.86 40.21 -32.66
N VAL B 286 33.76 38.94 -32.29
CA VAL B 286 32.97 38.54 -31.14
C VAL B 286 33.91 38.22 -29.98
N LYS B 287 33.70 38.90 -28.86
CA LYS B 287 34.46 38.68 -27.64
C LYS B 287 33.51 38.29 -26.52
N GLU B 288 33.91 37.29 -25.73
CA GLU B 288 33.12 36.81 -24.61
C GLU B 288 33.86 37.12 -23.32
N MET B 289 33.53 38.25 -22.69
CA MET B 289 34.13 38.59 -21.41
C MET B 289 33.71 37.62 -20.32
N LEU B 290 32.55 36.98 -20.47
CA LEU B 290 32.09 35.96 -19.53
C LEU B 290 31.50 34.78 -20.29
N MET C 1 35.98 51.48 16.88
CA MET C 1 36.27 50.07 16.51
C MET C 1 36.40 49.94 14.99
N THR C 2 37.60 49.55 14.54
CA THR C 2 37.87 49.45 13.12
C THR C 2 36.96 48.41 12.47
N ALA C 3 36.47 48.74 11.29
CA ALA C 3 35.61 47.82 10.55
C ALA C 3 36.46 46.74 9.90
N ILE C 4 35.78 45.66 9.47
CA ILE C 4 36.48 44.58 8.80
C ILE C 4 37.12 45.09 7.52
N ALA C 5 38.13 44.37 7.04
CA ALA C 5 38.91 44.81 5.90
C ALA C 5 38.79 43.89 4.68
N ASN C 6 38.08 42.77 4.80
CA ASN C 6 37.98 41.79 3.73
C ASN C 6 36.52 41.51 3.40
N ARG C 7 36.28 41.11 2.15
CA ARG C 7 34.95 40.69 1.74
C ARG C 7 34.78 39.20 2.00
N TYR C 8 33.58 38.82 2.45
CA TYR C 8 33.29 37.44 2.79
C TYR C 8 32.03 36.97 2.08
N GLU C 9 32.05 35.72 1.63
CA GLU C 9 30.87 34.95 1.31
C GLU C 9 30.86 33.71 2.20
N PHE C 10 29.67 33.15 2.41
CA PHE C 10 29.58 31.93 3.20
C PHE C 10 28.34 31.14 2.77
N VAL C 11 28.40 29.84 3.04
CA VAL C 11 27.33 28.90 2.75
C VAL C 11 27.03 28.15 4.03
N LEU C 12 25.75 28.08 4.40
CA LEU C 12 25.32 27.39 5.60
C LEU C 12 24.38 26.26 5.23
N LEU C 13 24.65 25.07 5.75
CA LEU C 13 23.77 23.92 5.60
C LEU C 13 23.18 23.56 6.96
N PHE C 14 21.85 23.49 7.02
CA PHE C 14 21.18 23.15 8.26
C PHE C 14 20.03 22.19 7.98
N ASP C 15 19.68 21.41 8.99
CA ASP C 15 18.72 20.32 8.87
C ASP C 15 17.41 20.66 9.55
N VAL C 16 16.45 19.75 9.39
CA VAL C 16 15.23 19.74 10.18
C VAL C 16 14.66 18.33 10.12
N GLU C 17 14.30 17.79 11.28
CA GLU C 17 13.72 16.46 11.39
C GLU C 17 12.39 16.56 12.13
N ASN C 18 11.32 16.15 11.48
CA ASN C 18 9.98 16.18 12.07
C ASN C 18 9.73 17.53 12.73
N GLY C 19 9.87 18.59 11.94
CA GLY C 19 9.68 19.93 12.46
C GLY C 19 9.20 20.88 11.39
N ASN C 20 8.90 22.10 11.82
CA ASN C 20 8.46 23.16 10.93
C ASN C 20 9.51 24.26 10.94
N PRO C 21 10.47 24.26 10.01
CA PRO C 21 11.53 25.28 10.08
C PRO C 21 11.02 26.70 9.96
N ASN C 22 9.98 26.93 9.16
CA ASN C 22 9.46 28.27 8.96
C ASN C 22 8.04 28.15 8.44
N GLY C 23 7.06 28.54 9.25
CA GLY C 23 5.68 28.44 8.84
C GLY C 23 5.26 29.52 7.87
N ASP C 24 4.22 29.23 7.10
CA ASP C 24 3.72 30.15 6.09
C ASP C 24 2.42 30.79 6.58
N PRO C 25 2.37 32.10 6.78
CA PRO C 25 1.11 32.71 7.22
C PRO C 25 -0.04 32.52 6.27
N ASP C 26 0.21 32.34 4.97
CA ASP C 26 -0.87 32.21 4.01
C ASP C 26 -1.40 30.78 3.92
N ALA C 27 -0.52 29.79 3.84
CA ALA C 27 -0.93 28.39 3.77
C ALA C 27 -1.16 27.83 5.17
N GLY C 28 -2.13 28.39 5.89
CA GLY C 28 -2.33 28.01 7.27
C GLY C 28 -1.07 28.27 8.05
N ASN C 29 -0.38 27.20 8.45
CA ASN C 29 0.95 27.34 9.02
C ASN C 29 1.91 26.32 8.41
N MET C 30 1.64 25.88 7.19
CA MET C 30 2.47 24.88 6.56
C MET C 30 3.88 25.43 6.32
N PRO C 31 4.89 24.57 6.27
CA PRO C 31 6.22 25.05 5.90
C PRO C 31 6.21 25.70 4.52
N ARG C 32 6.96 26.79 4.38
CA ARG C 32 7.05 27.45 3.09
C ARG C 32 7.64 26.50 2.06
N ILE C 33 7.04 26.50 0.86
CA ILE C 33 7.54 25.71 -0.25
C ILE C 33 7.45 26.54 -1.52
N ASP C 34 8.24 26.15 -2.51
CA ASP C 34 8.12 26.70 -3.85
C ASP C 34 7.05 25.91 -4.58
N PRO C 35 5.83 26.45 -4.74
CA PRO C 35 4.73 25.61 -5.24
C PRO C 35 4.98 25.03 -6.62
N GLU C 36 5.83 25.64 -7.45
CA GLU C 36 6.11 25.08 -8.76
C GLU C 36 6.96 23.82 -8.70
N THR C 37 7.84 23.71 -7.69
CA THR C 37 8.78 22.58 -7.64
C THR C 37 8.73 21.80 -6.34
N GLY C 38 8.12 22.30 -5.28
CA GLY C 38 8.04 21.56 -4.04
C GLY C 38 9.24 21.70 -3.12
N HIS C 39 10.21 22.54 -3.46
CA HIS C 39 11.34 22.75 -2.58
C HIS C 39 10.95 23.65 -1.41
N GLY C 40 11.46 23.32 -0.23
CA GLY C 40 11.17 24.12 0.94
C GLY C 40 11.92 25.44 0.93
N LEU C 41 11.35 26.41 1.63
CA LEU C 41 11.93 27.74 1.74
C LEU C 41 11.98 28.18 3.19
N VAL C 42 13.02 28.92 3.54
CA VAL C 42 13.11 29.61 4.83
C VAL C 42 13.52 31.03 4.55
N THR C 43 12.70 31.99 5.00
CA THR C 43 12.97 33.38 4.72
C THR C 43 14.25 33.83 5.40
N ASP C 44 14.90 34.83 4.80
CA ASP C 44 16.10 35.41 5.41
C ASP C 44 15.77 36.02 6.76
N VAL C 45 14.61 36.68 6.88
CA VAL C 45 14.21 37.28 8.14
C VAL C 45 14.12 36.23 9.24
N CYS C 46 13.73 35.01 8.89
CA CYS C 46 13.65 33.94 9.88
C CYS C 46 15.02 33.64 10.47
N LEU C 47 16.04 33.50 9.62
CA LEU C 47 17.38 33.21 10.10
C LEU C 47 17.96 34.41 10.84
N LYS C 48 17.73 35.61 10.32
CA LYS C 48 18.21 36.81 11.00
C LYS C 48 17.62 36.91 12.40
N ARG C 49 16.37 36.52 12.56
CA ARG C 49 15.75 36.53 13.88
C ARG C 49 16.47 35.57 14.82
N LYS C 50 16.86 34.38 14.33
CA LYS C 50 17.57 33.46 15.19
C LYS C 50 18.95 33.98 15.55
N ILE C 51 19.64 34.64 14.62
CA ILE C 51 20.92 35.26 14.96
C ILE C 51 20.72 36.35 16.02
N ARG C 52 19.68 37.15 15.86
CA ARG C 52 19.39 38.20 16.84
C ARG C 52 19.15 37.59 18.21
N ASN C 53 18.37 36.50 18.26
CA ASN C 53 18.07 35.87 19.53
C ASN C 53 19.33 35.30 20.17
N HIS C 54 20.20 34.69 19.35
CA HIS C 54 21.44 34.15 19.90
C HIS C 54 22.32 35.26 20.47
N VAL C 55 22.39 36.39 19.76
CA VAL C 55 23.19 37.51 20.25
C VAL C 55 22.63 38.03 21.56
N ALA C 56 21.31 38.16 21.64
CA ALA C 56 20.68 38.64 22.86
C ALA C 56 20.93 37.67 24.01
N LEU C 57 20.89 36.37 23.73
CA LEU C 57 21.09 35.37 24.78
C LEU C 57 22.55 35.37 25.26
N THR C 58 23.50 35.49 24.33
CA THR C 58 24.89 35.32 24.69
C THR C 58 25.50 36.61 25.25
N LYS C 59 24.99 37.77 24.88
CA LYS C 59 25.49 39.03 25.40
C LYS C 59 24.63 39.62 26.50
N GLU C 60 23.39 39.15 26.65
CA GLU C 60 22.52 39.55 27.75
C GLU C 60 22.40 41.06 27.85
N GLY C 61 22.30 41.73 26.70
CA GLY C 61 22.13 43.17 26.71
C GLY C 61 23.35 43.95 27.09
N ALA C 62 24.54 43.35 27.01
CA ALA C 62 25.76 44.08 27.31
C ALA C 62 25.85 45.31 26.42
N GLU C 63 26.72 46.24 26.82
CA GLU C 63 26.85 47.48 26.07
C GLU C 63 27.35 47.20 24.65
N ARG C 64 26.86 48.01 23.71
CA ARG C 64 27.23 47.90 22.31
C ARG C 64 26.68 46.64 21.65
N PHE C 65 25.81 45.92 22.35
CA PHE C 65 25.27 44.67 21.83
C PHE C 65 23.79 44.54 22.14
N ASN C 66 23.03 45.61 21.94
CA ASN C 66 21.58 45.55 22.09
C ASN C 66 20.92 45.21 20.76
N ILE C 67 19.71 44.65 20.84
CA ILE C 67 18.94 44.26 19.67
C ILE C 67 17.82 45.28 19.47
N TYR C 68 17.77 45.86 18.28
CA TYR C 68 16.81 46.92 17.99
C TYR C 68 15.40 46.37 17.81
N ILE C 69 15.26 45.25 17.10
CA ILE C 69 13.97 44.61 16.91
C ILE C 69 13.76 43.57 18.00
N GLN C 70 13.21 44.00 19.14
CA GLN C 70 12.98 43.09 20.25
C GLN C 70 11.51 42.70 20.32
N GLU C 71 11.21 41.73 21.18
CA GLU C 71 9.89 41.12 21.18
C GLU C 71 8.80 42.13 21.50
N LYS C 72 9.02 43.00 22.49
CA LYS C 72 8.00 43.94 22.93
C LYS C 72 8.47 45.38 22.86
N ALA C 73 9.50 45.67 22.07
CA ALA C 73 9.97 47.04 21.94
C ALA C 73 9.02 47.84 21.07
N ILE C 74 8.97 49.15 21.34
CA ILE C 74 8.25 50.11 20.51
C ILE C 74 9.30 50.97 19.84
N LEU C 75 9.37 50.89 18.51
CA LEU C 75 10.54 51.41 17.80
C LEU C 75 10.67 52.91 17.97
N ASN C 76 9.57 53.65 17.87
CA ASN C 76 9.67 55.10 18.02
C ASN C 76 10.23 55.49 19.38
N GLU C 77 9.90 54.74 20.43
CA GLU C 77 10.48 55.02 21.74
C GLU C 77 11.99 54.84 21.71
N THR C 78 12.48 53.80 21.04
CA THR C 78 13.92 53.63 20.89
C THR C 78 14.53 54.78 20.11
N HIS C 79 13.84 55.26 19.08
CA HIS C 79 14.34 56.40 18.31
C HIS C 79 14.53 57.62 19.21
N GLU C 80 13.58 57.85 20.12
CA GLU C 80 13.71 59.00 21.02
C GLU C 80 15.00 58.94 21.82
N ARG C 81 15.48 57.75 22.14
CA ARG C 81 16.73 57.63 22.90
C ARG C 81 17.89 58.23 22.12
N ALA C 82 17.94 57.99 20.81
CA ALA C 82 19.03 58.53 20.00
C ALA C 82 19.03 60.05 20.03
N TYR C 83 17.86 60.65 19.85
CA TYR C 83 17.77 62.12 19.88
C TYR C 83 18.14 62.65 21.26
N THR C 84 17.65 62.00 22.32
CA THR C 84 17.99 62.44 23.67
C THR C 84 19.48 62.31 23.91
N ALA C 85 20.08 61.19 23.49
CA ALA C 85 21.51 61.01 23.68
C ALA C 85 22.32 62.04 22.92
N CYS C 86 21.90 62.38 21.70
CA CYS C 86 22.61 63.36 20.89
C CYS C 86 22.15 64.78 21.15
N ASP C 87 21.12 64.98 21.97
CA ASP C 87 20.68 66.29 22.44
C ASP C 87 19.94 67.09 21.38
N LEU C 88 19.48 66.45 20.30
CA LEU C 88 18.61 67.12 19.34
C LEU C 88 17.16 66.89 19.71
N LYS C 89 16.28 67.62 19.06
CA LYS C 89 14.84 67.43 19.20
C LYS C 89 14.25 67.07 17.86
N PRO C 90 13.44 66.01 17.77
CA PRO C 90 13.06 65.49 16.45
C PRO C 90 12.06 66.40 15.75
N GLU C 91 12.36 66.70 14.48
CA GLU C 91 11.37 67.30 13.62
C GLU C 91 10.26 66.27 13.38
N PRO C 92 9.06 66.71 12.97
CA PRO C 92 7.91 65.81 13.09
C PRO C 92 8.02 64.52 12.28
N LYS C 93 8.64 64.54 11.10
CA LYS C 93 8.85 63.31 10.35
C LYS C 93 10.20 63.31 9.63
N LYS C 94 11.13 64.16 10.03
CA LYS C 94 12.33 64.40 9.24
C LYS C 94 13.57 64.39 10.14
N LEU C 95 14.72 64.13 9.51
CA LEU C 95 15.99 64.15 10.21
C LEU C 95 16.41 65.60 10.49
N PRO C 96 17.34 65.80 11.40
CA PRO C 96 17.84 67.16 11.64
C PRO C 96 18.41 67.76 10.37
N LYS C 97 18.19 69.06 10.19
CA LYS C 97 18.70 69.73 8.99
C LYS C 97 20.22 69.70 8.94
N LYS C 98 20.87 69.88 10.09
CA LYS C 98 22.32 69.75 10.16
C LYS C 98 22.70 68.31 9.85
N VAL C 99 23.29 68.08 8.68
CA VAL C 99 23.60 66.71 8.26
C VAL C 99 24.51 66.03 9.27
N GLU C 100 25.36 66.79 9.97
CA GLU C 100 26.22 66.20 10.98
C GLU C 100 25.38 65.63 12.12
N ASP C 101 24.33 66.32 12.53
CA ASP C 101 23.46 65.81 13.58
C ASP C 101 22.73 64.55 13.14
N ALA C 102 22.26 64.54 11.89
CA ALA C 102 21.63 63.32 11.36
C ALA C 102 22.60 62.16 11.38
N LYS C 103 23.84 62.40 10.95
CA LYS C 103 24.85 61.34 11.00
C LYS C 103 25.10 60.90 12.43
N ARG C 104 25.08 61.84 13.37
CA ARG C 104 25.33 61.49 14.77
C ARG C 104 24.22 60.58 15.31
N VAL C 105 22.97 60.91 15.02
CA VAL C 105 21.87 60.07 15.50
C VAL C 105 21.94 58.69 14.85
N THR C 106 22.20 58.65 13.55
CA THR C 106 22.28 57.35 12.87
C THR C 106 23.43 56.52 13.43
N ASP C 107 24.57 57.15 13.69
CA ASP C 107 25.70 56.42 14.26
C ASP C 107 25.41 55.93 15.66
N TRP C 108 24.73 56.74 16.48
CA TRP C 108 24.36 56.29 17.81
C TRP C 108 23.45 55.07 17.71
N MET C 109 22.52 55.09 16.75
CA MET C 109 21.71 53.90 16.52
C MET C 109 22.59 52.72 16.13
N CYS C 110 23.57 52.95 15.26
CA CYS C 110 24.44 51.86 14.80
C CYS C 110 25.43 51.45 15.89
N THR C 111 25.94 52.41 16.65
CA THR C 111 27.08 52.14 17.52
C THR C 111 26.74 51.18 18.65
N ASN C 112 25.46 51.08 19.04
CA ASN C 112 25.10 50.26 20.18
C ASN C 112 23.91 49.33 19.96
N PHE C 113 23.46 49.17 18.71
CA PHE C 113 22.48 48.16 18.37
C PHE C 113 23.14 47.19 17.40
N TYR C 114 23.39 45.97 17.86
CA TYR C 114 24.18 45.03 17.06
C TYR C 114 23.48 44.69 15.76
N ASP C 115 22.16 44.49 15.79
CA ASP C 115 21.46 44.09 14.59
C ASP C 115 21.32 45.25 13.60
N ILE C 116 21.25 46.48 14.10
CA ILE C 116 21.33 47.62 13.18
C ILE C 116 22.71 47.68 12.54
N ARG C 117 23.75 47.45 13.35
CA ARG C 117 25.10 47.48 12.84
C ARG C 117 25.35 46.38 11.83
N THR C 118 24.63 45.27 11.92
CA THR C 118 24.88 44.09 11.09
C THR C 118 23.95 44.00 9.88
N PHE C 119 22.64 43.94 10.12
CA PHE C 119 21.67 43.74 9.06
C PHE C 119 21.04 45.03 8.56
N GLY C 120 21.41 46.17 9.12
CA GLY C 120 20.80 47.44 8.73
C GLY C 120 19.43 47.60 9.34
N ALA C 121 18.76 48.68 8.94
CA ALA C 121 17.43 48.97 9.47
C ALA C 121 16.84 50.14 8.70
N VAL C 122 15.50 50.18 8.69
CA VAL C 122 14.74 51.31 8.17
C VAL C 122 14.08 51.99 9.34
N MET C 123 14.51 53.22 9.64
CA MET C 123 14.06 53.94 10.83
C MET C 123 13.40 55.26 10.50
N THR C 124 12.87 55.41 9.28
CA THR C 124 12.21 56.64 8.87
C THR C 124 10.78 56.74 9.34
N THR C 125 10.55 56.56 10.64
CA THR C 125 9.21 56.66 11.22
C THR C 125 8.97 58.11 11.66
N GLU C 126 7.94 58.32 12.48
CA GLU C 126 7.68 59.66 12.99
C GLU C 126 8.91 60.24 13.67
N VAL C 127 9.56 59.46 14.53
CA VAL C 127 10.86 59.85 15.11
C VAL C 127 11.90 59.29 14.16
N ASN C 128 12.23 60.09 13.14
CA ASN C 128 13.09 59.63 12.06
C ASN C 128 14.53 59.51 12.55
N CYS C 129 15.15 58.36 12.30
CA CYS C 129 16.55 58.12 12.65
C CYS C 129 17.39 57.72 11.45
N GLY C 130 16.80 57.71 10.24
CA GLY C 130 17.56 57.43 9.03
C GLY C 130 17.46 56.00 8.57
N GLN C 131 18.44 55.56 7.77
CA GLN C 131 18.43 54.24 7.17
C GLN C 131 19.81 53.65 7.24
N VAL C 132 19.89 52.33 7.23
CA VAL C 132 21.16 51.61 7.24
C VAL C 132 21.00 50.35 6.41
N ARG C 133 22.00 50.04 5.58
CA ARG C 133 21.92 48.82 4.77
C ARG C 133 22.49 47.62 5.49
N GLY C 134 23.60 47.80 6.20
CA GLY C 134 24.19 46.73 6.96
C GLY C 134 25.04 45.83 6.08
N PRO C 135 26.28 45.57 6.50
CA PRO C 135 27.18 44.78 5.64
C PRO C 135 26.70 43.37 5.38
N VAL C 136 26.02 42.74 6.32
CA VAL C 136 25.68 41.33 6.24
C VAL C 136 24.32 41.17 5.58
N GLN C 137 24.25 40.30 4.58
CA GLN C 137 23.00 39.99 3.90
C GLN C 137 22.87 38.48 3.77
N MET C 138 21.62 38.01 3.71
CA MET C 138 21.33 36.60 3.58
C MET C 138 20.24 36.41 2.54
N ALA C 139 20.30 35.30 1.81
CA ALA C 139 19.28 34.97 0.85
C ALA C 139 18.36 33.89 1.41
N PHE C 140 17.23 33.69 0.73
CA PHE C 140 16.31 32.64 1.14
C PHE C 140 17.02 31.29 1.12
N ALA C 141 16.87 30.54 2.21
CA ALA C 141 17.37 29.18 2.24
C ALA C 141 16.41 28.28 1.47
N ARG C 142 16.96 27.35 0.70
CA ARG C 142 16.18 26.50 -0.19
C ARG C 142 16.66 25.06 -0.03
N SER C 143 15.72 24.16 0.13
CA SER C 143 16.07 22.75 0.32
C SER C 143 16.73 22.19 -0.93
N VAL C 144 17.71 21.30 -0.72
CA VAL C 144 18.39 20.68 -1.85
C VAL C 144 17.44 19.79 -2.65
N GLU C 145 16.50 19.14 -1.99
CA GLU C 145 15.53 18.27 -2.64
C GLU C 145 14.14 18.70 -2.20
N PRO C 146 13.13 18.40 -3.00
CA PRO C 146 11.76 18.76 -2.61
C PRO C 146 11.38 18.12 -1.28
N VAL C 147 10.63 18.85 -0.48
CA VAL C 147 10.21 18.40 0.84
C VAL C 147 8.74 18.01 0.77
N VAL C 148 8.37 16.97 1.52
CA VAL C 148 7.00 16.49 1.57
C VAL C 148 6.42 16.86 2.93
N PRO C 149 5.81 18.04 3.08
CA PRO C 149 5.29 18.44 4.39
C PRO C 149 4.04 17.66 4.77
N GLN C 150 4.17 16.74 5.71
CA GLN C 150 3.03 15.98 6.18
C GLN C 150 2.33 16.72 7.32
N GLU C 151 1.03 16.50 7.43
CA GLU C 151 0.17 17.24 8.34
C GLU C 151 -0.28 16.30 9.45
N VAL C 152 -0.07 16.71 10.69
CA VAL C 152 -0.29 15.87 11.86
C VAL C 152 -1.47 16.44 12.63
N SER C 153 -2.42 15.58 12.97
CA SER C 153 -3.61 16.00 13.70
C SER C 153 -3.48 15.60 15.17
N ILE C 154 -3.77 16.54 16.06
CA ILE C 154 -3.64 16.34 17.50
C ILE C 154 -4.91 16.83 18.18
N THR C 155 -5.11 16.37 19.42
CA THR C 155 -6.29 16.69 20.21
C THR C 155 -5.87 17.25 21.56
N ARG C 156 -6.71 18.13 22.10
CA ARG C 156 -6.53 18.63 23.46
C ARG C 156 -7.68 18.20 24.34
N MET C 157 -7.34 17.67 25.53
CA MET C 157 -8.33 17.14 26.46
C MET C 157 -8.93 18.22 27.36
N ALA C 158 -8.80 19.48 26.97
CA ALA C 158 -9.40 20.58 27.71
C ALA C 158 -9.90 21.62 26.72
N VAL C 159 -10.89 22.41 27.17
CA VAL C 159 -11.51 23.44 26.34
C VAL C 159 -11.19 24.80 26.95
N THR C 160 -11.15 25.82 26.10
CA THR C 160 -10.76 27.15 26.57
C THR C 160 -11.92 27.88 27.23
N THR C 161 -12.96 28.16 26.47
CA THR C 161 -14.11 28.93 26.94
C THR C 161 -15.20 27.99 27.41
N LYS C 162 -16.38 28.56 27.69
CA LYS C 162 -17.53 27.77 28.10
C LYS C 162 -18.23 27.23 26.86
N ALA C 163 -17.97 25.97 26.54
CA ALA C 163 -18.50 25.35 25.33
C ALA C 163 -18.90 23.92 25.63
N GLU C 164 -19.87 23.41 24.86
CA GLU C 164 -20.35 22.05 24.99
C GLU C 164 -19.74 21.12 23.94
N ALA C 165 -18.58 21.47 23.39
CA ALA C 165 -17.95 20.65 22.37
C ALA C 165 -17.59 19.27 22.91
N GLU C 166 -17.08 19.19 24.13
CA GLU C 166 -16.67 17.91 24.70
C GLU C 166 -16.89 17.88 26.21
N ASP C 171 -18.99 16.73 20.75
CA ASP C 171 -18.74 15.66 21.71
C ASP C 171 -17.30 15.18 21.60
N ASN C 172 -16.72 15.32 20.41
CA ASN C 172 -15.34 14.91 20.18
C ASN C 172 -14.37 15.91 20.79
N ARG C 173 -13.17 15.43 21.08
CA ARG C 173 -12.15 16.26 21.72
C ARG C 173 -11.87 17.50 20.86
N THR C 174 -11.23 18.48 21.49
CA THR C 174 -10.81 19.68 20.75
C THR C 174 -9.71 19.32 19.77
N MET C 175 -9.84 19.80 18.53
CA MET C 175 -8.93 19.41 17.47
C MET C 175 -7.92 20.50 17.16
N GLY C 176 -6.71 20.06 16.79
CA GLY C 176 -5.66 20.94 16.33
C GLY C 176 -4.70 20.10 15.50
N ARG C 177 -3.83 20.79 14.77
CA ARG C 177 -2.92 20.08 13.87
C ARG C 177 -1.61 20.82 13.73
N LYS C 178 -0.54 20.03 13.67
CA LYS C 178 0.81 20.53 13.38
C LYS C 178 1.17 20.21 11.94
N HIS C 179 2.17 20.92 11.43
CA HIS C 179 2.76 20.65 10.13
C HIS C 179 4.26 20.45 10.33
N ILE C 180 4.80 19.39 9.76
CA ILE C 180 6.21 19.03 9.94
C ILE C 180 6.79 18.59 8.62
N VAL C 181 8.07 18.86 8.42
CA VAL C 181 8.83 18.32 7.31
C VAL C 181 9.52 17.05 7.81
N PRO C 182 9.26 15.88 7.23
CA PRO C 182 9.91 14.66 7.74
C PRO C 182 11.42 14.79 7.80
N TYR C 183 12.02 15.40 6.77
CA TYR C 183 13.42 15.76 6.81
C TYR C 183 13.73 16.64 5.62
N GLY C 184 14.66 17.56 5.81
CA GLY C 184 15.07 18.45 4.74
C GLY C 184 16.41 19.09 5.01
N LEU C 185 17.23 19.22 3.98
CA LEU C 185 18.53 19.88 4.07
C LEU C 185 18.45 21.19 3.30
N TYR C 186 18.74 22.29 3.98
CA TYR C 186 18.57 23.63 3.42
C TYR C 186 19.93 24.28 3.21
N VAL C 187 20.05 25.03 2.12
CA VAL C 187 21.28 25.73 1.77
C VAL C 187 20.98 27.22 1.81
N ALA C 188 21.74 27.97 2.61
CA ALA C 188 21.58 29.40 2.75
C ALA C 188 22.88 30.09 2.37
N HIS C 189 22.78 31.05 1.46
CA HIS C 189 23.93 31.85 1.05
C HIS C 189 23.90 33.19 1.77
N GLY C 190 25.08 33.80 1.90
CA GLY C 190 25.17 35.08 2.57
C GLY C 190 26.40 35.85 2.12
N PHE C 191 26.37 37.15 2.36
CA PHE C 191 27.42 38.05 1.92
C PHE C 191 27.74 39.03 3.05
N ILE C 192 29.01 39.43 3.12
CA ILE C 192 29.45 40.47 4.05
C ILE C 192 30.24 41.48 3.22
N SER C 193 29.83 42.75 3.28
CA SER C 193 30.41 43.79 2.45
C SER C 193 31.30 44.67 3.32
N ALA C 194 32.60 44.66 3.04
CA ALA C 194 33.52 45.54 3.75
C ALA C 194 33.20 47.01 3.57
N PRO C 195 32.87 47.50 2.36
CA PRO C 195 32.52 48.93 2.24
C PRO C 195 31.39 49.35 3.13
N LEU C 196 30.37 48.52 3.31
CA LEU C 196 29.26 48.86 4.19
C LEU C 196 29.66 48.73 5.66
N ALA C 197 30.49 47.75 5.98
CA ALA C 197 30.99 47.64 7.34
C ALA C 197 31.74 48.89 7.74
N GLU C 198 32.53 49.44 6.82
CA GLU C 198 33.23 50.70 7.09
C GLU C 198 32.25 51.83 7.39
N LYS C 199 31.01 51.72 6.92
CA LYS C 199 30.02 52.76 7.21
C LYS C 199 29.31 52.52 8.53
N THR C 200 29.05 51.25 8.87
CA THR C 200 28.35 50.94 10.10
C THR C 200 29.28 50.61 11.26
N GLY C 201 30.56 50.40 11.00
CA GLY C 201 31.48 50.04 12.06
C GLY C 201 31.50 48.58 12.42
N PHE C 202 30.90 47.72 11.58
CA PHE C 202 30.90 46.29 11.82
C PHE C 202 32.33 45.77 11.92
N SER C 203 32.75 45.35 13.10
CA SER C 203 34.14 45.05 13.39
C SER C 203 34.40 43.55 13.36
N ASP C 204 35.68 43.20 13.54
CA ASP C 204 36.06 41.78 13.57
C ASP C 204 35.45 41.07 14.77
N GLU C 205 35.32 41.75 15.91
CA GLU C 205 34.61 41.17 17.03
C GLU C 205 33.19 40.81 16.63
N ASP C 206 32.50 41.72 15.95
CA ASP C 206 31.15 41.43 15.47
C ASP C 206 31.16 40.25 14.51
N LEU C 207 32.17 40.15 13.65
CA LEU C 207 32.22 39.05 12.69
C LEU C 207 32.41 37.71 13.40
N THR C 208 33.29 37.68 14.41
CA THR C 208 33.46 36.44 15.18
C THR C 208 32.18 36.06 15.90
N LEU C 209 31.50 37.04 16.50
CA LEU C 209 30.23 36.76 17.14
C LEU C 209 29.21 36.26 16.13
N PHE C 210 29.26 36.77 14.90
CA PHE C 210 28.33 36.36 13.86
C PHE C 210 28.59 34.91 13.44
N TRP C 211 29.85 34.55 13.26
CA TRP C 211 30.18 33.15 12.97
C TRP C 211 29.70 32.25 14.10
N ASP C 212 29.93 32.67 15.35
CA ASP C 212 29.47 31.88 16.48
C ASP C 212 27.96 31.71 16.45
N ALA C 213 27.23 32.79 16.14
CA ALA C 213 25.77 32.71 16.09
C ALA C 213 25.32 31.75 15.00
N LEU C 214 25.94 31.82 13.83
CA LEU C 214 25.57 30.88 12.77
C LEU C 214 25.83 29.45 13.19
N VAL C 215 26.98 29.19 13.82
CA VAL C 215 27.29 27.83 14.22
C VAL C 215 26.31 27.32 15.27
N ASN C 216 25.99 28.16 16.26
CA ASN C 216 25.14 27.79 17.38
C ASN C 216 23.74 28.38 17.27
N MET C 217 23.27 28.65 16.05
CA MET C 217 22.03 29.39 15.88
C MET C 217 20.83 28.63 16.45
N PHE C 218 20.72 27.34 16.14
CA PHE C 218 19.54 26.57 16.49
C PHE C 218 19.63 25.90 17.86
N GLU C 219 20.79 25.92 18.51
CA GLU C 219 20.94 25.15 19.74
C GLU C 219 20.08 25.68 20.87
N HIS C 220 19.58 26.91 20.77
CA HIS C 220 18.70 27.49 21.78
C HIS C 220 17.39 27.96 21.18
N ASP C 221 16.97 27.39 20.05
CA ASP C 221 15.71 27.73 19.41
C ASP C 221 14.67 26.62 19.55
N ARG C 222 14.88 25.70 20.47
CA ARG C 222 13.99 24.55 20.61
C ARG C 222 12.59 25.01 21.00
N SER C 223 11.58 24.32 20.46
CA SER C 223 10.20 24.59 20.82
C SER C 223 9.36 23.40 20.38
N ALA C 224 8.06 23.49 20.64
CA ALA C 224 7.15 22.39 20.33
C ALA C 224 6.92 22.23 18.83
N ALA C 225 7.20 23.25 18.03
CA ALA C 225 6.94 23.20 16.60
C ALA C 225 8.20 23.00 15.77
N ARG C 226 9.37 23.34 16.30
CA ARG C 226 10.58 23.34 15.50
C ARG C 226 11.13 21.95 15.24
N GLY C 227 10.87 20.99 16.12
CA GLY C 227 11.51 19.69 15.97
C GLY C 227 12.98 19.79 16.31
N LEU C 228 13.81 19.06 15.56
CA LEU C 228 15.25 19.07 15.74
C LEU C 228 15.90 19.72 14.52
N MET C 229 16.49 20.89 14.73
CA MET C 229 17.20 21.62 13.70
C MET C 229 18.64 21.82 14.14
N SER C 230 19.58 21.72 13.21
CA SER C 230 20.99 21.82 13.54
C SER C 230 21.76 22.36 12.35
N SER C 231 22.84 23.09 12.65
CA SER C 231 23.75 23.57 11.63
C SER C 231 24.74 22.45 11.29
N ARG C 232 24.86 22.13 10.01
CA ARG C 232 25.66 20.99 9.59
C ARG C 232 27.01 21.37 9.00
N LYS C 233 27.06 22.37 8.13
CA LYS C 233 28.31 22.84 7.57
C LYS C 233 28.24 24.33 7.32
N LEU C 234 29.31 25.02 7.71
CA LEU C 234 29.47 26.45 7.45
C LEU C 234 30.79 26.66 6.73
N ILE C 235 30.72 26.97 5.44
CA ILE C 235 31.89 27.21 4.60
C ILE C 235 31.98 28.70 4.36
N VAL C 236 33.11 29.30 4.72
CA VAL C 236 33.31 30.74 4.63
C VAL C 236 34.42 31.01 3.62
N PHE C 237 34.13 31.87 2.65
CA PHE C 237 35.11 32.29 1.66
C PHE C 237 35.57 33.69 2.01
N LYS C 238 36.86 33.84 2.28
CA LYS C 238 37.44 35.13 2.66
C LYS C 238 38.28 35.64 1.51
N HIS C 239 37.93 36.83 1.02
CA HIS C 239 38.67 37.43 -0.08
C HIS C 239 39.90 38.16 0.46
N GLN C 240 40.92 38.28 -0.41
CA GLN C 240 42.21 38.80 0.02
C GLN C 240 42.19 40.31 0.21
N ASN C 241 41.22 41.02 -0.36
CA ASN C 241 41.22 42.48 -0.34
C ASN C 241 39.80 42.97 -0.09
N ARG C 242 39.68 44.30 0.04
CA ARG C 242 38.40 44.89 0.44
C ARG C 242 37.29 44.55 -0.55
N LEU C 243 37.60 44.50 -1.84
CA LEU C 243 36.65 44.07 -2.86
C LEU C 243 37.02 42.68 -3.33
N GLY C 244 36.02 41.94 -3.78
CA GLY C 244 36.22 40.52 -4.04
C GLY C 244 37.19 40.26 -5.17
N ASN C 245 37.82 39.09 -5.12
CA ASN C 245 38.67 38.60 -6.19
C ASN C 245 37.96 37.62 -7.11
N ALA C 246 36.71 37.29 -6.84
CA ALA C 246 35.97 36.32 -7.66
C ALA C 246 34.49 36.60 -7.51
N PRO C 247 33.67 36.21 -8.50
CA PRO C 247 32.23 36.36 -8.36
C PRO C 247 31.67 35.47 -7.26
N ALA C 248 30.59 35.94 -6.64
CA ALA C 248 29.97 35.17 -5.57
C ALA C 248 29.41 33.85 -6.08
N HIS C 249 28.75 33.87 -7.23
CA HIS C 249 28.13 32.65 -7.74
C HIS C 249 29.19 31.60 -8.05
N LYS C 250 30.36 32.03 -8.52
CA LYS C 250 31.44 31.08 -8.79
C LYS C 250 31.87 30.38 -7.51
N LEU C 251 31.93 31.12 -6.40
CA LEU C 251 32.33 30.51 -5.13
C LEU C 251 31.26 29.55 -4.62
N PHE C 252 29.99 29.96 -4.71
CA PHE C 252 28.92 29.10 -4.21
C PHE C 252 28.87 27.79 -4.97
N ASP C 253 29.32 27.77 -6.23
CA ASP C 253 29.30 26.54 -7.00
C ASP C 253 30.33 25.54 -6.52
N LEU C 254 31.33 25.99 -5.75
CA LEU C 254 32.33 25.06 -5.23
C LEU C 254 31.72 24.10 -4.22
N VAL C 255 30.70 24.54 -3.49
CA VAL C 255 30.01 23.68 -2.53
C VAL C 255 28.96 22.90 -3.28
N LYS C 256 29.17 21.59 -3.40
CA LYS C 256 28.25 20.71 -4.13
C LYS C 256 27.63 19.75 -3.14
N VAL C 257 26.30 19.65 -3.16
CA VAL C 257 25.56 18.75 -2.28
C VAL C 257 24.85 17.73 -3.16
N SER C 258 25.13 16.47 -2.92
CA SER C 258 24.50 15.37 -3.65
C SER C 258 24.24 14.24 -2.66
N ARG C 259 23.43 13.28 -3.08
CA ARG C 259 23.06 12.18 -2.22
C ARG C 259 24.12 11.09 -2.24
N ALA C 260 24.46 10.59 -1.06
CA ALA C 260 25.48 9.55 -0.96
C ALA C 260 25.09 8.35 -1.80
N GLU C 261 26.08 7.77 -2.49
CA GLU C 261 25.81 6.70 -3.44
C GLU C 261 25.12 5.51 -2.79
N GLY C 262 25.44 5.20 -1.53
CA GLY C 262 24.83 4.06 -0.87
C GLY C 262 23.43 4.29 -0.37
N SER C 263 22.92 5.51 -0.44
CA SER C 263 21.60 5.84 0.08
C SER C 263 20.54 5.72 -1.01
N SER C 264 19.32 5.40 -0.58
CA SER C 264 18.19 5.24 -1.49
C SER C 264 16.93 5.65 -0.76
N GLY C 265 15.86 5.80 -1.52
CA GLY C 265 14.60 6.21 -0.95
C GLY C 265 14.65 7.66 -0.51
N PRO C 266 13.64 8.10 0.23
CA PRO C 266 13.64 9.49 0.71
C PRO C 266 14.76 9.72 1.72
N ALA C 267 15.29 10.94 1.71
CA ALA C 267 16.35 11.29 2.63
C ALA C 267 15.77 11.50 4.04
N ARG C 268 16.42 10.89 5.02
CA ARG C 268 15.96 11.02 6.40
C ARG C 268 17.09 11.33 7.38
N SER C 269 18.32 11.52 6.90
CA SER C 269 19.44 11.87 7.76
C SER C 269 20.44 12.67 6.95
N PHE C 270 21.29 13.42 7.64
CA PHE C 270 22.35 14.14 6.96
C PHE C 270 23.32 13.17 6.30
N ALA C 271 23.42 11.95 6.81
CA ALA C 271 24.29 10.94 6.22
C ALA C 271 23.82 10.52 4.84
N ASP C 272 22.56 10.77 4.49
CA ASP C 272 22.07 10.48 3.16
C ASP C 272 22.63 11.41 2.10
N TYR C 273 23.31 12.48 2.51
CA TYR C 273 23.89 13.46 1.60
C TYR C 273 25.39 13.47 1.72
N ALA C 274 26.06 13.77 0.62
CA ALA C 274 27.51 13.96 0.59
C ALA C 274 27.80 15.39 0.13
N VAL C 275 28.63 16.10 0.88
CA VAL C 275 28.93 17.50 0.62
C VAL C 275 30.40 17.60 0.23
N THR C 276 30.67 18.24 -0.91
CA THR C 276 32.00 18.40 -1.43
C THR C 276 32.31 19.88 -1.63
N VAL C 277 33.52 20.28 -1.28
CA VAL C 277 33.98 21.66 -1.42
C VAL C 277 35.19 21.66 -2.34
N GLY C 278 35.12 22.46 -3.39
CA GLY C 278 36.17 22.49 -4.38
C GLY C 278 37.30 23.44 -4.02
N GLN C 279 38.18 23.66 -5.00
CA GLN C 279 39.33 24.53 -4.81
C GLN C 279 38.93 25.98 -5.12
N ALA C 280 39.28 26.88 -4.20
CA ALA C 280 38.93 28.27 -4.38
C ALA C 280 39.91 28.96 -5.33
N PRO C 281 39.50 30.06 -5.96
CA PRO C 281 40.42 30.80 -6.81
C PRO C 281 41.63 31.29 -6.02
N GLU C 282 42.59 31.86 -6.75
CA GLU C 282 43.86 32.23 -6.14
C GLU C 282 43.71 33.35 -5.12
N GLY C 283 42.72 34.21 -5.28
CA GLY C 283 42.55 35.33 -4.37
C GLY C 283 41.64 35.08 -3.20
N VAL C 284 41.13 33.86 -3.06
CA VAL C 284 40.16 33.52 -2.03
C VAL C 284 40.61 32.29 -1.29
N GLU C 285 40.33 32.27 0.02
CA GLU C 285 40.59 31.11 0.86
C GLU C 285 39.29 30.68 1.53
N VAL C 286 39.13 29.37 1.69
CA VAL C 286 37.92 28.80 2.28
C VAL C 286 38.23 28.40 3.71
N LYS C 287 37.49 28.96 4.65
CA LYS C 287 37.56 28.56 6.06
C LYS C 287 36.50 27.52 6.38
N GLU C 288 36.54 26.43 5.62
CA GLU C 288 35.52 25.40 5.73
C GLU C 288 35.48 24.77 7.11
N MET C 289 36.53 24.89 7.90
CA MET C 289 36.59 24.19 9.17
C MET C 289 35.54 24.67 10.17
N LEU C 290 34.90 25.81 9.91
CA LEU C 290 33.86 26.29 10.80
C LEU C 290 32.75 25.26 10.96
N MET D 1 14.50 32.54 42.17
CA MET D 1 14.11 31.19 41.68
C MET D 1 15.36 30.39 41.30
N THR D 2 15.64 29.32 42.05
CA THR D 2 16.83 28.50 41.84
C THR D 2 16.55 27.51 40.71
N ALA D 3 16.63 28.02 39.48
CA ALA D 3 16.48 27.17 38.32
C ALA D 3 17.72 26.31 38.13
N ILE D 4 17.58 25.29 37.28
CA ILE D 4 18.72 24.43 36.98
C ILE D 4 19.85 25.28 36.42
N ALA D 5 21.07 24.80 36.57
CA ALA D 5 22.25 25.56 36.18
C ALA D 5 22.99 24.97 34.99
N ASN D 6 22.53 23.84 34.44
CA ASN D 6 23.21 23.17 33.35
C ASN D 6 22.24 22.88 32.23
N ARG D 7 22.79 22.75 31.03
CA ARG D 7 21.99 22.34 29.88
C ARG D 7 21.99 20.82 29.75
N TYR D 8 20.85 20.27 29.35
CA TYR D 8 20.69 18.83 29.24
C TYR D 8 20.14 18.44 27.89
N GLU D 9 20.61 17.30 27.40
CA GLU D 9 19.97 16.54 26.33
C GLU D 9 19.71 15.13 26.85
N PHE D 10 18.73 14.46 26.27
CA PHE D 10 18.48 13.08 26.66
C PHE D 10 17.86 12.32 25.50
N VAL D 11 18.03 11.01 25.54
CA VAL D 11 17.46 10.08 24.57
C VAL D 11 16.69 9.04 25.34
N LEU D 12 15.45 8.79 24.93
CA LEU D 12 14.58 7.81 25.58
C LEU D 12 14.23 6.72 24.59
N LEU D 13 14.38 5.47 25.01
CA LEU D 13 14.03 4.31 24.19
C LEU D 13 12.85 3.60 24.83
N PHE D 14 11.78 3.42 24.08
CA PHE D 14 10.60 2.72 24.55
C PHE D 14 10.02 1.91 23.39
N ASP D 15 9.34 0.82 23.73
CA ASP D 15 8.78 -0.09 22.75
C ASP D 15 7.34 -0.42 23.11
N VAL D 16 6.65 -1.08 22.17
CA VAL D 16 5.27 -1.49 22.36
C VAL D 16 5.13 -2.90 21.80
N GLU D 17 4.20 -3.66 22.38
CA GLU D 17 3.90 -5.01 21.93
C GLU D 17 2.40 -5.17 21.75
N ASN D 18 1.98 -5.46 20.53
CA ASN D 18 0.57 -5.69 20.23
C ASN D 18 -0.31 -4.58 20.82
N GLY D 19 0.09 -3.34 20.56
CA GLY D 19 -0.63 -2.21 21.10
C GLY D 19 -0.64 -1.05 20.11
N ASN D 20 -1.35 0.00 20.49
CA ASN D 20 -1.42 1.21 19.69
C ASN D 20 -0.74 2.33 20.46
N PRO D 21 0.54 2.62 20.21
CA PRO D 21 1.21 3.65 21.01
C PRO D 21 0.58 5.02 20.90
N ASN D 22 0.08 5.38 19.72
CA ASN D 22 -0.55 6.68 19.52
C ASN D 22 -1.41 6.64 18.26
N GLY D 23 -2.72 6.79 18.43
CA GLY D 23 -3.62 6.69 17.30
C GLY D 23 -3.65 7.97 16.47
N ASP D 24 -4.02 7.81 15.21
CA ASP D 24 -4.08 8.93 14.28
C ASP D 24 -5.51 9.43 14.19
N PRO D 25 -5.81 10.64 14.66
CA PRO D 25 -7.22 11.08 14.69
C PRO D 25 -7.88 11.14 13.32
N ASP D 26 -7.15 11.41 12.24
CA ASP D 26 -7.76 11.61 10.93
C ASP D 26 -7.50 10.44 10.00
N ALA D 27 -7.00 9.31 10.52
CA ALA D 27 -6.85 8.10 9.73
C ALA D 27 -7.55 6.96 10.43
N GLY D 28 -8.78 7.19 10.87
CA GLY D 28 -9.46 6.25 11.74
C GLY D 28 -8.80 6.27 13.10
N ASN D 29 -8.09 5.20 13.45
CA ASN D 29 -7.26 5.22 14.64
C ASN D 29 -5.93 4.51 14.38
N MET D 30 -5.52 4.37 13.12
CA MET D 30 -4.32 3.62 12.81
C MET D 30 -3.10 4.27 13.48
N PRO D 31 -2.15 3.49 13.96
CA PRO D 31 -0.94 4.10 14.52
C PRO D 31 -0.26 5.00 13.49
N ARG D 32 0.26 6.12 13.98
CA ARG D 32 0.93 7.06 13.09
C ARG D 32 2.16 6.41 12.46
N ILE D 33 2.35 6.66 11.17
CA ILE D 33 3.51 6.16 10.44
C ILE D 33 4.07 7.27 9.56
N ASP D 34 5.34 7.12 9.20
CA ASP D 34 5.95 8.01 8.22
C ASP D 34 5.36 7.64 6.86
N PRO D 35 4.67 8.56 6.18
CA PRO D 35 3.92 8.17 4.97
C PRO D 35 4.78 7.81 3.77
N GLU D 36 6.11 7.75 3.91
CA GLU D 36 6.97 7.39 2.79
C GLU D 36 8.03 6.36 3.17
N THR D 37 8.12 5.97 4.44
CA THR D 37 9.04 4.92 4.84
C THR D 37 8.43 3.89 5.78
N GLY D 38 7.26 4.12 6.34
CA GLY D 38 6.62 3.13 7.19
C GLY D 38 7.12 3.11 8.62
N HIS D 39 8.01 4.03 9.00
CA HIS D 39 8.44 4.09 10.39
C HIS D 39 7.33 4.67 11.25
N GLY D 40 7.17 4.11 12.46
CA GLY D 40 6.15 4.59 13.36
C GLY D 40 6.51 5.93 13.97
N LEU D 41 5.49 6.68 14.34
CA LEU D 41 5.64 7.99 14.94
C LEU D 41 4.76 8.11 16.18
N VAL D 42 5.30 8.76 17.20
CA VAL D 42 4.53 9.12 18.39
C VAL D 42 4.76 10.61 18.64
N THR D 43 3.68 11.36 18.71
CA THR D 43 3.81 12.80 18.86
C THR D 43 4.38 13.15 20.22
N ASP D 44 5.02 14.31 20.28
CA ASP D 44 5.55 14.80 21.55
C ASP D 44 4.42 15.04 22.56
N VAL D 45 3.26 15.46 22.08
CA VAL D 45 2.15 15.76 22.98
C VAL D 45 1.71 14.49 23.71
N CYS D 46 1.81 13.33 23.08
CA CYS D 46 1.43 12.08 23.75
C CYS D 46 2.35 11.79 24.93
N LEU D 47 3.66 11.88 24.72
CA LEU D 47 4.60 11.64 25.80
C LEU D 47 4.45 12.69 26.90
N LYS D 48 4.21 13.95 26.51
CA LYS D 48 4.00 14.99 27.50
C LYS D 48 2.74 14.72 28.30
N ARG D 49 1.70 14.21 27.66
CA ARG D 49 0.48 13.84 28.37
C ARG D 49 0.76 12.74 29.38
N LYS D 50 1.55 11.74 28.98
CA LYS D 50 1.90 10.69 29.93
C LYS D 50 2.70 11.22 31.10
N ILE D 51 3.62 12.15 30.85
CA ILE D 51 4.38 12.75 31.94
C ILE D 51 3.46 13.54 32.87
N ARG D 52 2.52 14.30 32.28
CA ARG D 52 1.55 15.04 33.09
C ARG D 52 0.75 14.10 33.96
N ASN D 53 0.28 12.99 33.39
CA ASN D 53 -0.50 12.02 34.15
C ASN D 53 0.33 11.43 35.28
N HIS D 54 1.60 11.12 35.01
CA HIS D 54 2.45 10.58 36.07
C HIS D 54 2.64 11.59 37.19
N VAL D 55 2.85 12.86 36.85
CA VAL D 55 3.03 13.88 37.88
C VAL D 55 1.76 14.01 38.70
N ALA D 56 0.60 14.03 38.04
CA ALA D 56 -0.65 14.15 38.76
C ALA D 56 -0.86 12.95 39.69
N LEU D 57 -0.53 11.76 39.22
CA LEU D 57 -0.70 10.56 40.03
C LEU D 57 0.23 10.57 41.25
N THR D 58 1.48 10.99 41.05
CA THR D 58 2.49 10.87 42.09
C THR D 58 2.50 12.02 43.07
N LYS D 59 2.00 13.19 42.68
CA LYS D 59 1.96 14.35 43.57
C LYS D 59 0.56 14.64 44.11
N GLU D 60 -0.48 14.17 43.44
CA GLU D 60 -1.85 14.28 43.94
C GLU D 60 -2.22 15.74 44.23
N GLY D 61 -1.86 16.63 43.31
CA GLY D 61 -2.25 18.02 43.44
C GLY D 61 -1.60 18.76 44.57
N ALA D 62 -0.41 18.37 44.97
CA ALA D 62 0.30 19.08 46.02
C ALA D 62 0.56 20.52 45.59
N GLU D 63 0.96 21.34 46.57
CA GLU D 63 1.25 22.73 46.28
C GLU D 63 2.40 22.85 45.29
N ARG D 64 2.24 23.72 44.30
CA ARG D 64 3.21 23.98 43.24
C ARG D 64 3.32 22.83 42.25
N PHE D 65 2.44 21.83 42.29
CA PHE D 65 2.52 20.68 41.41
C PHE D 65 1.16 20.36 40.80
N ASN D 66 0.38 21.38 40.46
CA ASN D 66 -0.87 21.18 39.75
C ASN D 66 -0.61 21.05 38.25
N ILE D 67 -1.58 20.48 37.55
CA ILE D 67 -1.51 20.29 36.11
C ILE D 67 -2.50 21.24 35.46
N TYR D 68 -1.99 22.09 34.57
CA TYR D 68 -2.81 23.15 33.99
C TYR D 68 -3.85 22.59 33.02
N ILE D 69 -3.43 21.69 32.12
CA ILE D 69 -4.37 21.15 31.14
C ILE D 69 -5.43 20.30 31.81
N GLN D 70 -5.05 19.53 32.83
CA GLN D 70 -5.99 18.75 33.64
C GLN D 70 -6.83 17.90 32.68
N GLU D 71 -8.15 17.85 32.84
CA GLU D 71 -8.99 17.03 31.99
C GLU D 71 -10.40 17.57 32.04
N LYS D 72 -10.89 18.03 30.88
CA LYS D 72 -12.18 18.68 30.75
C LYS D 72 -12.26 19.97 31.57
N ALA D 73 -11.14 20.50 32.02
CA ALA D 73 -11.14 21.78 32.70
C ALA D 73 -11.30 22.91 31.70
N ILE D 74 -11.79 24.05 32.18
CA ILE D 74 -11.95 25.25 31.37
C ILE D 74 -10.80 26.18 31.71
N LEU D 75 -9.98 26.50 30.71
CA LEU D 75 -8.72 27.18 30.98
C LEU D 75 -8.93 28.63 31.38
N ASN D 76 -9.94 29.29 30.82
CA ASN D 76 -10.21 30.67 31.19
C ASN D 76 -10.54 30.78 32.68
N GLU D 77 -11.25 29.78 33.22
CA GLU D 77 -11.52 29.79 34.65
C GLU D 77 -10.23 29.72 35.45
N THR D 78 -9.22 29.00 34.95
CA THR D 78 -7.93 28.96 35.64
C THR D 78 -7.19 30.27 35.51
N HIS D 79 -7.33 30.94 34.35
CA HIS D 79 -6.70 32.25 34.18
C HIS D 79 -7.30 33.26 35.16
N GLU D 80 -8.62 33.19 35.36
CA GLU D 80 -9.26 34.08 36.32
C GLU D 80 -8.72 33.86 37.73
N ARG D 81 -8.36 32.62 38.07
CA ARG D 81 -7.76 32.37 39.38
C ARG D 81 -6.46 33.13 39.53
N ALA D 82 -5.61 33.11 38.49
CA ALA D 82 -4.37 33.85 38.55
C ALA D 82 -4.62 35.35 38.67
N TYR D 83 -5.60 35.85 37.91
CA TYR D 83 -5.89 37.28 37.97
C TYR D 83 -6.36 37.69 39.36
N THR D 84 -7.22 36.87 39.98
CA THR D 84 -7.70 37.21 41.32
C THR D 84 -6.61 37.07 42.36
N ALA D 85 -5.70 36.10 42.20
CA ALA D 85 -4.62 35.93 43.16
C ALA D 85 -3.69 37.14 43.17
N CYS D 86 -3.60 37.85 42.06
CA CYS D 86 -2.75 39.03 41.97
C CYS D 86 -3.50 40.33 42.24
N ASP D 87 -4.80 40.26 42.55
CA ASP D 87 -5.61 41.45 42.78
C ASP D 87 -5.65 42.34 41.54
N LEU D 88 -5.95 41.74 40.40
CA LEU D 88 -6.05 42.45 39.14
C LEU D 88 -7.36 42.11 38.45
N LYS D 89 -7.82 43.03 37.60
CA LYS D 89 -9.05 42.83 36.85
C LYS D 89 -8.72 42.50 35.41
N PRO D 90 -9.09 41.33 34.90
CA PRO D 90 -8.68 40.97 33.54
C PRO D 90 -9.41 41.80 32.49
N GLU D 91 -8.65 42.34 31.55
CA GLU D 91 -9.22 43.02 30.40
C GLU D 91 -9.77 41.99 29.42
N PRO D 92 -10.63 42.42 28.49
CA PRO D 92 -11.30 41.45 27.61
C PRO D 92 -10.36 40.52 26.87
N LYS D 93 -9.23 41.02 26.37
CA LYS D 93 -8.31 40.17 25.62
C LYS D 93 -6.84 40.49 25.88
N LYS D 94 -6.53 41.39 26.82
CA LYS D 94 -5.22 42.01 26.88
C LYS D 94 -4.57 41.78 28.24
N LEU D 95 -3.24 41.75 28.24
CA LEU D 95 -2.49 41.63 29.47
C LEU D 95 -2.53 42.93 30.25
N PRO D 96 -2.22 42.89 31.55
CA PRO D 96 -2.16 44.13 32.32
C PRO D 96 -1.19 45.12 31.68
N LYS D 97 -1.60 46.39 31.63
CA LYS D 97 -0.79 47.40 30.96
C LYS D 97 0.54 47.64 31.67
N LYS D 98 0.61 47.38 32.96
CA LYS D 98 1.88 47.49 33.69
C LYS D 98 2.66 46.20 33.50
N VAL D 99 3.91 46.33 33.06
CA VAL D 99 4.71 45.14 32.73
C VAL D 99 4.94 44.29 33.96
N GLU D 100 5.17 44.90 35.12
CA GLU D 100 5.39 44.13 36.33
C GLU D 100 4.14 43.32 36.69
N ASP D 101 2.96 43.93 36.58
CA ASP D 101 1.73 43.18 36.81
C ASP D 101 1.57 42.08 35.77
N ALA D 102 1.89 42.37 34.50
CA ALA D 102 1.77 41.35 33.47
C ALA D 102 2.67 40.16 33.78
N LYS D 103 3.84 40.41 34.35
CA LYS D 103 4.72 39.29 34.70
C LYS D 103 4.25 38.58 35.97
N ARG D 104 3.54 39.29 36.85
CA ARG D 104 3.10 38.67 38.09
C ARG D 104 2.12 37.53 37.81
N VAL D 105 1.16 37.75 36.92
CA VAL D 105 0.19 36.70 36.61
C VAL D 105 0.89 35.50 35.98
N THR D 106 1.75 35.76 35.00
CA THR D 106 2.47 34.66 34.36
C THR D 106 3.37 33.94 35.35
N ASP D 107 4.02 34.68 36.25
CA ASP D 107 4.80 34.04 37.30
C ASP D 107 3.93 33.18 38.19
N TRP D 108 2.71 33.64 38.50
CA TRP D 108 1.81 32.82 39.31
C TRP D 108 1.45 31.53 38.59
N MET D 109 1.13 31.61 37.30
CA MET D 109 0.85 30.41 36.52
C MET D 109 2.04 29.46 36.55
N CYS D 110 3.24 29.99 36.33
CA CYS D 110 4.43 29.13 36.29
C CYS D 110 4.67 28.48 37.65
N THR D 111 4.52 29.23 38.73
CA THR D 111 4.86 28.70 40.05
C THR D 111 3.81 27.73 40.56
N ASN D 112 2.56 27.87 40.12
CA ASN D 112 1.51 27.01 40.65
C ASN D 112 1.41 25.71 39.86
N PHE D 113 1.54 25.77 38.54
CA PHE D 113 1.27 24.63 37.67
C PHE D 113 2.60 24.06 37.17
N TYR D 114 2.83 22.78 37.46
CA TYR D 114 4.10 22.14 37.09
C TYR D 114 4.27 22.08 35.58
N ASP D 115 3.20 21.75 34.85
CA ASP D 115 3.35 21.55 33.41
C ASP D 115 3.56 22.86 32.68
N ILE D 116 3.05 23.97 33.19
CA ILE D 116 3.39 25.27 32.61
C ILE D 116 4.87 25.57 32.85
N ARG D 117 5.33 25.29 34.07
CA ARG D 117 6.73 25.52 34.42
C ARG D 117 7.66 24.66 33.57
N THR D 118 7.20 23.50 33.13
CA THR D 118 8.05 22.53 32.44
C THR D 118 7.96 22.64 30.92
N PHE D 119 6.75 22.56 30.36
CA PHE D 119 6.53 22.54 28.93
C PHE D 119 6.04 23.87 28.38
N GLY D 120 5.74 24.84 29.23
CA GLY D 120 5.20 26.10 28.77
C GLY D 120 3.73 25.97 28.40
N ALA D 121 3.16 27.09 27.99
CA ALA D 121 1.74 27.10 27.62
C ALA D 121 1.42 28.37 26.86
N VAL D 122 0.38 28.30 26.05
CA VAL D 122 -0.19 29.45 25.36
C VAL D 122 -1.47 29.83 26.09
N MET D 123 -1.46 30.98 26.74
CA MET D 123 -2.59 31.42 27.55
C MET D 123 -3.22 32.70 27.02
N THR D 124 -2.92 33.08 25.79
CA THR D 124 -3.53 34.26 25.18
C THR D 124 -4.98 33.96 24.81
N THR D 125 -5.92 34.39 25.64
CA THR D 125 -7.33 34.11 25.42
C THR D 125 -8.13 35.31 25.94
N GLU D 126 -9.44 35.10 26.11
CA GLU D 126 -10.27 36.15 26.69
C GLU D 126 -9.79 36.58 28.06
N VAL D 127 -9.13 35.69 28.79
CA VAL D 127 -8.45 36.06 30.04
C VAL D 127 -6.96 35.83 29.81
N ASN D 128 -6.26 36.88 29.38
CA ASN D 128 -4.91 36.73 28.88
C ASN D 128 -3.91 36.63 30.02
N CYS D 129 -3.13 35.55 30.03
CA CYS D 129 -2.05 35.37 31.00
C CYS D 129 -0.68 35.31 30.32
N GLY D 130 -0.59 35.69 29.05
CA GLY D 130 0.68 35.66 28.36
C GLY D 130 1.00 34.27 27.82
N GLN D 131 2.28 34.06 27.51
CA GLN D 131 2.76 32.82 26.95
C GLN D 131 4.09 32.44 27.58
N VAL D 132 4.33 31.14 27.68
CA VAL D 132 5.56 30.59 28.24
C VAL D 132 6.10 29.56 27.26
N ARG D 133 7.41 29.58 27.04
CA ARG D 133 8.01 28.75 26.01
C ARG D 133 8.40 27.36 26.51
N GLY D 134 8.73 27.20 27.78
CA GLY D 134 8.95 25.88 28.34
C GLY D 134 10.39 25.43 28.27
N PRO D 135 11.03 25.26 29.42
CA PRO D 135 12.42 24.79 29.42
C PRO D 135 12.62 23.44 28.76
N VAL D 136 11.64 22.55 28.86
CA VAL D 136 11.76 21.17 28.40
C VAL D 136 11.03 21.02 27.09
N GLN D 137 11.69 20.43 26.09
CA GLN D 137 11.10 20.17 24.80
C GLN D 137 11.39 18.73 24.39
N MET D 138 10.47 18.14 23.63
CA MET D 138 10.64 16.80 23.11
C MET D 138 10.28 16.79 21.64
N ALA D 139 11.01 15.99 20.87
CA ALA D 139 10.70 15.82 19.46
C ALA D 139 9.87 14.56 19.25
N PHE D 140 9.34 14.42 18.05
CA PHE D 140 8.57 13.23 17.71
C PHE D 140 9.42 11.98 17.93
N ALA D 141 8.82 10.97 18.54
CA ALA D 141 9.49 9.68 18.67
C ALA D 141 9.29 8.87 17.40
N ARG D 142 10.38 8.32 16.88
CA ARG D 142 10.37 7.61 15.61
C ARG D 142 10.88 6.20 15.82
N SER D 143 10.21 5.24 15.20
CA SER D 143 10.60 3.85 15.35
C SER D 143 11.93 3.58 14.67
N VAL D 144 12.69 2.63 15.23
CA VAL D 144 13.98 2.28 14.66
C VAL D 144 13.82 1.66 13.29
N GLU D 145 12.84 0.77 13.12
CA GLU D 145 12.58 0.08 11.87
C GLU D 145 11.12 0.25 11.50
N PRO D 146 10.78 0.07 10.22
CA PRO D 146 9.38 0.24 9.81
C PRO D 146 8.45 -0.71 10.56
N VAL D 147 7.24 -0.23 10.81
CA VAL D 147 6.21 -0.99 11.50
C VAL D 147 5.10 -1.31 10.51
N VAL D 148 4.37 -2.39 10.80
CA VAL D 148 3.25 -2.82 9.97
C VAL D 148 2.00 -2.90 10.82
N PRO D 149 1.26 -1.82 11.00
CA PRO D 149 0.04 -1.88 11.81
C PRO D 149 -0.94 -2.89 11.23
N GLN D 150 -1.63 -3.59 12.11
CA GLN D 150 -2.61 -4.60 11.72
C GLN D 150 -3.95 -4.29 12.37
N GLU D 151 -5.01 -4.31 11.56
CA GLU D 151 -6.35 -4.19 12.09
C GLU D 151 -6.84 -5.56 12.55
N VAL D 152 -7.43 -5.60 13.73
CA VAL D 152 -7.93 -6.84 14.33
C VAL D 152 -9.44 -6.73 14.42
N SER D 153 -10.14 -7.65 13.77
CA SER D 153 -11.60 -7.62 13.80
C SER D 153 -12.10 -8.17 15.12
N ILE D 154 -13.05 -7.44 15.72
CA ILE D 154 -13.59 -7.76 17.03
C ILE D 154 -15.10 -7.79 16.91
N THR D 155 -15.72 -8.74 17.61
CA THR D 155 -17.17 -8.87 17.63
C THR D 155 -17.68 -8.68 19.05
N ARG D 156 -18.86 -8.10 19.18
CA ARG D 156 -19.50 -7.88 20.47
C ARG D 156 -20.83 -8.61 20.51
N MET D 157 -21.05 -9.36 21.60
CA MET D 157 -22.26 -10.15 21.74
C MET D 157 -23.38 -9.37 22.42
N ALA D 158 -23.35 -8.04 22.36
CA ALA D 158 -24.43 -7.21 22.87
C ALA D 158 -24.65 -6.06 21.89
N VAL D 159 -25.86 -5.52 21.91
CA VAL D 159 -26.26 -4.47 20.99
C VAL D 159 -26.55 -3.21 21.79
N THR D 160 -26.41 -2.06 21.14
CA THR D 160 -26.53 -0.79 21.85
C THR D 160 -28.00 -0.38 22.01
N THR D 161 -28.70 -0.16 20.90
CA THR D 161 -30.05 0.37 20.96
C THR D 161 -31.08 -0.64 20.48
N LYS D 162 -30.99 -1.05 19.22
CA LYS D 162 -31.90 -2.01 18.62
C LYS D 162 -31.24 -2.58 17.38
N ALA D 163 -30.98 -3.87 17.38
CA ALA D 163 -30.26 -4.50 16.29
C ALA D 163 -31.03 -4.33 14.98
N GLU D 164 -30.28 -4.11 13.90
CA GLU D 164 -30.89 -4.12 12.58
C GLU D 164 -31.57 -5.45 12.30
N ALA D 165 -30.98 -6.55 12.77
CA ALA D 165 -31.61 -7.85 12.64
C ALA D 165 -32.90 -7.94 13.45
N GLU D 166 -33.13 -7.03 14.37
CA GLU D 166 -34.33 -7.04 15.20
C GLU D 166 -34.85 -5.63 15.43
N ASP D 171 -26.72 -14.87 12.96
CA ASP D 171 -26.15 -13.70 12.29
C ASP D 171 -25.44 -12.80 13.28
N ASN D 172 -24.46 -12.04 12.80
CA ASN D 172 -23.70 -11.15 13.66
C ASN D 172 -24.57 -10.00 14.14
N ARG D 173 -24.12 -9.34 15.21
CA ARG D 173 -24.79 -8.17 15.74
C ARG D 173 -23.86 -6.99 16.00
N THR D 174 -22.55 -7.16 15.85
CA THR D 174 -21.61 -6.06 15.97
C THR D 174 -20.24 -6.54 15.51
N MET D 175 -19.50 -5.67 14.83
CA MET D 175 -18.17 -5.98 14.32
C MET D 175 -17.26 -4.80 14.63
N GLY D 176 -16.51 -4.92 15.73
CA GLY D 176 -15.61 -3.88 16.17
C GLY D 176 -14.31 -3.88 15.38
N ARG D 177 -13.29 -3.26 15.98
CA ARG D 177 -12.02 -3.07 15.30
C ARG D 177 -10.97 -2.61 16.29
N LYS D 178 -9.78 -3.21 16.20
CA LYS D 178 -8.63 -2.82 17.00
C LYS D 178 -7.42 -2.66 16.10
N HIS D 179 -6.54 -1.73 16.47
CA HIS D 179 -5.30 -1.49 15.77
C HIS D 179 -4.14 -1.80 16.70
N ILE D 180 -3.15 -2.54 16.20
CA ILE D 180 -2.00 -2.94 16.99
C ILE D 180 -0.74 -2.80 16.14
N VAL D 181 0.35 -2.41 16.78
CA VAL D 181 1.68 -2.53 16.21
C VAL D 181 2.30 -3.80 16.79
N PRO D 182 2.55 -4.84 15.98
CA PRO D 182 3.04 -6.10 16.58
C PRO D 182 4.28 -5.91 17.42
N TYR D 183 5.18 -5.02 17.01
CA TYR D 183 6.29 -4.60 17.85
C TYR D 183 6.97 -3.42 17.20
N GLY D 184 7.51 -2.54 18.04
CA GLY D 184 8.24 -1.39 17.54
C GLY D 184 9.08 -0.75 18.64
N LEU D 185 10.31 -0.39 18.31
CA LEU D 185 11.19 0.29 19.24
C LEU D 185 11.33 1.74 18.82
N TYR D 186 10.96 2.65 19.71
CA TYR D 186 10.89 4.08 19.40
C TYR D 186 12.00 4.82 20.13
N VAL D 187 12.53 5.85 19.47
CA VAL D 187 13.59 6.68 20.03
C VAL D 187 13.08 8.11 20.10
N ALA D 188 13.13 8.70 21.28
CA ALA D 188 12.65 10.06 21.52
C ALA D 188 13.81 10.92 22.00
N HIS D 189 14.02 12.05 21.32
CA HIS D 189 15.03 13.02 21.71
C HIS D 189 14.38 14.16 22.46
N GLY D 190 15.15 14.78 23.36
CA GLY D 190 14.61 15.88 24.15
C GLY D 190 15.70 16.83 24.59
N PHE D 191 15.28 18.03 24.95
CA PHE D 191 16.18 19.10 25.32
C PHE D 191 15.66 19.78 26.58
N ILE D 192 16.59 20.29 27.39
CA ILE D 192 16.25 21.11 28.55
C ILE D 192 17.14 22.34 28.52
N SER D 193 16.52 23.53 28.60
CA SER D 193 17.21 24.79 28.40
C SER D 193 17.31 25.53 29.72
N ALA D 194 18.53 25.74 30.20
CA ALA D 194 18.76 26.47 31.44
C ALA D 194 18.29 27.91 31.34
N PRO D 195 18.56 28.60 30.23
CA PRO D 195 18.07 29.99 30.12
C PRO D 195 16.58 30.12 30.30
N LEU D 196 15.79 29.18 29.76
CA LEU D 196 14.35 29.23 29.94
C LEU D 196 13.93 28.76 31.32
N ALA D 197 14.64 27.78 31.88
CA ALA D 197 14.37 27.37 33.25
C ALA D 197 14.51 28.54 34.20
N GLU D 198 15.49 29.41 33.95
CA GLU D 198 15.63 30.61 34.76
C GLU D 198 14.43 31.55 34.61
N LYS D 199 13.77 31.54 33.46
CA LYS D 199 12.58 32.36 33.28
C LYS D 199 11.37 31.76 34.01
N THR D 200 11.20 30.44 33.94
CA THR D 200 10.04 29.81 34.55
C THR D 200 10.30 29.35 35.98
N GLY D 201 11.56 29.14 36.36
CA GLY D 201 11.85 28.64 37.68
C GLY D 201 11.94 27.14 37.78
N PHE D 202 12.07 26.44 36.64
CA PHE D 202 12.22 24.99 36.63
C PHE D 202 13.48 24.63 37.41
N SER D 203 13.31 24.01 38.57
CA SER D 203 14.40 23.80 39.52
C SER D 203 14.91 22.36 39.43
N ASP D 204 15.79 22.02 40.37
CA ASP D 204 16.40 20.69 40.35
C ASP D 204 15.43 19.60 40.78
N GLU D 205 14.58 19.88 41.77
CA GLU D 205 13.59 18.88 42.15
C GLU D 205 12.60 18.63 41.02
N ASP D 206 12.26 19.67 40.26
CA ASP D 206 11.44 19.47 39.07
C ASP D 206 12.14 18.55 38.08
N LEU D 207 13.44 18.74 37.89
CA LEU D 207 14.19 17.89 36.96
C LEU D 207 14.23 16.45 37.44
N THR D 208 14.40 16.25 38.75
CA THR D 208 14.37 14.89 39.30
C THR D 208 13.01 14.24 39.06
N LEU D 209 11.94 14.98 39.33
CA LEU D 209 10.61 14.45 39.07
C LEU D 209 10.41 14.16 37.59
N PHE D 210 11.02 14.95 36.72
CA PHE D 210 10.90 14.71 35.28
C PHE D 210 11.62 13.43 34.87
N TRP D 211 12.83 13.21 35.39
CA TRP D 211 13.51 11.96 35.12
C TRP D 211 12.70 10.77 35.63
N ASP D 212 12.13 10.90 36.83
CA ASP D 212 11.29 9.83 37.36
C ASP D 212 10.09 9.58 36.45
N ALA D 213 9.45 10.64 35.98
CA ALA D 213 8.29 10.48 35.10
C ALA D 213 8.69 9.76 33.82
N LEU D 214 9.81 10.16 33.22
CA LEU D 214 10.26 9.49 32.01
C LEU D 214 10.51 8.01 32.27
N VAL D 215 11.15 7.69 33.40
CA VAL D 215 11.44 6.29 33.68
C VAL D 215 10.15 5.50 33.91
N ASN D 216 9.14 6.12 34.53
CA ASN D 216 7.93 5.42 34.92
C ASN D 216 6.68 5.87 34.17
N MET D 217 6.82 6.51 33.01
CA MET D 217 5.66 6.97 32.26
C MET D 217 4.61 5.88 32.09
N PHE D 218 5.00 4.76 31.47
CA PHE D 218 4.03 3.80 30.97
C PHE D 218 3.56 2.81 32.03
N GLU D 219 4.19 2.80 33.22
CA GLU D 219 3.79 1.84 34.23
C GLU D 219 2.36 2.04 34.70
N HIS D 220 1.81 3.25 34.55
CA HIS D 220 0.45 3.55 34.95
C HIS D 220 -0.40 4.03 33.79
N ASP D 221 -0.06 3.63 32.56
CA ASP D 221 -0.81 4.01 31.38
C ASP D 221 -1.55 2.82 30.77
N ARG D 222 -1.64 1.71 31.49
CA ARG D 222 -2.22 0.49 30.92
C ARG D 222 -3.69 0.73 30.53
N SER D 223 -4.05 0.19 29.38
CA SER D 223 -5.44 0.27 28.90
C SER D 223 -5.66 -0.87 27.92
N ALA D 224 -6.89 -0.93 27.40
CA ALA D 224 -7.24 -2.01 26.47
C ALA D 224 -6.52 -1.86 25.15
N ALA D 225 -6.31 -0.64 24.67
CA ALA D 225 -5.71 -0.41 23.37
C ALA D 225 -4.21 -0.13 23.44
N ARG D 226 -3.65 0.05 24.63
CA ARG D 226 -2.24 0.40 24.75
C ARG D 226 -1.33 -0.80 24.58
N GLY D 227 -1.76 -1.99 24.98
CA GLY D 227 -0.84 -3.10 24.97
C GLY D 227 0.19 -2.95 26.07
N LEU D 228 1.36 -3.54 25.84
CA LEU D 228 2.47 -3.47 26.78
C LEU D 228 3.52 -2.52 26.23
N MET D 229 3.71 -1.39 26.91
CA MET D 229 4.75 -0.43 26.58
C MET D 229 5.60 -0.18 27.81
N SER D 230 6.90 0.00 27.61
CA SER D 230 7.81 0.21 28.72
C SER D 230 9.00 1.03 28.25
N SER D 231 9.66 1.67 29.21
CA SER D 231 10.87 2.43 28.94
C SER D 231 12.08 1.51 29.09
N ARG D 232 12.98 1.56 28.12
CA ARG D 232 14.10 0.63 28.05
C ARG D 232 15.44 1.27 28.41
N LYS D 233 15.78 2.39 27.77
CA LYS D 233 17.01 3.11 28.06
C LYS D 233 16.71 4.59 28.18
N LEU D 234 17.48 5.28 29.02
CA LEU D 234 17.38 6.72 29.19
C LEU D 234 18.79 7.28 29.33
N ILE D 235 19.32 7.84 28.24
CA ILE D 235 20.65 8.42 28.23
C ILE D 235 20.49 9.92 28.47
N VAL D 236 21.20 10.44 29.45
CA VAL D 236 21.13 11.85 29.82
C VAL D 236 22.51 12.48 29.63
N PHE D 237 22.56 13.56 28.88
CA PHE D 237 23.79 14.31 28.65
C PHE D 237 23.72 15.62 29.40
N LYS D 238 24.61 15.81 30.37
CA LYS D 238 24.60 16.99 31.22
C LYS D 238 25.81 17.86 30.89
N HIS D 239 25.57 18.99 30.26
CA HIS D 239 26.65 19.91 29.91
C HIS D 239 27.20 20.57 31.17
N GLN D 240 28.48 20.95 31.10
CA GLN D 240 29.15 21.52 32.27
C GLN D 240 28.86 23.00 32.45
N ASN D 241 28.23 23.66 31.49
CA ASN D 241 28.00 25.09 31.57
C ASN D 241 26.56 25.39 31.16
N ARG D 242 26.17 26.65 31.37
CA ARG D 242 24.77 27.04 31.16
C ARG D 242 24.35 26.90 29.71
N LEU D 243 25.18 27.37 28.78
CA LEU D 243 24.82 27.38 27.36
C LEU D 243 25.26 26.13 26.62
N GLY D 244 25.95 25.20 27.28
CA GLY D 244 26.34 23.96 26.66
C GLY D 244 27.63 24.09 25.87
N ASN D 245 28.29 22.94 25.70
CA ASN D 245 29.55 22.91 24.95
C ASN D 245 29.63 21.74 23.97
N ALA D 246 28.53 21.39 23.30
CA ALA D 246 28.52 20.38 22.26
C ALA D 246 27.18 20.45 21.53
N PRO D 247 27.18 20.32 20.20
CA PRO D 247 25.90 20.32 19.49
C PRO D 247 25.04 19.14 19.88
N ALA D 248 23.72 19.35 19.88
CA ALA D 248 22.81 18.30 20.30
C ALA D 248 22.88 17.10 19.36
N HIS D 249 22.98 17.35 18.06
CA HIS D 249 23.00 16.24 17.10
C HIS D 249 24.22 15.37 17.30
N LYS D 250 25.35 15.97 17.66
CA LYS D 250 26.55 15.17 17.92
C LYS D 250 26.33 14.23 19.09
N LEU D 251 25.69 14.72 20.15
CA LEU D 251 25.42 13.87 21.31
C LEU D 251 24.41 12.78 20.98
N PHE D 252 23.35 13.13 20.24
CA PHE D 252 22.36 12.12 19.88
C PHE D 252 22.98 11.01 19.04
N ASP D 253 24.02 11.34 18.27
CA ASP D 253 24.68 10.34 17.44
C ASP D 253 25.51 9.36 18.25
N LEU D 254 25.77 9.64 19.53
CA LEU D 254 26.53 8.71 20.35
C LEU D 254 25.71 7.49 20.74
N VAL D 255 24.38 7.58 20.65
CA VAL D 255 23.50 6.46 20.98
C VAL D 255 23.19 5.73 19.67
N LYS D 256 23.77 4.55 19.51
CA LYS D 256 23.59 3.73 18.32
C LYS D 256 22.65 2.59 18.63
N VAL D 257 21.60 2.44 17.82
CA VAL D 257 20.66 1.34 17.94
C VAL D 257 20.73 0.53 16.64
N SER D 258 21.12 -0.73 16.75
CA SER D 258 21.27 -1.58 15.59
C SER D 258 20.70 -2.96 15.91
N ARG D 259 20.29 -3.65 14.86
CA ARG D 259 19.76 -5.00 15.01
C ARG D 259 20.86 -5.92 15.53
N ALA D 260 20.52 -6.76 16.51
CA ALA D 260 21.52 -7.61 17.15
C ALA D 260 21.86 -8.79 16.25
N GLU D 261 22.65 -9.72 16.80
CA GLU D 261 22.99 -10.93 16.06
C GLU D 261 21.77 -11.77 15.73
N GLY D 262 20.71 -11.65 16.51
CA GLY D 262 19.43 -12.26 16.16
C GLY D 262 18.69 -11.39 15.18
N SER D 263 19.28 -11.19 14.00
CA SER D 263 18.68 -10.36 12.97
C SER D 263 17.70 -11.11 12.10
N SER D 264 17.48 -12.39 12.36
CA SER D 264 16.57 -13.18 11.53
C SER D 264 15.14 -12.73 11.74
N GLY D 265 14.44 -12.48 10.64
CA GLY D 265 13.02 -12.20 10.69
C GLY D 265 12.69 -10.87 11.32
N PRO D 266 11.41 -10.59 11.47
CA PRO D 266 11.00 -9.32 12.10
C PRO D 266 11.38 -9.29 13.57
N ALA D 267 11.57 -8.08 14.09
CA ALA D 267 11.88 -7.90 15.50
C ALA D 267 10.61 -8.02 16.32
N ARG D 268 10.69 -8.74 17.43
CA ARG D 268 9.53 -8.95 18.30
C ARG D 268 9.87 -8.82 19.77
N SER D 269 11.07 -8.37 20.12
CA SER D 269 11.42 -8.12 21.51
C SER D 269 12.59 -7.16 21.55
N PHE D 270 12.79 -6.52 22.69
CA PHE D 270 13.90 -5.59 22.83
C PHE D 270 15.24 -6.32 22.68
N ALA D 271 15.26 -7.64 22.91
CA ALA D 271 16.48 -8.40 22.77
C ALA D 271 16.92 -8.53 21.32
N ASP D 272 16.07 -8.16 20.36
CA ASP D 272 16.45 -8.19 18.95
C ASP D 272 17.29 -6.99 18.55
N TYR D 273 17.50 -6.03 19.45
CA TYR D 273 18.30 -4.84 19.16
C TYR D 273 19.46 -4.76 20.13
N ALA D 274 20.55 -4.15 19.66
CA ALA D 274 21.71 -3.85 20.48
C ALA D 274 21.88 -2.34 20.54
N VAL D 275 22.05 -1.81 21.75
CA VAL D 275 22.18 -0.38 21.98
C VAL D 275 23.55 -0.12 22.59
N THR D 276 24.29 0.81 22.00
CA THR D 276 25.61 1.19 22.48
C THR D 276 25.69 2.70 22.59
N VAL D 277 26.37 3.19 23.62
CA VAL D 277 26.55 4.61 23.85
C VAL D 277 28.04 4.91 23.81
N GLY D 278 28.43 5.86 22.96
CA GLY D 278 29.83 6.19 22.80
C GLY D 278 30.32 7.13 23.87
N GLN D 279 31.59 7.52 23.74
CA GLN D 279 32.20 8.43 24.70
C GLN D 279 31.71 9.85 24.46
N ALA D 280 31.45 10.56 25.55
CA ALA D 280 30.95 11.92 25.44
C ALA D 280 32.09 12.90 25.20
N PRO D 281 31.81 14.06 24.63
CA PRO D 281 32.86 15.07 24.45
C PRO D 281 33.43 15.53 25.78
N GLU D 282 34.40 16.43 25.69
CA GLU D 282 35.18 16.82 26.87
C GLU D 282 34.29 17.46 27.92
N GLY D 283 33.50 18.46 27.55
CA GLY D 283 32.76 19.23 28.52
C GLY D 283 31.36 18.73 28.80
N VAL D 284 31.06 17.51 28.38
CA VAL D 284 29.73 16.92 28.50
C VAL D 284 29.84 15.63 29.28
N GLU D 285 28.94 15.45 30.25
CA GLU D 285 28.89 14.25 31.07
C GLU D 285 27.67 13.44 30.69
N VAL D 286 27.87 12.14 30.45
CA VAL D 286 26.79 11.24 30.06
C VAL D 286 26.50 10.30 31.22
N LYS D 287 25.29 10.38 31.75
CA LYS D 287 24.82 9.48 32.80
C LYS D 287 23.72 8.62 32.22
N GLU D 288 23.91 7.30 32.27
CA GLU D 288 23.06 6.35 31.58
C GLU D 288 22.41 5.36 32.53
N MET D 289 22.70 5.43 33.83
CA MET D 289 22.20 4.43 34.78
C MET D 289 20.68 4.42 34.87
N LEU D 290 19.99 5.32 34.19
CA LEU D 290 18.55 5.39 34.28
C LEU D 290 17.91 4.31 33.42
N MET E 1 -17.47 -1.67 50.60
CA MET E 1 -16.43 -2.12 49.64
C MET E 1 -15.20 -1.22 49.72
N THR E 2 -14.04 -1.83 49.87
CA THR E 2 -12.77 -1.11 49.92
C THR E 2 -11.85 -1.63 48.82
N ALA E 3 -11.22 -0.72 48.11
CA ALA E 3 -10.41 -1.09 46.96
C ALA E 3 -9.13 -1.78 47.41
N ILE E 4 -8.51 -2.50 46.47
CA ILE E 4 -7.24 -3.14 46.73
C ILE E 4 -6.19 -2.08 47.05
N ALA E 5 -5.11 -2.50 47.70
CA ALA E 5 -4.08 -1.59 48.16
C ALA E 5 -2.73 -1.81 47.49
N ASN E 6 -2.57 -2.85 46.69
CA ASN E 6 -1.29 -3.17 46.08
C ASN E 6 -1.42 -3.25 44.57
N ARG E 7 -0.29 -3.05 43.89
CA ARG E 7 -0.23 -3.22 42.45
C ARG E 7 0.14 -4.66 42.11
N TYR E 8 -0.51 -5.20 41.09
CA TYR E 8 -0.29 -6.57 40.67
C TYR E 8 0.09 -6.65 39.20
N GLU E 9 0.98 -7.59 38.89
CA GLU E 9 1.23 -8.06 37.54
C GLU E 9 1.15 -9.57 37.56
N PHE E 10 0.65 -10.15 36.47
CA PHE E 10 0.51 -11.60 36.43
C PHE E 10 0.75 -12.11 35.02
N VAL E 11 1.16 -13.38 34.95
CA VAL E 11 1.40 -14.07 33.70
C VAL E 11 0.59 -15.36 33.73
N LEU E 12 -0.15 -15.62 32.66
CA LEU E 12 -0.97 -16.81 32.53
C LEU E 12 -0.47 -17.64 31.35
N LEU E 13 -0.27 -18.93 31.57
CA LEU E 13 0.10 -19.86 30.52
C LEU E 13 -1.06 -20.82 30.27
N PHE E 14 -1.56 -20.81 29.04
CA PHE E 14 -2.63 -21.72 28.64
C PHE E 14 -2.33 -22.24 27.24
N ASP E 15 -2.86 -23.41 26.93
CA ASP E 15 -2.60 -24.05 25.66
C ASP E 15 -3.87 -24.68 25.11
N VAL E 16 -3.86 -24.91 23.80
CA VAL E 16 -4.97 -25.54 23.09
C VAL E 16 -4.44 -26.76 22.36
N GLU E 17 -5.28 -27.79 22.25
CA GLU E 17 -4.91 -29.03 21.58
C GLU E 17 -6.00 -29.42 20.60
N ASN E 18 -5.66 -29.44 19.32
CA ASN E 18 -6.61 -29.77 18.26
C ASN E 18 -7.87 -28.95 18.38
N GLY E 19 -7.71 -27.64 18.45
CA GLY E 19 -8.86 -26.76 18.56
C GLY E 19 -8.54 -25.37 18.06
N ASN E 20 -9.60 -24.59 17.87
CA ASN E 20 -9.45 -23.20 17.48
C ASN E 20 -9.57 -22.33 18.73
N PRO E 21 -8.48 -21.73 19.21
CA PRO E 21 -8.59 -20.93 20.43
C PRO E 21 -9.28 -19.60 20.23
N ASN E 22 -9.15 -19.00 19.06
CA ASN E 22 -9.81 -17.74 18.76
C ASN E 22 -9.90 -17.53 17.25
N GLY E 23 -11.11 -17.51 16.72
CA GLY E 23 -11.27 -17.40 15.28
C GLY E 23 -11.06 -15.98 14.80
N ASP E 24 -10.67 -15.87 13.53
CA ASP E 24 -10.43 -14.58 12.91
C ASP E 24 -11.61 -14.23 12.01
N PRO E 25 -12.42 -13.22 12.34
CA PRO E 25 -13.56 -12.89 11.48
C PRO E 25 -13.17 -12.54 10.05
N ASP E 26 -12.00 -11.97 9.82
CA ASP E 26 -11.58 -11.61 8.48
C ASP E 26 -11.10 -12.81 7.69
N ALA E 27 -10.07 -13.50 8.18
CA ALA E 27 -9.52 -14.66 7.48
C ALA E 27 -10.44 -15.86 7.64
N GLY E 28 -11.63 -15.80 7.04
CA GLY E 28 -12.58 -16.88 7.20
C GLY E 28 -12.86 -17.10 8.67
N ASN E 29 -12.38 -18.22 9.22
CA ASN E 29 -12.41 -18.42 10.66
C ASN E 29 -11.11 -19.05 11.15
N MET E 30 -10.02 -18.89 10.42
CA MET E 30 -8.76 -19.47 10.84
C MET E 30 -8.33 -18.87 12.17
N PRO E 31 -7.65 -19.63 13.01
CA PRO E 31 -7.14 -19.06 14.26
C PRO E 31 -6.21 -17.90 13.99
N ARG E 32 -6.32 -16.86 14.81
CA ARG E 32 -5.49 -15.67 14.62
C ARG E 32 -4.02 -16.05 14.67
N ILE E 33 -3.25 -15.54 13.72
CA ILE E 33 -1.81 -15.73 13.68
C ILE E 33 -1.15 -14.39 13.41
N ASP E 34 0.11 -14.28 13.79
CA ASP E 34 0.90 -13.13 13.41
C ASP E 34 1.30 -13.33 11.95
N PRO E 35 0.88 -12.48 11.02
CA PRO E 35 1.11 -12.79 9.60
C PRO E 35 2.56 -12.85 9.20
N GLU E 36 3.47 -12.24 9.98
CA GLU E 36 4.87 -12.20 9.61
C GLU E 36 5.69 -13.31 10.24
N THR E 37 5.38 -13.70 11.47
CA THR E 37 6.15 -14.69 12.20
C THR E 37 5.42 -16.00 12.40
N GLY E 38 4.11 -16.05 12.16
CA GLY E 38 3.38 -17.29 12.30
C GLY E 38 3.02 -17.68 13.71
N HIS E 39 3.28 -16.83 14.69
CA HIS E 39 2.87 -17.12 16.06
C HIS E 39 1.37 -16.90 16.21
N GLY E 40 0.74 -17.76 17.00
CA GLY E 40 -0.68 -17.62 17.23
C GLY E 40 -0.99 -16.47 18.18
N LEU E 41 -2.20 -15.93 18.04
CA LEU E 41 -2.67 -14.82 18.86
C LEU E 41 -4.06 -15.11 19.38
N VAL E 42 -4.32 -14.63 20.60
CA VAL E 42 -5.66 -14.64 21.18
C VAL E 42 -5.92 -13.26 21.74
N THR E 43 -6.95 -12.59 21.24
CA THR E 43 -7.24 -11.23 21.68
C THR E 43 -7.58 -11.22 23.17
N ASP E 44 -7.18 -10.14 23.84
CA ASP E 44 -7.55 -9.97 25.24
C ASP E 44 -9.06 -9.96 25.40
N VAL E 45 -9.77 -9.55 24.36
CA VAL E 45 -11.24 -9.53 24.41
C VAL E 45 -11.78 -10.94 24.63
N CYS E 46 -11.17 -11.94 23.98
CA CYS E 46 -11.64 -13.31 24.14
C CYS E 46 -11.47 -13.79 25.58
N LEU E 47 -10.30 -13.55 26.17
CA LEU E 47 -10.07 -13.98 27.55
C LEU E 47 -10.98 -13.23 28.51
N LYS E 48 -11.19 -11.94 28.28
CA LYS E 48 -12.11 -11.19 29.13
C LYS E 48 -13.53 -11.72 29.00
N ARG E 49 -13.92 -12.14 27.80
CA ARG E 49 -15.23 -12.76 27.62
C ARG E 49 -15.33 -14.04 28.44
N LYS E 50 -14.27 -14.85 28.41
CA LYS E 50 -14.32 -16.09 29.19
C LYS E 50 -14.39 -15.81 30.68
N ILE E 51 -13.69 -14.77 31.15
CA ILE E 51 -13.79 -14.39 32.56
C ILE E 51 -15.20 -13.93 32.88
N ARG E 52 -15.80 -13.13 32.00
CA ARG E 52 -17.18 -12.69 32.20
C ARG E 52 -18.11 -13.89 32.31
N ASN E 53 -17.94 -14.86 31.41
CA ASN E 53 -18.79 -16.05 31.43
C ASN E 53 -18.62 -16.83 32.72
N HIS E 54 -17.38 -16.99 33.17
CA HIS E 54 -17.14 -17.72 34.42
C HIS E 54 -17.79 -17.01 35.60
N VAL E 55 -17.65 -15.69 35.67
CA VAL E 55 -18.26 -14.94 36.76
C VAL E 55 -19.78 -15.10 36.72
N ALA E 56 -20.38 -14.99 35.54
CA ALA E 56 -21.82 -15.14 35.43
C ALA E 56 -22.26 -16.54 35.86
N LEU E 57 -21.49 -17.56 35.48
CA LEU E 57 -21.85 -18.93 35.81
C LEU E 57 -21.76 -19.17 37.32
N THR E 58 -20.71 -18.66 37.96
CA THR E 58 -20.49 -18.97 39.37
C THR E 58 -21.31 -18.11 40.31
N LYS E 59 -21.49 -16.83 40.00
CA LYS E 59 -22.23 -15.93 40.90
C LYS E 59 -23.72 -15.91 40.61
N GLU E 60 -24.18 -16.55 39.54
CA GLU E 60 -25.59 -16.68 39.24
C GLU E 60 -26.31 -15.34 39.16
N GLY E 61 -25.59 -14.28 38.77
CA GLY E 61 -26.20 -12.98 38.70
C GLY E 61 -26.56 -12.39 40.04
N ALA E 62 -25.90 -12.81 41.11
CA ALA E 62 -26.17 -12.26 42.42
C ALA E 62 -25.94 -10.76 42.43
N GLU E 63 -26.39 -10.11 43.49
CA GLU E 63 -26.26 -8.66 43.58
C GLU E 63 -24.80 -8.25 43.56
N ARG E 64 -24.52 -7.13 42.90
CA ARG E 64 -23.18 -6.57 42.79
C ARG E 64 -22.27 -7.41 41.92
N PHE E 65 -22.81 -8.41 41.23
CA PHE E 65 -22.03 -9.28 40.37
C PHE E 65 -22.74 -9.55 39.04
N ASN E 66 -23.52 -8.58 38.56
CA ASN E 66 -24.09 -8.69 37.24
C ASN E 66 -23.03 -8.42 36.19
N ILE E 67 -23.26 -8.91 34.97
CA ILE E 67 -22.37 -8.72 33.84
C ILE E 67 -23.05 -7.76 32.88
N TYR E 68 -22.34 -6.67 32.55
CA TYR E 68 -22.92 -5.62 31.74
C TYR E 68 -22.99 -6.03 30.27
N ILE E 69 -21.87 -6.48 29.71
CA ILE E 69 -21.83 -6.98 28.33
C ILE E 69 -22.37 -8.41 28.37
N GLN E 70 -23.64 -8.58 28.03
CA GLN E 70 -24.30 -9.86 28.14
C GLN E 70 -25.03 -10.17 26.83
N GLU E 71 -25.14 -11.45 26.52
CA GLU E 71 -25.74 -11.88 25.27
C GLU E 71 -27.15 -11.31 25.11
N LYS E 72 -27.41 -10.75 23.94
CA LYS E 72 -28.72 -10.22 23.56
C LYS E 72 -29.23 -9.17 24.54
N ALA E 73 -28.35 -8.49 25.26
CA ALA E 73 -28.78 -7.41 26.13
C ALA E 73 -28.65 -6.07 25.41
N ILE E 74 -29.63 -5.20 25.64
CA ILE E 74 -29.64 -3.86 25.08
C ILE E 74 -29.01 -2.93 26.12
N LEU E 75 -27.88 -2.33 25.77
CA LEU E 75 -27.11 -1.59 26.77
C LEU E 75 -27.81 -0.30 27.19
N ASN E 76 -28.49 0.37 26.24
CA ASN E 76 -29.21 1.58 26.59
C ASN E 76 -30.28 1.30 27.64
N GLU E 77 -30.85 0.09 27.64
CA GLU E 77 -31.78 -0.27 28.69
C GLU E 77 -31.11 -0.26 30.05
N THR E 78 -29.89 -0.79 30.14
CA THR E 78 -29.16 -0.75 31.40
C THR E 78 -28.81 0.68 31.80
N HIS E 79 -28.47 1.52 30.82
CA HIS E 79 -28.19 2.92 31.13
C HIS E 79 -29.42 3.60 31.70
N GLU E 80 -30.60 3.34 31.11
CA GLU E 80 -31.83 3.88 31.65
C GLU E 80 -32.11 3.34 33.05
N ARG E 81 -31.81 2.06 33.29
CA ARG E 81 -31.94 1.52 34.63
C ARG E 81 -31.10 2.31 35.62
N ALA E 82 -29.86 2.60 35.26
CA ALA E 82 -28.99 3.36 36.16
C ALA E 82 -29.54 4.75 36.40
N TYR E 83 -29.99 5.42 35.33
CA TYR E 83 -30.54 6.76 35.49
C TYR E 83 -31.75 6.76 36.43
N THR E 84 -32.64 5.80 36.24
CA THR E 84 -33.82 5.72 37.12
C THR E 84 -33.41 5.41 38.55
N ALA E 85 -32.43 4.52 38.74
CA ALA E 85 -31.98 4.20 40.09
C ALA E 85 -31.43 5.44 40.78
N CYS E 86 -30.74 6.30 40.04
CA CYS E 86 -30.29 7.57 40.60
C CYS E 86 -31.34 8.66 40.48
N ASP E 87 -32.49 8.36 39.89
CA ASP E 87 -33.65 9.27 39.82
C ASP E 87 -33.32 10.55 39.02
N LEU E 88 -32.40 10.44 38.07
CA LEU E 88 -32.15 11.50 37.11
C LEU E 88 -32.99 11.26 35.86
N LYS E 89 -33.03 12.29 35.00
CA LYS E 89 -33.68 12.17 33.71
C LYS E 89 -32.64 12.16 32.60
N PRO E 90 -32.52 11.09 31.81
CA PRO E 90 -31.43 11.03 30.84
C PRO E 90 -31.61 11.97 29.66
N GLU E 91 -30.83 13.04 29.64
CA GLU E 91 -30.79 13.90 28.46
C GLU E 91 -30.13 13.15 27.31
N PRO E 92 -30.67 13.23 26.09
CA PRO E 92 -30.11 12.42 25.00
C PRO E 92 -28.67 12.79 24.71
N LYS E 93 -27.80 11.77 24.72
CA LYS E 93 -26.40 11.86 24.33
C LYS E 93 -25.57 12.72 25.27
N LYS E 94 -26.07 13.07 26.44
CA LYS E 94 -25.38 13.98 27.35
C LYS E 94 -25.41 13.45 28.77
N LEU E 95 -24.33 13.69 29.51
CA LEU E 95 -24.29 13.38 30.92
C LEU E 95 -25.07 14.42 31.71
N PRO E 96 -25.48 14.10 32.93
CA PRO E 96 -26.12 15.11 33.77
C PRO E 96 -25.20 16.30 34.00
N LYS E 97 -25.80 17.49 34.03
CA LYS E 97 -24.99 18.71 34.05
C LYS E 97 -24.14 18.80 35.31
N LYS E 98 -24.71 18.49 36.47
CA LYS E 98 -23.97 18.57 37.72
C LYS E 98 -23.02 17.39 37.82
N VAL E 99 -21.75 17.68 38.13
CA VAL E 99 -20.74 16.62 38.16
C VAL E 99 -21.07 15.58 39.21
N GLU E 100 -21.71 15.99 40.31
CA GLU E 100 -22.09 15.02 41.34
C GLU E 100 -23.06 13.98 40.80
N ASP E 101 -24.04 14.43 40.01
CA ASP E 101 -25.00 13.50 39.44
C ASP E 101 -24.33 12.55 38.45
N ALA E 102 -23.40 13.07 37.64
CA ALA E 102 -22.68 12.22 36.70
C ALA E 102 -21.86 11.17 37.45
N LYS E 103 -21.17 11.58 38.51
CA LYS E 103 -20.42 10.61 39.29
C LYS E 103 -21.34 9.57 39.90
N ARG E 104 -22.51 10.00 40.38
CA ARG E 104 -23.46 9.05 40.96
C ARG E 104 -23.90 8.03 39.92
N VAL E 105 -24.27 8.48 38.72
CA VAL E 105 -24.77 7.56 37.72
C VAL E 105 -23.69 6.60 37.27
N THR E 106 -22.46 7.10 37.10
CA THR E 106 -21.36 6.20 36.74
C THR E 106 -21.07 5.21 37.86
N ASP E 107 -21.09 5.68 39.12
CA ASP E 107 -20.75 4.83 40.24
C ASP E 107 -21.79 3.74 40.47
N TRP E 108 -23.05 4.01 40.16
CA TRP E 108 -24.08 3.00 40.35
C TRP E 108 -23.75 1.74 39.56
N MET E 109 -23.50 1.90 38.26
CA MET E 109 -23.24 0.74 37.41
C MET E 109 -21.79 0.28 37.52
N CYS E 110 -20.90 1.12 38.04
CA CYS E 110 -19.59 0.62 38.42
C CYS E 110 -19.68 -0.25 39.67
N THR E 111 -20.73 -0.05 40.47
CA THR E 111 -20.88 -0.78 41.71
C THR E 111 -21.56 -2.11 41.51
N ASN E 112 -22.66 -2.13 40.74
CA ASN E 112 -23.45 -3.34 40.63
C ASN E 112 -23.21 -4.13 39.35
N PHE E 113 -22.18 -3.80 38.58
CA PHE E 113 -21.75 -4.61 37.45
C PHE E 113 -20.30 -5.00 37.64
N TYR E 114 -20.03 -6.29 37.77
CA TYR E 114 -18.68 -6.74 38.07
C TYR E 114 -17.71 -6.39 36.94
N ASP E 115 -18.13 -6.59 35.69
CA ASP E 115 -17.20 -6.40 34.59
C ASP E 115 -16.92 -4.93 34.33
N ILE E 116 -17.85 -4.03 34.65
CA ILE E 116 -17.53 -2.61 34.60
C ILE E 116 -16.56 -2.25 35.70
N ARG E 117 -16.77 -2.80 36.90
CA ARG E 117 -15.88 -2.57 38.01
C ARG E 117 -14.47 -3.08 37.73
N THR E 118 -14.35 -4.12 36.91
CA THR E 118 -13.07 -4.79 36.69
C THR E 118 -12.37 -4.29 35.42
N PHE E 119 -13.03 -4.41 34.28
CA PHE E 119 -12.44 -4.07 32.99
C PHE E 119 -12.84 -2.70 32.49
N GLY E 120 -13.73 -2.00 33.18
CA GLY E 120 -14.20 -0.71 32.71
C GLY E 120 -15.18 -0.86 31.57
N ALA E 121 -15.62 0.29 31.04
CA ALA E 121 -16.59 0.28 29.96
C ALA E 121 -16.68 1.67 29.35
N VAL E 122 -17.13 1.71 28.10
CA VAL E 122 -17.44 2.94 27.39
C VAL E 122 -18.95 3.01 27.22
N MET E 123 -19.58 3.99 27.87
CA MET E 123 -21.03 4.06 27.93
C MET E 123 -21.56 5.39 27.41
N THR E 124 -20.84 6.04 26.50
CA THR E 124 -21.27 7.34 25.98
C THR E 124 -22.22 7.16 24.81
N THR E 125 -23.29 6.41 25.01
CA THR E 125 -24.30 6.20 23.98
C THR E 125 -25.38 7.28 24.11
N GLU E 126 -26.50 7.09 23.41
CA GLU E 126 -27.59 8.06 23.49
C GLU E 126 -28.08 8.25 24.93
N VAL E 127 -28.03 7.20 25.75
CA VAL E 127 -28.20 7.33 27.19
C VAL E 127 -26.81 7.29 27.80
N ASN E 128 -26.20 8.46 27.95
CA ASN E 128 -24.80 8.56 28.33
C ASN E 128 -24.63 8.26 29.81
N CYS E 129 -23.68 7.38 30.14
CA CYS E 129 -23.33 7.07 31.52
C CYS E 129 -21.84 7.23 31.78
N GLY E 130 -21.11 7.87 30.87
CA GLY E 130 -19.69 8.11 31.07
C GLY E 130 -18.81 6.97 30.62
N GLN E 131 -17.64 6.82 31.26
CA GLN E 131 -16.69 5.79 30.88
C GLN E 131 -15.84 5.44 32.09
N VAL E 132 -15.19 4.28 32.02
CA VAL E 132 -14.35 3.77 33.09
C VAL E 132 -13.16 3.07 32.46
N ARG E 133 -11.99 3.17 33.10
CA ARG E 133 -10.81 2.48 32.59
C ARG E 133 -10.73 1.06 33.15
N GLY E 134 -11.02 0.89 34.43
CA GLY E 134 -10.98 -0.41 35.03
C GLY E 134 -9.57 -0.80 35.43
N PRO E 135 -9.39 -1.24 36.67
CA PRO E 135 -8.03 -1.54 37.13
C PRO E 135 -7.36 -2.69 36.39
N VAL E 136 -8.12 -3.66 35.90
CA VAL E 136 -7.56 -4.88 35.34
C VAL E 136 -7.46 -4.74 33.83
N GLN E 137 -6.27 -4.94 33.29
CA GLN E 137 -6.02 -4.92 31.86
C GLN E 137 -5.23 -6.16 31.46
N MET E 138 -5.46 -6.63 30.25
CA MET E 138 -4.78 -7.79 29.72
C MET E 138 -4.31 -7.50 28.30
N ALA E 139 -3.15 -8.02 27.95
CA ALA E 139 -2.61 -7.87 26.61
C ALA E 139 -2.93 -9.10 25.77
N PHE E 140 -2.70 -8.98 24.47
CA PHE E 140 -2.90 -10.12 23.58
C PHE E 140 -2.05 -11.28 24.03
N ALA E 141 -2.65 -12.47 24.05
CA ALA E 141 -1.88 -13.68 24.28
C ALA E 141 -1.18 -14.09 22.99
N ARG E 142 0.04 -14.59 23.15
CA ARG E 142 0.89 -14.93 22.00
C ARG E 142 1.55 -16.27 22.26
N SER E 143 1.49 -17.15 21.27
CA SER E 143 2.09 -18.47 21.41
C SER E 143 3.61 -18.35 21.52
N VAL E 144 4.21 -19.27 22.28
CA VAL E 144 5.65 -19.22 22.47
C VAL E 144 6.40 -19.67 21.23
N GLU E 145 5.80 -20.51 20.40
CA GLU E 145 6.41 -20.98 19.16
C GLU E 145 5.38 -20.84 18.03
N PRO E 146 5.84 -20.79 16.79
CA PRO E 146 4.89 -20.67 15.68
C PRO E 146 3.91 -21.83 15.64
N VAL E 147 2.69 -21.53 15.22
CA VAL E 147 1.63 -22.52 15.08
C VAL E 147 1.30 -22.67 13.61
N VAL E 148 1.13 -23.91 13.18
CA VAL E 148 0.76 -24.20 11.79
C VAL E 148 -0.68 -24.72 11.77
N PRO E 149 -1.67 -23.85 11.71
CA PRO E 149 -3.06 -24.32 11.74
C PRO E 149 -3.37 -25.24 10.55
N GLN E 150 -4.19 -26.24 10.81
CA GLN E 150 -4.60 -27.21 9.81
C GLN E 150 -6.08 -27.03 9.52
N GLU E 151 -6.42 -26.92 8.24
CA GLU E 151 -7.82 -26.91 7.83
C GLU E 151 -8.31 -28.34 7.70
N VAL E 152 -9.46 -28.62 8.30
CA VAL E 152 -10.05 -29.94 8.31
C VAL E 152 -11.37 -29.86 7.57
N SER E 153 -11.47 -30.57 6.44
CA SER E 153 -12.69 -30.56 5.66
C SER E 153 -13.60 -31.69 6.10
N ILE E 154 -14.88 -31.36 6.30
CA ILE E 154 -15.87 -32.30 6.81
C ILE E 154 -17.09 -32.25 5.90
N THR E 155 -17.91 -33.29 5.98
CA THR E 155 -19.10 -33.44 5.15
C THR E 155 -20.34 -33.47 6.02
N ARG E 156 -21.44 -32.95 5.49
CA ARG E 156 -22.71 -32.93 6.21
C ARG E 156 -23.70 -33.88 5.55
N MET E 157 -24.39 -34.68 6.35
CA MET E 157 -25.27 -35.74 5.88
C MET E 157 -26.66 -35.22 5.51
N ALA E 158 -26.85 -33.93 5.32
CA ALA E 158 -28.17 -33.37 5.09
C ALA E 158 -28.02 -32.03 4.38
N VAL E 159 -29.12 -31.53 3.84
CA VAL E 159 -29.16 -30.27 3.11
C VAL E 159 -30.08 -29.30 3.83
N THR E 160 -29.65 -28.05 3.93
CA THR E 160 -30.42 -27.05 4.67
C THR E 160 -31.79 -26.83 4.04
N THR E 161 -31.84 -26.65 2.71
CA THR E 161 -33.06 -26.27 2.03
C THR E 161 -33.22 -27.09 0.76
N LYS E 162 -34.47 -27.19 0.31
CA LYS E 162 -34.78 -27.91 -0.92
C LYS E 162 -34.25 -27.15 -2.13
N ALA E 163 -33.68 -27.89 -3.08
CA ALA E 163 -33.17 -27.31 -4.31
C ALA E 163 -33.01 -28.43 -5.33
N GLU E 164 -32.65 -28.05 -6.56
CA GLU E 164 -32.51 -29.04 -7.63
C GLU E 164 -31.47 -30.10 -7.27
N ALA E 165 -30.31 -29.69 -6.77
CA ALA E 165 -29.29 -30.62 -6.31
C ALA E 165 -29.44 -30.96 -4.84
N GLU E 166 -30.45 -30.41 -4.17
CA GLU E 166 -30.66 -30.64 -2.75
C GLU E 166 -32.01 -31.29 -2.51
N ASP E 171 -30.79 -34.77 2.24
CA ASP E 171 -31.00 -35.71 1.15
C ASP E 171 -29.79 -35.77 0.23
N ASN E 172 -28.87 -34.83 0.40
CA ASN E 172 -27.66 -34.79 -0.41
C ASN E 172 -26.51 -34.27 0.45
N ARG E 173 -25.29 -34.56 0.03
CA ARG E 173 -24.12 -34.19 0.79
C ARG E 173 -23.84 -32.69 0.68
N THR E 174 -23.16 -32.17 1.69
CA THR E 174 -22.64 -30.81 1.67
C THR E 174 -21.27 -30.82 2.33
N MET E 175 -20.49 -29.77 2.08
CA MET E 175 -19.11 -29.70 2.54
C MET E 175 -18.93 -28.60 3.57
N GLY E 176 -18.20 -28.91 4.64
CA GLY E 176 -17.86 -27.94 5.66
C GLY E 176 -16.37 -27.97 5.92
N ARG E 177 -15.94 -27.07 6.81
CA ARG E 177 -14.52 -26.95 7.13
C ARG E 177 -14.36 -26.61 8.61
N LYS E 178 -13.30 -27.14 9.20
CA LYS E 178 -12.88 -26.80 10.55
C LYS E 178 -11.42 -26.36 10.53
N HIS E 179 -11.10 -25.40 11.38
CA HIS E 179 -9.73 -24.97 11.60
C HIS E 179 -9.31 -25.32 13.01
N ILE E 180 -8.13 -25.92 13.14
CA ILE E 180 -7.61 -26.35 14.44
C ILE E 180 -6.14 -25.97 14.53
N VAL E 181 -5.71 -25.65 15.74
CA VAL E 181 -4.28 -25.55 16.02
C VAL E 181 -3.86 -26.91 16.59
N PRO E 182 -2.97 -27.65 15.92
CA PRO E 182 -2.62 -28.97 16.47
C PRO E 182 -2.11 -28.91 17.89
N TYR E 183 -1.35 -27.86 18.21
CA TYR E 183 -0.99 -27.58 19.60
C TYR E 183 -0.32 -26.23 19.65
N GLY E 184 -0.53 -25.51 20.75
CA GLY E 184 0.09 -24.22 20.95
C GLY E 184 0.01 -23.78 22.40
N LEU E 185 1.13 -23.31 22.94
CA LEU E 185 1.20 -22.82 24.30
C LEU E 185 1.24 -21.30 24.27
N TYR E 186 0.27 -20.66 24.91
CA TYR E 186 0.09 -19.22 24.84
C TYR E 186 0.47 -18.58 26.17
N VAL E 187 0.98 -17.36 26.11
CA VAL E 187 1.35 -16.58 27.28
C VAL E 187 0.58 -15.28 27.25
N ALA E 188 -0.08 -14.97 28.37
CA ALA E 188 -0.87 -13.75 28.50
C ALA E 188 -0.36 -12.94 29.68
N HIS E 189 -0.14 -11.64 29.45
CA HIS E 189 0.30 -10.72 30.48
C HIS E 189 -0.85 -9.84 30.92
N GLY E 190 -0.86 -9.46 32.19
CA GLY E 190 -1.92 -8.61 32.71
C GLY E 190 -1.42 -7.73 33.83
N PHE E 191 -2.19 -6.68 34.08
CA PHE E 191 -1.84 -5.68 35.08
C PHE E 191 -3.08 -5.30 35.88
N ILE E 192 -2.87 -5.00 37.16
CA ILE E 192 -3.92 -4.50 38.04
C ILE E 192 -3.37 -3.29 38.77
N SER E 193 -4.06 -2.16 38.67
CA SER E 193 -3.58 -0.90 39.24
C SER E 193 -4.42 -0.51 40.45
N ALA E 194 -3.76 -0.23 41.57
CA ALA E 194 -4.48 0.22 42.75
C ALA E 194 -5.21 1.54 42.55
N PRO E 195 -4.63 2.56 41.91
CA PRO E 195 -5.38 3.82 41.73
C PRO E 195 -6.72 3.65 41.05
N LEU E 196 -6.75 2.97 39.90
CA LEU E 196 -8.01 2.74 39.22
C LEU E 196 -8.97 1.89 40.03
N ALA E 197 -8.46 0.93 40.80
CA ALA E 197 -9.32 0.16 41.69
C ALA E 197 -9.98 1.06 42.72
N GLU E 198 -9.21 1.98 43.30
CA GLU E 198 -9.80 2.95 44.21
C GLU E 198 -10.85 3.80 43.51
N LYS E 199 -10.62 4.12 42.25
CA LYS E 199 -11.61 4.87 41.48
C LYS E 199 -12.90 4.07 41.30
N THR E 200 -12.79 2.76 41.04
CA THR E 200 -13.95 1.93 40.73
C THR E 200 -14.44 1.10 41.92
N GLY E 201 -13.64 0.96 42.97
CA GLY E 201 -14.02 0.14 44.09
C GLY E 201 -13.67 -1.33 43.97
N PHE E 202 -12.91 -1.70 42.94
CA PHE E 202 -12.46 -3.08 42.79
C PHE E 202 -11.72 -3.52 44.05
N SER E 203 -12.30 -4.50 44.76
CA SER E 203 -11.83 -4.87 46.09
C SER E 203 -11.11 -6.22 46.05
N ASP E 204 -10.73 -6.68 47.25
CA ASP E 204 -10.01 -7.95 47.36
C ASP E 204 -10.92 -9.13 47.03
N GLU E 205 -12.20 -9.05 47.38
CA GLU E 205 -13.13 -10.10 47.00
C GLU E 205 -13.18 -10.24 45.48
N ASP E 206 -13.29 -9.11 44.78
CA ASP E 206 -13.27 -9.14 43.33
C ASP E 206 -11.96 -9.72 42.80
N LEU E 207 -10.85 -9.43 43.48
CA LEU E 207 -9.56 -9.94 43.02
C LEU E 207 -9.47 -11.45 43.19
N THR E 208 -9.96 -11.97 44.31
CA THR E 208 -9.99 -13.42 44.49
C THR E 208 -10.88 -14.07 43.45
N LEU E 209 -12.03 -13.47 43.17
CA LEU E 209 -12.90 -13.99 42.13
C LEU E 209 -12.21 -13.96 40.77
N PHE E 210 -11.40 -12.93 40.52
CA PHE E 210 -10.68 -12.83 39.25
C PHE E 210 -9.63 -13.93 39.13
N TRP E 211 -8.88 -14.18 40.22
CA TRP E 211 -7.93 -15.28 40.19
C TRP E 211 -8.63 -16.61 39.95
N ASP E 212 -9.77 -16.82 40.62
CA ASP E 212 -10.54 -18.04 40.42
C ASP E 212 -10.97 -18.16 38.96
N ALA E 213 -11.43 -17.06 38.36
CA ALA E 213 -11.84 -17.09 36.96
C ALA E 213 -10.67 -17.47 36.07
N LEU E 214 -9.50 -16.88 36.30
CA LEU E 214 -8.34 -17.21 35.48
C LEU E 214 -7.99 -18.69 35.60
N VAL E 215 -7.99 -19.22 36.82
CA VAL E 215 -7.61 -20.63 37.00
C VAL E 215 -8.61 -21.55 36.32
N ASN E 216 -9.91 -21.27 36.46
CA ASN E 216 -10.96 -22.11 35.92
C ASN E 216 -11.63 -21.51 34.69
N MET E 217 -10.90 -20.72 33.91
CA MET E 217 -11.50 -20.00 32.79
C MET E 217 -12.07 -20.96 31.76
N PHE E 218 -11.29 -21.96 31.35
CA PHE E 218 -11.62 -22.78 30.19
C PHE E 218 -12.43 -24.02 30.53
N GLU E 219 -12.64 -24.31 31.81
CA GLU E 219 -13.30 -25.56 32.18
C GLU E 219 -14.78 -25.58 31.80
N HIS E 220 -15.35 -24.44 31.41
CA HIS E 220 -16.78 -24.36 31.14
C HIS E 220 -17.11 -23.74 29.79
N ASP E 221 -16.13 -23.54 28.91
CA ASP E 221 -16.39 -23.06 27.57
C ASP E 221 -16.12 -24.12 26.50
N ARG E 222 -16.28 -25.39 26.86
CA ARG E 222 -16.09 -26.47 25.89
C ARG E 222 -17.09 -26.33 24.74
N SER E 223 -16.62 -26.62 23.53
CA SER E 223 -17.48 -26.56 22.36
C SER E 223 -16.88 -27.45 21.28
N ALA E 224 -17.60 -27.59 20.17
CA ALA E 224 -17.15 -28.44 19.08
C ALA E 224 -15.95 -27.84 18.35
N ALA E 225 -15.68 -26.56 18.53
CA ALA E 225 -14.57 -25.91 17.83
C ALA E 225 -13.36 -25.67 18.73
N ARG E 226 -13.56 -25.56 20.03
CA ARG E 226 -12.47 -25.16 20.92
C ARG E 226 -11.47 -26.29 21.17
N GLY E 227 -11.87 -27.54 21.00
CA GLY E 227 -10.96 -28.60 21.38
C GLY E 227 -10.73 -28.61 22.88
N LEU E 228 -9.52 -28.94 23.28
CA LEU E 228 -9.13 -29.02 24.68
C LEU E 228 -8.22 -27.85 25.02
N MET E 229 -8.74 -26.90 25.79
CA MET E 229 -7.98 -25.76 26.27
C MET E 229 -7.86 -25.86 27.80
N SER E 230 -6.69 -25.47 28.31
CA SER E 230 -6.40 -25.65 29.73
C SER E 230 -5.50 -24.54 30.22
N SER E 231 -5.64 -24.20 31.50
CA SER E 231 -4.71 -23.29 32.15
C SER E 231 -3.60 -24.08 32.82
N ARG E 232 -2.36 -23.61 32.64
CA ARG E 232 -1.21 -24.40 33.05
C ARG E 232 -0.43 -23.75 34.19
N LYS E 233 -0.13 -22.46 34.07
CA LYS E 233 0.58 -21.73 35.10
C LYS E 233 -0.07 -20.37 35.31
N LEU E 234 -0.04 -19.89 36.54
CA LEU E 234 -0.51 -18.55 36.86
C LEU E 234 0.47 -17.95 37.87
N ILE E 235 1.30 -17.02 37.41
CA ILE E 235 2.29 -16.35 38.24
C ILE E 235 1.78 -14.94 38.49
N VAL E 236 1.64 -14.56 39.76
CA VAL E 236 1.18 -13.23 40.14
C VAL E 236 2.28 -12.55 40.94
N PHE E 237 2.59 -11.31 40.57
CA PHE E 237 3.57 -10.51 41.26
C PHE E 237 2.84 -9.42 42.04
N LYS E 238 3.02 -9.41 43.36
CA LYS E 238 2.37 -8.46 44.24
C LYS E 238 3.40 -7.48 44.78
N HIS E 239 3.18 -6.19 44.54
CA HIS E 239 4.07 -5.15 45.01
C HIS E 239 3.64 -4.71 46.41
N GLN E 240 4.62 -4.30 47.21
CA GLN E 240 4.31 -3.77 48.54
C GLN E 240 3.77 -2.34 48.48
N ASN E 241 4.02 -1.62 47.40
CA ASN E 241 3.60 -0.24 47.25
C ASN E 241 2.30 -0.16 46.47
N ARG E 242 1.65 1.00 46.57
CA ARG E 242 0.48 1.26 45.76
C ARG E 242 0.87 1.48 44.30
N LEU E 243 2.04 2.05 44.06
CA LEU E 243 2.47 2.41 42.72
C LEU E 243 3.51 1.47 42.13
N GLY E 244 4.03 0.53 42.91
CA GLY E 244 4.92 -0.48 42.40
C GLY E 244 6.34 -0.33 42.91
N ASN E 245 7.14 -1.36 42.63
CA ASN E 245 8.53 -1.42 43.06
C ASN E 245 9.46 -1.89 41.97
N ALA E 246 8.96 -2.23 40.78
CA ALA E 246 9.79 -2.69 39.69
C ALA E 246 9.02 -2.50 38.39
N PRO E 247 9.71 -2.38 37.26
CA PRO E 247 9.00 -2.30 35.97
C PRO E 247 8.28 -3.60 35.67
N ALA E 248 7.18 -3.48 34.92
CA ALA E 248 6.40 -4.66 34.56
C ALA E 248 7.21 -5.62 33.71
N HIS E 249 7.97 -5.09 32.73
CA HIS E 249 8.70 -5.96 31.83
C HIS E 249 9.76 -6.77 32.56
N LYS E 250 10.38 -6.21 33.60
CA LYS E 250 11.36 -6.96 34.36
C LYS E 250 10.74 -8.17 35.03
N LEU E 251 9.54 -8.02 35.58
CA LEU E 251 8.87 -9.14 36.23
C LEU E 251 8.47 -10.20 35.20
N PHE E 252 7.91 -9.77 34.08
CA PHE E 252 7.52 -10.72 33.04
C PHE E 252 8.71 -11.53 32.56
N ASP E 253 9.89 -10.92 32.53
CA ASP E 253 11.10 -11.63 32.09
C ASP E 253 11.53 -12.69 33.07
N LEU E 254 11.01 -12.71 34.29
CA LEU E 254 11.38 -13.76 35.24
C LEU E 254 10.78 -15.09 34.83
N VAL E 255 9.63 -15.08 34.17
CA VAL E 255 8.98 -16.30 33.70
C VAL E 255 9.57 -16.63 32.33
N LYS E 256 10.26 -17.76 32.24
CA LYS E 256 10.92 -18.18 31.02
C LYS E 256 10.35 -19.52 30.57
N VAL E 257 10.01 -19.61 29.29
CA VAL E 257 9.46 -20.83 28.70
C VAL E 257 10.42 -21.28 27.61
N SER E 258 10.80 -22.55 27.65
CA SER E 258 11.71 -23.12 26.67
C SER E 258 11.41 -24.61 26.53
N ARG E 259 11.86 -25.17 25.42
CA ARG E 259 11.62 -26.58 25.15
C ARG E 259 12.38 -27.44 26.16
N ALA E 260 11.73 -28.50 26.63
CA ALA E 260 12.34 -29.37 27.61
C ALA E 260 13.49 -30.15 26.98
N GLU E 261 14.18 -30.92 27.82
CA GLU E 261 15.26 -31.76 27.34
C GLU E 261 14.70 -32.96 26.58
N GLY E 262 15.26 -33.22 25.41
CA GLY E 262 14.81 -34.30 24.57
C GLY E 262 13.65 -33.96 23.66
N SER E 263 13.13 -32.74 23.74
CA SER E 263 12.04 -32.33 22.84
C SER E 263 12.64 -31.85 21.53
N SER E 264 12.34 -32.58 20.44
CA SER E 264 12.97 -32.31 19.16
C SER E 264 11.96 -31.78 18.13
N GLY E 265 10.90 -32.53 17.90
CA GLY E 265 9.93 -32.17 16.89
C GLY E 265 9.04 -31.04 17.34
N PRO E 266 8.03 -30.71 16.54
CA PRO E 266 7.08 -29.67 16.95
C PRO E 266 6.36 -30.07 18.23
N ALA E 267 6.10 -29.08 19.06
CA ALA E 267 5.47 -29.34 20.35
C ALA E 267 4.08 -29.90 20.15
N ARG E 268 3.73 -30.90 20.97
CA ARG E 268 2.40 -31.49 20.93
C ARG E 268 1.84 -31.77 22.32
N SER E 269 2.48 -31.30 23.38
CA SER E 269 1.95 -31.43 24.73
C SER E 269 2.65 -30.42 25.61
N PHE E 270 2.08 -30.17 26.78
CA PHE E 270 2.72 -29.26 27.73
C PHE E 270 4.02 -29.84 28.24
N ALA E 271 4.20 -31.16 28.16
CA ALA E 271 5.43 -31.78 28.60
C ALA E 271 6.62 -31.44 27.70
N ASP E 272 6.36 -30.84 26.54
CA ASP E 272 7.44 -30.47 25.64
C ASP E 272 8.12 -29.17 26.04
N TYR E 273 7.61 -28.48 27.06
CA TYR E 273 8.15 -27.20 27.50
C TYR E 273 8.56 -27.28 28.96
N ALA E 274 9.54 -26.46 29.33
CA ALA E 274 9.96 -26.29 30.70
C ALA E 274 9.78 -24.82 31.08
N VAL E 275 9.07 -24.58 32.18
CA VAL E 275 8.78 -23.22 32.65
C VAL E 275 9.48 -23.02 33.97
N THR E 276 10.27 -21.96 34.08
CA THR E 276 10.98 -21.63 35.30
C THR E 276 10.71 -20.17 35.66
N VAL E 277 10.60 -19.91 36.96
CA VAL E 277 10.31 -18.58 37.48
C VAL E 277 11.52 -18.14 38.31
N GLY E 278 12.06 -16.98 37.99
CA GLY E 278 13.22 -16.47 38.68
C GLY E 278 12.88 -15.82 40.01
N GLN E 279 13.89 -15.21 40.61
CA GLN E 279 13.73 -14.55 41.89
C GLN E 279 13.23 -13.13 41.68
N ALA E 280 12.15 -12.77 42.37
CA ALA E 280 11.57 -11.46 42.20
C ALA E 280 12.45 -10.39 42.86
N PRO E 281 12.30 -9.13 42.46
CA PRO E 281 13.04 -8.06 43.12
C PRO E 281 12.68 -7.95 44.59
N GLU E 282 13.34 -7.00 45.26
CA GLU E 282 13.20 -6.89 46.71
C GLU E 282 11.76 -6.59 47.09
N GLY E 283 11.17 -5.56 46.50
CA GLY E 283 9.88 -5.09 46.98
C GLY E 283 8.69 -5.75 46.32
N VAL E 284 8.91 -6.91 45.68
CA VAL E 284 7.86 -7.62 44.97
C VAL E 284 7.79 -9.05 45.48
N GLU E 285 6.57 -9.54 45.64
CA GLU E 285 6.30 -10.91 46.08
C GLU E 285 5.73 -11.69 44.91
N VAL E 286 6.24 -12.90 44.69
CA VAL E 286 5.82 -13.76 43.59
C VAL E 286 5.14 -14.99 44.17
N LYS E 287 3.96 -15.31 43.65
CA LYS E 287 3.21 -16.48 44.07
C LYS E 287 2.73 -17.24 42.84
N GLU E 288 2.69 -18.56 42.95
CA GLU E 288 2.21 -19.42 41.86
C GLU E 288 0.81 -19.90 42.22
N MET E 289 -0.20 -19.16 41.76
CA MET E 289 -1.58 -19.57 42.01
C MET E 289 -1.89 -20.94 41.41
N LEU E 290 -1.13 -21.35 40.41
CA LEU E 290 -1.39 -22.61 39.72
C LEU E 290 -0.09 -23.17 39.15
N MET F 1 -38.01 -32.32 31.68
CA MET F 1 -36.69 -32.98 31.43
C MET F 1 -35.70 -32.65 32.54
N THR F 2 -35.65 -33.50 33.56
CA THR F 2 -34.73 -33.31 34.68
C THR F 2 -33.31 -33.53 34.20
N ALA F 3 -32.50 -32.48 34.18
CA ALA F 3 -31.15 -32.57 33.67
C ALA F 3 -30.24 -33.29 34.67
N ILE F 4 -29.07 -33.70 34.17
CA ILE F 4 -28.09 -34.34 35.04
C ILE F 4 -27.62 -33.34 36.09
N ALA F 5 -27.03 -33.86 37.16
CA ALA F 5 -26.64 -33.04 38.30
C ALA F 5 -25.15 -33.11 38.61
N ASN F 6 -24.33 -33.63 37.71
CA ASN F 6 -22.90 -33.75 37.93
C ASN F 6 -22.14 -33.43 36.65
N ARG F 7 -20.88 -33.03 36.81
CA ARG F 7 -19.99 -32.84 35.67
C ARG F 7 -19.25 -34.13 35.39
N TYR F 8 -19.04 -34.43 34.11
CA TYR F 8 -18.41 -35.66 33.69
C TYR F 8 -17.26 -35.38 32.73
N GLU F 9 -16.25 -36.23 32.79
CA GLU F 9 -15.22 -36.33 31.77
C GLU F 9 -14.97 -37.80 31.50
N PHE F 10 -14.67 -38.12 30.24
CA PHE F 10 -14.44 -39.50 29.86
C PHE F 10 -13.37 -39.56 28.79
N VAL F 11 -12.66 -40.69 28.74
CA VAL F 11 -11.72 -40.99 27.67
C VAL F 11 -12.10 -42.34 27.09
N LEU F 12 -12.17 -42.41 25.76
CA LEU F 12 -12.54 -43.63 25.05
C LEU F 12 -11.35 -44.13 24.26
N LEU F 13 -11.05 -45.41 24.39
CA LEU F 13 -9.98 -46.05 23.64
C LEU F 13 -10.59 -46.99 22.62
N PHE F 14 -10.39 -46.69 21.33
CA PHE F 14 -10.85 -47.54 20.26
C PHE F 14 -9.72 -47.68 19.24
N ASP F 15 -9.66 -48.84 18.60
CA ASP F 15 -8.61 -49.15 17.66
C ASP F 15 -9.20 -49.73 16.39
N VAL F 16 -8.44 -49.59 15.29
CA VAL F 16 -8.84 -50.07 13.98
C VAL F 16 -7.75 -50.98 13.46
N GLU F 17 -8.15 -52.05 12.77
CA GLU F 17 -7.22 -53.02 12.20
C GLU F 17 -7.53 -53.19 10.72
N ASN F 18 -6.55 -52.87 9.88
CA ASN F 18 -6.67 -52.99 8.43
C ASN F 18 -7.95 -52.31 7.93
N GLY F 19 -8.11 -51.06 8.32
CA GLY F 19 -9.31 -50.31 7.94
C GLY F 19 -9.04 -48.83 7.87
N ASN F 20 -10.04 -48.12 7.35
CA ASN F 20 -9.98 -46.67 7.24
C ASN F 20 -10.90 -46.07 8.29
N PRO F 21 -10.40 -45.70 9.48
CA PRO F 21 -11.32 -45.20 10.50
C PRO F 21 -12.05 -43.94 10.09
N ASN F 22 -11.41 -43.05 9.32
CA ASN F 22 -12.04 -41.81 8.90
C ASN F 22 -11.25 -41.27 7.73
N GLY F 23 -11.91 -41.16 6.57
CA GLY F 23 -11.22 -40.70 5.38
C GLY F 23 -11.11 -39.20 5.30
N ASP F 24 -10.07 -38.75 4.60
CA ASP F 24 -9.81 -37.33 4.44
C ASP F 24 -10.34 -36.87 3.09
N PRO F 25 -11.37 -36.02 3.04
CA PRO F 25 -11.86 -35.58 1.72
C PRO F 25 -10.81 -34.88 0.88
N ASP F 26 -9.90 -34.12 1.48
CA ASP F 26 -8.89 -33.39 0.71
C ASP F 26 -7.77 -34.30 0.22
N ALA F 27 -7.27 -35.18 1.07
CA ALA F 27 -6.17 -36.06 0.71
C ALA F 27 -6.62 -37.34 0.03
N GLY F 28 -7.45 -37.23 -1.00
CA GLY F 28 -7.83 -38.41 -1.77
C GLY F 28 -8.44 -39.52 -0.95
N ASN F 29 -9.10 -39.18 0.15
CA ASN F 29 -9.76 -40.15 1.02
C ASN F 29 -8.79 -41.02 1.80
N MET F 30 -7.53 -40.60 1.93
CA MET F 30 -6.63 -41.30 2.83
C MET F 30 -7.06 -41.06 4.28
N PRO F 31 -6.69 -41.95 5.19
CA PRO F 31 -7.01 -41.70 6.60
C PRO F 31 -6.41 -40.39 7.08
N ARG F 32 -7.15 -39.67 7.90
CA ARG F 32 -6.66 -38.41 8.42
C ARG F 32 -5.43 -38.64 9.28
N ILE F 33 -4.44 -37.74 9.15
CA ILE F 33 -3.23 -37.79 9.95
C ILE F 33 -2.80 -36.37 10.28
N ASP F 34 -2.00 -36.26 11.33
CA ASP F 34 -1.33 -35.00 11.63
C ASP F 34 -0.08 -34.93 10.75
N PRO F 35 -0.07 -34.11 9.70
CA PRO F 35 1.01 -34.22 8.71
C PRO F 35 2.40 -34.02 9.29
N GLU F 36 2.53 -33.26 10.37
CA GLU F 36 3.85 -33.00 10.92
C GLU F 36 4.41 -34.18 11.72
N THR F 37 3.56 -34.99 12.34
CA THR F 37 4.01 -36.10 13.17
C THR F 37 3.51 -37.46 12.72
N GLY F 38 2.49 -37.53 11.87
CA GLY F 38 2.03 -38.81 11.37
C GLY F 38 1.03 -39.52 12.24
N HIS F 39 0.65 -38.94 13.37
CA HIS F 39 -0.38 -39.56 14.21
C HIS F 39 -1.74 -39.48 13.50
N GLY F 40 -2.50 -40.56 13.59
CA GLY F 40 -3.81 -40.58 12.98
C GLY F 40 -4.80 -39.72 13.73
N LEU F 41 -5.80 -39.22 13.00
CA LEU F 41 -6.85 -38.40 13.57
C LEU F 41 -8.22 -38.91 13.13
N VAL F 42 -9.19 -38.79 14.02
CA VAL F 42 -10.59 -39.04 13.70
C VAL F 42 -11.39 -37.88 14.25
N THR F 43 -12.10 -37.18 13.37
CA THR F 43 -12.86 -36.00 13.78
C THR F 43 -13.93 -36.37 14.79
N ASP F 44 -14.19 -35.46 15.72
CA ASP F 44 -15.30 -35.65 16.65
C ASP F 44 -16.61 -35.82 15.90
N VAL F 45 -16.69 -35.23 14.70
CA VAL F 45 -17.91 -35.33 13.91
C VAL F 45 -18.18 -36.78 13.52
N CYS F 46 -17.13 -37.53 13.19
CA CYS F 46 -17.31 -38.94 12.82
C CYS F 46 -17.88 -39.75 13.98
N LEU F 47 -17.30 -39.57 15.17
CA LEU F 47 -17.80 -40.30 16.34
C LEU F 47 -19.22 -39.87 16.69
N LYS F 48 -19.52 -38.59 16.55
CA LYS F 48 -20.88 -38.12 16.80
C LYS F 48 -21.86 -38.76 15.83
N ARG F 49 -21.47 -38.87 14.56
CA ARG F 49 -22.33 -39.55 13.58
C ARG F 49 -22.54 -41.01 13.98
N LYS F 50 -21.48 -41.67 14.43
CA LYS F 50 -21.63 -43.06 14.85
C LYS F 50 -22.59 -43.19 16.03
N ILE F 51 -22.50 -42.26 16.99
CA ILE F 51 -23.40 -42.27 18.13
C ILE F 51 -24.84 -42.03 17.66
N ARG F 52 -25.02 -41.08 16.75
CA ARG F 52 -26.35 -40.81 16.20
C ARG F 52 -26.92 -42.05 15.55
N ASN F 53 -26.10 -42.76 14.77
CA ASN F 53 -26.55 -43.98 14.10
C ASN F 53 -26.95 -45.03 15.12
N HIS F 54 -26.15 -45.20 16.17
CA HIS F 54 -26.48 -46.19 17.19
C HIS F 54 -27.79 -45.83 17.89
N VAL F 55 -28.00 -44.55 18.19
CA VAL F 55 -29.23 -44.13 18.84
C VAL F 55 -30.42 -44.42 17.93
N ALA F 56 -30.29 -44.07 16.65
CA ALA F 56 -31.39 -44.32 15.71
C ALA F 56 -31.68 -45.81 15.61
N LEU F 57 -30.64 -46.64 15.57
CA LEU F 57 -30.84 -48.08 15.48
C LEU F 57 -31.55 -48.62 16.73
N THR F 58 -31.12 -48.18 17.91
CA THR F 58 -31.64 -48.77 19.14
C THR F 58 -33.05 -48.28 19.46
N LYS F 59 -33.33 -46.99 19.24
CA LYS F 59 -34.61 -46.42 19.62
C LYS F 59 -35.62 -46.41 18.48
N GLU F 60 -35.17 -46.45 17.23
CA GLU F 60 -36.06 -46.56 16.08
C GLU F 60 -37.09 -45.44 16.06
N GLY F 61 -36.66 -44.22 16.36
CA GLY F 61 -37.52 -43.07 16.22
C GLY F 61 -38.58 -42.91 17.29
N ALA F 62 -38.28 -43.29 18.53
CA ALA F 62 -39.21 -43.01 19.62
C ALA F 62 -39.50 -41.52 19.69
N GLU F 63 -40.58 -41.16 20.38
CA GLU F 63 -41.07 -39.79 20.32
C GLU F 63 -40.05 -38.79 20.86
N ARG F 64 -39.21 -39.22 21.79
CA ARG F 64 -38.21 -38.33 22.38
C ARG F 64 -36.81 -38.55 21.83
N PHE F 65 -36.62 -39.50 20.91
CA PHE F 65 -35.28 -39.89 20.47
C PHE F 65 -35.15 -39.84 18.95
N ASN F 66 -35.77 -38.85 18.32
CA ASN F 66 -35.54 -38.62 16.90
C ASN F 66 -34.15 -38.02 16.68
N ILE F 67 -33.64 -38.18 15.47
CA ILE F 67 -32.32 -37.68 15.09
C ILE F 67 -32.51 -36.53 14.11
N TYR F 68 -31.94 -35.38 14.44
CA TYR F 68 -32.16 -34.18 13.65
C TYR F 68 -31.38 -34.22 12.34
N ILE F 69 -30.12 -34.68 12.39
CA ILE F 69 -29.30 -34.80 11.19
C ILE F 69 -29.46 -36.22 10.67
N GLN F 70 -30.17 -36.38 9.55
CA GLN F 70 -30.41 -37.68 8.96
C GLN F 70 -30.10 -37.64 7.47
N GLU F 71 -29.73 -38.80 6.93
CA GLU F 71 -29.30 -38.86 5.53
C GLU F 71 -30.36 -38.30 4.59
N LYS F 72 -31.63 -38.65 4.82
CA LYS F 72 -32.73 -38.18 3.99
C LYS F 72 -33.56 -37.22 4.83
N ALA F 73 -33.16 -35.95 4.83
CA ALA F 73 -33.81 -34.92 5.64
C ALA F 73 -33.44 -33.55 5.12
N ILE F 74 -34.42 -32.65 5.13
CA ILE F 74 -34.23 -31.24 4.82
C ILE F 74 -34.46 -30.47 6.12
N LEU F 75 -33.46 -29.70 6.54
CA LEU F 75 -33.49 -29.14 7.89
C LEU F 75 -34.54 -28.04 8.03
N ASN F 76 -34.74 -27.24 6.97
CA ASN F 76 -35.75 -26.20 7.05
C ASN F 76 -37.14 -26.79 7.23
N GLU F 77 -37.42 -27.90 6.55
CA GLU F 77 -38.71 -28.55 6.72
C GLU F 77 -38.88 -29.07 8.15
N THR F 78 -37.78 -29.46 8.80
CA THR F 78 -37.86 -29.88 10.19
C THR F 78 -38.10 -28.69 11.11
N HIS F 79 -37.47 -27.56 10.83
CA HIS F 79 -37.74 -26.34 11.61
C HIS F 79 -39.19 -25.93 11.47
N GLU F 80 -39.76 -26.10 10.28
CA GLU F 80 -41.16 -25.76 10.07
C GLU F 80 -42.07 -26.62 10.94
N ARG F 81 -41.69 -27.87 11.18
CA ARG F 81 -42.44 -28.70 12.12
C ARG F 81 -42.45 -28.07 13.51
N ALA F 82 -41.29 -27.59 13.96
CA ALA F 82 -41.22 -26.95 15.27
C ALA F 82 -42.12 -25.72 15.32
N TYR F 83 -42.07 -24.91 14.27
CA TYR F 83 -42.90 -23.70 14.25
C TYR F 83 -44.38 -24.05 14.27
N THR F 84 -44.77 -25.07 13.52
CA THR F 84 -46.18 -25.48 13.50
C THR F 84 -46.59 -26.01 14.88
N ALA F 85 -45.76 -26.83 15.49
CA ALA F 85 -46.10 -27.38 16.80
C ALA F 85 -46.28 -26.28 17.84
N CYS F 86 -45.66 -25.13 17.64
CA CYS F 86 -45.85 -23.98 18.50
C CYS F 86 -46.86 -22.99 17.95
N ASP F 87 -47.63 -23.38 16.93
CA ASP F 87 -48.66 -22.55 16.31
C ASP F 87 -48.18 -21.12 16.04
N LEU F 88 -46.87 -20.98 15.79
CA LEU F 88 -46.30 -19.70 15.43
C LEU F 88 -46.15 -19.60 13.91
N LYS F 89 -45.98 -18.37 13.44
CA LYS F 89 -45.78 -18.12 12.02
C LYS F 89 -44.31 -17.85 11.76
N PRO F 90 -43.60 -18.71 11.02
CA PRO F 90 -42.17 -18.48 10.81
C PRO F 90 -41.90 -17.30 9.88
N GLU F 91 -41.39 -16.22 10.43
CA GLU F 91 -41.00 -15.08 9.62
C GLU F 91 -39.78 -15.44 8.78
N PRO F 92 -39.52 -14.69 7.70
CA PRO F 92 -38.57 -15.18 6.69
C PRO F 92 -37.20 -15.56 7.21
N LYS F 93 -36.63 -14.80 8.14
CA LYS F 93 -35.22 -15.00 8.50
C LYS F 93 -34.92 -15.02 9.98
N LYS F 94 -35.78 -14.48 10.84
CA LYS F 94 -35.42 -14.21 12.23
C LYS F 94 -36.28 -15.04 13.18
N LEU F 95 -35.84 -15.07 14.44
CA LEU F 95 -36.52 -15.79 15.51
C LEU F 95 -37.80 -15.08 15.89
N PRO F 96 -38.72 -15.74 16.60
CA PRO F 96 -39.96 -15.08 17.01
C PRO F 96 -39.68 -13.81 17.78
N LYS F 97 -40.49 -12.79 17.51
CA LYS F 97 -40.24 -11.45 18.07
C LYS F 97 -40.30 -11.44 19.59
N LYS F 98 -40.94 -12.42 20.21
CA LYS F 98 -41.05 -12.50 21.66
C LYS F 98 -40.15 -13.60 22.18
N VAL F 99 -39.41 -13.31 23.25
CA VAL F 99 -38.38 -14.24 23.74
C VAL F 99 -39.02 -15.56 24.16
N GLU F 100 -40.21 -15.50 24.77
CA GLU F 100 -40.85 -16.73 25.22
C GLU F 100 -41.17 -17.64 24.03
N ASP F 101 -41.60 -17.07 22.90
CA ASP F 101 -41.90 -17.89 21.73
C ASP F 101 -40.64 -18.55 21.20
N ALA F 102 -39.53 -17.80 21.12
CA ALA F 102 -38.27 -18.39 20.67
C ALA F 102 -37.83 -19.50 21.59
N LYS F 103 -37.95 -19.29 22.90
CA LYS F 103 -37.59 -20.34 23.84
C LYS F 103 -38.48 -21.56 23.67
N ARG F 104 -39.77 -21.35 23.39
CA ARG F 104 -40.66 -22.48 23.16
C ARG F 104 -40.21 -23.28 21.95
N VAL F 105 -39.87 -22.59 20.86
CA VAL F 105 -39.44 -23.28 19.65
C VAL F 105 -38.17 -24.08 19.92
N THR F 106 -37.18 -23.45 20.54
CA THR F 106 -35.92 -24.13 20.80
C THR F 106 -36.12 -25.30 21.75
N ASP F 107 -36.99 -25.14 22.76
CA ASP F 107 -37.26 -26.23 23.69
C ASP F 107 -37.95 -27.39 22.99
N TRP F 108 -38.85 -27.11 22.06
CA TRP F 108 -39.46 -28.19 21.28
C TRP F 108 -38.41 -28.95 20.51
N MET F 109 -37.52 -28.22 19.83
CA MET F 109 -36.45 -28.87 19.07
C MET F 109 -35.59 -29.73 19.98
N CYS F 110 -35.19 -29.20 21.13
CA CYS F 110 -34.36 -29.97 22.05
C CYS F 110 -35.11 -31.20 22.56
N THR F 111 -36.39 -31.05 22.88
CA THR F 111 -37.14 -32.14 23.47
C THR F 111 -37.29 -33.30 22.50
N ASN F 112 -37.66 -33.02 21.24
CA ASN F 112 -37.97 -34.11 20.33
C ASN F 112 -36.75 -34.80 19.76
N PHE F 113 -35.66 -34.07 19.50
CA PHE F 113 -34.49 -34.63 18.83
C PHE F 113 -33.40 -34.89 19.85
N TYR F 114 -32.99 -36.16 19.96
CA TYR F 114 -31.99 -36.54 20.94
C TYR F 114 -30.64 -35.89 20.63
N ASP F 115 -30.26 -35.84 19.36
CA ASP F 115 -28.94 -35.33 19.01
C ASP F 115 -28.86 -33.82 19.24
N ILE F 116 -29.96 -33.09 19.04
CA ILE F 116 -29.97 -31.68 19.43
C ILE F 116 -29.84 -31.56 20.94
N ARG F 117 -30.53 -32.44 21.67
CA ARG F 117 -30.47 -32.40 23.12
C ARG F 117 -29.07 -32.70 23.64
N THR F 118 -28.28 -33.47 22.90
CA THR F 118 -26.99 -33.95 23.36
C THR F 118 -25.82 -33.12 22.83
N PHE F 119 -25.68 -33.03 21.51
CA PHE F 119 -24.55 -32.35 20.89
C PHE F 119 -24.86 -30.93 20.46
N GLY F 120 -26.09 -30.47 20.62
CA GLY F 120 -26.45 -29.12 20.18
C GLY F 120 -26.66 -29.06 18.69
N ALA F 121 -27.02 -27.86 18.22
CA ALA F 121 -27.29 -27.67 16.81
C ALA F 121 -27.23 -26.18 16.50
N VAL F 122 -27.11 -25.88 15.20
CA VAL F 122 -27.14 -24.52 14.68
C VAL F 122 -28.30 -24.46 13.70
N MET F 123 -29.46 -24.01 14.18
CA MET F 123 -30.69 -24.02 13.41
C MET F 123 -31.08 -22.63 12.91
N THR F 124 -30.13 -21.72 12.80
CA THR F 124 -30.43 -20.36 12.34
C THR F 124 -30.48 -20.26 10.82
N THR F 125 -31.29 -21.11 10.19
CA THR F 125 -31.46 -21.08 8.74
C THR F 125 -32.65 -20.19 8.38
N GLU F 126 -33.11 -20.28 7.13
CA GLU F 126 -34.26 -19.48 6.70
C GLU F 126 -35.41 -19.62 7.69
N VAL F 127 -35.74 -20.84 8.09
CA VAL F 127 -36.68 -21.07 9.17
C VAL F 127 -35.88 -21.10 10.47
N ASN F 128 -35.64 -19.93 11.05
CA ASN F 128 -34.72 -19.78 12.16
C ASN F 128 -35.32 -20.42 13.42
N CYS F 129 -34.53 -21.26 14.09
CA CYS F 129 -34.91 -21.84 15.37
C CYS F 129 -33.87 -21.61 16.45
N GLY F 130 -32.87 -20.78 16.20
CA GLY F 130 -31.89 -20.48 17.23
C GLY F 130 -30.71 -21.44 17.18
N GLN F 131 -30.16 -21.72 18.36
CA GLN F 131 -28.98 -22.57 18.46
C GLN F 131 -28.94 -23.19 19.85
N VAL F 132 -28.15 -24.26 19.97
CA VAL F 132 -27.96 -24.97 21.22
C VAL F 132 -26.48 -25.22 21.41
N ARG F 133 -26.03 -25.35 22.66
CA ARG F 133 -24.61 -25.42 22.94
C ARG F 133 -24.09 -26.84 23.12
N GLY F 134 -24.93 -27.86 23.16
CA GLY F 134 -24.45 -29.21 23.14
C GLY F 134 -23.73 -29.62 24.41
N PRO F 135 -24.49 -29.85 25.49
CA PRO F 135 -23.85 -30.19 26.77
C PRO F 135 -22.77 -31.24 26.67
N VAL F 136 -22.84 -32.15 25.70
CA VAL F 136 -21.83 -33.18 25.50
C VAL F 136 -20.90 -32.74 24.38
N GLN F 137 -19.60 -32.76 24.64
CA GLN F 137 -18.60 -32.36 23.67
C GLN F 137 -17.50 -33.41 23.61
N MET F 138 -16.94 -33.60 22.42
CA MET F 138 -15.84 -34.53 22.20
C MET F 138 -14.75 -33.83 21.42
N ALA F 139 -13.51 -34.24 21.66
CA ALA F 139 -12.39 -33.70 20.93
C ALA F 139 -11.95 -34.69 19.85
N PHE F 140 -11.04 -34.23 18.99
CA PHE F 140 -10.50 -35.11 17.95
C PHE F 140 -9.82 -36.30 18.59
N ALA F 141 -10.11 -37.48 18.06
CA ALA F 141 -9.40 -38.68 18.50
C ALA F 141 -8.03 -38.73 17.82
N ARG F 142 -7.00 -38.99 18.62
CA ARG F 142 -5.63 -38.97 18.14
C ARG F 142 -4.96 -40.29 18.50
N SER F 143 -4.30 -40.88 17.51
CA SER F 143 -3.66 -42.19 17.72
C SER F 143 -2.54 -42.07 18.75
N VAL F 144 -2.33 -43.16 19.48
CA VAL F 144 -1.32 -43.16 20.53
C VAL F 144 0.07 -42.93 19.94
N GLU F 145 0.39 -43.61 18.85
CA GLU F 145 1.67 -43.43 18.18
C GLU F 145 1.45 -43.43 16.67
N PRO F 146 2.42 -42.95 15.89
CA PRO F 146 2.15 -42.69 14.48
C PRO F 146 1.68 -43.92 13.72
N VAL F 147 0.82 -43.68 12.74
CA VAL F 147 0.29 -44.72 11.88
C VAL F 147 0.91 -44.57 10.49
N VAL F 148 0.83 -45.64 9.71
CA VAL F 148 1.38 -45.65 8.36
C VAL F 148 0.27 -46.06 7.38
N PRO F 149 -0.56 -45.14 6.93
CA PRO F 149 -1.67 -45.53 6.05
C PRO F 149 -1.20 -46.11 4.73
N GLN F 150 -1.59 -47.35 4.45
CA GLN F 150 -1.23 -48.00 3.21
C GLN F 150 -2.27 -47.70 2.13
N GLU F 151 -1.85 -47.87 0.89
CA GLU F 151 -2.74 -47.81 -0.26
C GLU F 151 -2.64 -49.11 -1.03
N VAL F 152 -3.77 -49.81 -1.17
CA VAL F 152 -3.81 -51.11 -1.83
C VAL F 152 -4.62 -50.96 -3.10
N SER F 153 -4.04 -51.37 -4.22
CA SER F 153 -4.71 -51.27 -5.50
C SER F 153 -5.54 -52.52 -5.76
N ILE F 154 -6.75 -52.32 -6.26
CA ILE F 154 -7.68 -53.41 -6.54
C ILE F 154 -8.20 -53.25 -7.96
N THR F 155 -8.64 -54.36 -8.55
CA THR F 155 -9.08 -54.41 -9.94
C THR F 155 -10.54 -54.79 -9.99
N ARG F 156 -11.29 -54.18 -10.91
CA ARG F 156 -12.70 -54.52 -11.08
C ARG F 156 -12.85 -55.42 -12.30
N MET F 157 -13.59 -56.51 -12.13
CA MET F 157 -13.77 -57.48 -13.21
C MET F 157 -14.72 -56.96 -14.27
N ALA F 158 -15.70 -56.15 -13.88
CA ALA F 158 -16.65 -55.57 -14.82
C ALA F 158 -16.21 -54.17 -15.23
N VAL F 159 -16.95 -53.59 -16.17
CA VAL F 159 -16.72 -52.24 -16.66
C VAL F 159 -17.99 -51.43 -16.47
N THR F 160 -17.85 -50.25 -15.88
CA THR F 160 -19.02 -49.46 -15.50
C THR F 160 -19.86 -49.08 -16.72
N THR F 161 -19.21 -48.65 -17.80
CA THR F 161 -19.91 -48.18 -18.98
C THR F 161 -19.17 -48.64 -20.23
N LYS F 162 -19.88 -48.67 -21.34
CA LYS F 162 -19.29 -49.07 -22.61
C LYS F 162 -18.24 -48.04 -23.02
N ALA F 163 -17.00 -48.50 -23.22
CA ALA F 163 -15.89 -47.65 -23.60
C ALA F 163 -15.16 -48.27 -24.78
N GLU F 164 -14.68 -47.41 -25.68
CA GLU F 164 -13.96 -47.89 -26.85
C GLU F 164 -12.56 -48.39 -26.50
N ALA F 165 -12.00 -47.93 -25.38
CA ALA F 165 -10.67 -48.37 -24.97
C ALA F 165 -10.65 -49.80 -24.45
N GLU F 166 -11.77 -50.52 -24.51
CA GLU F 166 -11.83 -51.88 -24.02
C GLU F 166 -11.13 -52.84 -24.99
N ASP F 171 -8.63 -55.48 -22.46
CA ASP F 171 -9.88 -55.10 -21.81
C ASP F 171 -9.62 -54.10 -20.69
N ASN F 172 -10.65 -53.31 -20.35
CA ASN F 172 -10.53 -52.27 -19.33
C ASN F 172 -10.91 -52.85 -17.96
N ARG F 173 -10.01 -53.68 -17.44
CA ARG F 173 -10.09 -54.15 -16.06
C ARG F 173 -9.63 -53.03 -15.12
N THR F 174 -10.57 -52.14 -14.81
CA THR F 174 -10.24 -50.85 -14.19
C THR F 174 -9.54 -51.05 -12.86
N MET F 175 -8.63 -50.14 -12.55
CA MET F 175 -7.86 -50.20 -11.31
C MET F 175 -8.45 -49.27 -10.26
N GLY F 176 -8.85 -49.85 -9.13
CA GLY F 176 -9.28 -49.08 -7.98
C GLY F 176 -8.28 -49.20 -6.85
N ARG F 177 -8.60 -48.53 -5.74
CA ARG F 177 -7.69 -48.54 -4.60
C ARG F 177 -8.45 -48.32 -3.31
N LYS F 178 -7.98 -49.00 -2.26
CA LYS F 178 -8.45 -48.79 -0.90
C LYS F 178 -7.32 -48.22 -0.07
N HIS F 179 -7.66 -47.49 0.98
CA HIS F 179 -6.70 -46.95 1.92
C HIS F 179 -6.89 -47.60 3.27
N ILE F 180 -5.78 -48.02 3.88
CA ILE F 180 -5.81 -48.92 5.02
C ILE F 180 -4.82 -48.43 6.06
N VAL F 181 -5.22 -48.51 7.33
CA VAL F 181 -4.30 -48.34 8.46
C VAL F 181 -3.99 -49.72 9.01
N PRO F 182 -2.75 -50.19 8.94
CA PRO F 182 -2.48 -51.56 9.43
C PRO F 182 -2.95 -51.78 10.86
N TYR F 183 -2.77 -50.77 11.72
CA TYR F 183 -3.33 -50.81 13.06
C TYR F 183 -3.12 -49.46 13.71
N GLY F 184 -4.05 -49.08 14.58
CA GLY F 184 -3.95 -47.82 15.28
C GLY F 184 -4.83 -47.78 16.51
N LEU F 185 -4.28 -47.35 17.63
CA LEU F 185 -5.04 -47.17 18.86
C LEU F 185 -5.30 -45.70 19.08
N TYR F 186 -6.57 -45.32 19.14
CA TYR F 186 -6.97 -43.93 19.22
C TYR F 186 -7.52 -43.62 20.60
N VAL F 187 -7.27 -42.41 21.07
CA VAL F 187 -7.76 -41.94 22.36
C VAL F 187 -8.61 -40.70 22.12
N ALA F 188 -9.85 -40.74 22.60
CA ALA F 188 -10.79 -39.65 22.42
C ALA F 188 -11.18 -39.09 23.78
N HIS F 189 -11.13 -37.78 23.91
CA HIS F 189 -11.53 -37.09 25.13
C HIS F 189 -12.90 -36.44 24.94
N GLY F 190 -13.66 -36.35 26.02
CA GLY F 190 -14.98 -35.76 25.96
C GLY F 190 -15.39 -35.17 27.29
N PHE F 191 -16.36 -34.25 27.22
CA PHE F 191 -16.81 -33.52 28.39
C PHE F 191 -18.33 -33.47 28.40
N ILE F 192 -18.91 -33.46 29.59
CA ILE F 192 -20.33 -33.22 29.79
C ILE F 192 -20.49 -32.18 30.88
N SER F 193 -21.25 -31.13 30.60
CA SER F 193 -21.44 -30.02 31.53
C SER F 193 -22.88 -29.99 32.00
N ALA F 194 -23.07 -30.07 33.32
CA ALA F 194 -24.42 -29.96 33.87
C ALA F 194 -25.08 -28.63 33.56
N PRO F 195 -24.38 -27.48 33.62
CA PRO F 195 -25.07 -26.21 33.32
C PRO F 195 -25.75 -26.19 31.96
N LEU F 196 -25.13 -26.78 30.94
CA LEU F 196 -25.78 -26.83 29.63
C LEU F 196 -26.87 -27.88 29.57
N ALA F 197 -26.68 -29.00 30.27
CA ALA F 197 -27.76 -29.99 30.35
C ALA F 197 -29.02 -29.36 30.92
N GLU F 198 -28.86 -28.47 31.90
CA GLU F 198 -30.02 -27.79 32.46
C GLU F 198 -30.73 -26.94 31.40
N LYS F 199 -29.96 -26.24 30.57
CA LYS F 199 -30.55 -25.46 29.49
C LYS F 199 -31.17 -26.34 28.41
N THR F 200 -30.75 -27.59 28.30
CA THR F 200 -31.23 -28.48 27.24
C THR F 200 -32.11 -29.61 27.73
N GLY F 201 -32.05 -30.00 29.00
CA GLY F 201 -32.82 -31.11 29.49
C GLY F 201 -32.16 -32.46 29.35
N PHE F 202 -30.87 -32.50 29.01
CA PHE F 202 -30.14 -33.76 28.91
C PHE F 202 -30.21 -34.49 30.25
N SER F 203 -30.89 -35.63 30.27
CA SER F 203 -31.24 -36.32 31.50
C SER F 203 -30.38 -37.56 31.70
N ASP F 204 -30.65 -38.27 32.80
CA ASP F 204 -29.86 -39.45 33.14
C ASP F 204 -30.13 -40.61 32.19
N GLU F 205 -31.37 -40.76 31.72
CA GLU F 205 -31.64 -41.76 30.70
C GLU F 205 -30.83 -41.48 29.43
N ASP F 206 -30.75 -40.21 29.06
CA ASP F 206 -29.91 -39.83 27.92
C ASP F 206 -28.45 -40.17 28.19
N LEU F 207 -27.99 -39.97 29.42
CA LEU F 207 -26.58 -40.27 29.74
C LEU F 207 -26.30 -41.76 29.65
N THR F 208 -27.22 -42.59 30.15
CA THR F 208 -27.03 -44.03 30.05
C THR F 208 -27.05 -44.46 28.59
N LEU F 209 -27.95 -43.90 27.79
CA LEU F 209 -27.97 -44.21 26.37
C LEU F 209 -26.67 -43.79 25.70
N PHE F 210 -26.10 -42.65 26.12
CA PHE F 210 -24.85 -42.19 25.54
C PHE F 210 -23.70 -43.13 25.88
N TRP F 211 -23.63 -43.58 27.14
CA TRP F 211 -22.61 -44.55 27.50
C TRP F 211 -22.78 -45.83 26.69
N ASP F 212 -24.01 -46.30 26.53
CA ASP F 212 -24.27 -47.49 25.74
C ASP F 212 -23.79 -47.30 24.30
N ALA F 213 -24.08 -46.13 23.73
CA ALA F 213 -23.66 -45.86 22.36
C ALA F 213 -22.14 -45.89 22.24
N LEU F 214 -21.45 -45.27 23.20
CA LEU F 214 -19.99 -45.30 23.16
C LEU F 214 -19.45 -46.72 23.25
N VAL F 215 -20.03 -47.53 24.13
CA VAL F 215 -19.54 -48.91 24.28
C VAL F 215 -19.81 -49.71 23.01
N ASN F 216 -21.01 -49.57 22.44
CA ASN F 216 -21.41 -50.34 21.27
C ASN F 216 -21.39 -49.51 19.99
N MET F 217 -20.50 -48.52 19.90
CA MET F 217 -20.54 -47.59 18.78
C MET F 217 -20.25 -48.30 17.46
N PHE F 218 -19.18 -49.07 17.41
CA PHE F 218 -18.68 -49.60 16.15
C PHE F 218 -19.26 -50.96 15.77
N GLU F 219 -20.02 -51.60 16.67
CA GLU F 219 -20.49 -52.95 16.40
C GLU F 219 -21.44 -53.02 15.21
N HIS F 220 -22.13 -51.93 14.90
CA HIS F 220 -23.05 -51.89 13.78
C HIS F 220 -22.60 -50.91 12.70
N ASP F 221 -21.31 -50.63 12.62
CA ASP F 221 -20.75 -49.72 11.62
C ASP F 221 -19.90 -50.43 10.59
N ARG F 222 -20.00 -51.76 10.51
CA ARG F 222 -19.15 -52.52 9.60
C ARG F 222 -19.43 -52.12 8.15
N SER F 223 -18.36 -52.13 7.34
CA SER F 223 -18.49 -51.87 5.92
C SER F 223 -17.20 -52.33 5.24
N ALA F 224 -17.17 -52.20 3.92
CA ALA F 224 -15.97 -52.58 3.17
C ALA F 224 -14.80 -51.66 3.45
N ALA F 225 -15.03 -50.36 3.59
CA ALA F 225 -13.93 -49.44 3.83
C ALA F 225 -13.28 -49.66 5.18
N ARG F 226 -14.08 -49.84 6.23
CA ARG F 226 -13.55 -50.03 7.56
C ARG F 226 -13.25 -51.50 7.81
N GLY F 227 -12.28 -51.74 8.69
CA GLY F 227 -11.88 -53.06 9.08
C GLY F 227 -12.52 -53.45 10.41
N LEU F 228 -11.77 -54.19 11.20
CA LEU F 228 -12.23 -54.53 12.54
C LEU F 228 -11.98 -53.37 13.48
N MET F 229 -13.05 -52.60 13.76
CA MET F 229 -12.98 -51.42 14.59
C MET F 229 -13.78 -51.67 15.86
N SER F 230 -13.16 -51.47 17.02
CA SER F 230 -13.79 -51.81 18.28
C SER F 230 -13.34 -50.85 19.37
N SER F 231 -14.19 -50.70 20.38
CA SER F 231 -13.86 -49.87 21.54
C SER F 231 -13.32 -50.75 22.66
N ARG F 232 -12.21 -50.33 23.25
CA ARG F 232 -11.45 -51.17 24.18
C ARG F 232 -11.60 -50.76 25.63
N LYS F 233 -11.48 -49.46 25.93
CA LYS F 233 -11.62 -48.97 27.29
C LYS F 233 -12.51 -47.75 27.29
N LEU F 234 -13.21 -47.55 28.41
CA LEU F 234 -14.03 -46.36 28.61
C LEU F 234 -13.99 -46.00 30.09
N ILE F 235 -13.23 -44.95 30.42
CA ILE F 235 -13.08 -44.48 31.78
C ILE F 235 -13.90 -43.22 31.94
N VAL F 236 -14.77 -43.18 32.95
CA VAL F 236 -15.66 -42.07 33.19
C VAL F 236 -15.31 -41.44 34.53
N PHE F 237 -15.11 -40.12 34.54
CA PHE F 237 -14.85 -39.36 35.75
C PHE F 237 -16.09 -38.55 36.08
N LYS F 238 -16.69 -38.82 37.23
CA LYS F 238 -17.87 -38.11 37.70
C LYS F 238 -17.48 -37.18 38.83
N HIS F 239 -17.76 -35.89 38.67
CA HIS F 239 -17.49 -34.92 39.72
C HIS F 239 -18.67 -34.88 40.69
N GLN F 240 -18.36 -34.67 41.96
CA GLN F 240 -19.36 -34.76 43.00
C GLN F 240 -20.35 -33.60 43.01
N ASN F 241 -20.09 -32.52 42.28
CA ASN F 241 -20.96 -31.36 42.35
C ASN F 241 -21.16 -30.80 40.94
N ARG F 242 -22.04 -29.80 40.85
CA ARG F 242 -22.48 -29.28 39.56
C ARG F 242 -21.31 -28.78 38.72
N LEU F 243 -20.22 -28.36 39.35
CA LEU F 243 -19.04 -27.87 38.67
C LEU F 243 -17.88 -28.82 38.97
N GLY F 244 -16.67 -28.42 38.56
CA GLY F 244 -15.52 -29.30 38.66
C GLY F 244 -14.96 -29.36 40.07
N ASN F 245 -14.45 -30.53 40.43
CA ASN F 245 -13.58 -30.71 41.58
C ASN F 245 -12.12 -30.84 41.19
N ALA F 246 -11.81 -30.85 39.90
CA ALA F 246 -10.45 -30.95 39.42
C ALA F 246 -10.42 -30.52 37.96
N PRO F 247 -9.28 -30.05 37.46
CA PRO F 247 -9.20 -29.70 36.04
C PRO F 247 -9.33 -30.93 35.16
N ALA F 248 -9.87 -30.72 33.96
CA ALA F 248 -10.06 -31.82 33.03
C ALA F 248 -8.75 -32.47 32.66
N HIS F 249 -7.73 -31.66 32.35
CA HIS F 249 -6.46 -32.22 31.90
C HIS F 249 -5.81 -33.08 32.97
N LYS F 250 -6.00 -32.75 34.25
CA LYS F 250 -5.46 -33.58 35.31
C LYS F 250 -6.08 -34.96 35.30
N LEU F 251 -7.40 -35.03 35.04
CA LEU F 251 -8.07 -36.32 34.99
C LEU F 251 -7.61 -37.14 33.79
N PHE F 252 -7.52 -36.50 32.63
CA PHE F 252 -7.09 -37.22 31.43
C PHE F 252 -5.70 -37.81 31.61
N ASP F 253 -4.82 -37.10 32.33
CA ASP F 253 -3.47 -37.59 32.56
C ASP F 253 -3.45 -38.84 33.44
N LEU F 254 -4.55 -39.14 34.15
CA LEU F 254 -4.59 -40.35 34.95
C LEU F 254 -4.59 -41.59 34.08
N VAL F 255 -5.13 -41.51 32.87
CA VAL F 255 -5.15 -42.63 31.94
C VAL F 255 -3.86 -42.58 31.13
N LYS F 256 -3.02 -43.60 31.31
CA LYS F 256 -1.72 -43.67 30.64
C LYS F 256 -1.70 -44.90 29.74
N VAL F 257 -1.24 -44.71 28.51
CA VAL F 257 -1.14 -45.78 27.52
C VAL F 257 0.32 -45.88 27.10
N SER F 258 0.86 -47.09 27.15
CA SER F 258 2.25 -47.33 26.79
C SER F 258 2.37 -48.73 26.22
N ARG F 259 3.45 -48.95 25.47
CA ARG F 259 3.69 -50.25 24.87
C ARG F 259 3.84 -51.31 25.94
N ALA F 260 3.18 -52.45 25.74
CA ALA F 260 3.27 -53.55 26.69
C ALA F 260 4.72 -54.03 26.80
N GLU F 261 5.04 -54.63 27.93
CA GLU F 261 6.39 -55.12 28.16
C GLU F 261 6.75 -56.17 27.11
N GLY F 262 7.93 -56.02 26.51
CA GLY F 262 8.41 -56.96 25.53
C GLY F 262 7.87 -56.77 24.12
N SER F 263 7.06 -55.75 23.88
CA SER F 263 6.55 -55.47 22.53
C SER F 263 7.52 -54.52 21.84
N SER F 264 8.30 -55.06 20.92
CA SER F 264 9.36 -54.28 20.29
C SER F 264 8.95 -53.74 18.92
N GLY F 265 8.28 -54.53 18.10
CA GLY F 265 7.95 -54.11 16.76
C GLY F 265 6.79 -53.14 16.74
N PRO F 266 6.43 -52.70 15.53
CA PRO F 266 5.28 -51.80 15.39
C PRO F 266 4.01 -52.47 15.89
N ALA F 267 3.16 -51.68 16.53
CA ALA F 267 1.95 -52.22 17.13
C ALA F 267 1.03 -52.81 16.08
N ARG F 268 0.49 -53.99 16.37
CA ARG F 268 -0.45 -54.64 15.46
C ARG F 268 -1.62 -55.28 16.19
N SER F 269 -1.73 -55.12 17.50
CA SER F 269 -2.89 -55.60 18.24
C SER F 269 -2.99 -54.80 19.53
N PHE F 270 -4.16 -54.88 20.17
CA PHE F 270 -4.34 -54.17 21.43
C PHE F 270 -3.46 -54.76 22.53
N ALA F 271 -2.99 -55.99 22.33
CA ALA F 271 -2.11 -56.62 23.33
C ALA F 271 -0.74 -55.98 23.37
N ASP F 272 -0.38 -55.18 22.36
CA ASP F 272 0.91 -54.50 22.35
C ASP F 272 0.93 -53.24 23.20
N TYR F 273 -0.18 -52.92 23.87
CA TYR F 273 -0.27 -51.73 24.70
C TYR F 273 -0.72 -52.12 26.11
N ALA F 274 -0.32 -51.30 27.08
CA ALA F 274 -0.76 -51.44 28.46
C ALA F 274 -1.41 -50.14 28.90
N VAL F 275 -2.61 -50.25 29.46
CA VAL F 275 -3.40 -49.10 29.88
C VAL F 275 -3.51 -49.11 31.39
N THR F 276 -3.13 -48.02 32.03
CA THR F 276 -3.15 -47.89 33.48
C THR F 276 -3.91 -46.64 33.87
N VAL F 277 -4.74 -46.75 34.91
CA VAL F 277 -5.56 -45.65 35.39
C VAL F 277 -5.18 -45.36 36.83
N GLY F 278 -4.83 -44.12 37.11
CA GLY F 278 -4.42 -43.74 38.45
C GLY F 278 -5.60 -43.42 39.35
N GLN F 279 -5.28 -42.96 40.55
CA GLN F 279 -6.30 -42.57 41.52
C GLN F 279 -6.73 -41.13 41.29
N ALA F 280 -8.04 -40.92 41.20
CA ALA F 280 -8.56 -39.58 40.96
C ALA F 280 -8.60 -38.79 42.26
N PRO F 281 -8.65 -37.46 42.16
CA PRO F 281 -8.76 -36.64 43.38
C PRO F 281 -9.96 -37.05 44.21
N GLU F 282 -10.00 -36.55 45.45
CA GLU F 282 -11.01 -36.99 46.40
C GLU F 282 -12.42 -36.65 45.94
N GLY F 283 -12.60 -35.54 45.22
CA GLY F 283 -13.90 -35.11 44.79
C GLY F 283 -14.39 -35.73 43.51
N VAL F 284 -13.61 -36.62 42.89
CA VAL F 284 -13.92 -37.18 41.58
C VAL F 284 -13.97 -38.69 41.71
N GLU F 285 -14.99 -39.29 41.10
CA GLU F 285 -15.17 -40.73 41.09
C GLU F 285 -14.80 -41.30 39.73
N VAL F 286 -14.14 -42.46 39.72
CA VAL F 286 -13.69 -43.11 38.50
C VAL F 286 -14.50 -44.37 38.29
N LYS F 287 -15.11 -44.48 37.12
CA LYS F 287 -15.85 -45.67 36.71
C LYS F 287 -15.27 -46.18 35.40
N GLU F 288 -15.10 -47.49 35.31
CA GLU F 288 -14.61 -48.13 34.08
C GLU F 288 -15.76 -48.90 33.45
N MET F 289 -16.35 -48.32 32.40
CA MET F 289 -17.45 -48.97 31.71
C MET F 289 -16.97 -50.13 30.86
N LEU F 290 -15.70 -50.11 30.43
CA LEU F 290 -15.11 -51.20 29.68
C LEU F 290 -13.76 -51.60 30.28
N MET G 1 -39.43 -61.29 1.06
CA MET G 1 -38.20 -62.06 1.38
C MET G 1 -37.83 -61.89 2.85
N THR G 2 -38.25 -62.85 3.68
CA THR G 2 -37.95 -62.79 5.09
C THR G 2 -36.43 -62.77 5.29
N ALA G 3 -35.96 -61.79 6.06
CA ALA G 3 -34.54 -61.64 6.30
C ALA G 3 -34.12 -62.44 7.53
N ILE G 4 -32.81 -62.63 7.68
CA ILE G 4 -32.30 -63.32 8.85
C ILE G 4 -32.68 -62.53 10.10
N ALA G 5 -32.67 -63.22 11.24
CA ALA G 5 -33.13 -62.64 12.49
C ALA G 5 -32.06 -62.66 13.58
N ASN G 6 -30.83 -63.00 13.26
CA ASN G 6 -29.76 -63.04 14.24
C ASN G 6 -28.49 -62.44 13.66
N ARG G 7 -27.72 -61.78 14.52
CA ARG G 7 -26.41 -61.29 14.13
C ARG G 7 -25.40 -62.44 14.16
N TYR G 8 -24.47 -62.42 13.20
CA TYR G 8 -23.47 -63.48 13.08
C TYR G 8 -22.07 -62.88 12.98
N GLU G 9 -21.11 -63.63 13.49
CA GLU G 9 -19.70 -63.38 13.26
C GLU G 9 -19.01 -64.72 13.03
N PHE G 10 -18.11 -64.76 12.05
CA PHE G 10 -17.48 -66.01 11.66
C PHE G 10 -16.00 -65.80 11.44
N VAL G 11 -15.25 -66.90 11.54
CA VAL G 11 -13.81 -66.92 11.34
C VAL G 11 -13.49 -68.02 10.33
N LEU G 12 -12.73 -67.68 9.30
CA LEU G 12 -12.35 -68.63 8.27
C LEU G 12 -10.84 -68.77 8.22
N LEU G 13 -10.35 -70.00 8.18
CA LEU G 13 -8.93 -70.30 8.03
C LEU G 13 -8.71 -71.04 6.72
N PHE G 14 -7.84 -70.50 5.88
CA PHE G 14 -7.54 -71.12 4.59
C PHE G 14 -6.04 -71.09 4.36
N ASP G 15 -5.57 -72.03 3.54
CA ASP G 15 -4.15 -72.25 3.30
C ASP G 15 -3.76 -71.87 1.88
N VAL G 16 -2.46 -71.85 1.64
CA VAL G 16 -1.89 -71.73 0.30
C VAL G 16 -0.55 -72.43 0.31
N GLU G 17 -0.27 -73.19 -0.76
CA GLU G 17 0.97 -73.94 -0.88
C GLU G 17 1.59 -73.68 -2.25
N ASN G 18 2.75 -73.06 -2.26
CA ASN G 18 3.48 -72.79 -3.50
C ASN G 18 2.57 -72.10 -4.52
N GLY G 19 1.88 -71.06 -4.06
CA GLY G 19 0.98 -70.32 -4.92
C GLY G 19 0.87 -68.88 -4.48
N ASN G 20 0.30 -68.06 -5.37
CA ASN G 20 0.09 -66.65 -5.09
C ASN G 20 -1.36 -66.47 -4.69
N PRO G 21 -1.67 -66.27 -3.41
CA PRO G 21 -3.09 -66.15 -3.01
C PRO G 21 -3.74 -64.87 -3.49
N ASN G 22 -2.99 -63.77 -3.54
CA ASN G 22 -3.55 -62.51 -4.03
C ASN G 22 -2.37 -61.64 -4.45
N GLY G 23 -2.24 -61.40 -5.75
CA GLY G 23 -1.15 -60.58 -6.24
C GLY G 23 -1.36 -59.11 -5.99
N ASP G 24 -0.25 -58.40 -5.88
CA ASP G 24 -0.28 -56.96 -5.63
C ASP G 24 -0.11 -56.22 -6.95
N PRO G 25 -1.11 -55.47 -7.42
CA PRO G 25 -0.95 -54.78 -8.71
C PRO G 25 0.18 -53.78 -8.74
N ASP G 26 0.64 -53.27 -7.60
CA ASP G 26 1.74 -52.32 -7.57
C ASP G 26 3.10 -53.00 -7.52
N ALA G 27 3.31 -53.86 -6.51
CA ALA G 27 4.58 -54.55 -6.35
C ALA G 27 4.72 -55.67 -7.37
N GLY G 28 4.79 -55.28 -8.65
CA GLY G 28 4.81 -56.25 -9.72
C GLY G 28 3.59 -57.14 -9.65
N ASN G 29 3.79 -58.41 -9.26
CA ASN G 29 2.68 -59.28 -8.91
C ASN G 29 3.00 -60.08 -7.67
N MET G 30 3.86 -59.57 -6.79
CA MET G 30 4.18 -60.28 -5.57
C MET G 30 2.93 -60.44 -4.71
N PRO G 31 2.86 -61.48 -3.89
CA PRO G 31 1.75 -61.60 -2.95
C PRO G 31 1.71 -60.39 -2.02
N ARG G 32 0.50 -59.94 -1.71
CA ARG G 32 0.34 -58.82 -0.79
C ARG G 32 0.93 -59.18 0.57
N ILE G 33 1.68 -58.25 1.15
CA ILE G 33 2.25 -58.43 2.48
C ILE G 33 2.13 -57.13 3.25
N ASP G 34 2.21 -57.24 4.57
CA ASP G 34 2.32 -56.07 5.42
C ASP G 34 3.77 -55.62 5.39
N PRO G 35 4.09 -54.50 4.75
CA PRO G 35 5.51 -54.17 4.54
C PRO G 35 6.30 -54.03 5.82
N GLU G 36 5.68 -53.61 6.92
CA GLU G 36 6.42 -53.40 8.16
C GLU G 36 6.76 -54.71 8.87
N THR G 37 5.90 -55.72 8.79
CA THR G 37 6.11 -56.94 9.56
C THR G 37 6.17 -58.17 8.65
N GLY G 38 5.79 -58.03 7.39
CA GLY G 38 5.93 -59.10 6.43
C GLY G 38 4.85 -60.15 6.46
N HIS G 39 3.77 -59.92 7.20
CA HIS G 39 2.65 -60.86 7.18
C HIS G 39 1.91 -60.77 5.86
N GLY G 40 1.39 -61.90 5.40
CA GLY G 40 0.64 -61.92 4.16
C GLY G 40 -0.74 -61.31 4.32
N LEU G 41 -1.28 -60.81 3.21
CA LEU G 41 -2.59 -60.20 3.18
C LEU G 41 -3.37 -60.70 1.98
N VAL G 42 -4.69 -60.83 2.16
CA VAL G 42 -5.61 -61.10 1.07
C VAL G 42 -6.77 -60.14 1.20
N THR G 43 -7.01 -59.34 0.16
CA THR G 43 -8.06 -58.35 0.23
C THR G 43 -9.43 -59.00 0.37
N ASP G 44 -10.36 -58.28 0.99
CA ASP G 44 -11.72 -58.78 1.12
C ASP G 44 -12.36 -58.98 -0.24
N VAL G 45 -12.09 -58.06 -1.18
CA VAL G 45 -12.67 -58.19 -2.52
C VAL G 45 -12.19 -59.48 -3.18
N CYS G 46 -10.99 -59.94 -2.86
CA CYS G 46 -10.50 -61.18 -3.45
C CYS G 46 -11.36 -62.36 -3.02
N LEU G 47 -11.70 -62.46 -1.73
CA LEU G 47 -12.55 -63.55 -1.27
C LEU G 47 -13.98 -63.36 -1.74
N LYS G 48 -14.46 -62.11 -1.76
CA LYS G 48 -15.80 -61.85 -2.26
C LYS G 48 -15.94 -62.30 -3.71
N ARG G 49 -14.90 -62.11 -4.52
CA ARG G 49 -14.93 -62.59 -5.89
C ARG G 49 -15.05 -64.11 -5.93
N LYS G 50 -14.35 -64.80 -5.05
CA LYS G 50 -14.46 -66.25 -5.00
C LYS G 50 -15.87 -66.68 -4.62
N ILE G 51 -16.48 -65.99 -3.66
CA ILE G 51 -17.86 -66.29 -3.29
C ILE G 51 -18.79 -66.06 -4.47
N ARG G 52 -18.61 -64.95 -5.18
CA ARG G 52 -19.45 -64.66 -6.34
C ARG G 52 -19.30 -65.76 -7.39
N ASN G 53 -18.07 -66.17 -7.66
CA ASN G 53 -17.82 -67.21 -8.66
C ASN G 53 -18.47 -68.51 -8.25
N HIS G 54 -18.34 -68.89 -6.97
CA HIS G 54 -18.95 -70.14 -6.52
C HIS G 54 -20.46 -70.09 -6.62
N VAL G 55 -21.06 -68.95 -6.27
CA VAL G 55 -22.52 -68.83 -6.37
C VAL G 55 -22.95 -68.96 -7.82
N ALA G 56 -22.23 -68.28 -8.73
CA ALA G 56 -22.58 -68.37 -10.14
C ALA G 56 -22.44 -69.80 -10.65
N LEU G 57 -21.39 -70.49 -10.23
CA LEU G 57 -21.18 -71.87 -10.66
C LEU G 57 -22.29 -72.78 -10.15
N THR G 58 -22.67 -72.63 -8.88
CA THR G 58 -23.63 -73.54 -8.29
C THR G 58 -25.05 -73.28 -8.78
N LYS G 59 -25.46 -72.02 -8.89
CA LYS G 59 -26.82 -71.69 -9.28
C LYS G 59 -26.96 -71.46 -10.79
N GLU G 60 -25.86 -71.20 -11.49
CA GLU G 60 -25.89 -71.06 -12.95
C GLU G 60 -26.95 -70.07 -13.38
N GLY G 61 -27.03 -68.92 -12.71
CA GLY G 61 -27.92 -67.88 -13.14
C GLY G 61 -29.38 -68.12 -12.86
N ALA G 62 -29.72 -69.00 -11.92
CA ALA G 62 -31.11 -69.19 -11.55
C ALA G 62 -31.71 -67.87 -11.09
N GLU G 63 -33.03 -67.76 -11.21
CA GLU G 63 -33.70 -66.52 -10.84
C GLU G 63 -33.43 -66.20 -9.38
N ARG G 64 -33.18 -64.92 -9.11
CA ARG G 64 -32.83 -64.38 -7.79
C ARG G 64 -31.43 -64.77 -7.35
N PHE G 65 -30.56 -65.22 -8.26
CA PHE G 65 -29.18 -65.55 -7.93
C PHE G 65 -28.22 -65.12 -9.02
N ASN G 66 -28.56 -64.07 -9.76
CA ASN G 66 -27.63 -63.50 -10.71
C ASN G 66 -26.56 -62.69 -9.98
N ILE G 67 -25.40 -62.56 -10.62
CA ILE G 67 -24.26 -61.84 -10.06
C ILE G 67 -24.13 -60.51 -10.80
N TYR G 68 -24.06 -59.43 -10.05
CA TYR G 68 -24.04 -58.09 -10.62
C TYR G 68 -22.68 -57.73 -11.19
N ILE G 69 -21.61 -58.01 -10.43
CA ILE G 69 -20.25 -57.74 -10.89
C ILE G 69 -19.78 -58.98 -11.67
N GLN G 70 -19.81 -58.88 -12.99
CA GLN G 70 -19.46 -60.00 -13.86
C GLN G 70 -18.58 -59.49 -14.99
N GLU G 71 -17.65 -60.34 -15.44
CA GLU G 71 -16.66 -59.91 -16.41
C GLU G 71 -17.29 -59.42 -17.70
N LYS G 72 -18.31 -60.11 -18.21
CA LYS G 72 -18.91 -59.73 -19.47
C LYS G 72 -19.94 -58.63 -19.31
N ALA G 73 -20.22 -58.20 -18.08
CA ALA G 73 -21.32 -57.27 -17.83
C ALA G 73 -20.85 -55.82 -17.96
N ILE G 74 -21.75 -54.98 -18.47
CA ILE G 74 -21.59 -53.53 -18.44
C ILE G 74 -22.61 -53.00 -17.45
N LEU G 75 -22.12 -52.41 -16.36
CA LEU G 75 -22.97 -52.12 -15.23
C LEU G 75 -24.08 -51.15 -15.58
N ASN G 76 -23.78 -50.12 -16.38
CA ASN G 76 -24.81 -49.16 -16.76
C ASN G 76 -25.96 -49.86 -17.47
N GLU G 77 -25.64 -50.79 -18.38
CA GLU G 77 -26.70 -51.54 -19.06
C GLU G 77 -27.50 -52.38 -18.07
N THR G 78 -26.83 -52.99 -17.10
CA THR G 78 -27.54 -53.77 -16.09
C THR G 78 -28.51 -52.90 -15.31
N HIS G 79 -28.13 -51.65 -15.04
CA HIS G 79 -29.03 -50.74 -14.33
C HIS G 79 -30.30 -50.49 -15.13
N GLU G 80 -30.17 -50.28 -16.44
CA GLU G 80 -31.34 -49.96 -17.26
C GLU G 80 -32.41 -51.05 -17.16
N ARG G 81 -32.00 -52.29 -16.90
CA ARG G 81 -32.98 -53.34 -16.69
C ARG G 81 -33.89 -53.02 -15.52
N ALA G 82 -33.32 -52.47 -14.44
CA ALA G 82 -34.13 -52.10 -13.29
C ALA G 82 -35.13 -51.01 -13.66
N TYR G 83 -34.68 -49.98 -14.36
CA TYR G 83 -35.58 -48.89 -14.75
C TYR G 83 -36.69 -49.41 -15.66
N THR G 84 -36.32 -50.22 -16.65
CA THR G 84 -37.32 -50.78 -17.56
C THR G 84 -38.28 -51.70 -16.80
N ALA G 85 -37.76 -52.51 -15.88
CA ALA G 85 -38.63 -53.39 -15.10
C ALA G 85 -39.61 -52.59 -14.25
N CYS G 86 -39.16 -51.48 -13.67
CA CYS G 86 -40.02 -50.59 -12.90
C CYS G 86 -40.66 -49.51 -13.76
N ASP G 87 -40.49 -49.58 -15.08
CA ASP G 87 -41.09 -48.64 -16.03
C ASP G 87 -40.83 -47.19 -15.63
N LEU G 88 -39.61 -46.88 -15.23
CA LEU G 88 -39.18 -45.51 -15.04
C LEU G 88 -38.31 -45.06 -16.21
N LYS G 89 -38.18 -43.75 -16.36
CA LYS G 89 -37.31 -43.19 -17.38
C LYS G 89 -36.10 -42.54 -16.72
N PRO G 90 -34.92 -43.15 -16.78
CA PRO G 90 -33.80 -42.62 -15.99
C PRO G 90 -33.36 -41.24 -16.45
N GLU G 91 -32.90 -40.44 -15.49
CA GLU G 91 -32.26 -39.17 -15.73
C GLU G 91 -30.75 -39.37 -15.72
N PRO G 92 -29.98 -38.60 -16.51
CA PRO G 92 -28.57 -38.95 -16.72
C PRO G 92 -27.73 -39.02 -15.45
N LYS G 93 -28.18 -38.40 -14.35
CA LYS G 93 -27.37 -38.44 -13.14
C LYS G 93 -28.16 -38.58 -11.84
N LYS G 94 -29.48 -38.81 -11.88
CA LYS G 94 -30.30 -38.72 -10.68
C LYS G 94 -31.19 -39.94 -10.53
N LEU G 95 -31.55 -40.22 -9.28
CA LEU G 95 -32.52 -41.25 -8.93
C LEU G 95 -33.92 -40.75 -9.25
N PRO G 96 -34.92 -41.63 -9.24
CA PRO G 96 -36.30 -41.17 -9.42
C PRO G 96 -36.67 -40.12 -8.38
N LYS G 97 -37.40 -39.09 -8.81
CA LYS G 97 -37.68 -37.96 -7.94
C LYS G 97 -38.58 -38.32 -6.78
N LYS G 98 -39.34 -39.41 -6.88
CA LYS G 98 -40.22 -39.87 -5.82
C LYS G 98 -39.56 -41.02 -5.08
N VAL G 99 -39.59 -40.95 -3.75
CA VAL G 99 -38.83 -41.90 -2.93
C VAL G 99 -39.30 -43.32 -3.18
N GLU G 100 -40.60 -43.52 -3.38
CA GLU G 100 -41.10 -44.86 -3.62
C GLU G 100 -40.51 -45.47 -4.89
N ASP G 101 -40.36 -44.69 -5.95
CA ASP G 101 -39.76 -45.21 -7.17
C ASP G 101 -38.30 -45.60 -6.95
N ALA G 102 -37.55 -44.76 -6.25
CA ALA G 102 -36.15 -45.09 -5.96
C ALA G 102 -36.05 -46.36 -5.13
N LYS G 103 -36.90 -46.50 -4.12
CA LYS G 103 -36.89 -47.72 -3.32
C LYS G 103 -37.25 -48.93 -4.16
N ARG G 104 -38.23 -48.78 -5.07
CA ARG G 104 -38.62 -49.90 -5.91
C ARG G 104 -37.47 -50.34 -6.81
N VAL G 105 -36.78 -49.40 -7.44
CA VAL G 105 -35.67 -49.77 -8.32
C VAL G 105 -34.55 -50.41 -7.51
N THR G 106 -34.24 -49.85 -6.34
CA THR G 106 -33.16 -50.41 -5.52
C THR G 106 -33.52 -51.82 -5.06
N ASP G 107 -34.77 -52.05 -4.66
CA ASP G 107 -35.18 -53.39 -4.25
C ASP G 107 -35.18 -54.35 -5.42
N TRP G 108 -35.55 -53.90 -6.61
CA TRP G 108 -35.47 -54.75 -7.79
C TRP G 108 -34.02 -55.17 -8.04
N MET G 109 -33.09 -54.23 -7.89
CA MET G 109 -31.68 -54.59 -8.01
C MET G 109 -31.29 -55.60 -6.93
N CYS G 110 -31.74 -55.38 -5.70
CA CYS G 110 -31.37 -56.27 -4.61
C CYS G 110 -32.02 -57.63 -4.74
N THR G 111 -33.28 -57.68 -5.14
CA THR G 111 -34.04 -58.93 -5.06
C THR G 111 -33.48 -59.98 -6.02
N ASN G 112 -33.07 -59.58 -7.22
CA ASN G 112 -32.68 -60.56 -8.23
C ASN G 112 -31.18 -60.83 -8.26
N PHE G 113 -30.36 -59.87 -7.84
CA PHE G 113 -28.91 -60.02 -7.84
C PHE G 113 -28.46 -60.46 -6.45
N TYR G 114 -27.80 -61.62 -6.37
CA TYR G 114 -27.42 -62.17 -5.08
C TYR G 114 -26.30 -61.36 -4.44
N ASP G 115 -25.30 -60.98 -5.22
CA ASP G 115 -24.14 -60.30 -4.64
C ASP G 115 -24.50 -58.89 -4.19
N ILE G 116 -25.45 -58.24 -4.87
CA ILE G 116 -25.95 -56.96 -4.35
C ILE G 116 -26.68 -57.18 -3.04
N ARG G 117 -27.50 -58.23 -2.98
CA ARG G 117 -28.26 -58.52 -1.77
C ARG G 117 -27.34 -58.86 -0.60
N THR G 118 -26.15 -59.39 -0.88
CA THR G 118 -25.25 -59.88 0.17
C THR G 118 -24.18 -58.86 0.54
N PHE G 119 -23.38 -58.43 -0.42
CA PHE G 119 -22.24 -57.55 -0.17
C PHE G 119 -22.53 -56.09 -0.47
N GLY G 120 -23.74 -55.76 -0.92
CA GLY G 120 -24.05 -54.38 -1.26
C GLY G 120 -23.41 -53.99 -2.58
N ALA G 121 -23.63 -52.72 -2.95
CA ALA G 121 -23.09 -52.21 -4.20
C ALA G 121 -23.27 -50.70 -4.26
N VAL G 122 -22.48 -50.07 -5.11
CA VAL G 122 -22.58 -48.64 -5.39
C VAL G 122 -22.98 -48.50 -6.85
N MET G 123 -24.19 -47.97 -7.08
CA MET G 123 -24.76 -47.91 -8.42
C MET G 123 -25.07 -46.48 -8.85
N THR G 124 -24.41 -45.49 -8.23
CA THR G 124 -24.69 -44.10 -8.58
C THR G 124 -23.94 -43.68 -9.84
N THR G 125 -24.18 -44.40 -10.93
CA THR G 125 -23.55 -44.12 -12.21
C THR G 125 -24.46 -43.17 -13.00
N GLU G 126 -24.20 -42.99 -14.30
CA GLU G 126 -25.03 -42.08 -15.09
C GLU G 126 -26.50 -42.49 -14.99
N VAL G 127 -26.85 -43.66 -15.49
CA VAL G 127 -28.11 -44.28 -15.14
C VAL G 127 -28.01 -44.69 -13.67
N ASN G 128 -28.78 -44.02 -12.82
CA ASN G 128 -28.52 -43.98 -11.39
C ASN G 128 -29.52 -44.83 -10.63
N CYS G 129 -29.05 -45.95 -10.10
CA CYS G 129 -29.78 -46.65 -9.05
C CYS G 129 -29.29 -46.15 -7.70
N GLY G 130 -29.72 -46.81 -6.63
CA GLY G 130 -29.34 -46.42 -5.29
C GLY G 130 -27.98 -46.97 -4.89
N GLN G 131 -27.76 -47.03 -3.58
CA GLN G 131 -26.58 -47.66 -3.02
C GLN G 131 -27.00 -48.58 -1.88
N VAL G 132 -26.33 -49.72 -1.79
CA VAL G 132 -26.67 -50.75 -0.82
C VAL G 132 -25.42 -51.03 0.01
N ARG G 133 -25.60 -51.16 1.34
CA ARG G 133 -24.47 -51.37 2.21
C ARG G 133 -24.15 -52.86 2.37
N GLY G 134 -25.16 -53.71 2.35
CA GLY G 134 -24.96 -55.13 2.36
C GLY G 134 -24.71 -55.67 3.77
N PRO G 135 -25.44 -56.71 4.16
CA PRO G 135 -25.28 -57.22 5.53
C PRO G 135 -23.97 -57.95 5.76
N VAL G 136 -23.42 -58.61 4.76
CA VAL G 136 -22.22 -59.41 4.93
C VAL G 136 -21.00 -58.56 4.63
N GLN G 137 -20.04 -58.56 5.57
CA GLN G 137 -18.79 -57.84 5.40
C GLN G 137 -17.65 -58.75 5.82
N MET G 138 -16.49 -58.56 5.19
CA MET G 138 -15.29 -59.31 5.51
C MET G 138 -14.11 -58.36 5.61
N ALA G 139 -13.19 -58.65 6.52
CA ALA G 139 -11.98 -57.86 6.65
C ALA G 139 -10.83 -58.54 5.91
N PHE G 140 -9.74 -57.80 5.74
CA PHE G 140 -8.56 -58.37 5.10
C PHE G 140 -8.10 -59.61 5.88
N ALA G 141 -7.84 -60.68 5.15
CA ALA G 141 -7.29 -61.88 5.76
C ALA G 141 -5.78 -61.72 5.92
N ARG G 142 -5.29 -62.04 7.11
CA ARG G 142 -3.88 -61.87 7.44
C ARG G 142 -3.30 -63.20 7.88
N SER G 143 -2.07 -63.47 7.42
CA SER G 143 -1.41 -64.72 7.78
C SER G 143 -1.04 -64.73 9.26
N VAL G 144 -1.17 -65.90 9.87
CA VAL G 144 -0.85 -66.03 11.30
C VAL G 144 0.62 -65.79 11.56
N GLU G 145 1.49 -66.07 10.61
CA GLU G 145 2.92 -65.88 10.74
C GLU G 145 3.45 -65.23 9.47
N PRO G 146 4.58 -64.53 9.56
CA PRO G 146 5.12 -63.87 8.37
C PRO G 146 5.44 -64.87 7.28
N VAL G 147 5.27 -64.43 6.04
CA VAL G 147 5.52 -65.26 4.86
C VAL G 147 6.71 -64.70 4.10
N VAL G 148 7.26 -65.52 3.22
CA VAL G 148 8.44 -65.14 2.44
C VAL G 148 8.16 -65.37 0.97
N PRO G 149 7.46 -64.46 0.29
CA PRO G 149 7.26 -64.64 -1.15
C PRO G 149 8.58 -64.65 -1.89
N GLN G 150 8.75 -65.63 -2.76
CA GLN G 150 10.02 -65.87 -3.45
C GLN G 150 9.83 -65.87 -4.95
N GLU G 151 10.66 -65.11 -5.64
CA GLU G 151 10.61 -65.07 -7.10
C GLU G 151 10.92 -66.45 -7.66
N VAL G 152 10.22 -66.80 -8.74
CA VAL G 152 10.44 -68.05 -9.45
C VAL G 152 10.57 -67.68 -10.93
N SER G 153 11.80 -67.61 -11.42
CA SER G 153 12.03 -67.25 -12.81
C SER G 153 11.76 -68.45 -13.71
N ILE G 154 11.05 -68.23 -14.81
CA ILE G 154 10.69 -69.28 -15.75
C ILE G 154 10.99 -68.79 -17.16
N THR G 155 11.10 -69.74 -18.09
CA THR G 155 11.48 -69.47 -19.47
C THR G 155 10.32 -69.81 -20.40
N ARG G 156 10.39 -69.27 -21.61
CA ARG G 156 9.37 -69.47 -22.63
C ARG G 156 10.02 -70.00 -23.89
N MET G 157 9.39 -71.00 -24.51
CA MET G 157 9.95 -71.68 -25.68
C MET G 157 9.67 -70.96 -26.99
N ALA G 158 8.82 -69.94 -26.98
CA ALA G 158 8.38 -69.28 -28.21
C ALA G 158 8.54 -67.77 -28.03
N VAL G 159 7.99 -67.02 -28.99
CA VAL G 159 8.06 -65.56 -28.95
C VAL G 159 6.81 -65.00 -29.60
N THR G 160 6.40 -63.81 -29.14
CA THR G 160 5.15 -63.22 -29.61
C THR G 160 5.30 -62.63 -31.01
N THR G 161 6.19 -61.65 -31.15
CA THR G 161 6.40 -60.95 -32.40
C THR G 161 7.69 -61.42 -33.05
N LYS G 162 8.03 -60.79 -34.18
CA LYS G 162 9.32 -61.04 -34.80
C LYS G 162 10.43 -60.67 -33.83
N ALA G 163 11.40 -61.56 -33.68
CA ALA G 163 12.47 -61.36 -32.70
C ALA G 163 13.78 -61.86 -33.27
N GLU G 164 14.87 -61.29 -32.76
CA GLU G 164 16.22 -61.71 -33.15
C GLU G 164 16.86 -62.64 -32.12
N ALA G 165 16.35 -62.64 -30.88
CA ALA G 165 16.98 -63.41 -29.83
C ALA G 165 16.79 -64.92 -30.02
N GLU G 166 15.57 -65.36 -30.33
CA GLU G 166 15.29 -66.78 -30.44
C GLU G 166 16.12 -67.42 -31.56
N ASP G 171 19.58 -67.45 -29.20
CA ASP G 171 19.81 -68.42 -28.14
C ASP G 171 19.14 -67.98 -26.84
N ASN G 172 18.84 -66.69 -26.74
CA ASN G 172 18.23 -66.12 -25.54
C ASN G 172 16.73 -66.38 -25.58
N ARG G 173 16.30 -67.42 -24.89
CA ARG G 173 14.88 -67.75 -24.81
C ARG G 173 14.13 -66.65 -24.05
N THR G 174 12.87 -66.45 -24.41
CA THR G 174 12.06 -65.45 -23.74
C THR G 174 11.89 -65.79 -22.27
N MET G 175 12.00 -64.78 -21.42
CA MET G 175 11.99 -64.98 -19.97
C MET G 175 10.63 -64.62 -19.39
N GLY G 176 10.37 -65.16 -18.20
CA GLY G 176 9.16 -64.88 -17.46
C GLY G 176 9.38 -65.17 -15.99
N ARG G 177 8.38 -64.83 -15.18
CA ARG G 177 8.51 -64.97 -13.74
C ARG G 177 7.14 -65.14 -13.11
N LYS G 178 7.11 -65.87 -12.00
CA LYS G 178 5.92 -65.97 -11.17
C LYS G 178 6.35 -66.02 -9.71
N HIS G 179 5.46 -65.57 -8.83
CA HIS G 179 5.74 -65.46 -7.41
C HIS G 179 4.87 -66.45 -6.64
N ILE G 180 5.44 -67.05 -5.60
CA ILE G 180 4.76 -68.06 -4.82
C ILE G 180 5.05 -67.85 -3.35
N VAL G 181 4.04 -68.09 -2.51
CA VAL G 181 4.23 -68.18 -1.07
C VAL G 181 4.49 -69.64 -0.74
N PRO G 182 5.65 -69.98 -0.15
CA PRO G 182 5.91 -71.40 0.13
C PRO G 182 4.80 -72.04 0.96
N TYR G 183 4.28 -71.33 1.94
CA TYR G 183 3.12 -71.79 2.70
C TYR G 183 2.66 -70.66 3.59
N GLY G 184 1.35 -70.62 3.84
CA GLY G 184 0.79 -69.60 4.69
C GLY G 184 -0.62 -69.92 5.14
N LEU G 185 -0.89 -69.74 6.43
CA LEU G 185 -2.22 -69.94 6.99
C LEU G 185 -2.83 -68.57 7.25
N TYR G 186 -3.97 -68.30 6.62
CA TYR G 186 -4.60 -66.99 6.66
C TYR G 186 -5.87 -67.05 7.49
N VAL G 187 -6.13 -66.00 8.26
CA VAL G 187 -7.32 -65.90 9.09
C VAL G 187 -8.15 -64.74 8.59
N ALA G 188 -9.44 -64.99 8.36
CA ALA G 188 -10.37 -64.00 7.84
C ALA G 188 -11.53 -63.84 8.82
N HIS G 189 -11.84 -62.59 9.15
CA HIS G 189 -12.96 -62.26 10.02
C HIS G 189 -14.06 -61.60 9.19
N GLY G 190 -15.31 -61.92 9.51
CA GLY G 190 -16.44 -61.35 8.81
C GLY G 190 -17.62 -61.19 9.74
N PHE G 191 -18.58 -60.39 9.27
CA PHE G 191 -19.74 -60.04 10.08
C PHE G 191 -21.00 -60.09 9.23
N ILE G 192 -22.12 -60.41 9.86
CA ILE G 192 -23.44 -60.36 9.23
C ILE G 192 -24.37 -59.64 10.19
N SER G 193 -25.02 -58.59 9.71
CA SER G 193 -25.88 -57.74 10.52
C SER G 193 -27.33 -57.96 10.12
N ALA G 194 -28.16 -58.37 11.08
CA ALA G 194 -29.58 -58.52 10.80
C ALA G 194 -30.24 -57.22 10.37
N PRO G 195 -29.96 -56.07 10.97
CA PRO G 195 -30.61 -54.82 10.52
C PRO G 195 -30.42 -54.52 9.05
N LEU G 196 -29.23 -54.80 8.49
CA LEU G 196 -29.01 -54.55 7.07
C LEU G 196 -29.67 -55.63 6.22
N ALA G 197 -29.69 -56.86 6.71
CA ALA G 197 -30.39 -57.93 5.99
C ALA G 197 -31.86 -57.60 5.85
N GLU G 198 -32.48 -57.10 6.92
CA GLU G 198 -33.87 -56.69 6.86
C GLU G 198 -34.09 -55.55 5.88
N LYS G 199 -33.02 -54.84 5.50
CA LYS G 199 -33.13 -53.75 4.53
C LYS G 199 -32.93 -54.23 3.10
N THR G 200 -32.07 -55.23 2.89
CA THR G 200 -31.85 -55.76 1.55
C THR G 200 -32.62 -57.03 1.26
N GLY G 201 -33.11 -57.72 2.29
CA GLY G 201 -33.83 -58.96 2.11
C GLY G 201 -32.96 -60.20 2.18
N PHE G 202 -31.71 -60.08 2.63
CA PHE G 202 -30.82 -61.23 2.77
C PHE G 202 -31.49 -62.28 3.64
N SER G 203 -31.80 -63.43 3.06
CA SER G 203 -32.63 -64.45 3.71
C SER G 203 -31.78 -65.54 4.34
N ASP G 204 -32.47 -66.54 4.89
CA ASP G 204 -31.77 -67.66 5.51
C ASP G 204 -31.21 -68.63 4.47
N GLU G 205 -31.94 -68.82 3.37
CA GLU G 205 -31.39 -69.63 2.28
C GLU G 205 -30.12 -68.99 1.73
N ASP G 206 -30.10 -67.66 1.63
CA ASP G 206 -28.87 -66.96 1.24
C ASP G 206 -27.76 -67.26 2.23
N LEU G 207 -28.07 -67.29 3.53
CA LEU G 207 -27.04 -67.55 4.52
C LEU G 207 -26.48 -68.96 4.38
N THR G 208 -27.35 -69.94 4.16
CA THR G 208 -26.88 -71.31 3.96
C THR G 208 -26.00 -71.41 2.71
N LEU G 209 -26.43 -70.78 1.62
CA LEU G 209 -25.62 -70.77 0.41
C LEU G 209 -24.29 -70.09 0.66
N PHE G 210 -24.28 -69.04 1.49
CA PHE G 210 -23.04 -68.34 1.80
C PHE G 210 -22.09 -69.24 2.58
N TRP G 211 -22.61 -69.98 3.57
CA TRP G 211 -21.76 -70.92 4.29
C TRP G 211 -21.21 -71.98 3.34
N ASP G 212 -22.04 -72.49 2.44
CA ASP G 212 -21.58 -73.47 1.48
C ASP G 212 -20.46 -72.91 0.61
N ALA G 213 -20.64 -71.68 0.12
CA ALA G 213 -19.62 -71.06 -0.71
C ALA G 213 -18.32 -70.91 0.07
N LEU G 214 -18.41 -70.42 1.30
CA LEU G 214 -17.20 -70.25 2.11
C LEU G 214 -16.48 -71.58 2.29
N VAL G 215 -17.23 -72.66 2.52
CA VAL G 215 -16.60 -73.96 2.66
C VAL G 215 -15.95 -74.40 1.35
N ASN G 216 -16.56 -74.06 0.22
CA ASN G 216 -16.12 -74.53 -1.08
C ASN G 216 -15.63 -73.43 -2.01
N MET G 217 -15.04 -72.36 -1.48
CA MET G 217 -14.57 -71.27 -2.32
C MET G 217 -13.47 -71.72 -3.29
N PHE G 218 -12.42 -72.35 -2.75
CA PHE G 218 -11.20 -72.56 -3.52
C PHE G 218 -11.25 -73.84 -4.36
N GLU G 219 -12.22 -74.72 -4.13
CA GLU G 219 -12.23 -75.99 -4.84
C GLU G 219 -12.44 -75.82 -6.35
N HIS G 220 -12.98 -74.68 -6.78
CA HIS G 220 -13.21 -74.42 -8.20
C HIS G 220 -12.53 -73.14 -8.66
N ASP G 221 -11.40 -72.79 -8.06
CA ASP G 221 -10.65 -71.58 -8.39
C ASP G 221 -9.21 -71.92 -8.75
N ARG G 222 -8.98 -73.14 -9.23
CA ARG G 222 -7.64 -73.58 -9.56
C ARG G 222 -7.10 -72.82 -10.76
N SER G 223 -5.78 -72.62 -10.76
CA SER G 223 -5.12 -71.95 -11.88
C SER G 223 -3.62 -72.17 -11.75
N ALA G 224 -2.89 -71.72 -12.77
CA ALA G 224 -1.44 -71.89 -12.78
C ALA G 224 -0.77 -71.09 -11.68
N ALA G 225 -1.33 -69.94 -11.29
CA ALA G 225 -0.71 -69.08 -10.30
C ALA G 225 -1.18 -69.35 -8.88
N ARG G 226 -2.38 -69.89 -8.71
CA ARG G 226 -2.96 -70.01 -7.38
C ARG G 226 -2.32 -71.11 -6.55
N GLY G 227 -1.72 -72.12 -7.18
CA GLY G 227 -1.22 -73.23 -6.40
C GLY G 227 -2.35 -74.01 -5.77
N LEU G 228 -2.13 -74.49 -4.55
CA LEU G 228 -3.12 -75.26 -3.81
C LEU G 228 -3.62 -74.44 -2.63
N MET G 229 -4.87 -74.00 -2.70
CA MET G 229 -5.52 -73.27 -1.62
C MET G 229 -6.74 -74.05 -1.16
N SER G 230 -6.92 -74.12 0.15
CA SER G 230 -8.01 -74.89 0.73
C SER G 230 -8.48 -74.22 2.02
N SER G 231 -9.77 -74.33 2.29
CA SER G 231 -10.33 -73.84 3.54
C SER G 231 -10.22 -74.92 4.60
N ARG G 232 -9.80 -74.52 5.79
CA ARG G 232 -9.47 -75.46 6.86
C ARG G 232 -10.47 -75.45 8.00
N LYS G 233 -10.89 -74.27 8.46
CA LYS G 233 -11.85 -74.16 9.55
C LYS G 233 -12.86 -73.08 9.22
N LEU G 234 -14.05 -73.21 9.80
CA LEU G 234 -15.09 -72.18 9.68
C LEU G 234 -15.88 -72.19 10.98
N ILE G 235 -15.54 -71.25 11.87
CA ILE G 235 -16.22 -71.10 13.15
C ILE G 235 -17.26 -70.01 13.00
N VAL G 236 -18.51 -70.32 13.35
CA VAL G 236 -19.63 -69.39 13.21
C VAL G 236 -20.19 -69.10 14.59
N PHE G 237 -20.28 -67.82 14.92
CA PHE G 237 -20.89 -67.36 16.16
C PHE G 237 -22.27 -66.79 15.83
N LYS G 238 -23.31 -67.37 16.42
CA LYS G 238 -24.69 -66.94 16.22
C LYS G 238 -25.20 -66.31 17.50
N HIS G 239 -25.68 -65.07 17.40
CA HIS G 239 -26.22 -64.36 18.55
C HIS G 239 -27.71 -64.68 18.71
N GLN G 240 -28.16 -64.73 19.96
CA GLN G 240 -29.53 -65.09 20.25
C GLN G 240 -30.54 -64.01 19.87
N ASN G 241 -30.11 -62.80 19.53
CA ASN G 241 -31.05 -61.73 19.24
C ASN G 241 -30.55 -60.91 18.07
N ARG G 242 -31.40 -60.00 17.59
CA ARG G 242 -31.09 -59.24 16.39
C ARG G 242 -29.78 -58.48 16.53
N LEU G 243 -29.60 -57.78 17.64
CA LEU G 243 -28.33 -57.16 17.95
C LEU G 243 -27.49 -58.11 18.80
N GLY G 244 -26.20 -57.83 18.87
CA GLY G 244 -25.29 -58.77 19.48
C GLY G 244 -25.44 -58.88 20.98
N ASN G 245 -24.81 -59.91 21.53
CA ASN G 245 -24.72 -60.10 22.97
C ASN G 245 -23.27 -60.11 23.45
N ALA G 246 -22.32 -59.83 22.57
CA ALA G 246 -20.91 -59.78 22.93
C ALA G 246 -20.18 -58.98 21.86
N PRO G 247 -19.09 -58.30 22.23
CA PRO G 247 -18.31 -57.60 21.21
C PRO G 247 -17.68 -58.56 20.22
N ALA G 248 -17.53 -58.09 18.98
CA ALA G 248 -16.96 -58.95 17.94
C ALA G 248 -15.54 -59.36 18.29
N HIS G 249 -14.71 -58.42 18.75
CA HIS G 249 -13.34 -58.76 19.09
C HIS G 249 -13.27 -59.79 20.20
N LYS G 250 -14.25 -59.77 21.11
CA LYS G 250 -14.26 -60.77 22.18
C LYS G 250 -14.47 -62.16 21.62
N LEU G 251 -15.33 -62.30 20.61
CA LEU G 251 -15.59 -63.61 20.02
C LEU G 251 -14.40 -64.07 19.19
N PHE G 252 -13.82 -63.18 18.39
CA PHE G 252 -12.70 -63.56 17.54
C PHE G 252 -11.53 -64.06 18.38
N ASP G 253 -11.33 -63.49 19.57
CA ASP G 253 -10.25 -63.92 20.43
C ASP G 253 -10.41 -65.35 20.91
N LEU G 254 -11.61 -65.91 20.86
CA LEU G 254 -11.80 -67.30 21.25
C LEU G 254 -11.03 -68.24 20.33
N VAL G 255 -11.03 -67.96 19.02
CA VAL G 255 -10.33 -68.79 18.05
C VAL G 255 -8.84 -68.48 18.20
N LYS G 256 -8.10 -69.39 18.84
CA LYS G 256 -6.69 -69.22 19.07
C LYS G 256 -5.90 -70.14 18.15
N VAL G 257 -4.93 -69.59 17.44
CA VAL G 257 -4.09 -70.33 16.51
C VAL G 257 -2.65 -70.26 17.01
N SER G 258 -2.04 -71.42 17.17
CA SER G 258 -0.67 -71.52 17.65
C SER G 258 0.01 -72.69 16.97
N ARG G 259 1.33 -72.69 16.99
CA ARG G 259 2.10 -73.74 16.34
C ARG G 259 2.17 -74.98 17.21
N ALA G 260 1.95 -76.14 16.60
CA ALA G 260 2.03 -77.40 17.33
C ALA G 260 3.44 -77.57 17.89
N GLU G 261 3.53 -77.97 19.17
CA GLU G 261 4.82 -78.10 19.82
C GLU G 261 5.72 -79.11 19.12
N GLY G 262 5.16 -80.03 18.34
CA GLY G 262 5.96 -81.01 17.65
C GLY G 262 6.62 -80.52 16.38
N SER G 263 6.41 -79.26 16.01
CA SER G 263 6.97 -78.68 14.80
C SER G 263 7.86 -77.50 15.14
N SER G 264 8.85 -77.25 14.28
CA SER G 264 9.77 -76.14 14.46
C SER G 264 10.28 -75.73 13.09
N GLY G 265 10.90 -74.55 13.04
CA GLY G 265 11.37 -73.99 11.80
C GLY G 265 10.22 -73.48 10.96
N PRO G 266 10.48 -73.20 9.68
CA PRO G 266 9.43 -72.69 8.82
C PRO G 266 8.25 -73.65 8.74
N ALA G 267 7.04 -73.09 8.73
CA ALA G 267 5.84 -73.90 8.62
C ALA G 267 5.59 -74.27 7.17
N ARG G 268 5.21 -75.53 6.94
CA ARG G 268 4.96 -76.01 5.59
C ARG G 268 3.74 -76.90 5.48
N SER G 269 2.95 -77.06 6.54
CA SER G 269 1.73 -77.83 6.48
C SER G 269 0.78 -77.36 7.57
N PHE G 270 -0.51 -77.61 7.37
CA PHE G 270 -1.49 -77.25 8.38
C PHE G 270 -1.29 -78.02 9.67
N ALA G 271 -0.58 -79.16 9.61
CA ALA G 271 -0.28 -79.90 10.83
C ALA G 271 0.65 -79.13 11.76
N ASP G 272 1.40 -78.16 11.22
CA ASP G 272 2.29 -77.37 12.05
C ASP G 272 1.55 -76.41 12.97
N TYR G 273 0.24 -76.26 12.81
CA TYR G 273 -0.56 -75.33 13.59
C TYR G 273 -1.62 -76.08 14.38
N ALA G 274 -1.90 -75.58 15.58
CA ALA G 274 -2.98 -76.10 16.42
C ALA G 274 -3.99 -74.99 16.64
N VAL G 275 -5.27 -75.30 16.39
CA VAL G 275 -6.35 -74.33 16.51
C VAL G 275 -7.35 -74.84 17.53
N THR G 276 -7.71 -73.97 18.47
CA THR G 276 -8.67 -74.31 19.51
C THR G 276 -9.67 -73.16 19.66
N VAL G 277 -10.89 -73.51 20.03
CA VAL G 277 -11.97 -72.55 20.19
C VAL G 277 -12.46 -72.64 21.64
N GLY G 278 -12.46 -71.51 22.33
CA GLY G 278 -12.89 -71.47 23.70
C GLY G 278 -14.41 -71.46 23.83
N GLN G 279 -14.86 -71.41 25.08
CA GLN G 279 -16.29 -71.37 25.37
C GLN G 279 -16.82 -69.97 25.09
N ALA G 280 -17.88 -69.88 24.30
CA ALA G 280 -18.46 -68.60 23.96
C ALA G 280 -19.31 -68.07 25.11
N PRO G 281 -19.52 -66.76 25.18
CA PRO G 281 -20.38 -66.21 26.23
C PRO G 281 -21.79 -66.80 26.17
N GLU G 282 -22.56 -66.53 27.22
CA GLU G 282 -23.91 -67.09 27.30
C GLU G 282 -24.81 -66.52 26.21
N GLY G 283 -24.54 -65.30 25.76
CA GLY G 283 -25.37 -64.62 24.80
C GLY G 283 -25.17 -65.02 23.36
N VAL G 284 -24.24 -65.93 23.07
CA VAL G 284 -24.01 -66.40 21.71
C VAL G 284 -23.74 -67.90 21.75
N GLU G 285 -23.93 -68.55 20.60
CA GLU G 285 -23.63 -69.96 20.43
C GLU G 285 -22.64 -70.12 19.28
N VAL G 286 -21.68 -71.01 19.46
CA VAL G 286 -20.60 -71.23 18.51
C VAL G 286 -20.71 -72.63 17.94
N LYS G 287 -20.73 -72.73 16.61
CA LYS G 287 -20.77 -74.01 15.92
C LYS G 287 -19.52 -74.13 15.04
N GLU G 288 -18.92 -75.32 15.07
CA GLU G 288 -17.63 -75.54 14.43
C GLU G 288 -17.65 -76.61 13.36
N MET G 289 -18.71 -77.41 13.25
CA MET G 289 -18.72 -78.52 12.31
C MET G 289 -18.53 -78.05 10.87
N LEU G 290 -18.80 -76.79 10.58
CA LEU G 290 -18.61 -76.25 9.25
C LEU G 290 -17.16 -76.42 8.81
N MET H 1 -17.88 -82.53 -29.91
CA MET H 1 -16.97 -83.17 -28.93
C MET H 1 -17.42 -82.88 -27.50
N THR H 2 -17.99 -83.88 -26.86
CA THR H 2 -18.50 -83.71 -25.51
C THR H 2 -17.35 -83.51 -24.53
N ALA H 3 -17.52 -82.56 -23.62
CA ALA H 3 -16.54 -82.35 -22.57
C ALA H 3 -16.69 -83.41 -21.47
N ILE H 4 -15.61 -83.62 -20.73
CA ILE H 4 -15.64 -84.62 -19.67
C ILE H 4 -16.69 -84.23 -18.63
N ALA H 5 -17.29 -85.23 -18.01
CA ALA H 5 -18.44 -85.02 -17.13
C ALA H 5 -18.13 -85.31 -15.66
N ASN H 6 -16.87 -85.37 -15.28
CA ASN H 6 -16.50 -85.64 -13.89
C ASN H 6 -15.26 -84.84 -13.51
N ARG H 7 -15.23 -84.42 -12.25
CA ARG H 7 -14.05 -83.76 -11.71
C ARG H 7 -13.03 -84.80 -11.26
N TYR H 8 -11.75 -84.53 -11.52
CA TYR H 8 -10.68 -85.45 -11.19
C TYR H 8 -9.60 -84.75 -10.38
N GLU H 9 -9.04 -85.48 -9.43
CA GLU H 9 -7.83 -85.09 -8.72
C GLU H 9 -6.84 -86.24 -8.75
N PHE H 10 -5.59 -85.93 -9.09
CA PHE H 10 -4.57 -86.95 -9.27
C PHE H 10 -3.27 -86.48 -8.63
N VAL H 11 -2.45 -87.46 -8.26
CA VAL H 11 -1.12 -87.21 -7.69
C VAL H 11 -0.11 -88.08 -8.42
N LEU H 12 0.97 -87.47 -8.89
CA LEU H 12 2.01 -88.17 -9.62
C LEU H 12 3.30 -88.17 -8.80
N LEU H 13 3.95 -89.32 -8.76
CA LEU H 13 5.24 -89.48 -8.09
C LEU H 13 6.28 -89.93 -9.11
N PHE H 14 7.40 -89.21 -9.15
CA PHE H 14 8.45 -89.51 -10.12
C PHE H 14 9.81 -89.33 -9.45
N ASP H 15 10.81 -90.01 -10.00
CA ASP H 15 12.14 -90.03 -9.45
C ASP H 15 13.11 -89.21 -10.30
N VAL H 16 14.16 -88.72 -9.66
CA VAL H 16 15.30 -88.12 -10.34
C VAL H 16 16.56 -88.67 -9.69
N GLU H 17 17.50 -89.12 -10.51
CA GLU H 17 18.71 -89.77 -10.02
C GLU H 17 19.92 -89.21 -10.74
N ASN H 18 20.82 -88.59 -9.99
CA ASN H 18 22.07 -88.06 -10.52
C ASN H 18 21.80 -87.17 -11.74
N GLY H 19 20.92 -86.20 -11.56
CA GLY H 19 20.57 -85.30 -12.65
C GLY H 19 19.92 -84.05 -12.12
N ASN H 20 19.57 -83.16 -13.04
CA ASN H 20 18.94 -81.89 -12.70
C ASN H 20 17.48 -81.93 -13.12
N PRO H 21 16.53 -82.13 -12.20
CA PRO H 21 15.12 -82.17 -12.61
C PRO H 21 14.65 -80.88 -13.24
N ASN H 22 15.12 -79.73 -12.75
CA ASN H 22 14.74 -78.45 -13.30
C ASN H 22 15.70 -77.40 -12.77
N GLY H 23 16.34 -76.66 -13.67
CA GLY H 23 17.35 -75.70 -13.29
C GLY H 23 16.75 -74.32 -13.04
N ASP H 24 17.29 -73.64 -12.04
CA ASP H 24 16.84 -72.30 -11.70
C ASP H 24 17.57 -71.28 -12.56
N PRO H 25 16.89 -70.55 -13.45
CA PRO H 25 17.60 -69.58 -14.30
C PRO H 25 18.34 -68.51 -13.50
N ASP H 26 17.84 -68.14 -12.33
CA ASP H 26 18.45 -67.07 -11.54
C ASP H 26 19.57 -67.56 -10.64
N ALA H 27 19.85 -68.87 -10.63
CA ALA H 27 20.95 -69.40 -9.85
C ALA H 27 21.86 -70.23 -10.75
N GLY H 28 22.20 -69.69 -11.92
CA GLY H 28 22.93 -70.46 -12.92
C GLY H 28 22.06 -71.57 -13.46
N ASN H 29 22.38 -72.82 -13.08
CA ASN H 29 21.51 -73.94 -13.39
C ASN H 29 21.30 -74.82 -12.17
N MET H 30 21.52 -74.28 -10.96
CA MET H 30 21.31 -75.06 -9.76
C MET H 30 19.86 -75.53 -9.70
N PRO H 31 19.61 -76.79 -9.33
CA PRO H 31 18.23 -77.27 -9.24
C PRO H 31 17.41 -76.42 -8.28
N ARG H 32 16.16 -76.18 -8.66
CA ARG H 32 15.27 -75.40 -7.81
C ARG H 32 15.08 -76.08 -6.46
N ILE H 33 15.13 -75.30 -5.39
CA ILE H 33 14.90 -75.80 -4.04
C ILE H 33 14.18 -74.73 -3.22
N ASP H 34 13.64 -75.16 -2.10
CA ASP H 34 13.07 -74.23 -1.14
C ASP H 34 14.20 -73.74 -0.25
N PRO H 35 14.62 -72.48 -0.34
CA PRO H 35 15.83 -72.05 0.40
C PRO H 35 15.70 -72.20 1.91
N GLU H 36 14.49 -72.24 2.44
CA GLU H 36 14.31 -72.34 3.88
C GLU H 36 14.37 -73.77 4.39
N THR H 37 14.06 -74.76 3.54
CA THR H 37 14.04 -76.15 3.96
C THR H 37 14.85 -77.08 3.07
N GLY H 38 15.29 -76.64 1.89
CA GLY H 38 16.11 -77.47 1.04
C GLY H 38 15.36 -78.48 0.20
N HIS H 39 14.03 -78.54 0.30
CA HIS H 39 13.27 -79.46 -0.52
C HIS H 39 13.35 -79.05 -1.98
N GLY H 40 13.36 -80.03 -2.87
CA GLY H 40 13.44 -79.75 -4.29
C GLY H 40 12.09 -79.40 -4.88
N LEU H 41 12.10 -78.46 -5.81
CA LEU H 41 10.90 -77.97 -6.46
C LEU H 41 11.03 -78.12 -7.97
N VAL H 42 9.93 -78.51 -8.61
CA VAL H 42 9.83 -78.55 -10.07
C VAL H 42 8.61 -77.76 -10.46
N THR H 43 8.80 -76.76 -11.32
CA THR H 43 7.70 -75.89 -11.72
C THR H 43 6.64 -76.69 -12.48
N ASP H 44 5.38 -76.30 -12.28
CA ASP H 44 4.30 -76.88 -13.08
C ASP H 44 4.56 -76.67 -14.56
N VAL H 45 5.25 -75.58 -14.92
CA VAL H 45 5.57 -75.32 -16.31
C VAL H 45 6.43 -76.44 -16.88
N CYS H 46 7.39 -76.92 -16.09
CA CYS H 46 8.29 -77.96 -16.57
C CYS H 46 7.53 -79.23 -16.91
N LEU H 47 6.63 -79.67 -16.04
CA LEU H 47 5.86 -80.88 -16.30
C LEU H 47 5.01 -80.72 -17.55
N LYS H 48 4.36 -79.55 -17.67
CA LYS H 48 3.51 -79.32 -18.84
C LYS H 48 4.32 -79.31 -20.12
N ARG H 49 5.59 -78.89 -20.06
CA ARG H 49 6.45 -78.99 -21.23
C ARG H 49 6.65 -80.45 -21.64
N LYS H 50 6.87 -81.33 -20.66
CA LYS H 50 6.96 -82.75 -20.97
C LYS H 50 5.67 -83.27 -21.58
N ILE H 51 4.52 -82.83 -21.05
CA ILE H 51 3.24 -83.26 -21.60
C ILE H 51 3.12 -82.81 -23.05
N ARG H 52 3.46 -81.55 -23.32
CA ARG H 52 3.36 -81.02 -24.68
C ARG H 52 4.26 -81.79 -25.64
N ASN H 53 5.50 -82.04 -25.22
CA ASN H 53 6.43 -82.77 -26.06
C ASN H 53 5.94 -84.18 -26.34
N HIS H 54 5.46 -84.86 -25.30
CA HIS H 54 4.97 -86.22 -25.49
C HIS H 54 3.79 -86.26 -26.44
N VAL H 55 2.86 -85.32 -26.30
CA VAL H 55 1.70 -85.30 -27.17
C VAL H 55 2.12 -85.02 -28.61
N ALA H 56 2.97 -84.01 -28.81
CA ALA H 56 3.42 -83.68 -30.16
C ALA H 56 4.15 -84.84 -30.79
N LEU H 57 4.89 -85.62 -29.99
CA LEU H 57 5.60 -86.78 -30.51
C LEU H 57 4.64 -87.89 -30.89
N THR H 58 3.77 -88.29 -29.95
CA THR H 58 2.92 -89.46 -30.17
C THR H 58 1.80 -89.18 -31.17
N LYS H 59 1.47 -87.92 -31.43
CA LYS H 59 0.44 -87.57 -32.39
C LYS H 59 0.99 -86.96 -33.67
N GLU H 60 2.29 -86.65 -33.71
CA GLU H 60 2.93 -86.14 -34.92
C GLU H 60 2.16 -84.96 -35.51
N GLY H 61 1.63 -84.12 -34.64
CA GLY H 61 0.90 -82.95 -35.11
C GLY H 61 -0.34 -83.27 -35.91
N ALA H 62 -1.04 -84.35 -35.57
CA ALA H 62 -2.30 -84.65 -36.23
C ALA H 62 -3.32 -83.56 -35.92
N GLU H 63 -4.44 -83.59 -36.64
CA GLU H 63 -5.46 -82.58 -36.46
C GLU H 63 -6.01 -82.63 -35.04
N ARG H 64 -6.29 -81.45 -34.48
CA ARG H 64 -6.79 -81.31 -33.12
C ARG H 64 -5.74 -81.69 -32.08
N PHE H 65 -4.48 -81.80 -32.50
CA PHE H 65 -3.40 -82.15 -31.57
C PHE H 65 -2.15 -81.34 -31.87
N ASN H 66 -2.29 -80.15 -32.44
CA ASN H 66 -1.16 -79.25 -32.58
C ASN H 66 -0.85 -78.61 -31.23
N ILE H 67 0.44 -78.32 -31.02
CA ILE H 67 0.92 -77.72 -29.78
C ILE H 67 1.15 -76.24 -30.05
N TYR H 68 0.43 -75.39 -29.32
CA TYR H 68 0.50 -73.95 -29.52
C TYR H 68 1.88 -73.40 -29.17
N ILE H 69 2.45 -73.87 -28.05
CA ILE H 69 3.77 -73.42 -27.62
C ILE H 69 4.82 -74.39 -28.16
N GLN H 70 5.45 -74.01 -29.26
CA GLN H 70 6.44 -74.86 -29.93
C GLN H 70 7.74 -74.10 -30.09
N GLU H 71 8.84 -74.85 -30.26
CA GLU H 71 10.18 -74.28 -30.27
C GLU H 71 10.29 -73.06 -31.18
N LYS H 72 10.59 -71.91 -30.58
CA LYS H 72 10.79 -70.66 -31.29
C LYS H 72 9.73 -70.42 -32.35
N ALA H 73 8.51 -70.89 -32.10
CA ALA H 73 7.38 -70.52 -32.94
C ALA H 73 6.98 -69.08 -32.64
N ILE H 74 6.37 -68.43 -33.63
CA ILE H 74 5.90 -67.06 -33.48
C ILE H 74 4.39 -67.13 -33.28
N LEU H 75 3.93 -66.72 -32.09
CA LEU H 75 2.53 -66.91 -31.73
C LEU H 75 1.61 -65.93 -32.46
N ASN H 76 2.08 -64.72 -32.76
CA ASN H 76 1.22 -63.77 -33.45
C ASN H 76 0.79 -64.29 -34.81
N GLU H 77 1.66 -65.01 -35.51
CA GLU H 77 1.30 -65.51 -36.83
C GLU H 77 0.21 -66.56 -36.76
N THR H 78 0.30 -67.51 -35.82
CA THR H 78 -0.76 -68.50 -35.67
C THR H 78 -2.06 -67.85 -35.22
N HIS H 79 -1.99 -66.73 -34.51
CA HIS H 79 -3.20 -65.96 -34.21
C HIS H 79 -3.82 -65.42 -35.50
N GLU H 80 -2.99 -64.91 -36.40
CA GLU H 80 -3.50 -64.44 -37.69
C GLU H 80 -4.18 -65.57 -38.44
N ARG H 81 -3.62 -66.78 -38.35
CA ARG H 81 -4.24 -67.93 -38.99
C ARG H 81 -5.65 -68.18 -38.46
N ALA H 82 -5.83 -68.03 -37.14
CA ALA H 82 -7.16 -68.22 -36.56
C ALA H 82 -8.14 -67.21 -37.12
N TYR H 83 -7.74 -65.95 -37.20
CA TYR H 83 -8.62 -64.92 -37.74
C TYR H 83 -8.94 -65.21 -39.21
N THR H 84 -7.93 -65.61 -39.98
CA THR H 84 -8.17 -65.98 -41.37
C THR H 84 -9.07 -67.21 -41.46
N ALA H 85 -8.83 -68.21 -40.60
CA ALA H 85 -9.63 -69.42 -40.64
C ALA H 85 -11.10 -69.12 -40.37
N CYS H 86 -11.37 -68.26 -39.39
CA CYS H 86 -12.74 -67.87 -39.09
C CYS H 86 -13.23 -66.70 -39.92
N ASP H 87 -12.38 -66.13 -40.78
CA ASP H 87 -12.79 -65.09 -41.72
C ASP H 87 -13.12 -63.77 -41.02
N LEU H 88 -12.28 -63.38 -40.08
CA LEU H 88 -12.38 -62.07 -39.43
C LEU H 88 -11.11 -61.27 -39.68
N LYS H 89 -11.27 -59.99 -39.96
CA LYS H 89 -10.12 -59.11 -40.11
C LYS H 89 -9.62 -58.67 -38.73
N PRO H 90 -8.36 -58.92 -38.39
CA PRO H 90 -7.89 -58.62 -37.03
C PRO H 90 -7.82 -57.13 -36.78
N GLU H 91 -8.29 -56.72 -35.59
CA GLU H 91 -8.10 -55.36 -35.13
C GLU H 91 -6.67 -55.17 -34.63
N PRO H 92 -6.18 -53.92 -34.61
CA PRO H 92 -4.79 -53.70 -34.20
C PRO H 92 -4.45 -54.19 -32.79
N LYS H 93 -5.39 -54.15 -31.85
CA LYS H 93 -5.11 -54.58 -30.49
C LYS H 93 -6.24 -55.41 -29.88
N LYS H 94 -7.42 -55.40 -30.49
CA LYS H 94 -8.64 -55.79 -29.82
C LYS H 94 -9.26 -57.02 -30.48
N LEU H 95 -10.12 -57.69 -29.71
CA LEU H 95 -10.93 -58.77 -30.23
C LEU H 95 -12.04 -58.20 -31.12
N PRO H 96 -12.63 -59.02 -31.97
CA PRO H 96 -13.74 -58.52 -32.81
C PRO H 96 -14.89 -58.01 -31.96
N LYS H 97 -15.52 -56.95 -32.44
CA LYS H 97 -16.59 -56.32 -31.68
C LYS H 97 -17.74 -57.28 -31.43
N LYS H 98 -18.11 -58.06 -32.44
CA LYS H 98 -19.19 -59.03 -32.28
C LYS H 98 -18.73 -60.15 -31.35
N VAL H 99 -19.42 -60.32 -30.23
CA VAL H 99 -18.99 -61.29 -29.23
C VAL H 99 -18.96 -62.69 -29.82
N GLU H 100 -19.89 -63.01 -30.71
CA GLU H 100 -19.90 -64.34 -31.31
C GLU H 100 -18.65 -64.58 -32.14
N ASP H 101 -18.14 -63.56 -32.84
CA ASP H 101 -16.91 -63.72 -33.61
C ASP H 101 -15.73 -64.02 -32.69
N ALA H 102 -15.63 -63.30 -31.56
CA ALA H 102 -14.57 -63.57 -30.61
C ALA H 102 -14.68 -64.99 -30.05
N LYS H 103 -15.90 -65.42 -29.73
CA LYS H 103 -16.09 -66.78 -29.27
C LYS H 103 -15.65 -67.79 -30.33
N ARG H 104 -15.99 -67.51 -31.59
CA ARG H 104 -15.65 -68.44 -32.66
C ARG H 104 -14.14 -68.55 -32.83
N VAL H 105 -13.43 -67.42 -32.82
CA VAL H 105 -11.98 -67.47 -33.00
C VAL H 105 -11.34 -68.17 -31.80
N THR H 106 -11.79 -67.86 -30.58
CA THR H 106 -11.23 -68.51 -29.41
C THR H 106 -11.47 -70.01 -29.45
N ASP H 107 -12.67 -70.43 -29.86
CA ASP H 107 -12.97 -71.85 -29.95
C ASP H 107 -12.12 -72.52 -31.01
N TRP H 108 -11.95 -71.88 -32.17
CA TRP H 108 -11.11 -72.45 -33.21
C TRP H 108 -9.70 -72.66 -32.71
N MET H 109 -9.14 -71.67 -32.01
CA MET H 109 -7.81 -71.85 -31.44
C MET H 109 -7.82 -72.97 -30.39
N CYS H 110 -8.90 -73.08 -29.63
CA CYS H 110 -8.95 -74.07 -28.56
C CYS H 110 -9.21 -75.48 -29.09
N THR H 111 -9.99 -75.60 -30.17
CA THR H 111 -10.38 -76.92 -30.66
C THR H 111 -9.22 -77.63 -31.35
N ASN H 112 -8.46 -76.91 -32.17
CA ASN H 112 -7.41 -77.53 -32.98
C ASN H 112 -6.08 -77.68 -32.25
N PHE H 113 -5.88 -76.98 -31.14
CA PHE H 113 -4.66 -77.07 -30.36
C PHE H 113 -4.93 -77.85 -29.07
N TYR H 114 -4.15 -78.89 -28.82
CA TYR H 114 -4.39 -79.72 -27.65
C TYR H 114 -3.95 -79.02 -26.37
N ASP H 115 -2.79 -78.38 -26.39
CA ASP H 115 -2.28 -77.74 -25.17
C ASP H 115 -3.17 -76.58 -24.75
N ILE H 116 -3.72 -75.84 -25.72
CA ILE H 116 -4.70 -74.81 -25.38
C ILE H 116 -5.94 -75.44 -24.76
N ARG H 117 -6.40 -76.55 -25.36
CA ARG H 117 -7.59 -77.22 -24.86
C ARG H 117 -7.39 -77.76 -23.44
N THR H 118 -6.15 -78.06 -23.07
CA THR H 118 -5.87 -78.73 -21.80
C THR H 118 -5.45 -77.74 -20.71
N PHE H 119 -4.37 -76.99 -20.95
CA PHE H 119 -3.82 -76.08 -19.96
C PHE H 119 -4.21 -74.63 -20.16
N GLY H 120 -4.91 -74.30 -21.24
CA GLY H 120 -5.27 -72.93 -21.53
C GLY H 120 -4.08 -72.15 -22.06
N ALA H 121 -4.34 -70.90 -22.43
CA ALA H 121 -3.30 -70.05 -22.97
C ALA H 121 -3.76 -68.60 -22.89
N VAL H 122 -2.80 -67.69 -23.07
CA VAL H 122 -3.04 -66.26 -23.12
C VAL H 122 -2.68 -65.76 -24.52
N MET H 123 -3.64 -65.15 -25.20
CA MET H 123 -3.46 -64.70 -26.57
C MET H 123 -3.77 -63.22 -26.74
N THR H 124 -3.48 -62.40 -25.75
CA THR H 124 -3.71 -60.96 -25.83
C THR H 124 -2.44 -60.29 -26.35
N THR H 125 -2.45 -59.91 -27.63
CA THR H 125 -1.29 -59.30 -28.27
C THR H 125 -1.81 -58.32 -29.32
N GLU H 126 -0.92 -57.91 -30.22
CA GLU H 126 -1.35 -57.04 -31.32
C GLU H 126 -2.43 -57.72 -32.14
N VAL H 127 -2.36 -59.04 -32.27
CA VAL H 127 -3.45 -59.83 -32.81
C VAL H 127 -4.04 -60.60 -31.63
N ASN H 128 -5.23 -60.17 -31.19
CA ASN H 128 -5.80 -60.60 -29.92
C ASN H 128 -6.80 -61.71 -30.16
N CYS H 129 -6.74 -62.77 -29.34
CA CYS H 129 -7.64 -63.90 -29.45
C CYS H 129 -8.17 -64.35 -28.08
N GLY H 130 -8.20 -63.45 -27.11
CA GLY H 130 -8.78 -63.79 -25.82
C GLY H 130 -7.86 -64.68 -25.01
N GLN H 131 -8.44 -65.38 -24.04
CA GLN H 131 -7.68 -66.24 -23.14
C GLN H 131 -8.54 -67.44 -22.77
N VAL H 132 -7.87 -68.50 -22.33
CA VAL H 132 -8.52 -69.74 -21.92
C VAL H 132 -7.85 -70.21 -20.64
N ARG H 133 -8.66 -70.54 -19.63
CA ARG H 133 -8.10 -70.96 -18.35
C ARG H 133 -7.58 -72.40 -18.40
N GLY H 134 -8.27 -73.28 -19.10
CA GLY H 134 -7.84 -74.66 -19.23
C GLY H 134 -8.28 -75.48 -18.04
N PRO H 135 -8.90 -76.63 -18.29
CA PRO H 135 -9.41 -77.45 -17.17
C PRO H 135 -8.34 -78.10 -16.33
N VAL H 136 -7.19 -78.44 -16.91
CA VAL H 136 -6.15 -79.19 -16.21
C VAL H 136 -5.17 -78.20 -15.58
N GLN H 137 -4.88 -78.40 -14.30
CA GLN H 137 -3.92 -77.58 -13.58
C GLN H 137 -3.02 -78.48 -12.77
N MET H 138 -1.79 -78.01 -12.52
CA MET H 138 -0.82 -78.76 -11.75
C MET H 138 -0.12 -77.82 -10.77
N ALA H 139 0.16 -78.32 -9.58
CA ALA H 139 0.91 -77.55 -8.60
C ALA H 139 2.39 -77.92 -8.67
N PHE H 140 3.22 -77.08 -8.06
CA PHE H 140 4.65 -77.35 -8.04
C PHE H 140 4.91 -78.70 -7.40
N ALA H 141 5.76 -79.50 -8.06
CA ALA H 141 6.15 -80.78 -7.50
C ALA H 141 7.26 -80.57 -6.48
N ARG H 142 7.07 -81.15 -5.29
CA ARG H 142 8.00 -80.95 -4.18
C ARG H 142 8.55 -82.28 -3.72
N SER H 143 9.84 -82.29 -3.39
CA SER H 143 10.49 -83.52 -2.95
C SER H 143 9.92 -83.97 -1.61
N VAL H 144 9.88 -85.28 -1.41
CA VAL H 144 9.39 -85.83 -0.15
C VAL H 144 10.31 -85.43 1.00
N GLU H 145 11.61 -85.48 0.76
CA GLU H 145 12.63 -85.18 1.75
C GLU H 145 13.61 -84.17 1.17
N PRO H 146 14.30 -83.42 2.01
CA PRO H 146 15.18 -82.37 1.50
C PRO H 146 16.35 -82.93 0.70
N VAL H 147 16.85 -82.10 -0.20
CA VAL H 147 17.95 -82.47 -1.08
C VAL H 147 19.04 -81.41 -0.94
N VAL H 148 20.27 -81.78 -1.28
CA VAL H 148 21.42 -80.90 -1.14
C VAL H 148 22.16 -80.86 -2.48
N PRO H 149 21.73 -80.03 -3.44
CA PRO H 149 22.40 -79.99 -4.74
C PRO H 149 23.83 -79.48 -4.61
N GLN H 150 24.68 -79.95 -5.53
CA GLN H 150 26.07 -79.57 -5.56
C GLN H 150 26.51 -79.36 -7.01
N GLU H 151 27.62 -78.64 -7.16
CA GLU H 151 28.17 -78.37 -8.49
C GLU H 151 29.12 -79.50 -8.90
N VAL H 152 29.30 -79.66 -10.21
CA VAL H 152 30.19 -80.66 -10.79
C VAL H 152 31.19 -79.93 -11.66
N SER H 153 32.48 -80.21 -11.45
CA SER H 153 33.54 -79.55 -12.20
C SER H 153 33.91 -80.35 -13.44
N ILE H 154 33.97 -79.66 -14.58
CA ILE H 154 34.36 -80.26 -15.85
C ILE H 154 35.33 -79.33 -16.55
N THR H 155 36.03 -79.89 -17.56
CA THR H 155 37.00 -79.13 -18.33
C THR H 155 36.77 -79.37 -19.82
N ARG H 156 37.14 -78.38 -20.62
CA ARG H 156 37.00 -78.43 -22.07
C ARG H 156 38.28 -77.96 -22.71
N MET H 157 38.48 -78.34 -23.98
CA MET H 157 39.72 -78.04 -24.68
C MET H 157 39.53 -77.02 -25.80
N ALA H 158 38.40 -76.33 -25.85
CA ALA H 158 38.15 -75.34 -26.91
C ALA H 158 37.44 -74.14 -26.31
N VAL H 159 37.63 -72.99 -26.96
CA VAL H 159 36.99 -71.74 -26.56
C VAL H 159 36.47 -71.06 -27.83
N THR H 160 35.45 -70.23 -27.66
CA THR H 160 34.79 -69.61 -28.81
C THR H 160 35.71 -68.71 -29.61
N THR H 161 36.72 -68.10 -28.98
CA THR H 161 37.61 -67.16 -29.66
C THR H 161 39.05 -67.46 -29.27
N LYS H 162 39.97 -67.11 -30.16
CA LYS H 162 41.39 -67.32 -29.90
C LYS H 162 41.78 -66.63 -28.60
N ALA H 163 42.55 -67.34 -27.77
CA ALA H 163 42.93 -66.82 -26.46
C ALA H 163 44.28 -67.39 -26.07
N GLU H 164 44.92 -66.70 -25.11
CA GLU H 164 46.22 -67.14 -24.62
C GLU H 164 46.12 -68.38 -23.73
N ALA H 165 44.92 -68.73 -23.27
CA ALA H 165 44.77 -69.85 -22.36
C ALA H 165 45.27 -71.15 -22.98
N GLU H 166 44.93 -71.38 -24.24
CA GLU H 166 45.34 -72.60 -24.93
C GLU H 166 45.81 -72.30 -26.34
N ASP H 171 47.94 -72.04 -18.68
CA ASP H 171 48.19 -73.45 -18.98
C ASP H 171 46.97 -74.30 -18.65
N ASN H 172 46.05 -73.76 -17.85
CA ASN H 172 44.87 -74.50 -17.46
C ASN H 172 43.91 -74.64 -18.64
N ARG H 173 43.25 -75.79 -18.73
CA ARG H 173 42.26 -76.01 -19.76
C ARG H 173 41.01 -75.18 -19.48
N THR H 174 40.18 -75.02 -20.50
CA THR H 174 38.94 -74.25 -20.37
C THR H 174 38.08 -74.85 -19.27
N MET H 175 37.61 -74.02 -18.35
CA MET H 175 36.88 -74.51 -17.19
C MET H 175 35.37 -74.48 -17.46
N GLY H 176 34.69 -75.53 -16.98
CA GLY H 176 33.25 -75.62 -17.11
C GLY H 176 32.67 -76.31 -15.90
N ARG H 177 31.38 -76.05 -15.66
CA ARG H 177 30.72 -76.55 -14.47
C ARG H 177 29.28 -76.91 -14.78
N LYS H 178 28.76 -77.89 -14.04
CA LYS H 178 27.38 -78.33 -14.16
C LYS H 178 26.89 -78.79 -12.79
N HIS H 179 25.58 -78.84 -12.62
CA HIS H 179 24.96 -79.06 -11.33
C HIS H 179 23.91 -80.15 -11.42
N ILE H 180 23.80 -80.96 -10.37
CA ILE H 180 22.85 -82.07 -10.32
C ILE H 180 22.46 -82.32 -8.87
N VAL H 181 21.49 -83.21 -8.68
CA VAL H 181 21.15 -83.72 -7.36
C VAL H 181 21.44 -85.21 -7.33
N PRO H 182 21.87 -85.78 -6.20
CA PRO H 182 22.10 -87.24 -6.18
C PRO H 182 20.85 -88.04 -6.44
N TYR H 183 19.81 -87.82 -5.65
CA TYR H 183 18.56 -88.56 -5.82
C TYR H 183 17.45 -87.79 -5.11
N GLY H 184 16.22 -88.01 -5.56
CA GLY H 184 15.07 -87.37 -4.95
C GLY H 184 13.75 -87.88 -5.49
N LEU H 185 12.77 -88.06 -4.60
CA LEU H 185 11.43 -88.47 -4.97
C LEU H 185 10.50 -87.28 -4.86
N TYR H 186 9.78 -87.00 -5.94
CA TYR H 186 8.94 -85.81 -6.04
C TYR H 186 7.47 -86.21 -6.05
N VAL H 187 6.63 -85.37 -5.45
CA VAL H 187 5.19 -85.55 -5.43
C VAL H 187 4.56 -84.35 -6.10
N ALA H 188 3.67 -84.60 -7.07
CA ALA H 188 3.04 -83.56 -7.86
C ALA H 188 1.53 -83.72 -7.77
N HIS H 189 0.82 -82.63 -7.51
CA HIS H 189 -0.63 -82.62 -7.46
C HIS H 189 -1.19 -81.91 -8.69
N GLY H 190 -2.42 -82.28 -9.04
CA GLY H 190 -3.08 -81.68 -10.19
C GLY H 190 -4.57 -81.84 -10.08
N PHE H 191 -5.28 -81.01 -10.85
CA PHE H 191 -6.73 -80.98 -10.81
C PHE H 191 -7.28 -80.90 -12.22
N ILE H 192 -8.47 -81.47 -12.41
CA ILE H 192 -9.19 -81.41 -13.68
C ILE H 192 -10.61 -80.94 -13.37
N SER H 193 -11.02 -79.85 -14.02
CA SER H 193 -12.29 -79.20 -13.73
C SER H 193 -13.25 -79.40 -14.88
N ALA H 194 -14.34 -80.13 -14.63
CA ALA H 194 -15.35 -80.34 -15.66
C ALA H 194 -15.98 -79.04 -16.14
N PRO H 195 -16.33 -78.08 -15.27
CA PRO H 195 -16.91 -76.83 -15.77
C PRO H 195 -16.02 -76.11 -16.78
N LEU H 196 -14.71 -76.14 -16.57
CA LEU H 196 -13.78 -75.55 -17.54
C LEU H 196 -13.63 -76.41 -18.78
N ALA H 197 -13.67 -77.73 -18.61
CA ALA H 197 -13.67 -78.62 -19.77
C ALA H 197 -14.84 -78.28 -20.70
N GLU H 198 -16.00 -78.01 -20.13
CA GLU H 198 -17.14 -77.57 -20.94
C GLU H 198 -16.81 -76.29 -21.72
N LYS H 199 -16.03 -75.39 -21.12
CA LYS H 199 -15.59 -74.19 -21.85
C LYS H 199 -14.65 -74.54 -23.00
N THR H 200 -13.72 -75.46 -22.78
CA THR H 200 -12.71 -75.80 -23.77
C THR H 200 -13.04 -77.02 -24.61
N GLY H 201 -14.04 -77.80 -24.22
CA GLY H 201 -14.32 -79.03 -24.94
C GLY H 201 -13.36 -80.15 -24.67
N PHE H 202 -12.64 -80.09 -23.54
CA PHE H 202 -11.71 -81.14 -23.17
C PHE H 202 -12.45 -82.46 -23.06
N SER H 203 -12.16 -83.39 -23.96
CA SER H 203 -12.92 -84.62 -24.07
C SER H 203 -12.26 -85.77 -23.29
N ASP H 204 -13.02 -86.85 -23.12
CA ASP H 204 -12.50 -88.02 -22.44
C ASP H 204 -11.32 -88.62 -23.19
N GLU H 205 -11.32 -88.53 -24.51
CA GLU H 205 -10.16 -88.97 -25.28
C GLU H 205 -8.92 -88.16 -24.91
N ASP H 206 -9.08 -86.84 -24.81
CA ASP H 206 -7.98 -86.00 -24.35
C ASP H 206 -7.54 -86.39 -22.95
N LEU H 207 -8.50 -86.77 -22.10
CA LEU H 207 -8.15 -87.17 -20.74
C LEU H 207 -7.32 -88.45 -20.74
N THR H 208 -7.71 -89.43 -21.54
CA THR H 208 -6.94 -90.66 -21.64
C THR H 208 -5.54 -90.39 -22.19
N LEU H 209 -5.45 -89.53 -23.20
CA LEU H 209 -4.15 -89.16 -23.74
C LEU H 209 -3.30 -88.48 -22.67
N PHE H 210 -3.92 -87.63 -21.85
CA PHE H 210 -3.20 -86.97 -20.77
C PHE H 210 -2.67 -87.98 -19.75
N TRP H 211 -3.50 -88.96 -19.40
CA TRP H 211 -3.03 -90.00 -18.48
C TRP H 211 -1.85 -90.77 -19.08
N ASP H 212 -1.96 -91.11 -20.37
CA ASP H 212 -0.87 -91.83 -21.03
C ASP H 212 0.40 -91.00 -21.01
N ALA H 213 0.29 -89.71 -21.30
CA ALA H 213 1.47 -88.84 -21.27
C ALA H 213 2.07 -88.79 -19.88
N LEU H 214 1.24 -88.68 -18.85
CA LEU H 214 1.77 -88.64 -17.49
C LEU H 214 2.51 -89.94 -17.16
N VAL H 215 1.93 -91.07 -17.55
CA VAL H 215 2.59 -92.35 -17.27
C VAL H 215 3.92 -92.44 -18.01
N ASN H 216 3.95 -92.01 -19.27
CA ASN H 216 5.15 -92.06 -20.11
C ASN H 216 5.85 -90.72 -20.19
N MET H 217 5.89 -89.97 -19.10
CA MET H 217 6.35 -88.59 -19.15
C MET H 217 7.81 -88.48 -19.58
N PHE H 218 8.69 -89.22 -18.91
CA PHE H 218 10.14 -88.98 -18.99
C PHE H 218 10.84 -89.95 -19.94
N GLU H 219 10.21 -90.34 -21.04
CA GLU H 219 10.79 -91.36 -21.91
C GLU H 219 11.52 -90.78 -23.11
N HIS H 220 11.60 -89.45 -23.24
CA HIS H 220 12.10 -88.85 -24.47
C HIS H 220 13.19 -87.81 -24.29
N ASP H 221 13.36 -87.25 -23.09
CA ASP H 221 14.29 -86.15 -22.88
C ASP H 221 15.49 -86.53 -22.01
N ARG H 222 15.81 -87.81 -21.91
CA ARG H 222 16.91 -88.23 -21.04
C ARG H 222 18.25 -87.86 -21.66
N SER H 223 19.10 -87.21 -20.88
CA SER H 223 20.43 -86.81 -21.32
C SER H 223 21.35 -86.77 -20.10
N ALA H 224 22.62 -86.46 -20.36
CA ALA H 224 23.62 -86.46 -19.29
C ALA H 224 23.25 -85.48 -18.19
N ALA H 225 22.97 -84.22 -18.56
CA ALA H 225 22.64 -83.23 -17.56
C ALA H 225 21.33 -83.56 -16.85
N ARG H 226 20.34 -84.09 -17.59
CA ARG H 226 19.06 -84.44 -16.99
C ARG H 226 19.16 -85.67 -16.10
N GLY H 227 20.19 -86.49 -16.27
CA GLY H 227 20.28 -87.71 -15.50
C GLY H 227 19.15 -88.66 -15.87
N LEU H 228 18.68 -89.40 -14.86
CA LEU H 228 17.61 -90.37 -15.05
C LEU H 228 16.36 -89.91 -14.31
N MET H 229 15.24 -89.83 -15.03
CA MET H 229 13.96 -89.46 -14.45
C MET H 229 12.89 -90.43 -14.93
N SER H 230 12.03 -90.86 -14.02
CA SER H 230 10.99 -91.82 -14.36
C SER H 230 9.87 -91.73 -13.34
N SER H 231 8.64 -91.94 -13.82
CA SER H 231 7.50 -91.97 -12.94
C SER H 231 7.51 -93.23 -12.09
N ARG H 232 6.89 -93.15 -10.92
CA ARG H 232 6.85 -94.28 -10.00
C ARG H 232 5.43 -94.68 -9.62
N LYS H 233 4.53 -93.70 -9.44
CA LYS H 233 3.15 -93.98 -9.07
C LYS H 233 2.25 -92.95 -9.72
N LEU H 234 0.97 -93.30 -9.83
CA LEU H 234 -0.04 -92.39 -10.37
C LEU H 234 -1.39 -92.81 -9.82
N ILE H 235 -1.93 -92.03 -8.90
CA ILE H 235 -3.24 -92.28 -8.30
C ILE H 235 -4.21 -91.24 -8.86
N VAL H 236 -5.39 -91.68 -9.26
CA VAL H 236 -6.41 -90.81 -9.83
C VAL H 236 -7.66 -90.93 -8.99
N PHE H 237 -8.20 -89.79 -8.57
CA PHE H 237 -9.45 -89.72 -7.83
C PHE H 237 -10.52 -89.16 -8.75
N LYS H 238 -11.58 -89.93 -8.97
CA LYS H 238 -12.65 -89.56 -9.88
C LYS H 238 -13.90 -89.26 -9.05
N HIS H 239 -14.42 -88.05 -9.20
CA HIS H 239 -15.65 -87.68 -8.52
C HIS H 239 -16.86 -88.11 -9.35
N GLN H 240 -17.98 -88.35 -8.66
CA GLN H 240 -19.16 -88.89 -9.32
C GLN H 240 -20.03 -87.82 -9.96
N ASN H 241 -19.66 -86.54 -9.87
CA ASN H 241 -20.43 -85.48 -10.48
C ASN H 241 -19.50 -84.32 -10.82
N ARG H 242 -20.04 -83.34 -11.54
CA ARG H 242 -19.22 -82.22 -11.98
C ARG H 242 -18.48 -81.59 -10.81
N LEU H 243 -19.18 -81.37 -9.70
CA LEU H 243 -18.60 -80.76 -8.51
C LEU H 243 -18.23 -81.85 -7.53
N GLY H 244 -17.00 -81.79 -7.03
CA GLY H 244 -16.46 -82.89 -6.25
C GLY H 244 -17.27 -83.18 -5.00
N ASN H 245 -17.09 -84.39 -4.49
CA ASN H 245 -17.74 -84.85 -3.27
C ASN H 245 -16.79 -84.87 -2.08
N ALA H 246 -15.62 -84.24 -2.20
CA ALA H 246 -14.68 -84.16 -1.09
C ALA H 246 -13.64 -83.11 -1.40
N PRO H 247 -13.11 -82.42 -0.39
CA PRO H 247 -12.04 -81.44 -0.66
C PRO H 247 -10.81 -82.11 -1.24
N ALA H 248 -10.09 -81.36 -2.09
CA ALA H 248 -8.91 -81.92 -2.73
C ALA H 248 -7.88 -82.35 -1.70
N HIS H 249 -7.58 -81.48 -0.72
CA HIS H 249 -6.59 -81.83 0.28
C HIS H 249 -7.00 -83.08 1.05
N LYS H 250 -8.30 -83.27 1.26
CA LYS H 250 -8.77 -84.48 1.93
C LYS H 250 -8.51 -85.73 1.10
N LEU H 251 -8.31 -85.59 -0.20
CA LEU H 251 -7.99 -86.73 -1.06
C LEU H 251 -6.49 -86.93 -1.20
N PHE H 252 -5.74 -85.84 -1.37
CA PHE H 252 -4.29 -85.97 -1.52
C PHE H 252 -3.65 -86.61 -0.30
N ASP H 253 -4.11 -86.24 0.90
CA ASP H 253 -3.56 -86.81 2.12
C ASP H 253 -3.78 -88.31 2.23
N LEU H 254 -4.73 -88.87 1.49
CA LEU H 254 -4.91 -90.32 1.51
C LEU H 254 -3.68 -91.04 0.99
N VAL H 255 -2.93 -90.41 0.09
CA VAL H 255 -1.73 -91.01 -0.48
C VAL H 255 -0.54 -90.70 0.41
N LYS H 256 -0.34 -91.51 1.43
CA LYS H 256 0.74 -91.27 2.39
C LYS H 256 2.04 -91.87 1.88
N VAL H 257 3.14 -91.16 2.10
CA VAL H 257 4.47 -91.57 1.68
C VAL H 257 5.36 -91.63 2.92
N SER H 258 6.10 -92.73 3.07
CA SER H 258 6.96 -92.91 4.21
C SER H 258 8.20 -93.69 3.78
N ARG H 259 9.26 -93.57 4.58
CA ARG H 259 10.50 -94.26 4.29
C ARG H 259 10.45 -95.68 4.84
N ALA H 260 10.89 -96.64 4.02
CA ALA H 260 10.94 -98.03 4.45
C ALA H 260 11.91 -98.17 5.62
N GLU H 261 11.52 -98.98 6.60
CA GLU H 261 12.36 -99.16 7.79
C GLU H 261 13.74 -99.70 7.44
N GLY H 262 13.88 -100.35 6.29
CA GLY H 262 15.17 -100.88 5.88
C GLY H 262 16.13 -99.86 5.30
N SER H 263 15.77 -98.58 5.33
CA SER H 263 16.61 -97.53 4.80
C SER H 263 16.97 -96.54 5.90
N SER H 264 18.16 -95.95 5.78
CA SER H 264 18.63 -94.96 6.73
C SER H 264 19.53 -93.98 6.01
N GLY H 265 19.68 -92.79 6.59
CA GLY H 265 20.49 -91.76 5.99
C GLY H 265 19.84 -91.21 4.74
N PRO H 266 20.61 -90.52 3.90
CA PRO H 266 20.04 -89.98 2.66
C PRO H 266 19.52 -91.10 1.76
N ALA H 267 18.40 -90.81 1.10
CA ALA H 267 17.79 -91.77 0.19
C ALA H 267 18.53 -91.78 -1.14
N ARG H 268 18.52 -92.94 -1.79
CA ARG H 268 19.17 -93.11 -3.08
C ARG H 268 18.34 -93.86 -4.12
N SER H 269 17.20 -94.44 -3.75
CA SER H 269 16.39 -95.19 -4.70
C SER H 269 14.96 -95.24 -4.20
N PHE H 270 14.04 -95.56 -5.10
CA PHE H 270 12.63 -95.65 -4.73
C PHE H 270 12.39 -96.70 -3.68
N ALA H 271 13.26 -97.71 -3.59
CA ALA H 271 13.10 -98.77 -2.59
C ALA H 271 13.13 -98.22 -1.17
N ASP H 272 13.77 -97.06 -0.96
CA ASP H 272 13.84 -96.46 0.36
C ASP H 272 12.48 -95.99 0.87
N TYR H 273 11.49 -95.84 -0.01
CA TYR H 273 10.19 -95.29 0.34
C TYR H 273 9.10 -96.34 0.20
N ALA H 274 8.08 -96.22 1.04
CA ALA H 274 6.88 -97.02 0.96
C ALA H 274 5.67 -96.10 0.90
N VAL H 275 4.73 -96.42 0.02
CA VAL H 275 3.57 -95.57 -0.22
C VAL H 275 2.31 -96.36 0.10
N THR H 276 1.30 -95.66 0.59
CA THR H 276 0.02 -96.26 0.93
C THR H 276 -1.10 -95.35 0.47
N VAL H 277 -2.22 -95.95 0.07
CA VAL H 277 -3.40 -95.21 -0.36
C VAL H 277 -4.57 -95.66 0.51
N GLY H 278 -5.18 -94.70 1.20
CA GLY H 278 -6.29 -95.02 2.07
C GLY H 278 -7.61 -95.16 1.33
N GLN H 279 -8.63 -95.56 2.06
CA GLN H 279 -9.95 -95.73 1.48
C GLN H 279 -10.55 -94.36 1.16
N ALA H 280 -11.01 -94.19 -0.08
CA ALA H 280 -11.56 -92.92 -0.52
C ALA H 280 -12.96 -92.71 0.04
N PRO H 281 -13.43 -91.46 0.09
CA PRO H 281 -14.80 -91.21 0.55
C PRO H 281 -15.83 -91.87 -0.35
N GLU H 282 -17.08 -91.79 0.08
CA GLU H 282 -18.17 -92.46 -0.64
C GLU H 282 -18.36 -91.89 -2.04
N GLY H 283 -18.30 -90.58 -2.19
CA GLY H 283 -18.65 -89.93 -3.44
C GLY H 283 -17.61 -90.00 -4.53
N VAL H 284 -16.43 -90.57 -4.26
CA VAL H 284 -15.36 -90.65 -5.24
C VAL H 284 -14.81 -92.07 -5.27
N GLU H 285 -14.20 -92.42 -6.39
CA GLU H 285 -13.53 -93.69 -6.57
C GLU H 285 -12.07 -93.42 -6.92
N VAL H 286 -11.17 -94.20 -6.34
CA VAL H 286 -9.73 -94.02 -6.52
C VAL H 286 -9.24 -95.09 -7.49
N LYS H 287 -8.51 -94.65 -8.52
CA LYS H 287 -7.93 -95.54 -9.52
C LYS H 287 -6.43 -95.36 -9.53
N GLU H 288 -5.72 -96.45 -9.82
CA GLU H 288 -4.26 -96.49 -9.76
C GLU H 288 -3.73 -96.84 -11.15
N MET H 289 -3.24 -95.82 -11.86
CA MET H 289 -2.73 -96.04 -13.21
C MET H 289 -1.30 -96.55 -13.22
N LEU H 290 -0.52 -96.27 -12.18
CA LEU H 290 0.86 -96.75 -12.11
C LEU H 290 1.23 -97.11 -10.68
N MET I 1 -5.50 63.50 -29.03
CA MET I 1 -6.46 64.55 -28.98
C MET I 1 -6.53 65.03 -27.57
N ILE I 2 -7.32 64.40 -26.72
CA ILE I 2 -7.58 64.65 -25.30
C ILE I 2 -7.85 66.00 -24.89
N LEU I 3 -6.93 66.92 -24.96
CA LEU I 3 -7.10 68.29 -24.56
C LEU I 3 -7.93 69.03 -25.54
N GLN I 4 -7.97 68.61 -26.77
CA GLN I 4 -8.74 69.19 -27.78
C GLN I 4 -10.11 68.73 -27.69
N ALA I 5 -10.35 67.54 -27.17
CA ALA I 5 -11.65 67.01 -27.03
C ALA I 5 -12.28 67.70 -25.87
N LEU I 6 -11.60 67.96 -24.79
CA LEU I 6 -12.18 68.72 -23.69
C LEU I 6 -12.54 70.13 -24.13
N HIS I 7 -11.70 70.74 -24.98
CA HIS I 7 -12.01 72.05 -25.52
C HIS I 7 -13.30 72.01 -26.34
N GLY I 8 -13.44 70.99 -27.18
CA GLY I 8 -14.67 70.84 -27.94
C GLY I 8 -15.87 70.62 -27.05
N TYR I 9 -15.69 69.87 -25.97
CA TYR I 9 -16.79 69.65 -25.02
C TYR I 9 -17.19 70.96 -24.36
N TYR I 10 -16.22 71.80 -24.00
CA TYR I 10 -16.56 73.11 -23.46
C TYR I 10 -17.33 73.93 -24.49
N GLN I 11 -16.87 73.91 -25.75
CA GLN I 11 -17.59 74.62 -26.80
C GLN I 11 -19.03 74.15 -26.90
N ARG I 12 -19.23 72.83 -26.81
CA ARG I 12 -20.58 72.28 -26.93
C ARG I 12 -21.45 72.68 -25.74
N MET I 13 -20.95 72.48 -24.53
CA MET I 13 -21.76 72.75 -23.34
C MET I 13 -21.92 74.24 -23.12
N SER I 14 -20.87 75.02 -23.38
CA SER I 14 -20.94 76.46 -23.16
C SER I 14 -22.01 77.12 -24.03
N ALA I 15 -22.32 76.53 -25.17
CA ALA I 15 -23.38 77.10 -26.02
C ALA I 15 -24.74 77.03 -25.34
N ASP I 16 -25.03 75.95 -24.64
CA ASP I 16 -26.32 75.80 -23.99
C ASP I 16 -26.49 76.85 -22.89
N PRO I 17 -27.71 77.37 -22.71
CA PRO I 17 -27.93 78.34 -21.63
C PRO I 17 -27.81 77.74 -20.24
N ASP I 18 -27.89 76.42 -20.11
CA ASP I 18 -27.86 75.74 -18.82
C ASP I 18 -26.87 74.58 -18.89
N ALA I 19 -26.67 73.94 -17.75
CA ALA I 19 -25.77 72.79 -17.64
C ALA I 19 -24.38 73.14 -18.16
N GLY I 20 -23.88 74.30 -17.74
CA GLY I 20 -22.58 74.75 -18.18
C GLY I 20 -22.28 76.13 -17.62
N MET I 21 -21.32 76.79 -18.24
CA MET I 21 -20.93 78.15 -17.84
C MET I 21 -20.30 78.85 -19.02
N PRO I 22 -20.59 80.14 -19.22
CA PRO I 22 -20.08 80.84 -20.41
C PRO I 22 -18.80 81.63 -20.17
N PRO I 23 -18.25 81.71 -18.95
CA PRO I 23 -17.16 82.68 -18.75
C PRO I 23 -16.06 82.56 -19.79
N TYR I 24 -15.39 83.68 -20.03
CA TYR I 24 -14.31 83.76 -21.01
C TYR I 24 -13.21 82.76 -20.68
N LEU I 180 4.25 85.69 -24.27
CA LEU I 180 4.04 86.36 -25.55
C LEU I 180 3.13 85.58 -26.47
N CYS I 181 2.94 86.11 -27.68
CA CYS I 181 2.08 85.46 -28.66
C CYS I 181 2.76 84.26 -29.26
N GLY I 182 1.95 83.31 -29.72
CA GLY I 182 2.45 82.09 -30.31
C GLY I 182 1.35 81.32 -30.96
N GLN I 183 1.62 80.04 -31.25
CA GLN I 183 0.67 79.14 -31.86
C GLN I 183 0.10 78.20 -30.80
N CYS I 184 -1.22 78.13 -30.72
CA CYS I 184 -1.89 77.29 -29.74
C CYS I 184 -1.94 75.86 -30.25
N LEU I 185 -1.48 74.91 -29.42
CA LEU I 185 -1.47 73.52 -29.84
C LEU I 185 -2.84 72.87 -29.68
N ILE I 186 -3.76 73.50 -28.95
CA ILE I 186 -5.10 72.94 -28.80
C ILE I 186 -5.94 73.22 -30.03
N THR I 187 -5.94 74.47 -30.49
CA THR I 187 -6.75 74.89 -31.63
C THR I 187 -5.95 75.05 -32.91
N GLY I 188 -4.63 75.19 -32.82
CA GLY I 188 -3.81 75.44 -33.98
C GLY I 188 -3.81 76.88 -34.44
N GLU I 189 -4.50 77.77 -33.75
CA GLU I 189 -4.53 79.17 -34.14
C GLU I 189 -3.17 79.80 -33.91
N ARG I 190 -2.74 80.64 -34.85
CA ARG I 190 -1.45 81.30 -34.77
C ARG I 190 -1.60 82.70 -34.20
N GLN I 191 -0.55 83.17 -33.54
CA GLN I 191 -0.53 84.51 -32.96
C GLN I 191 -1.66 84.68 -31.94
N LYS I 192 -1.60 83.88 -30.87
CA LYS I 192 -2.53 83.97 -29.77
C LYS I 192 -1.76 84.13 -28.45
N PRO I 193 -2.34 84.79 -27.45
CA PRO I 193 -1.64 84.97 -26.18
C PRO I 193 -1.47 83.65 -25.45
N ILE I 194 -0.24 83.18 -25.35
CA ILE I 194 0.07 81.92 -24.69
C ILE I 194 -0.10 82.09 -23.18
N ALA I 195 -0.34 80.97 -22.50
CA ALA I 195 -0.59 81.01 -21.07
C ALA I 195 0.66 80.59 -20.30
N GLN I 196 1.05 81.42 -19.33
CA GLN I 196 2.20 81.09 -18.49
C GLN I 196 1.86 80.01 -17.48
N LEU I 197 0.61 79.99 -16.99
CA LEU I 197 0.21 79.06 -15.95
C LEU I 197 -1.26 78.76 -16.12
N HIS I 198 -1.58 77.47 -16.29
CA HIS I 198 -2.96 77.06 -16.53
C HIS I 198 -3.76 77.09 -15.23
N PRO I 199 -5.06 77.35 -15.30
CA PRO I 199 -5.89 77.26 -14.10
C PRO I 199 -5.88 75.85 -13.54
N SER I 200 -5.93 75.75 -12.22
CA SER I 200 -5.79 74.46 -11.55
C SER I 200 -7.01 73.59 -11.80
N ILE I 201 -6.83 72.29 -11.55
CA ILE I 201 -7.89 71.29 -11.69
C ILE I 201 -8.18 70.73 -10.31
N LYS I 202 -9.46 70.56 -10.00
CA LYS I 202 -9.86 70.16 -8.67
C LYS I 202 -9.38 68.76 -8.35
N GLY I 203 -8.90 68.58 -7.11
CA GLY I 203 -8.65 67.27 -6.57
C GLY I 203 -9.59 66.95 -5.41
N GLY I 204 -9.49 65.73 -4.91
CA GLY I 204 -10.33 65.35 -3.79
C GLY I 204 -11.70 64.86 -4.22
N ARG I 205 -12.69 65.11 -3.37
CA ARG I 205 -14.02 64.53 -3.58
C ARG I 205 -14.66 65.06 -4.86
N ASP I 206 -14.58 66.37 -5.10
CA ASP I 206 -15.13 66.96 -6.31
C ASP I 206 -14.14 66.95 -7.47
N GLY I 207 -13.06 66.18 -7.36
CA GLY I 207 -12.07 66.11 -8.41
C GLY I 207 -11.46 64.74 -8.54
N VAL I 208 -10.16 64.69 -8.80
CA VAL I 208 -9.46 63.41 -8.94
C VAL I 208 -9.17 62.88 -7.56
N ARG I 209 -9.77 61.74 -7.21
CA ARG I 209 -9.57 61.15 -5.89
C ARG I 209 -8.10 60.86 -5.66
N GLY I 210 -7.61 61.21 -4.46
CA GLY I 210 -6.24 60.95 -4.09
C GLY I 210 -5.27 62.04 -4.46
N ALA I 211 -5.68 63.02 -5.27
CA ALA I 211 -4.78 64.09 -5.67
C ALA I 211 -4.91 65.27 -4.72
N GLN I 212 -3.94 66.19 -4.83
CA GLN I 212 -4.00 67.41 -4.04
C GLN I 212 -5.11 68.31 -4.55
N ALA I 213 -5.55 69.23 -3.70
CA ALA I 213 -6.72 70.04 -4.03
C ALA I 213 -6.53 70.85 -5.31
N VAL I 214 -5.28 71.17 -5.67
CA VAL I 214 -5.01 72.08 -6.77
C VAL I 214 -4.17 71.39 -7.84
N ALA I 215 -4.40 70.09 -8.03
CA ALA I 215 -3.65 69.34 -9.02
C ALA I 215 -3.80 69.98 -10.40
N SER I 216 -2.94 69.55 -11.34
CA SER I 216 -2.91 70.12 -12.67
C SER I 216 -2.42 69.08 -13.66
N ILE I 217 -2.66 69.34 -14.94
CA ILE I 217 -2.19 68.46 -16.01
C ILE I 217 -0.89 68.97 -16.61
N VAL I 218 -0.79 70.28 -16.83
CA VAL I 218 0.39 70.90 -17.41
C VAL I 218 1.10 71.66 -16.29
N SER I 219 2.35 71.30 -16.04
CA SER I 219 3.14 71.94 -15.00
C SER I 219 4.61 71.64 -15.26
N PHE I 220 5.45 72.65 -15.02
CA PHE I 220 6.88 72.55 -15.29
C PHE I 220 7.66 73.14 -14.11
N ASN I 221 7.30 72.72 -12.90
CA ASN I 221 7.81 73.32 -11.68
C ASN I 221 9.28 73.05 -11.43
N ASN I 222 9.89 72.08 -12.12
CA ASN I 222 11.28 71.73 -11.94
C ASN I 222 12.04 71.90 -13.25
N THR I 223 13.34 72.17 -13.14
CA THR I 223 14.15 72.42 -14.32
C THR I 223 14.28 71.20 -15.21
N ALA I 224 14.29 69.99 -14.64
CA ALA I 224 14.44 68.80 -15.46
C ALA I 224 13.31 68.67 -16.47
N PHE I 225 12.16 69.26 -16.20
CA PHE I 225 11.01 69.14 -17.08
C PHE I 225 10.98 70.21 -18.16
N GLU I 226 11.97 71.10 -18.20
CA GLU I 226 11.97 72.22 -19.13
C GLU I 226 12.91 71.91 -20.30
N SER I 227 12.49 72.30 -21.50
CA SER I 227 13.24 72.03 -22.72
C SER I 227 13.36 73.28 -23.55
N TYR I 228 14.48 73.40 -24.26
CA TYR I 228 14.70 74.48 -25.23
C TYR I 228 14.60 75.86 -24.57
N GLY I 229 15.06 75.97 -23.34
CA GLY I 229 15.12 77.26 -22.68
C GLY I 229 13.78 77.89 -22.36
N LYS I 230 12.69 77.13 -22.44
CA LYS I 230 11.37 77.66 -22.14
C LYS I 230 11.08 77.57 -20.65
N GLU I 231 10.29 78.52 -20.14
CA GLU I 231 10.00 78.64 -18.73
C GLU I 231 8.53 78.33 -18.45
N GLN I 232 8.28 77.56 -17.41
CA GLN I 232 6.93 77.26 -16.95
C GLN I 232 6.12 76.70 -18.13
N SER I 233 4.83 76.99 -18.19
CA SER I 233 3.95 76.39 -19.19
C SER I 233 4.20 76.91 -20.59
N ILE I 234 5.20 77.76 -20.80
CA ILE I 234 5.58 78.12 -22.17
C ILE I 234 6.08 76.89 -22.91
N ASN I 235 6.52 75.87 -22.18
CA ASN I 235 6.91 74.60 -22.81
C ASN I 235 5.74 73.94 -23.53
N ALA I 236 4.51 74.28 -23.18
CA ALA I 236 3.32 73.71 -23.83
C ALA I 236 2.44 74.86 -24.31
N PRO I 237 2.82 75.51 -25.40
CA PRO I 237 2.11 76.73 -25.80
C PRO I 237 0.65 76.50 -26.14
N VAL I 238 -0.25 77.03 -25.33
CA VAL I 238 -1.69 76.96 -25.56
C VAL I 238 -2.29 78.31 -25.23
N SER I 239 -3.20 78.77 -26.08
CA SER I 239 -3.82 80.07 -25.87
C SER I 239 -4.59 80.07 -24.56
N GLN I 240 -4.63 81.24 -23.92
CA GLN I 240 -5.22 81.34 -22.59
C GLN I 240 -6.68 80.93 -22.60
N GLU I 241 -7.44 81.36 -23.61
CA GLU I 241 -8.84 80.99 -23.67
C GLU I 241 -9.01 79.47 -23.81
N ALA I 242 -8.18 78.85 -24.65
CA ALA I 242 -8.25 77.39 -24.78
C ALA I 242 -7.89 76.69 -23.48
N ALA I 243 -6.85 77.19 -22.79
CA ALA I 243 -6.49 76.61 -21.50
C ALA I 243 -7.66 76.68 -20.53
N PHE I 244 -8.27 77.86 -20.42
CA PHE I 244 -9.41 78.02 -19.53
C PHE I 244 -10.54 77.10 -19.93
N SER I 245 -10.82 76.99 -21.22
CA SER I 245 -11.94 76.17 -21.67
C SER I 245 -11.73 74.71 -21.33
N TYR I 246 -10.54 74.17 -21.59
CA TYR I 246 -10.32 72.75 -21.32
C TYR I 246 -10.29 72.48 -19.82
N VAL I 247 -9.70 73.39 -19.03
CA VAL I 247 -9.71 73.20 -17.59
C VAL I 247 -11.14 73.23 -17.06
N THR I 248 -11.94 74.17 -17.56
CA THR I 248 -13.33 74.26 -17.12
C THR I 248 -14.12 73.01 -17.49
N ALA I 249 -13.90 72.50 -18.70
CA ALA I 249 -14.61 71.28 -19.10
C ALA I 249 -14.22 70.11 -18.21
N LEU I 250 -12.92 69.96 -17.93
CA LEU I 250 -12.50 68.86 -17.08
C LEU I 250 -13.07 68.99 -15.68
N ASN I 251 -13.08 70.21 -15.13
CA ASN I 251 -13.66 70.42 -13.82
C ASN I 251 -15.16 70.13 -13.82
N TYR I 252 -15.86 70.53 -14.88
CA TYR I 252 -17.28 70.26 -14.99
C TYR I 252 -17.55 68.76 -14.99
N LEU I 253 -16.77 68.01 -15.76
CA LEU I 253 -16.94 66.56 -15.77
C LEU I 253 -16.56 65.95 -14.43
N LEU I 254 -15.55 66.50 -13.77
CA LEU I 254 -15.10 65.95 -12.49
C LEU I 254 -16.12 66.16 -11.37
N ASN I 255 -17.09 67.04 -11.57
CA ASN I 255 -18.08 67.28 -10.54
C ASN I 255 -19.01 66.08 -10.44
N PRO I 256 -19.10 65.41 -9.29
CA PRO I 256 -19.97 64.22 -9.20
C PRO I 256 -21.44 64.53 -9.41
N SER I 257 -21.87 65.78 -9.25
CA SER I 257 -23.27 66.12 -9.50
C SER I 257 -23.66 65.77 -10.92
N ASN I 258 -22.82 66.10 -11.90
CA ASN I 258 -23.00 65.61 -13.26
C ASN I 258 -22.72 64.12 -13.28
N ARG I 259 -23.63 63.35 -13.88
CA ARG I 259 -23.53 61.90 -13.86
C ARG I 259 -22.60 61.35 -14.93
N GLN I 260 -21.37 61.86 -14.99
CA GLN I 260 -20.40 61.44 -16.00
C GLN I 260 -19.02 61.21 -15.36
N LYS I 261 -18.98 60.47 -14.26
CA LYS I 261 -17.75 60.24 -13.52
C LYS I 261 -17.83 58.89 -12.82
N VAL I 262 -16.70 58.19 -12.76
CA VAL I 262 -16.61 56.91 -12.07
C VAL I 262 -15.17 56.71 -11.64
N THR I 263 -15.00 56.05 -10.49
CA THR I 263 -13.69 55.81 -9.91
C THR I 263 -13.37 54.33 -10.00
N ILE I 264 -12.22 54.00 -10.56
CA ILE I 264 -11.76 52.63 -10.72
C ILE I 264 -10.42 52.52 -10.03
N ALA I 265 -10.41 51.93 -8.84
CA ALA I 265 -9.17 51.74 -8.09
C ALA I 265 -8.41 53.04 -7.95
N ASP I 266 -7.25 53.15 -8.59
CA ASP I 266 -6.42 54.34 -8.46
C ASP I 266 -6.97 55.51 -9.27
N ALA I 267 -7.56 55.25 -10.43
CA ALA I 267 -7.86 56.30 -11.40
C ALA I 267 -9.34 56.67 -11.34
N THR I 268 -9.64 57.93 -11.68
CA THR I 268 -11.00 58.41 -11.85
C THR I 268 -11.27 58.60 -13.33
N VAL I 269 -12.36 58.02 -13.83
CA VAL I 269 -12.67 57.99 -15.25
C VAL I 269 -13.82 58.94 -15.50
N VAL I 270 -13.66 59.79 -16.52
CA VAL I 270 -14.70 60.72 -16.95
C VAL I 270 -14.95 60.48 -18.43
N PHE I 271 -16.23 60.47 -18.81
CA PHE I 271 -16.61 60.14 -20.18
C PHE I 271 -17.64 61.14 -20.67
N TRP I 272 -17.70 61.30 -21.99
CA TRP I 272 -18.66 62.18 -22.62
C TRP I 272 -18.75 61.84 -24.10
N ALA I 273 -19.75 62.42 -24.75
CA ALA I 273 -19.98 62.23 -26.18
C ALA I 273 -19.83 63.55 -26.92
N GLU I 274 -19.50 63.46 -28.21
CA GLU I 274 -19.34 64.66 -29.02
C GLU I 274 -20.64 65.44 -29.16
N ARG I 275 -21.78 64.78 -29.03
CA ARG I 275 -23.07 65.44 -29.04
C ARG I 275 -23.92 64.88 -27.90
N SER I 276 -25.00 65.59 -27.58
CA SER I 276 -25.94 65.08 -26.59
C SER I 276 -26.44 63.71 -27.01
N SER I 277 -26.40 62.76 -26.08
CA SER I 277 -26.81 61.40 -26.36
C SER I 277 -27.12 60.73 -25.03
N PRO I 278 -28.11 59.83 -24.99
CA PRO I 278 -28.39 59.13 -23.73
C PRO I 278 -27.27 58.21 -23.28
N ALA I 279 -26.32 57.89 -24.17
CA ALA I 279 -25.21 57.05 -23.78
C ALA I 279 -24.41 57.67 -22.64
N GLU I 280 -24.37 59.00 -22.57
CA GLU I 280 -23.55 59.66 -21.55
C GLU I 280 -23.98 59.26 -20.14
N ASP I 281 -25.29 59.20 -19.88
CA ASP I 281 -25.79 58.73 -18.60
C ASP I 281 -25.90 57.22 -18.52
N ILE I 282 -25.86 56.52 -19.65
CA ILE I 282 -25.96 55.07 -19.65
C ILE I 282 -24.64 54.43 -19.28
N PHE I 283 -23.54 54.95 -19.82
CA PHE I 283 -22.25 54.27 -19.69
C PHE I 283 -21.80 54.19 -18.23
N ALA I 284 -22.31 55.08 -17.37
CA ALA I 284 -21.95 55.01 -15.96
C ALA I 284 -22.27 53.63 -15.39
N GLY I 285 -23.33 53.01 -15.88
CA GLY I 285 -23.70 51.68 -15.43
C GLY I 285 -22.91 50.58 -16.08
N MET I 286 -22.52 50.76 -17.35
CA MET I 286 -21.71 49.75 -18.02
C MET I 286 -20.42 49.48 -17.26
N PHE I 287 -19.66 50.53 -16.96
CA PHE I 287 -18.40 50.37 -16.25
C PHE I 287 -18.61 49.95 -14.80
N ASP I 288 -19.78 50.20 -14.23
CA ASP I 288 -20.08 49.87 -12.83
C ASP I 288 -21.55 49.55 -12.72
N PRO I 289 -21.95 48.35 -13.11
CA PRO I 289 -23.37 47.99 -13.05
C PRO I 289 -23.91 48.08 -11.64
N PRO I 290 -25.19 48.48 -11.48
CA PRO I 290 -25.78 48.60 -10.14
C PRO I 290 -25.99 47.25 -9.46
N ARG I 325 -33.79 49.16 -16.01
CA ARG I 325 -33.67 49.11 -17.47
C ARG I 325 -32.23 48.83 -17.88
N MET I 326 -31.30 49.08 -16.95
CA MET I 326 -29.88 48.85 -17.23
C MET I 326 -29.62 47.37 -17.50
N HIS I 327 -30.26 46.49 -16.73
CA HIS I 327 -30.03 45.06 -16.87
C HIS I 327 -30.44 44.57 -18.26
N ASP I 328 -31.57 45.06 -18.76
CA ASP I 328 -32.00 44.66 -20.10
C ASP I 328 -31.02 45.11 -21.17
N LEU I 329 -30.53 46.35 -21.06
CA LEU I 329 -29.54 46.83 -22.02
C LEU I 329 -28.28 45.97 -21.96
N LEU I 330 -27.82 45.65 -20.75
CA LEU I 330 -26.60 44.87 -20.61
C LEU I 330 -26.76 43.47 -21.17
N VAL I 331 -27.90 42.83 -20.88
CA VAL I 331 -28.09 41.47 -21.38
C VAL I 331 -28.23 41.48 -22.90
N ALA I 332 -28.87 42.51 -23.47
CA ALA I 332 -28.94 42.61 -24.92
C ALA I 332 -27.55 42.79 -25.51
N ILE I 333 -26.74 43.65 -24.91
CA ILE I 333 -25.41 43.93 -25.44
C ILE I 333 -24.52 42.69 -25.36
N ARG I 334 -24.62 41.96 -24.26
CA ARG I 334 -23.80 40.76 -24.10
C ARG I 334 -24.11 39.74 -25.20
N SER I 335 -25.38 39.58 -25.52
CA SER I 335 -25.78 38.69 -26.61
C SER I 335 -25.38 39.22 -27.98
N GLY I 336 -24.96 40.48 -28.06
CA GLY I 336 -24.53 41.06 -29.32
C GLY I 336 -25.57 41.90 -30.04
N LYS I 337 -26.78 42.00 -29.50
CA LYS I 337 -27.82 42.79 -30.14
C LYS I 337 -27.46 44.28 -30.11
N ARG I 338 -28.01 45.02 -31.07
CA ARG I 338 -27.82 46.46 -31.08
C ARG I 338 -28.54 47.10 -29.89
N ALA I 339 -27.90 48.12 -29.32
CA ALA I 339 -28.52 48.85 -28.22
C ALA I 339 -29.80 49.54 -28.66
N THR I 340 -29.93 49.85 -29.96
CA THR I 340 -31.14 50.47 -30.46
C THR I 340 -32.36 49.59 -30.20
N ASP I 341 -32.17 48.27 -30.16
CA ASP I 341 -33.27 47.36 -29.87
C ASP I 341 -33.91 47.62 -28.52
N ILE I 342 -33.12 48.05 -27.53
CA ILE I 342 -33.69 48.40 -26.24
C ILE I 342 -34.12 49.86 -26.21
N MET I 343 -33.49 50.73 -27.00
CA MET I 343 -33.87 52.13 -27.08
C MET I 343 -33.41 52.69 -28.42
N PRO I 344 -34.31 52.76 -29.41
CA PRO I 344 -33.91 53.30 -30.72
C PRO I 344 -33.46 54.75 -30.67
N ASP I 345 -33.75 55.47 -29.58
CA ASP I 345 -33.39 56.88 -29.53
C ASP I 345 -31.89 57.10 -29.69
N MET I 346 -31.08 56.10 -29.35
CA MET I 346 -29.62 56.26 -29.37
C MET I 346 -29.11 56.21 -30.80
N ASP I 347 -28.35 57.22 -31.20
CA ASP I 347 -27.61 57.22 -32.45
C ASP I 347 -26.24 56.63 -32.16
N GLU I 348 -25.98 55.42 -32.67
CA GLU I 348 -24.76 54.72 -32.33
C GLU I 348 -23.54 55.28 -33.04
N SER I 349 -23.73 56.19 -34.00
CA SER I 349 -22.60 56.76 -34.73
C SER I 349 -21.95 57.92 -33.99
N VAL I 350 -22.54 58.40 -32.90
CA VAL I 350 -21.92 59.48 -32.14
C VAL I 350 -20.66 58.95 -31.46
N ARG I 351 -19.57 59.71 -31.57
CA ARG I 351 -18.30 59.24 -31.04
C ARG I 351 -18.18 59.58 -29.57
N PHE I 352 -17.59 58.66 -28.81
CA PHE I 352 -17.59 58.68 -27.36
C PHE I 352 -16.16 58.75 -26.85
N HIS I 353 -15.91 59.56 -25.83
CA HIS I 353 -14.58 59.76 -25.27
C HIS I 353 -14.55 59.29 -23.82
N VAL I 354 -13.46 58.59 -23.47
CA VAL I 354 -13.21 58.14 -22.11
C VAL I 354 -11.80 58.58 -21.73
N LEU I 355 -11.66 59.18 -20.55
CA LEU I 355 -10.38 59.68 -20.06
C LEU I 355 -10.14 59.13 -18.66
N GLY I 356 -8.98 58.51 -18.46
CA GLY I 356 -8.61 57.99 -17.16
C GLY I 356 -7.43 58.74 -16.57
N LEU I 357 -7.64 59.36 -15.41
CA LEU I 357 -6.62 60.18 -14.75
C LEU I 357 -6.18 59.51 -13.46
N SER I 358 -4.90 59.66 -13.13
CA SER I 358 -4.35 59.13 -11.90
C SER I 358 -3.64 60.25 -11.13
N PRO I 359 -3.59 60.17 -9.80
CA PRO I 359 -3.08 61.29 -9.02
C PRO I 359 -1.58 61.18 -8.76
N ASN I 360 -1.01 62.33 -8.44
CA ASN I 360 0.37 62.42 -7.98
C ASN I 360 0.45 63.60 -7.02
N ALA I 361 1.66 64.03 -6.70
CA ALA I 361 1.83 65.19 -5.83
C ALA I 361 1.37 66.45 -6.55
N ALA I 362 0.05 66.61 -6.69
CA ALA I 362 -0.56 67.80 -7.28
C ALA I 362 -0.37 67.86 -8.79
N ARG I 363 -0.12 66.73 -9.45
CA ARG I 363 -0.12 66.69 -10.91
C ARG I 363 -0.65 65.35 -11.37
N LEU I 364 -1.49 65.37 -12.39
CA LEU I 364 -2.20 64.19 -12.85
C LEU I 364 -1.50 63.55 -14.04
N SER I 365 -1.77 62.27 -14.23
CA SER I 365 -1.25 61.50 -15.36
C SER I 365 -2.41 60.85 -16.09
N VAL I 366 -2.35 60.90 -17.43
CA VAL I 366 -3.38 60.28 -18.27
C VAL I 366 -3.05 58.79 -18.35
N ARG I 367 -3.79 57.97 -17.63
CA ARG I 367 -3.50 56.54 -17.61
C ARG I 367 -4.00 55.84 -18.86
N PHE I 368 -5.12 56.27 -19.42
CA PHE I 368 -5.60 55.72 -20.68
C PHE I 368 -6.57 56.71 -21.31
N TRP I 369 -6.85 56.48 -22.59
CA TRP I 369 -7.67 57.41 -23.37
C TRP I 369 -8.24 56.67 -24.58
N GLU I 370 -9.56 56.66 -24.70
CA GLU I 370 -10.24 55.96 -25.79
C GLU I 370 -11.23 56.87 -26.48
N VAL I 371 -11.32 56.75 -27.79
CA VAL I 371 -12.32 57.43 -28.60
C VAL I 371 -12.88 56.44 -29.60
N ASP I 372 -14.21 56.37 -29.68
CA ASP I 372 -14.86 55.45 -30.60
C ASP I 372 -16.33 55.81 -30.70
N THR I 373 -16.98 55.27 -31.72
CA THR I 373 -18.42 55.44 -31.85
C THR I 373 -19.13 54.67 -30.74
N VAL I 374 -20.28 55.19 -30.32
CA VAL I 374 -21.01 54.58 -29.22
C VAL I 374 -21.33 53.13 -29.55
N GLY I 375 -21.72 52.85 -30.80
CA GLY I 375 -22.02 51.49 -31.19
C GLY I 375 -20.82 50.56 -31.03
N HIS I 376 -19.67 51.00 -31.51
CA HIS I 376 -18.49 50.13 -31.48
C HIS I 376 -18.09 49.77 -30.06
N MET I 377 -18.02 50.76 -29.16
CA MET I 377 -17.53 50.48 -27.83
C MET I 377 -18.58 49.79 -26.97
N LEU I 378 -19.87 49.86 -27.36
CA LEU I 378 -20.86 49.01 -26.73
C LEU I 378 -20.67 47.56 -27.15
N ASP I 379 -20.24 47.34 -28.40
CA ASP I 379 -19.96 45.99 -28.86
C ASP I 379 -18.80 45.38 -28.08
N LYS I 380 -17.77 46.19 -27.79
CA LYS I 380 -16.61 45.67 -27.08
C LYS I 380 -16.93 45.37 -25.62
N VAL I 381 -17.74 46.22 -24.99
CA VAL I 381 -18.20 45.92 -23.63
C VAL I 381 -19.04 44.65 -23.63
N GLY I 382 -19.86 44.47 -24.67
CA GLY I 382 -20.62 43.23 -24.78
C GLY I 382 -19.71 42.03 -24.90
N ARG I 383 -18.66 42.14 -25.72
CA ARG I 383 -17.68 41.07 -25.82
C ARG I 383 -17.07 40.77 -24.46
N HIS I 384 -16.69 41.81 -23.73
CA HIS I 384 -16.09 41.63 -22.42
C HIS I 384 -17.01 40.85 -21.49
N TYR I 385 -18.27 41.30 -21.37
CA TYR I 385 -19.19 40.63 -20.47
C TYR I 385 -19.52 39.22 -20.94
N ARG I 386 -19.54 39.00 -22.25
CA ARG I 386 -19.72 37.66 -22.78
C ARG I 386 -18.58 36.74 -22.34
N GLU I 387 -17.35 37.26 -22.38
CA GLU I 387 -16.20 36.48 -21.94
C GLU I 387 -16.29 36.18 -20.44
N LEU I 388 -16.71 37.17 -19.64
CA LEU I 388 -16.73 36.98 -18.20
C LEU I 388 -17.81 36.03 -17.72
N GLU I 389 -18.75 35.65 -18.59
CA GLU I 389 -19.94 34.94 -18.14
C GLU I 389 -19.58 33.62 -17.48
N ILE I 390 -20.15 33.39 -16.30
CA ILE I 390 -19.93 32.18 -15.52
C ILE I 390 -21.16 31.96 -14.65
N ILE I 391 -21.46 30.70 -14.37
CA ILE I 391 -22.60 30.42 -13.48
C ILE I 391 -22.32 31.02 -12.10
N PRO I 392 -23.22 31.80 -11.52
CA PRO I 392 -22.93 32.40 -10.21
C PRO I 392 -22.81 31.34 -9.14
N GLN I 393 -21.92 31.61 -8.18
CA GLN I 393 -21.75 30.71 -7.04
C GLN I 393 -22.90 30.83 -6.07
N PHE I 394 -23.33 32.06 -5.77
CA PHE I 394 -24.44 32.31 -4.86
C PHE I 394 -25.39 33.30 -5.52
N ASN I 395 -26.67 33.18 -5.18
CA ASN I 395 -27.70 33.97 -5.85
C ASN I 395 -27.56 35.47 -5.58
N ASN I 396 -26.78 35.88 -4.58
CA ASN I 396 -26.62 37.30 -4.31
C ASN I 396 -25.60 37.95 -5.21
N GLU I 397 -24.85 37.17 -5.99
CA GLU I 397 -23.84 37.74 -6.87
C GLU I 397 -24.48 38.18 -8.18
N GLN I 398 -24.12 39.38 -8.64
CA GLN I 398 -24.71 39.95 -9.84
C GLN I 398 -24.19 39.23 -11.08
N GLU I 399 -24.98 39.30 -12.15
CA GLU I 399 -24.62 38.63 -13.40
C GLU I 399 -23.73 39.49 -14.28
N PHE I 400 -23.52 40.76 -13.93
CA PHE I 400 -22.62 41.65 -14.64
C PHE I 400 -21.66 42.24 -13.62
N PRO I 401 -20.62 41.49 -13.25
CA PRO I 401 -19.73 41.95 -12.17
C PRO I 401 -19.09 43.29 -12.50
N SER I 402 -19.01 44.15 -11.50
CA SER I 402 -18.42 45.47 -11.70
C SER I 402 -16.91 45.36 -11.89
N LEU I 403 -16.36 46.30 -12.65
CA LEU I 403 -14.91 46.31 -12.86
C LEU I 403 -14.18 46.48 -11.54
N SER I 404 -14.66 47.38 -10.68
CA SER I 404 -14.04 47.57 -9.38
C SER I 404 -14.13 46.31 -8.53
N THR I 405 -15.27 45.62 -8.58
CA THR I 405 -15.41 44.38 -7.83
C THR I 405 -14.44 43.32 -8.35
N LEU I 406 -14.30 43.21 -9.66
CA LEU I 406 -13.36 42.25 -10.22
C LEU I 406 -11.92 42.57 -9.80
N LEU I 407 -11.54 43.84 -9.90
CA LEU I 407 -10.18 44.23 -9.52
C LEU I 407 -9.95 44.04 -8.03
N ARG I 408 -10.93 44.39 -7.20
CA ARG I 408 -10.78 44.26 -5.76
C ARG I 408 -10.48 42.81 -5.38
N GLN I 409 -10.96 41.86 -6.16
CA GLN I 409 -10.74 40.45 -5.85
C GLN I 409 -9.32 40.00 -6.16
N THR I 410 -8.52 40.83 -6.81
CA THR I 410 -7.10 40.56 -6.98
C THR I 410 -6.25 41.25 -5.92
N ALA I 411 -6.79 42.24 -5.22
CA ALA I 411 -6.05 42.97 -4.22
C ALA I 411 -5.60 42.04 -3.10
N VAL I 412 -4.72 42.56 -2.24
CA VAL I 412 -4.07 41.72 -1.23
C VAL I 412 -5.09 41.23 -0.21
N LEU I 413 -5.92 42.13 0.32
CA LEU I 413 -6.92 41.76 1.32
C LEU I 413 -8.31 42.20 0.87
N ASN I 414 -8.57 42.15 -0.43
CA ASN I 414 -9.89 42.44 -0.97
C ASN I 414 -10.32 43.86 -0.61
N LYS I 415 -9.38 44.81 -0.76
CA LYS I 415 -9.66 46.21 -0.48
C LYS I 415 -9.21 47.05 -1.66
N THR I 416 -9.85 48.21 -1.81
CA THR I 416 -9.59 49.07 -2.97
C THR I 416 -8.12 49.44 -3.06
N GLU I 417 -7.51 49.84 -1.96
CA GLU I 417 -6.06 49.94 -1.94
C GLU I 417 -5.46 48.55 -2.00
N ASN I 418 -4.20 48.48 -2.41
CA ASN I 418 -3.52 47.22 -2.72
C ASN I 418 -3.92 46.72 -4.10
N ILE I 419 -4.81 47.44 -4.78
CA ILE I 419 -5.07 47.15 -6.18
C ILE I 419 -3.93 47.71 -7.02
N SER I 420 -3.33 46.86 -7.84
CA SER I 420 -2.22 47.29 -8.66
C SER I 420 -2.68 48.33 -9.66
N PRO I 421 -2.17 49.57 -9.62
CA PRO I 421 -2.64 50.57 -10.60
C PRO I 421 -2.43 50.16 -12.04
N VAL I 422 -1.30 49.51 -12.35
CA VAL I 422 -1.06 49.10 -13.74
C VAL I 422 -2.07 48.05 -14.16
N LEU I 423 -2.35 47.07 -13.30
CA LEU I 423 -3.33 46.05 -13.67
C LEU I 423 -4.69 46.66 -13.90
N ALA I 424 -5.11 47.59 -13.04
CA ALA I 424 -6.40 48.24 -13.23
C ALA I 424 -6.43 49.02 -14.53
N GLY I 425 -5.36 49.76 -14.83
CA GLY I 425 -5.32 50.52 -16.07
C GLY I 425 -5.35 49.63 -17.30
N GLY I 426 -4.60 48.54 -17.28
CA GLY I 426 -4.60 47.63 -18.42
C GLY I 426 -5.94 46.95 -18.60
N LEU I 427 -6.63 46.65 -17.51
CA LEU I 427 -7.94 46.00 -17.57
C LEU I 427 -9.06 47.02 -17.61
N ARG I 429 -8.70 49.33 -19.92
CA ARG I 429 -8.43 49.64 -21.31
C ARG I 429 -8.75 48.45 -22.20
N ALA I 430 -8.37 47.25 -21.76
CA ALA I 430 -8.71 46.05 -22.52
C ALA I 430 -10.22 45.87 -22.60
N MET I 431 -10.93 46.28 -21.56
CA MET I 431 -12.39 46.22 -21.55
C MET I 431 -12.97 46.87 -22.81
N LEU I 432 -12.72 48.16 -22.98
CA LEU I 432 -13.39 48.96 -23.99
C LEU I 432 -12.56 49.19 -25.25
N THR I 433 -11.39 48.56 -25.36
CA THR I 433 -10.65 48.54 -26.62
C THR I 433 -10.75 47.21 -27.34
N GLY I 434 -11.12 46.15 -26.64
CA GLY I 434 -11.23 44.83 -27.23
C GLY I 434 -9.93 44.09 -27.40
N GLY I 435 -8.81 44.68 -26.96
CA GLY I 435 -7.53 44.03 -27.08
C GLY I 435 -7.30 43.00 -26.00
N PRO I 436 -6.18 42.30 -26.10
CA PRO I 436 -5.87 41.27 -25.11
C PRO I 436 -5.76 41.85 -23.71
N TYR I 437 -6.19 41.08 -22.73
CA TYR I 437 -5.99 41.48 -21.35
C TYR I 437 -4.49 41.47 -21.02
N PRO I 438 -4.05 42.31 -20.09
CA PRO I 438 -2.62 42.32 -19.74
C PRO I 438 -2.18 40.95 -19.27
N GLN I 439 -0.98 40.55 -19.70
CA GLN I 439 -0.48 39.21 -19.40
C GLN I 439 -0.25 39.00 -17.91
N SER I 440 -0.20 40.08 -17.13
CA SER I 440 -0.02 39.94 -15.69
C SER I 440 -1.32 39.64 -14.96
N LEU I 441 -2.46 39.66 -15.66
CA LEU I 441 -3.74 39.42 -15.01
C LEU I 441 -3.83 37.99 -14.49
N LEU I 442 -3.53 37.01 -15.34
CA LEU I 442 -3.64 35.62 -14.92
C LEU I 442 -2.70 35.29 -13.77
N PRO I 443 -1.41 35.64 -13.81
CA PRO I 443 -0.57 35.40 -12.63
C PRO I 443 -1.03 36.15 -11.41
N ALA I 444 -1.61 37.34 -11.55
CA ALA I 444 -2.14 38.05 -10.39
C ALA I 444 -3.27 37.29 -9.75
N VAL I 445 -4.23 36.81 -10.55
CA VAL I 445 -5.35 36.06 -10.00
C VAL I 445 -4.88 34.76 -9.38
N LEU I 446 -3.96 34.07 -10.05
CA LEU I 446 -3.47 32.80 -9.52
C LEU I 446 -2.73 33.03 -8.20
N GLY I 447 -1.93 34.09 -8.12
CA GLY I 447 -1.25 34.39 -6.87
C GLY I 447 -2.22 34.76 -5.77
N ARG I 448 -3.29 35.49 -6.09
CA ARG I 448 -4.28 35.81 -5.09
C ARG I 448 -4.97 34.55 -4.57
N ILE I 449 -5.29 33.62 -5.47
CA ILE I 449 -5.83 32.33 -5.03
C ILE I 449 -4.82 31.61 -4.15
N ARG I 450 -3.54 31.72 -4.51
CA ARG I 450 -2.49 31.04 -3.77
C ARG I 450 -2.36 31.60 -2.35
N ALA I 451 -2.57 32.90 -2.19
CA ALA I 451 -2.35 33.55 -0.90
C ALA I 451 -3.62 33.67 -0.06
N GLU I 452 -4.74 33.14 -0.53
CA GLU I 452 -6.00 33.29 0.19
C GLU I 452 -6.34 32.02 0.96
N HIS I 453 -7.32 32.16 1.85
CA HIS I 453 -7.84 31.05 2.63
C HIS I 453 -9.21 31.44 3.16
N ALA I 454 -9.96 30.43 3.59
CA ALA I 454 -11.27 30.69 4.17
C ALA I 454 -11.14 31.60 5.38
N ARG I 455 -12.02 32.59 5.46
CA ARG I 455 -12.00 33.62 6.50
C ARG I 455 -13.35 33.67 7.20
N PRO I 456 -13.59 32.77 8.15
CA PRO I 456 -14.81 32.89 8.97
C PRO I 456 -14.82 34.14 9.82
N GLU I 457 -13.67 34.80 10.01
CA GLU I 457 -13.64 36.02 10.81
C GLU I 457 -14.57 37.08 10.26
N ASP I 458 -14.89 37.04 8.96
CA ASP I 458 -15.89 37.93 8.41
C ASP I 458 -17.29 37.65 8.96
N LYS I 459 -17.44 36.58 9.74
CA LYS I 459 -18.73 36.17 10.29
C LYS I 459 -19.70 35.74 9.20
N SER I 460 -19.18 35.40 8.03
CA SER I 460 -19.99 34.79 6.99
C SER I 460 -20.12 33.29 7.28
N ARG I 461 -21.33 32.85 7.61
CA ARG I 461 -21.52 31.47 8.05
C ARG I 461 -21.08 30.47 6.99
N TYR I 462 -21.06 30.88 5.72
CA TYR I 462 -20.44 30.05 4.69
C TYR I 462 -18.95 30.38 4.61
N ARG I 463 -18.11 29.38 4.82
CA ARG I 463 -16.67 29.60 4.75
C ARG I 463 -16.32 30.16 3.37
N LEU I 464 -15.77 31.37 3.34
CA LEU I 464 -15.57 32.07 2.09
C LEU I 464 -14.72 31.22 1.14
N GLU I 465 -15.09 31.24 -0.13
CA GLU I 465 -14.38 30.48 -1.14
C GLU I 465 -13.10 31.20 -1.55
N VAL I 466 -12.09 30.42 -1.94
CA VAL I 466 -10.87 31.00 -2.48
C VAL I 466 -10.99 31.23 -3.98
N VAL I 467 -11.55 30.28 -4.71
CA VAL I 467 -11.86 30.48 -6.14
C VAL I 467 -13.29 31.00 -6.18
N THR I 468 -13.42 32.31 -6.02
CA THR I 468 -14.75 32.92 -5.98
C THR I 468 -15.33 33.03 -7.39
N TYR I 469 -16.54 33.57 -7.47
CA TYR I 469 -17.19 33.76 -8.75
C TYR I 469 -16.41 34.74 -9.61
N TYR I 470 -15.93 35.82 -9.00
CA TYR I 470 -15.24 36.86 -9.77
C TYR I 470 -13.88 36.40 -10.27
N ARG I 471 -13.13 35.69 -9.42
CA ARG I 471 -11.83 35.20 -9.86
C ARG I 471 -11.97 34.20 -11.00
N ALA I 472 -12.95 33.30 -10.89
CA ALA I 472 -13.20 32.36 -11.98
C ALA I 472 -13.61 33.09 -13.25
N ALA I 473 -14.43 34.13 -13.11
CA ALA I 473 -14.82 34.91 -14.29
C ALA I 473 -13.60 35.54 -14.95
N LEU I 474 -12.70 36.11 -14.14
CA LEU I 474 -11.49 36.71 -14.70
C LEU I 474 -10.64 35.66 -15.42
N ILE I 475 -10.47 34.49 -14.81
CA ILE I 475 -9.67 33.45 -15.45
C ILE I 475 -10.30 33.03 -16.77
N LYS I 476 -11.63 32.87 -16.79
CA LYS I 476 -12.30 32.49 -18.02
C LYS I 476 -12.10 33.54 -19.10
N ALA I 477 -12.27 34.82 -18.74
CA ALA I 477 -12.10 35.87 -19.73
C ALA I 477 -10.69 35.88 -20.30
N TYR I 478 -9.69 35.73 -19.42
CA TYR I 478 -8.31 35.72 -19.89
C TYR I 478 -8.07 34.54 -20.83
N LEU I 479 -8.57 33.36 -20.47
CA LEU I 479 -8.36 32.19 -21.31
C LEU I 479 -9.06 32.32 -22.65
N ILE I 480 -10.26 32.90 -22.69
CA ILE I 480 -10.96 33.06 -23.95
C ILE I 480 -10.25 34.07 -24.84
N ARG I 481 -9.91 35.23 -24.30
CA ARG I 481 -9.30 36.27 -25.13
C ARG I 481 -7.86 35.94 -25.48
N ASN I 482 -7.00 35.87 -24.47
CA ASN I 482 -5.57 35.77 -24.73
C ASN I 482 -5.17 34.42 -25.29
N ARG I 483 -5.72 33.33 -24.75
CA ARG I 483 -5.31 31.99 -25.12
C ARG I 483 -6.21 31.34 -26.17
N LYS I 484 -7.34 31.94 -26.49
CA LYS I 484 -8.22 31.44 -27.55
C LYS I 484 -8.73 30.04 -27.24
N LEU I 485 -8.88 29.71 -25.96
CA LEU I 485 -9.38 28.40 -25.57
C LEU I 485 -10.90 28.40 -25.50
N GLU I 486 -11.47 27.20 -25.42
CA GLU I 486 -12.89 27.04 -25.19
C GLU I 486 -13.15 26.80 -23.71
N VAL I 487 -13.97 27.65 -23.10
CA VAL I 487 -14.29 27.53 -21.68
C VAL I 487 -15.79 27.62 -21.52
N PRO I 488 -16.46 26.62 -20.95
CA PRO I 488 -17.91 26.68 -20.80
C PRO I 488 -18.32 27.56 -19.62
N VAL I 489 -19.59 27.96 -19.65
CA VAL I 489 -20.13 28.73 -18.52
C VAL I 489 -20.50 27.82 -17.36
N SER I 490 -20.75 26.54 -17.61
CA SER I 490 -21.13 25.59 -16.58
C SER I 490 -20.32 24.32 -16.76
N LEU I 491 -20.40 23.44 -15.78
CA LEU I 491 -19.61 22.22 -15.80
C LEU I 491 -19.88 21.43 -17.07
N ASP I 492 -18.80 20.93 -17.68
CA ASP I 492 -18.90 20.16 -18.91
C ASP I 492 -18.29 18.77 -18.68
N PRO I 493 -19.09 17.76 -18.35
CA PRO I 493 -18.52 16.44 -18.04
C PRO I 493 -17.93 15.72 -19.24
N ALA I 494 -18.04 16.28 -20.45
CA ALA I 494 -17.46 15.69 -21.64
C ALA I 494 -16.16 16.35 -22.06
N ARG I 495 -15.56 17.17 -21.18
CA ARG I 495 -14.37 17.92 -21.55
C ARG I 495 -13.19 17.01 -21.81
N THR I 496 -12.75 16.27 -20.79
CA THR I 496 -11.64 15.34 -20.85
C THR I 496 -10.29 16.01 -21.05
N ASP I 497 -10.17 17.30 -20.75
CA ASP I 497 -8.87 17.95 -20.71
C ASP I 497 -8.21 17.66 -19.38
N ARG I 498 -6.94 17.27 -19.41
CA ARG I 498 -6.30 16.83 -18.18
C ARG I 498 -6.29 17.91 -17.10
N PRO I 499 -5.94 19.16 -17.39
CA PRO I 499 -6.06 20.20 -16.34
C PRO I 499 -7.47 20.35 -15.80
N TYR I 500 -8.46 20.34 -16.70
CA TYR I 500 -9.85 20.47 -16.28
C TYR I 500 -10.26 19.27 -15.42
N LEU I 501 -9.85 18.07 -15.83
CA LEU I 501 -10.16 16.88 -15.07
C LEU I 501 -9.52 16.93 -13.69
N LEU I 502 -8.28 17.42 -13.61
CA LEU I 502 -7.62 17.52 -12.31
C LEU I 502 -8.33 18.53 -11.43
N GLY I 503 -8.80 19.64 -11.99
CA GLY I 503 -9.58 20.58 -11.21
C GLY I 503 -10.85 19.95 -10.66
N ARG I 504 -11.55 19.20 -11.51
CA ARG I 504 -12.76 18.52 -11.06
C ARG I 504 -12.44 17.51 -9.95
N LEU I 505 -11.35 16.78 -10.11
CA LEU I 505 -10.94 15.82 -9.08
C LEU I 505 -10.65 16.53 -7.76
N PHE I 506 -9.95 17.65 -7.82
CA PHE I 506 -9.69 18.42 -6.61
C PHE I 506 -11.00 18.84 -5.95
N ALA I 507 -11.96 19.28 -6.75
CA ALA I 507 -13.25 19.68 -6.17
C ALA I 507 -13.93 18.52 -5.47
N VAL I 508 -13.93 17.34 -6.10
CA VAL I 508 -14.61 16.20 -5.46
C VAL I 508 -13.86 15.77 -4.20
N LEU I 509 -12.54 15.82 -4.20
CA LEU I 509 -11.80 15.50 -2.99
C LEU I 509 -12.14 16.46 -1.86
N GLU I 510 -12.25 17.75 -2.18
CA GLU I 510 -12.62 18.73 -1.16
C GLU I 510 -14.03 18.46 -0.64
N LYS I 511 -14.95 18.11 -1.52
CA LYS I 511 -16.31 17.80 -1.08
C LYS I 511 -16.30 16.60 -0.14
N ALA I 512 -15.51 15.58 -0.46
CA ALA I 512 -15.41 14.42 0.43
C ALA I 512 -14.85 14.83 1.78
N GLN I 513 -13.83 15.70 1.79
CA GLN I 513 -13.27 16.17 3.06
C GLN I 513 -14.33 16.90 3.86
N GLU I 514 -15.09 17.79 3.21
CA GLU I 514 -16.10 18.56 3.91
C GLU I 514 -17.16 17.65 4.52
N ASP I 515 -17.60 16.64 3.76
CA ASP I 515 -18.59 15.72 4.30
C ASP I 515 -18.04 14.91 5.46
N ALA I 516 -16.78 14.46 5.36
CA ALA I 516 -16.24 13.59 6.40
C ALA I 516 -15.91 14.35 7.68
N VAL I 517 -15.59 15.64 7.58
CA VAL I 517 -15.19 16.44 8.74
C VAL I 517 -16.04 17.70 8.80
N PRO I 518 -17.28 17.61 9.28
CA PRO I 518 -18.12 18.81 9.32
C PRO I 518 -17.53 19.89 10.20
N GLY I 519 -17.74 21.14 9.78
CA GLY I 519 -17.29 22.27 10.57
C GLY I 519 -15.78 22.39 10.69
N ALA I 520 -15.04 21.76 9.79
CA ALA I 520 -13.59 21.84 9.84
C ALA I 520 -13.14 23.27 9.59
N ASN I 521 -12.15 23.72 10.37
CA ASN I 521 -11.65 25.07 10.22
C ASN I 521 -11.02 25.29 8.85
N ALA I 522 -10.21 24.35 8.39
CA ALA I 522 -9.45 24.49 7.15
C ALA I 522 -9.71 23.30 6.25
N THR I 523 -9.59 23.52 4.95
CA THR I 523 -9.73 22.48 3.95
C THR I 523 -8.54 22.55 3.01
N ILE I 524 -8.36 21.47 2.23
CA ILE I 524 -7.27 21.43 1.26
C ILE I 524 -7.31 22.67 0.36
N LYS I 525 -8.50 23.25 0.19
CA LYS I 525 -8.63 24.49 -0.58
C LYS I 525 -7.66 25.55 -0.07
N ASP I 526 -7.48 25.64 1.24
CA ASP I 526 -6.67 26.70 1.83
C ASP I 526 -5.18 26.49 1.64
N ARG I 527 -4.72 25.25 1.48
CA ARG I 527 -3.29 24.97 1.54
C ARG I 527 -2.75 24.36 0.25
N TYR I 528 -3.40 23.34 -0.27
CA TYR I 528 -2.83 22.56 -1.37
C TYR I 528 -3.35 22.98 -2.74
N LEU I 529 -4.19 23.99 -2.82
CA LEU I 529 -4.76 24.37 -4.12
C LEU I 529 -3.68 24.86 -5.07
N ALA I 530 -2.73 25.65 -4.58
CA ALA I 530 -1.71 26.22 -5.45
C ALA I 530 -0.75 25.14 -5.97
N SER I 531 -0.22 24.32 -5.07
CA SER I 531 0.77 23.34 -5.49
C SER I 531 0.15 22.24 -6.35
N ALA I 532 -1.09 21.86 -6.06
CA ALA I 532 -1.75 20.86 -6.89
C ALA I 532 -1.91 21.34 -8.32
N SER I 533 -2.28 22.61 -8.50
CA SER I 533 -2.42 23.16 -9.84
C SER I 533 -1.06 23.33 -10.51
N ALA I 534 -0.05 23.74 -9.75
CA ALA I 534 1.24 24.05 -10.36
C ALA I 534 2.14 22.83 -10.47
N ASN I 535 1.91 21.80 -9.67
CA ASN I 535 2.80 20.64 -9.60
C ASN I 535 2.00 19.40 -9.25
N PRO I 536 1.06 19.01 -10.12
CA PRO I 536 0.13 17.93 -9.75
C PRO I 536 0.81 16.61 -9.39
N GLY I 537 1.89 16.26 -10.10
CA GLY I 537 2.51 14.96 -9.86
C GLY I 537 3.15 14.83 -8.50
N GLN I 538 3.32 15.95 -7.78
CA GLN I 538 4.02 15.93 -6.51
C GLN I 538 3.10 15.79 -5.32
N VAL I 539 1.83 16.15 -5.45
CA VAL I 539 0.94 16.26 -4.29
C VAL I 539 -0.33 15.44 -4.42
N PHE I 540 -0.76 15.03 -5.61
CA PHE I 540 -2.07 14.40 -5.73
C PHE I 540 -2.15 13.04 -5.05
N HIS I 541 -1.03 12.34 -4.88
CA HIS I 541 -1.07 11.08 -4.15
C HIS I 541 -1.49 11.30 -2.71
N MET I 542 -0.95 12.33 -2.07
CA MET I 542 -1.33 12.64 -0.69
C MET I 542 -2.80 13.03 -0.61
N LEU I 543 -3.26 13.84 -1.57
CA LEU I 543 -4.68 14.22 -1.58
C LEU I 543 -5.57 13.00 -1.73
N LEU I 544 -5.19 12.07 -2.61
CA LEU I 544 -6.01 10.88 -2.83
C LEU I 544 -6.02 9.98 -1.60
N LYS I 545 -4.88 9.85 -0.92
CA LYS I 545 -4.86 9.05 0.30
C LYS I 545 -5.70 9.69 1.40
N ASN I 546 -5.64 11.01 1.53
CA ASN I 546 -6.49 11.70 2.49
C ASN I 546 -7.96 11.50 2.15
N ALA I 547 -8.30 11.55 0.85
CA ALA I 547 -9.67 11.33 0.44
C ALA I 547 -10.12 9.90 0.71
N SER I 548 -9.20 8.94 0.57
CA SER I 548 -9.51 7.57 0.94
C SER I 548 -9.83 7.47 2.43
N ASN I 549 -9.05 8.14 3.26
CA ASN I 549 -9.37 8.19 4.69
C ASN I 549 -10.74 8.83 4.93
N HIS I 550 -11.04 9.91 4.20
CA HIS I 550 -12.31 10.60 4.38
C HIS I 550 -13.49 9.71 4.01
N THR I 551 -13.39 9.02 2.89
CA THR I 551 -14.48 8.15 2.45
C THR I 551 -14.59 6.92 3.34
N ALA I 552 -13.48 6.44 3.89
CA ALA I 552 -13.55 5.32 4.82
C ALA I 552 -14.40 5.68 6.03
N LYS I 553 -14.24 6.90 6.54
CA LYS I 553 -15.07 7.34 7.65
C LYS I 553 -16.54 7.40 7.26
N LEU I 554 -16.83 7.94 6.07
CA LEU I 554 -18.21 8.02 5.62
C LEU I 554 -18.82 6.64 5.44
N ARG I 555 -18.06 5.69 4.89
CA ARG I 555 -18.61 4.37 4.64
C ARG I 555 -19.01 3.67 5.94
N LYS I 556 -18.43 4.08 7.07
CA LYS I 556 -18.81 3.53 8.36
C LYS I 556 -19.96 4.31 9.00
N ASP I 557 -19.84 5.64 9.05
CA ASP I 557 -20.85 6.51 9.62
C ASP I 557 -22.09 6.50 8.72
N PRO I 558 -23.15 7.21 9.10
CA PRO I 558 -24.25 7.44 8.14
C PRO I 558 -23.72 8.12 6.88
N GLU I 559 -24.55 8.27 5.86
CA GLU I 559 -24.08 8.65 4.53
C GLU I 559 -23.22 7.53 3.95
N ARG I 560 -23.67 6.30 4.17
CA ARG I 560 -22.84 5.12 3.93
C ARG I 560 -22.61 4.86 2.45
N LYS I 561 -23.31 5.57 1.58
CA LYS I 561 -23.14 5.40 0.14
C LYS I 561 -23.56 6.66 -0.59
N SER I 563 -22.95 9.16 0.93
CA SER I 563 -22.34 9.62 -0.32
C SER I 563 -20.94 9.05 -0.49
N ALA I 564 -20.55 8.12 0.39
CA ALA I 564 -19.20 7.58 0.34
C ALA I 564 -18.91 6.90 -0.98
N ILE I 565 -19.82 6.06 -1.46
CA ILE I 565 -19.61 5.35 -2.72
C ILE I 565 -19.74 6.30 -3.90
N HIS I 566 -20.60 7.31 -3.80
CA HIS I 566 -20.78 8.25 -4.90
C HIS I 566 -19.50 9.03 -5.18
N TYR I 567 -18.83 9.48 -4.12
CA TYR I 567 -17.57 10.21 -4.31
C TYR I 567 -16.50 9.30 -4.91
N GLU I 568 -16.45 8.04 -4.47
CA GLU I 568 -15.50 7.10 -5.07
C GLU I 568 -15.80 6.90 -6.56
N ILE I 569 -17.08 6.83 -6.91
CA ILE I 569 -17.45 6.68 -8.32
C ILE I 569 -17.02 7.91 -9.11
N MET I 570 -17.24 9.10 -8.55
CA MET I 570 -16.80 10.32 -9.23
C MET I 570 -15.30 10.30 -9.45
N MET I 571 -14.54 9.95 -8.42
CA MET I 571 -13.08 9.92 -8.54
C MET I 571 -12.64 8.89 -9.57
N GLN I 572 -13.29 7.74 -9.59
CA GLN I 572 -12.97 6.70 -10.56
C GLN I 572 -13.25 7.17 -11.98
N GLU I 573 -14.37 7.86 -12.18
CA GLU I 573 -14.72 8.31 -13.52
C GLU I 573 -13.78 9.40 -14.00
N ILE I 574 -13.47 10.37 -13.15
CA ILE I 574 -12.58 11.45 -13.56
C ILE I 574 -11.19 10.92 -13.86
N ILE I 575 -10.65 10.10 -12.96
CA ILE I 575 -9.29 9.60 -13.13
C ILE I 575 -9.19 8.71 -14.35
N ASP I 576 -10.32 8.13 -14.80
CA ASP I 576 -10.28 7.23 -15.95
C ASP I 576 -9.77 7.93 -17.20
N ASN I 577 -9.95 9.24 -17.31
CA ASN I 577 -9.52 9.97 -18.50
C ASN I 577 -8.09 10.49 -18.39
N ILE I 578 -7.38 10.15 -17.32
CA ILE I 578 -6.04 10.66 -17.05
C ILE I 578 -5.05 9.51 -17.17
N SER I 579 -3.97 9.73 -17.92
CA SER I 579 -2.93 8.73 -18.05
C SER I 579 -1.85 8.90 -16.99
N ASP I 580 -1.49 10.14 -16.67
CA ASP I 580 -0.48 10.43 -15.68
C ASP I 580 -0.77 11.77 -15.03
N PHE I 581 -0.23 11.97 -13.85
CA PHE I 581 -0.21 13.29 -13.24
C PHE I 581 0.99 14.06 -13.78
N PRO I 582 0.79 15.17 -14.48
CA PRO I 582 1.95 15.91 -15.01
C PRO I 582 2.82 16.44 -13.90
N VAL I 583 4.13 16.48 -14.18
CA VAL I 583 5.07 16.98 -13.19
C VAL I 583 4.88 18.47 -12.97
N THR I 584 4.56 19.20 -14.03
CA THR I 584 4.31 20.63 -13.93
C THR I 584 3.25 21.03 -14.95
N MET I 585 2.60 22.17 -14.69
CA MET I 585 1.60 22.73 -15.58
C MET I 585 1.88 24.21 -15.77
N SER I 586 1.60 24.70 -16.97
CA SER I 586 1.82 26.11 -17.26
C SER I 586 0.73 26.95 -16.61
N SER I 587 0.88 28.27 -16.73
CA SER I 587 -0.11 29.18 -16.16
C SER I 587 -1.48 28.97 -16.79
N ASP I 588 -1.52 28.74 -18.11
CA ASP I 588 -2.79 28.50 -18.77
C ASP I 588 -3.42 27.21 -18.26
N GLU I 589 -2.61 26.17 -18.09
CA GLU I 589 -3.13 24.91 -17.57
C GLU I 589 -3.62 25.08 -16.14
N GLN I 590 -2.95 25.92 -15.35
CA GLN I 590 -3.42 26.20 -14.00
C GLN I 590 -4.74 26.96 -14.02
N GLY I 591 -4.91 27.87 -14.98
CA GLY I 591 -6.19 28.54 -15.13
C GLY I 591 -7.30 27.57 -15.46
N LEU I 592 -7.03 26.62 -16.35
CA LEU I 592 -8.02 25.59 -16.65
C LEU I 592 -8.31 24.74 -15.41
N PHE I 593 -7.27 24.42 -14.63
CA PHE I 593 -7.47 23.72 -13.37
C PHE I 593 -8.43 24.47 -12.46
N MET I 594 -8.21 25.78 -12.31
CA MET I 594 -9.09 26.57 -11.46
C MET I 594 -10.51 26.58 -11.98
N ILE I 595 -10.69 26.72 -13.30
CA ILE I 595 -12.04 26.73 -13.86
C ILE I 595 -12.72 25.40 -13.62
N GLY I 596 -12.00 24.30 -13.82
CA GLY I 596 -12.58 22.99 -13.58
C GLY I 596 -12.97 22.80 -12.13
N TYR I 597 -12.11 23.24 -11.21
CA TYR I 597 -12.43 23.16 -9.79
C TYR I 597 -13.68 23.97 -9.47
N TYR I 598 -13.78 25.18 -10.01
CA TYR I 598 -14.94 26.01 -9.76
C TYR I 598 -16.21 25.36 -10.28
N HIS I 599 -16.17 24.83 -11.51
CA HIS I 599 -17.36 24.24 -12.10
C HIS I 599 -17.82 23.02 -11.31
N GLN I 600 -16.87 22.12 -11.00
CA GLN I 600 -17.22 20.92 -10.26
C GLN I 600 -17.69 21.25 -8.86
N ARG I 601 -17.10 22.26 -8.22
CA ARG I 601 -17.51 22.62 -6.87
C ARG I 601 -18.95 23.11 -6.86
N LYS I 602 -19.33 23.93 -7.83
CA LYS I 602 -20.69 24.45 -7.87
C LYS I 602 -21.70 23.33 -8.11
N ALA I 603 -21.34 22.35 -8.94
CA ALA I 603 -22.24 21.26 -9.23
C ALA I 603 -22.52 20.38 -8.02
N LEU I 604 -21.72 20.50 -6.95
CA LEU I 604 -21.84 19.65 -5.78
C LEU I 604 -22.44 20.34 -4.58
N PHE I 605 -22.81 21.63 -4.70
CA PHE I 605 -23.41 22.31 -3.56
C PHE I 605 -24.75 21.68 -3.18
N THR I 606 -25.58 21.37 -4.16
CA THR I 606 -26.91 20.82 -3.87
C THR I 606 -27.25 19.69 -4.84
N LYS I 607 -26.20 18.95 -5.27
CA LYS I 607 -26.43 17.68 -5.97
C LYS I 607 -27.09 16.66 -5.04
N LYS I 608 -26.67 16.62 -3.78
CA LYS I 608 -27.24 15.69 -2.81
C LYS I 608 -27.36 16.36 -1.45
N VAL J 1 -11.21 1.68 -23.86
CA VAL J 1 -10.95 1.58 -22.39
C VAL J 1 -9.67 2.35 -22.04
N SER J 2 -9.64 2.93 -20.85
CA SER J 2 -8.51 3.75 -20.41
C SER J 2 -7.42 2.96 -19.72
N LEU J 3 -7.73 1.80 -19.16
CA LEU J 3 -6.69 0.96 -18.60
C LEU J 3 -5.74 0.50 -19.71
N ASP J 4 -4.45 0.47 -19.39
CA ASP J 4 -3.41 0.08 -20.34
C ASP J 4 -2.74 -1.20 -19.84
N PRO J 5 -3.20 -2.37 -20.26
CA PRO J 5 -2.59 -3.61 -19.77
C PRO J 5 -1.18 -3.85 -20.27
N ALA J 6 -0.70 -3.06 -21.23
CA ALA J 6 0.64 -3.23 -21.77
C ALA J 6 1.63 -2.22 -21.23
N ARG J 7 1.26 -1.42 -20.23
CA ARG J 7 2.15 -0.38 -19.75
C ARG J 7 3.35 -0.97 -19.02
N THR J 8 3.12 -1.73 -17.96
CA THR J 8 4.18 -2.40 -17.23
C THR J 8 5.12 -1.42 -16.52
N ASP J 9 4.54 -0.39 -15.90
CA ASP J 9 5.28 0.45 -14.97
C ASP J 9 5.02 -0.05 -13.55
N ARG J 10 6.10 -0.34 -12.82
CA ARG J 10 5.94 -1.07 -11.56
C ARG J 10 4.92 -0.42 -10.63
N PRO J 11 4.93 0.90 -10.40
CA PRO J 11 3.85 1.50 -9.62
C PRO J 11 2.48 1.28 -10.23
N TYR J 12 2.35 1.38 -11.54
CA TYR J 12 1.08 1.14 -12.20
C TYR J 12 0.61 -0.29 -12.00
N LEU J 13 1.54 -1.25 -12.16
CA LEU J 13 1.18 -2.64 -11.97
C LEU J 13 0.79 -2.93 -10.53
N LEU J 14 1.48 -2.30 -9.58
CA LEU J 14 1.13 -2.51 -8.18
C LEU J 14 -0.24 -1.90 -7.87
N GLY J 15 -0.56 -0.77 -8.47
CA GLY J 15 -1.90 -0.23 -8.31
C GLY J 15 -2.97 -1.16 -8.86
N ARG J 16 -2.71 -1.73 -10.04
CA ARG J 16 -3.63 -2.70 -10.61
C ARG J 16 -3.80 -3.90 -9.70
N LEU J 17 -2.68 -4.39 -9.16
CA LEU J 17 -2.72 -5.53 -8.24
C LEU J 17 -3.56 -5.20 -7.02
N PHE J 18 -3.37 -4.00 -6.46
CA PHE J 18 -4.17 -3.59 -5.31
C PHE J 18 -5.65 -3.58 -5.66
N ALA J 19 -5.99 -3.06 -6.84
CA ALA J 19 -7.39 -3.02 -7.23
C ALA J 19 -7.98 -4.41 -7.34
N VAL J 20 -7.24 -5.36 -7.95
CA VAL J 20 -7.79 -6.69 -8.12
C VAL J 20 -7.93 -7.40 -6.78
N LEU J 21 -6.98 -7.20 -5.87
CA LEU J 21 -7.12 -7.77 -4.53
C LEU J 21 -8.34 -7.19 -3.81
N GLU J 22 -8.57 -5.88 -3.96
CA GLU J 22 -9.74 -5.28 -3.35
C GLU J 22 -11.02 -5.88 -3.92
N LYS J 23 -11.07 -6.08 -5.24
CA LYS J 23 -12.23 -6.72 -5.84
C LYS J 23 -12.44 -8.12 -5.30
N ALA J 24 -11.36 -8.90 -5.20
CA ALA J 24 -11.48 -10.26 -4.68
C ALA J 24 -12.02 -10.26 -3.25
N GLN J 25 -11.49 -9.37 -2.41
CA GLN J 25 -11.98 -9.31 -1.03
C GLN J 25 -13.46 -8.94 -0.99
N GLU J 26 -13.84 -7.90 -1.73
CA GLU J 26 -15.22 -7.46 -1.69
C GLU J 26 -16.18 -8.51 -2.24
N ASP J 27 -15.70 -9.36 -3.15
CA ASP J 27 -16.54 -10.45 -3.64
C ASP J 27 -16.64 -11.57 -2.61
N ALA J 28 -15.54 -11.88 -1.91
CA ALA J 28 -15.55 -13.00 -0.98
C ALA J 28 -16.30 -12.68 0.30
N VAL J 29 -16.28 -11.42 0.73
CA VAL J 29 -16.93 -11.03 1.98
C VAL J 29 -17.84 -9.83 1.73
N PRO J 30 -18.99 -10.03 1.07
CA PRO J 30 -19.88 -8.91 0.83
C PRO J 30 -20.37 -8.28 2.13
N GLY J 31 -20.60 -6.97 2.09
CA GLY J 31 -21.10 -6.25 3.24
C GLY J 31 -20.06 -5.96 4.31
N ALA J 32 -18.79 -6.22 4.04
CA ALA J 32 -17.76 -5.94 5.02
C ALA J 32 -17.71 -4.45 5.33
N ASN J 33 -17.48 -4.13 6.61
CA ASN J 33 -17.52 -2.75 7.06
C ASN J 33 -16.42 -1.89 6.43
N ALA J 34 -15.36 -2.49 5.93
CA ALA J 34 -14.26 -1.72 5.36
C ALA J 34 -13.54 -2.55 4.30
N THR J 35 -13.24 -1.92 3.18
CA THR J 35 -12.48 -2.56 2.11
C THR J 35 -11.01 -2.61 2.47
N ILE J 36 -10.26 -3.47 1.77
CA ILE J 36 -8.83 -3.57 2.03
C ILE J 36 -8.13 -2.27 1.67
N LYS J 37 -8.72 -1.46 0.80
CA LYS J 37 -8.16 -0.15 0.53
C LYS J 37 -8.13 0.70 1.79
N ASP J 38 -9.25 0.77 2.50
CA ASP J 38 -9.30 1.56 3.74
C ASP J 38 -8.30 1.02 4.76
N ARG J 39 -8.13 -0.30 4.82
CA ARG J 39 -7.30 -0.89 5.85
C ARG J 39 -5.81 -0.73 5.55
N TYR J 40 -5.40 -0.84 4.29
CA TYR J 40 -3.99 -0.99 3.97
C TYR J 40 -3.46 -0.02 2.92
N LEU J 41 -4.23 0.98 2.50
CA LEU J 41 -3.71 1.90 1.49
C LEU J 41 -2.50 2.66 2.00
N ALA J 42 -2.55 3.11 3.26
CA ALA J 42 -1.43 3.87 3.80
C ALA J 42 -0.17 3.01 3.86
N SER J 43 -0.28 1.82 4.46
CA SER J 43 0.89 0.95 4.57
C SER J 43 1.32 0.45 3.20
N ALA J 44 0.37 0.16 2.31
CA ALA J 44 0.72 -0.35 0.99
C ALA J 44 1.59 0.63 0.22
N SER J 45 1.22 1.91 0.19
CA SER J 45 2.03 2.90 -0.50
C SER J 45 3.27 3.30 0.28
N ALA J 46 3.20 3.32 1.61
CA ALA J 46 4.35 3.74 2.40
C ALA J 46 5.47 2.69 2.37
N ASN J 47 5.12 1.42 2.51
CA ASN J 47 6.10 0.34 2.64
C ASN J 47 5.62 -0.85 1.84
N PRO J 48 5.63 -0.74 0.50
CA PRO J 48 5.07 -1.83 -0.32
C PRO J 48 5.78 -3.17 -0.12
N GLY J 49 7.08 -3.14 0.15
CA GLY J 49 7.84 -4.38 0.22
C GLY J 49 7.36 -5.32 1.30
N GLN J 50 6.90 -4.78 2.42
CA GLN J 50 6.64 -5.58 3.61
C GLN J 50 5.17 -5.93 3.79
N VAL J 51 4.26 -5.41 2.96
CA VAL J 51 2.83 -5.62 3.18
C VAL J 51 2.14 -6.32 2.02
N PHE J 52 2.67 -6.24 0.79
CA PHE J 52 1.98 -6.85 -0.33
C PHE J 52 1.92 -8.35 -0.18
N HIS J 53 2.89 -8.96 0.50
CA HIS J 53 2.81 -10.40 0.73
C HIS J 53 1.62 -10.75 1.63
N MET J 54 1.38 -9.93 2.66
CA MET J 54 0.19 -10.13 3.49
C MET J 54 -1.08 -9.96 2.67
N LEU J 55 -1.13 -8.91 1.86
CA LEU J 55 -2.29 -8.71 1.00
C LEU J 55 -2.51 -9.92 0.09
N LEU J 56 -1.42 -10.54 -0.35
CA LEU J 56 -1.55 -11.69 -1.24
C LEU J 56 -2.02 -12.93 -0.50
N LYS J 57 -1.59 -13.15 0.74
CA LYS J 57 -2.19 -14.23 1.52
C LYS J 57 -3.69 -14.02 1.65
N ASN J 58 -4.11 -12.80 2.00
CA ASN J 58 -5.53 -12.54 2.17
C ASN J 58 -6.28 -12.77 0.87
N ALA J 59 -5.73 -12.32 -0.25
CA ALA J 59 -6.37 -12.52 -1.53
C ALA J 59 -6.45 -13.99 -1.89
N SER J 60 -5.43 -14.78 -1.53
CA SER J 60 -5.49 -16.21 -1.76
C SER J 60 -6.64 -16.83 -0.98
N ASN J 61 -6.82 -16.43 0.27
CA ASN J 61 -7.94 -16.93 1.05
C ASN J 61 -9.27 -16.54 0.40
N HIS J 62 -9.38 -15.30 -0.07
CA HIS J 62 -10.61 -14.84 -0.68
C HIS J 62 -10.92 -15.64 -1.95
N THR J 63 -9.90 -15.87 -2.77
CA THR J 63 -10.11 -16.65 -4.00
C THR J 63 -10.49 -18.08 -3.68
N ALA J 64 -9.86 -18.67 -2.65
CA ALA J 64 -10.24 -20.01 -2.25
C ALA J 64 -11.70 -20.06 -1.83
N LYS J 65 -12.15 -19.07 -1.08
CA LYS J 65 -13.56 -19.02 -0.70
C LYS J 65 -14.45 -18.91 -1.94
N LEU J 66 -14.07 -18.06 -2.90
CA LEU J 66 -14.86 -17.92 -4.10
C LEU J 66 -14.96 -19.22 -4.88
N ARG J 67 -13.86 -19.98 -4.90
CA ARG J 67 -13.78 -21.16 -5.76
C ARG J 67 -14.76 -22.25 -5.37
N LYS J 68 -15.34 -22.19 -4.16
CA LYS J 68 -16.11 -23.31 -3.64
C LYS J 68 -17.49 -23.44 -4.26
N ASP J 69 -18.03 -22.40 -4.86
CA ASP J 69 -19.43 -22.40 -5.29
C ASP J 69 -19.50 -21.90 -6.72
N PRO J 70 -20.64 -22.13 -7.40
CA PRO J 70 -20.74 -21.71 -8.81
C PRO J 70 -20.59 -20.22 -9.02
N GLU J 71 -20.81 -19.40 -7.99
CA GLU J 71 -20.49 -17.98 -8.10
C GLU J 71 -19.02 -17.74 -8.44
N ARG J 72 -18.18 -18.77 -8.34
CA ARG J 72 -16.80 -18.73 -8.79
C ARG J 72 -16.67 -17.98 -10.11
N LYS J 73 -15.75 -17.02 -10.15
CA LYS J 73 -15.48 -16.27 -11.37
C LYS J 73 -14.53 -17.06 -12.26
N ALA J 76 -12.96 -16.82 -9.28
CA ALA J 76 -11.69 -17.04 -8.60
C ALA J 76 -10.60 -17.27 -9.62
N ILE J 77 -10.94 -18.00 -10.69
CA ILE J 77 -9.99 -18.21 -11.77
C ILE J 77 -9.63 -16.88 -12.42
N HIS J 78 -10.62 -16.01 -12.61
CA HIS J 78 -10.37 -14.73 -13.26
C HIS J 78 -9.39 -13.89 -12.45
N TYR J 79 -9.66 -13.73 -11.15
CA TYR J 79 -8.78 -12.92 -10.31
C TYR J 79 -7.41 -13.56 -10.18
N GLU J 80 -7.34 -14.89 -10.03
CA GLU J 80 -6.05 -15.55 -9.93
C GLU J 80 -5.23 -15.32 -11.19
N ILE J 81 -5.88 -15.38 -12.36
CA ILE J 81 -5.18 -15.13 -13.62
C ILE J 81 -4.69 -13.69 -13.68
N MET J 82 -5.53 -12.73 -13.26
CA MET J 82 -5.09 -11.33 -13.25
C MET J 82 -3.87 -11.14 -12.36
N MET J 83 -3.90 -11.69 -11.15
CA MET J 83 -2.78 -11.51 -10.24
C MET J 83 -1.52 -12.18 -10.79
N GLN J 84 -1.66 -13.38 -11.34
CA GLN J 84 -0.51 -14.07 -11.91
C GLN J 84 0.07 -13.29 -13.08
N GLU J 85 -0.80 -12.66 -13.89
CA GLU J 85 -0.33 -11.88 -15.02
C GLU J 85 0.40 -10.62 -14.55
N ILE J 86 -0.21 -9.88 -13.63
CA ILE J 86 0.39 -8.62 -13.20
C ILE J 86 1.72 -8.87 -12.51
N ILE J 87 1.76 -9.86 -11.60
CA ILE J 87 3.01 -10.13 -10.90
C ILE J 87 4.06 -10.66 -11.87
N ASP J 88 3.64 -11.15 -13.03
CA ASP J 88 4.61 -11.68 -14.00
C ASP J 88 5.56 -10.59 -14.48
N ASN J 89 5.09 -9.34 -14.48
CA ASN J 89 5.90 -8.22 -14.95
C ASN J 89 6.70 -7.55 -13.85
N ILE J 90 6.58 -7.99 -12.60
CA ILE J 90 7.30 -7.42 -11.48
C ILE J 90 8.48 -8.33 -11.17
N SER J 91 9.67 -7.74 -11.10
CA SER J 91 10.85 -8.50 -10.71
C SER J 91 11.09 -8.43 -9.21
N ASP J 92 10.65 -7.36 -8.56
CA ASP J 92 10.88 -7.17 -7.14
C ASP J 92 9.96 -6.06 -6.63
N PHE J 93 9.55 -6.18 -5.37
CA PHE J 93 8.73 -5.14 -4.75
C PHE J 93 9.62 -3.96 -4.36
N PRO J 94 9.16 -2.72 -4.56
CA PRO J 94 9.96 -1.58 -4.12
C PRO J 94 10.01 -1.50 -2.60
N VAL J 95 11.15 -1.03 -2.09
CA VAL J 95 11.24 -0.73 -0.66
C VAL J 95 10.43 0.51 -0.33
N THR J 96 10.51 1.53 -1.19
CA THR J 96 9.74 2.76 -1.04
C THR J 96 9.38 3.28 -2.41
N MET J 97 8.43 4.22 -2.45
CA MET J 97 8.00 4.83 -3.69
C MET J 97 8.03 6.35 -3.54
N SER J 98 8.49 7.03 -4.58
CA SER J 98 8.49 8.48 -4.59
C SER J 98 7.05 9.01 -4.68
N SER J 99 6.91 10.32 -4.56
CA SER J 99 5.58 10.92 -4.58
C SER J 99 4.89 10.70 -5.93
N ASP J 100 5.59 10.99 -7.03
CA ASP J 100 5.01 10.74 -8.35
C ASP J 100 4.79 9.25 -8.57
N GLU J 101 5.65 8.41 -8.01
CA GLU J 101 5.44 6.97 -8.10
C GLU J 101 4.14 6.57 -7.41
N GLN J 102 3.86 7.16 -6.26
CA GLN J 102 2.60 6.87 -5.58
C GLN J 102 1.41 7.44 -6.34
N GLY J 103 1.58 8.59 -6.98
CA GLY J 103 0.51 9.09 -7.84
C GLY J 103 0.19 8.13 -8.97
N LEU J 104 1.23 7.59 -9.60
CA LEU J 104 1.02 6.57 -10.63
C LEU J 104 0.37 5.33 -10.05
N PHE J 105 0.75 4.94 -8.83
CA PHE J 105 0.11 3.83 -8.16
C PHE J 105 -1.40 4.05 -8.05
N MET J 106 -1.80 5.24 -7.58
CA MET J 106 -3.23 5.53 -7.46
C MET J 106 -3.91 5.53 -8.82
N ILE J 107 -3.25 6.10 -9.84
CA ILE J 107 -3.84 6.09 -11.18
C ILE J 107 -4.09 4.66 -11.64
N GLY J 108 -3.11 3.78 -11.45
CA GLY J 108 -3.27 2.40 -11.87
C GLY J 108 -4.37 1.70 -11.10
N TYR J 109 -4.45 1.93 -9.79
CA TYR J 109 -5.51 1.33 -9.00
C TYR J 109 -6.88 1.75 -9.53
N TYR J 110 -7.07 3.05 -9.77
CA TYR J 110 -8.37 3.52 -10.21
C TYR J 110 -8.69 3.04 -11.62
N HIS J 111 -7.67 2.91 -12.47
CA HIS J 111 -7.90 2.36 -13.81
C HIS J 111 -8.34 0.91 -13.73
N GLN J 112 -7.64 0.10 -12.94
CA GLN J 112 -7.99 -1.32 -12.84
C GLN J 112 -9.35 -1.51 -12.21
N ARG J 113 -9.69 -0.70 -11.20
CA ARG J 113 -10.97 -0.87 -10.51
C ARG J 113 -12.13 -0.69 -11.48
N LYS J 114 -12.05 0.31 -12.35
CA LYS J 114 -13.14 0.55 -13.31
C LYS J 114 -13.26 -0.62 -14.28
N ALA J 115 -12.12 -1.20 -14.67
CA ALA J 115 -12.17 -2.32 -15.61
C ALA J 115 -12.96 -3.50 -15.03
N LEU J 116 -12.76 -3.78 -13.74
CA LEU J 116 -13.47 -4.88 -13.11
C LEU J 116 -14.94 -4.57 -12.87
N PHE J 117 -15.33 -3.29 -12.94
CA PHE J 117 -16.74 -2.94 -12.82
C PHE J 117 -17.50 -3.13 -14.12
N THR J 118 -16.81 -3.32 -15.24
CA THR J 118 -17.48 -3.46 -16.53
C THR J 118 -18.37 -4.69 -16.55
N LYS J 119 -19.48 -4.57 -17.26
CA LYS J 119 -20.45 -5.65 -17.37
C LYS J 119 -19.80 -6.94 -17.85
N VAL K 1 9.44 -8.89 -18.75
CA VAL K 1 9.85 -9.49 -17.45
C VAL K 1 8.97 -10.70 -17.14
N SER K 2 9.60 -11.81 -16.76
CA SER K 2 8.89 -13.03 -16.43
C SER K 2 9.79 -13.88 -15.54
N LEU K 3 9.44 -15.16 -15.37
CA LEU K 3 10.23 -16.05 -14.55
C LEU K 3 11.69 -16.03 -14.97
N ASP K 4 12.58 -15.88 -13.99
CA ASP K 4 14.01 -15.89 -14.25
C ASP K 4 14.60 -17.17 -13.67
N PRO K 5 14.98 -18.15 -14.50
CA PRO K 5 15.49 -19.42 -13.95
C PRO K 5 16.90 -19.34 -13.40
N ALA K 6 17.48 -18.15 -13.24
CA ALA K 6 18.82 -18.01 -12.69
C ALA K 6 18.90 -16.90 -11.65
N ARG K 7 17.80 -16.56 -10.98
CA ARG K 7 17.83 -15.49 -10.00
C ARG K 7 18.57 -15.91 -8.73
N THR K 8 18.55 -17.20 -8.40
CA THR K 8 19.26 -17.79 -7.27
C THR K 8 19.14 -16.97 -5.98
N ASP K 9 18.04 -16.24 -5.82
CA ASP K 9 17.74 -15.64 -4.53
C ASP K 9 16.92 -16.60 -3.69
N ARG K 10 17.36 -16.84 -2.45
CA ARG K 10 16.77 -17.92 -1.65
C ARG K 10 15.26 -17.77 -1.47
N PRO K 11 14.72 -16.60 -1.11
CA PRO K 11 13.25 -16.49 -1.08
C PRO K 11 12.61 -16.77 -2.43
N TYR K 12 13.23 -16.31 -3.51
CA TYR K 12 12.72 -16.58 -4.85
C TYR K 12 12.72 -18.08 -5.14
N LEU K 13 13.81 -18.76 -4.79
CA LEU K 13 13.89 -20.19 -5.01
C LEU K 13 12.83 -20.93 -4.19
N LEU K 14 12.61 -20.49 -2.95
CA LEU K 14 11.60 -21.12 -2.12
C LEU K 14 10.21 -20.92 -2.71
N GLY K 15 9.93 -19.73 -3.25
CA GLY K 15 8.66 -19.51 -3.91
C GLY K 15 8.46 -20.43 -5.11
N ARG K 16 9.50 -20.56 -5.93
CA ARG K 16 9.42 -21.48 -7.06
C ARG K 16 9.19 -22.91 -6.60
N LEU K 17 9.90 -23.31 -5.54
CA LEU K 17 9.74 -24.66 -5.00
C LEU K 17 8.30 -24.88 -4.53
N PHE K 18 7.73 -23.89 -3.86
CA PHE K 18 6.35 -24.00 -3.41
C PHE K 18 5.40 -24.15 -4.60
N ALA K 19 5.63 -23.37 -5.65
CA ALA K 19 4.76 -23.47 -6.82
C ALA K 19 4.83 -24.86 -7.44
N VAL K 20 6.04 -25.39 -7.61
CA VAL K 20 6.17 -26.71 -8.22
C VAL K 20 5.56 -27.79 -7.33
N LEU K 21 5.73 -27.66 -6.01
CA LEU K 21 5.10 -28.61 -5.10
C LEU K 21 3.59 -28.56 -5.20
N GLU K 22 3.03 -27.36 -5.32
CA GLU K 22 1.59 -27.23 -5.48
C GLU K 22 1.12 -27.91 -6.76
N LYS K 23 1.85 -27.69 -7.86
CA LYS K 23 1.48 -28.33 -9.12
C LYS K 23 1.55 -29.85 -8.99
N ALA K 24 2.60 -30.37 -8.36
CA ALA K 24 2.73 -31.81 -8.19
C ALA K 24 1.58 -32.38 -7.37
N GLN K 25 1.23 -31.70 -6.27
CA GLN K 25 0.11 -32.16 -5.46
C GLN K 25 -1.19 -32.16 -6.25
N GLU K 26 -1.44 -31.08 -7.01
CA GLU K 26 -2.66 -31.02 -7.80
C GLU K 26 -2.71 -32.18 -8.78
N ASP K 27 -1.59 -32.46 -9.45
CA ASP K 27 -1.56 -33.55 -10.41
C ASP K 27 -1.81 -34.90 -9.72
N ALA K 28 -1.16 -35.12 -8.57
CA ALA K 28 -1.24 -36.44 -7.94
C ALA K 28 -2.61 -36.71 -7.34
N VAL K 29 -3.18 -35.75 -6.62
CA VAL K 29 -4.44 -35.97 -5.92
C VAL K 29 -5.44 -34.89 -6.38
N PRO K 30 -6.16 -35.11 -7.45
CA PRO K 30 -7.15 -34.12 -7.90
C PRO K 30 -8.38 -34.10 -7.00
N GLY K 31 -9.13 -33.01 -7.10
CA GLY K 31 -10.39 -32.88 -6.41
C GLY K 31 -10.30 -32.42 -4.98
N ALA K 32 -9.11 -32.08 -4.49
CA ALA K 32 -8.98 -31.60 -3.12
C ALA K 32 -9.68 -30.25 -2.97
N ASN K 33 -10.45 -30.11 -1.88
CA ASN K 33 -11.13 -28.85 -1.64
C ASN K 33 -10.16 -27.75 -1.26
N ALA K 34 -9.13 -28.09 -0.49
CA ALA K 34 -8.09 -27.15 -0.11
C ALA K 34 -6.76 -27.61 -0.68
N THR K 35 -6.23 -26.87 -1.64
CA THR K 35 -4.92 -27.17 -2.20
C THR K 35 -3.84 -26.81 -1.19
N ILE K 36 -2.64 -27.34 -1.40
CA ILE K 36 -1.55 -27.08 -0.47
C ILE K 36 -1.27 -25.58 -0.40
N LYS K 37 -1.60 -24.84 -1.45
CA LYS K 37 -1.49 -23.38 -1.37
C LYS K 37 -2.42 -22.84 -0.29
N ASP K 38 -3.70 -23.20 -0.36
CA ASP K 38 -4.66 -22.70 0.62
C ASP K 38 -4.27 -23.11 2.04
N ARG K 39 -3.59 -24.24 2.18
CA ARG K 39 -3.31 -24.77 3.51
C ARG K 39 -2.02 -24.21 4.09
N TYR K 40 -1.01 -23.97 3.27
CA TYR K 40 0.33 -23.67 3.77
C TYR K 40 1.03 -22.52 3.08
N LEU K 41 0.33 -21.67 2.32
CA LEU K 41 1.00 -20.55 1.68
C LEU K 41 1.55 -19.59 2.73
N ALA K 42 0.78 -19.29 3.77
CA ALA K 42 1.25 -18.37 4.80
C ALA K 42 2.36 -19.00 5.62
N SER K 43 2.17 -20.25 6.05
CA SER K 43 3.17 -20.90 6.88
C SER K 43 4.48 -21.07 6.12
N ALA K 44 4.41 -21.39 4.83
CA ALA K 44 5.63 -21.58 4.05
C ALA K 44 6.47 -20.31 4.01
N SER K 45 5.84 -19.17 3.77
CA SER K 45 6.59 -17.92 3.74
C SER K 45 7.06 -17.54 5.14
N ALA K 46 6.22 -17.73 6.15
CA ALA K 46 6.58 -17.31 7.50
C ALA K 46 7.67 -18.19 8.11
N ASN K 47 7.52 -19.51 7.99
CA ASN K 47 8.45 -20.47 8.59
C ASN K 47 8.86 -21.50 7.53
N PRO K 48 9.71 -21.11 6.58
CA PRO K 48 10.09 -22.07 5.53
C PRO K 48 10.70 -23.35 6.09
N GLY K 49 11.53 -23.24 7.12
CA GLY K 49 12.24 -24.41 7.60
C GLY K 49 11.34 -25.49 8.13
N GLN K 50 10.28 -25.11 8.85
CA GLN K 50 9.46 -26.10 9.53
C GLN K 50 8.54 -26.86 8.57
N VAL K 51 7.99 -26.17 7.58
CA VAL K 51 6.92 -26.76 6.78
C VAL K 51 7.48 -27.35 5.49
N PHE K 52 8.46 -26.69 4.87
CA PHE K 52 9.02 -27.24 3.64
C PHE K 52 9.59 -28.63 3.86
N HIS K 53 10.09 -28.91 5.07
CA HIS K 53 10.47 -30.28 5.41
C HIS K 53 9.29 -31.23 5.25
N MET K 54 8.16 -30.88 5.86
CA MET K 54 6.97 -31.73 5.78
C MET K 54 6.48 -31.83 4.34
N LEU K 55 6.40 -30.70 3.63
CA LEU K 55 5.88 -30.73 2.28
C LEU K 55 6.77 -31.57 1.36
N LEU K 56 8.08 -31.41 1.48
CA LEU K 56 9.00 -32.21 0.67
C LEU K 56 8.87 -33.69 0.99
N LYS K 57 8.72 -34.02 2.27
CA LYS K 57 8.47 -35.42 2.64
C LYS K 57 7.28 -35.97 1.88
N ASN K 58 6.16 -35.26 1.92
CA ASN K 58 4.95 -35.72 1.25
C ASN K 58 5.13 -35.75 -0.27
N ALA K 59 5.79 -34.74 -0.82
CA ALA K 59 5.89 -34.63 -2.28
C ALA K 59 6.62 -35.83 -2.89
N SER K 60 7.49 -36.48 -2.12
CA SER K 60 8.20 -37.65 -2.65
C SER K 60 7.21 -38.75 -3.02
N ASN K 61 6.21 -38.98 -2.18
CA ASN K 61 5.17 -39.95 -2.52
C ASN K 61 4.34 -39.45 -3.69
N HIS K 62 4.14 -38.14 -3.78
CA HIS K 62 3.26 -37.59 -4.80
C HIS K 62 3.84 -37.79 -6.19
N THR K 63 5.13 -37.45 -6.37
CA THR K 63 5.79 -37.75 -7.63
C THR K 63 5.91 -39.25 -7.84
N ALA K 64 6.00 -40.01 -6.75
CA ALA K 64 6.09 -41.46 -6.88
C ALA K 64 4.83 -42.03 -7.53
N LYS K 65 3.64 -41.56 -7.10
CA LYS K 65 2.41 -42.09 -7.66
C LYS K 65 2.28 -41.70 -9.13
N LEU K 66 2.64 -40.47 -9.47
CA LEU K 66 2.57 -40.05 -10.87
C LEU K 66 3.48 -40.90 -11.73
N ARG K 67 4.67 -41.24 -11.23
CA ARG K 67 5.57 -42.11 -11.97
C ARG K 67 4.91 -43.47 -12.19
N LYS K 68 4.14 -43.94 -11.21
CA LYS K 68 3.50 -45.25 -11.32
C LYS K 68 2.61 -45.33 -12.57
N ASP K 69 1.71 -44.37 -12.74
CA ASP K 69 0.83 -44.35 -13.91
C ASP K 69 1.62 -44.00 -15.17
N PRO K 70 1.06 -44.19 -16.36
CA PRO K 70 1.86 -44.06 -17.53
C PRO K 70 2.01 -42.63 -18.09
N GLU K 71 1.74 -41.61 -17.29
CA GLU K 71 1.96 -40.23 -17.73
C GLU K 71 3.25 -39.68 -17.13
N ARG K 72 3.88 -38.76 -17.86
CA ARG K 72 5.13 -38.12 -17.43
C ARG K 72 5.09 -36.65 -17.78
N LYS K 73 5.25 -35.80 -16.76
CA LYS K 73 5.40 -34.37 -16.98
C LYS K 73 6.84 -34.01 -17.28
N ALA K 76 6.01 -37.25 -13.93
CA ALA K 76 6.42 -36.35 -12.87
C ALA K 76 7.93 -36.21 -12.79
N ILE K 77 8.62 -36.77 -13.79
CA ILE K 77 10.08 -36.64 -13.83
C ILE K 77 10.47 -35.18 -13.93
N HIS K 78 9.75 -34.40 -14.74
CA HIS K 78 10.05 -32.98 -14.85
C HIS K 78 9.91 -32.29 -13.49
N TYR K 79 8.84 -32.60 -12.76
CA TYR K 79 8.66 -32.02 -11.44
C TYR K 79 9.81 -32.40 -10.51
N GLU K 80 10.22 -33.67 -10.55
CA GLU K 80 11.29 -34.12 -9.67
C GLU K 80 12.59 -33.39 -10.01
N ILE K 81 12.91 -33.26 -11.31
CA ILE K 81 14.12 -32.56 -11.70
C ILE K 81 14.06 -31.11 -11.23
N MET K 82 12.93 -30.43 -11.46
CA MET K 82 12.83 -29.04 -11.06
C MET K 82 13.02 -28.90 -9.55
N MET K 83 12.34 -29.75 -8.77
CA MET K 83 12.47 -29.67 -7.33
C MET K 83 13.92 -29.87 -6.91
N GLN K 84 14.59 -30.86 -7.51
CA GLN K 84 15.97 -31.12 -7.14
C GLN K 84 16.86 -29.93 -7.46
N GLU K 85 16.68 -29.32 -8.64
CA GLU K 85 17.51 -28.17 -9.00
C GLU K 85 17.32 -27.04 -8.00
N ILE K 86 16.07 -26.71 -7.69
CA ILE K 86 15.81 -25.61 -6.77
C ILE K 86 16.42 -25.93 -5.40
N ILE K 87 16.26 -27.16 -4.92
CA ILE K 87 16.82 -27.50 -3.61
C ILE K 87 18.34 -27.41 -3.62
N ASP K 88 18.98 -27.79 -4.72
CA ASP K 88 20.43 -27.60 -4.78
C ASP K 88 20.80 -26.13 -4.73
N ASN K 89 20.04 -25.28 -5.43
CA ASN K 89 20.33 -23.85 -5.40
C ASN K 89 20.09 -23.23 -4.03
N ILE K 90 19.37 -23.92 -3.15
CA ILE K 90 19.11 -23.40 -1.81
C ILE K 90 20.14 -23.98 -0.84
N SER K 91 20.92 -23.10 -0.23
CA SER K 91 21.94 -23.57 0.72
C SER K 91 21.29 -24.26 1.91
N ASP K 92 20.33 -23.60 2.55
CA ASP K 92 19.61 -24.17 3.68
C ASP K 92 18.30 -23.42 3.87
N PHE K 93 17.34 -24.09 4.47
CA PHE K 93 16.02 -23.50 4.65
C PHE K 93 16.04 -22.55 5.84
N PRO K 94 15.65 -21.29 5.67
CA PRO K 94 15.66 -20.36 6.80
C PRO K 94 14.68 -20.79 7.88
N VAL K 95 15.03 -20.47 9.13
CA VAL K 95 14.08 -20.66 10.23
C VAL K 95 12.96 -19.64 10.12
N THR K 96 13.30 -18.38 9.84
CA THR K 96 12.32 -17.32 9.65
C THR K 96 12.80 -16.39 8.55
N MET K 97 11.86 -15.67 7.95
CA MET K 97 12.16 -14.73 6.88
C MET K 97 11.48 -13.40 7.17
N SER K 98 12.19 -12.31 6.89
CA SER K 98 11.60 -10.99 7.05
C SER K 98 10.52 -10.76 5.99
N SER K 99 9.73 -9.71 6.21
CA SER K 99 8.58 -9.47 5.35
C SER K 99 8.97 -9.23 3.89
N ASP K 100 10.04 -8.47 3.65
CA ASP K 100 10.47 -8.27 2.26
C ASP K 100 10.90 -9.58 1.62
N GLU K 101 11.58 -10.44 2.37
CA GLU K 101 11.91 -11.76 1.86
C GLU K 101 10.64 -12.54 1.51
N GLN K 102 9.58 -12.35 2.29
CA GLN K 102 8.32 -13.02 2.00
C GLN K 102 7.65 -12.44 0.75
N GLY K 103 7.79 -11.14 0.52
CA GLY K 103 7.31 -10.58 -0.73
C GLY K 103 8.05 -11.15 -1.92
N LEU K 104 9.37 -11.30 -1.79
CA LEU K 104 10.14 -11.94 -2.85
C LEU K 104 9.70 -13.39 -3.05
N PHE K 105 9.42 -14.09 -1.94
CA PHE K 105 8.88 -15.43 -2.02
C PHE K 105 7.60 -15.47 -2.84
N MET K 106 6.70 -14.52 -2.58
CA MET K 106 5.43 -14.47 -3.31
C MET K 106 5.67 -14.21 -4.79
N ILE K 107 6.58 -13.28 -5.10
CA ILE K 107 6.88 -12.99 -6.50
C ILE K 107 7.40 -14.25 -7.19
N GLY K 108 8.34 -14.95 -6.56
CA GLY K 108 8.86 -16.16 -7.15
C GLY K 108 7.81 -17.23 -7.34
N TYR K 109 6.94 -17.39 -6.34
CA TYR K 109 5.87 -18.38 -6.46
C TYR K 109 4.98 -18.08 -7.66
N TYR K 110 4.57 -16.82 -7.81
CA TYR K 110 3.69 -16.48 -8.93
C TYR K 110 4.41 -16.62 -10.27
N HIS K 111 5.68 -16.24 -10.32
CA HIS K 111 6.44 -16.41 -11.57
C HIS K 111 6.50 -17.88 -11.97
N GLN K 112 6.80 -18.75 -11.02
CA GLN K 112 6.84 -20.19 -11.32
C GLN K 112 5.45 -20.70 -11.70
N ARG K 113 4.42 -20.22 -11.02
CA ARG K 113 3.05 -20.60 -11.36
C ARG K 113 2.74 -20.28 -12.82
N LYS K 114 3.16 -19.09 -13.27
CA LYS K 114 2.92 -18.72 -14.67
C LYS K 114 3.61 -19.67 -15.63
N ALA K 115 4.84 -20.07 -15.31
CA ALA K 115 5.58 -20.96 -16.21
C ALA K 115 4.89 -22.31 -16.35
N LEU K 116 4.51 -22.92 -15.22
CA LEU K 116 3.89 -24.24 -15.27
C LEU K 116 2.55 -24.21 -15.99
N PHE K 117 1.88 -23.06 -15.99
CA PHE K 117 0.62 -22.92 -16.70
C PHE K 117 0.81 -23.08 -18.20
N THR K 118 1.93 -22.61 -18.74
CA THR K 118 2.18 -22.68 -20.17
C THR K 118 2.39 -24.12 -20.62
N LYS K 119 2.07 -24.38 -21.88
CA LYS K 119 2.25 -25.70 -22.48
C LYS K 119 1.43 -26.75 -21.73
#